data_9GS0
#
_entry.id   9GS0
#
_cell.length_a   1.00
_cell.length_b   1.00
_cell.length_c   1.00
_cell.angle_alpha   90.00
_cell.angle_beta   90.00
_cell.angle_gamma   90.00
#
_symmetry.space_group_name_H-M   'P 1'
#
loop_
_entity.id
_entity.type
_entity.pdbx_description
1 polymer 'HK97 gp5-like major capsid protein'
2 polymer 'Capsid stabilization protein'
3 polymer Gp30
4 non-polymer 'MAGNESIUM ION'
5 non-polymer 'POTASSIUM ION'
#
loop_
_entity_poly.entity_id
_entity_poly.type
_entity_poly.pdbx_seq_one_letter_code
_entity_poly.pdbx_strand_id
1 'polypeptide(L)'
;MLMEAALPGSDVSAREVAKVWPGAKKGDYSFLQGNQSRSLEAEMTRTARAEAGTDRHRALKDYAVDADNLPKTLSAGSKH
LTEDGDVIEARLDDAIPRMLFAASDPEYVDTLFREQLLEVVMEGRELRKVAREASNVINANTRVGDVPIASDEEFARPTG
QGAEIRDDGETYTTVAWNATKLTEGSRVTDEMRDQAMVDLIERNIQRVGASLENGINRVFLTELVDNAQNNHDTAGSNQG
YQALNSAVGEVDKDDFRPDTYVTHPDYRTQLFNDTNLAYANRAGTNEVLRNREDAPIVGDIAGLDMHAAMSSATYDDGTD
IGWSGGSETWGFSSDGDKGAVVYDRDNIHTILYAPNGQDVEIKDYEDPIRDITGVNGRLHVDCQYSQGRSSATVQY
;
AA,AB,AC,AD,AE,AF,AG
2 'polypeptide(L)'
;MATETQGEHTFPVEVLISGEELRGYTAGEALSAGEPVYLSGDYEVSASSADGGEFLGVNLYDVASGEPVALAGDDCEVRV
EVSEQVTANDEILPDGLGTFETVATSAASAGVAIVQEGAASGEVCEAYIFAVQGTTA
;
AI,AJ,AK,AL,AM,AN,AO
3 'polypeptide(L)'
;MTDTIVNVQGSFFSASASGVADTESLLIDPQDAKFGAIEIHNIAHGGSVDVELLTSSDDTELVEDAAVTLDSFTGEGISQ
GNQIEASDNTNTYIRITNTSGGAIDIIATGREVSQ
;
As,At,Au,Av,Aw,Ax
#
# COMPACT_ATOMS: atom_id res chain seq x y z
N PHE A 101 -48.15 -27.13 -4.71
CA PHE A 101 -47.36 -28.26 -4.08
C PHE A 101 -48.16 -28.91 -2.96
N ALA A 102 -48.25 -28.21 -1.82
CA ALA A 102 -49.08 -28.61 -0.68
C ALA A 102 -49.63 -27.34 -0.06
N ALA A 103 -48.71 -26.49 0.40
CA ALA A 103 -48.82 -25.04 0.47
C ALA A 103 -47.41 -24.54 0.77
N SER A 104 -46.77 -23.94 -0.24
CA SER A 104 -45.37 -23.55 -0.15
C SER A 104 -45.27 -22.04 -0.42
N ASP A 105 -44.31 -21.38 0.26
CA ASP A 105 -44.17 -19.93 0.17
C ASP A 105 -43.82 -19.44 -1.24
N PRO A 106 -42.96 -20.12 -2.07
CA PRO A 106 -42.80 -19.73 -3.48
C PRO A 106 -44.01 -19.90 -4.40
N GLU A 107 -45.09 -20.55 -3.91
CA GLU A 107 -46.36 -20.57 -4.63
C GLU A 107 -47.22 -19.35 -4.27
N TYR A 108 -47.29 -19.03 -2.97
CA TYR A 108 -48.25 -18.06 -2.44
C TYR A 108 -47.57 -16.78 -1.95
N VAL A 109 -46.42 -16.46 -2.60
CA VAL A 109 -45.50 -15.37 -2.26
C VAL A 109 -46.13 -13.98 -2.47
N ASP A 110 -47.20 -13.91 -3.28
CA ASP A 110 -47.89 -12.65 -3.55
C ASP A 110 -49.41 -12.78 -3.27
N THR A 111 -49.83 -13.93 -2.72
CA THR A 111 -51.25 -14.21 -2.48
C THR A 111 -51.58 -14.32 -0.98
N LEU A 112 -50.73 -15.00 -0.18
CA LEU A 112 -51.02 -15.21 1.25
C LEU A 112 -50.21 -14.27 2.16
N PHE A 113 -49.16 -13.66 1.59
CA PHE A 113 -48.30 -12.72 2.29
C PHE A 113 -47.58 -11.89 1.22
N ARG A 114 -46.84 -10.86 1.68
CA ARG A 114 -46.10 -9.97 0.80
C ARG A 114 -44.63 -9.97 1.26
N GLU A 115 -43.68 -10.00 0.31
CA GLU A 115 -42.25 -10.05 0.61
C GLU A 115 -41.87 -8.87 1.51
N GLN A 116 -40.89 -9.09 2.42
CA GLN A 116 -40.41 -8.01 3.29
C GLN A 116 -39.72 -6.95 2.44
N LEU A 117 -40.02 -5.68 2.75
CA LEU A 117 -39.19 -4.57 2.29
C LEU A 117 -38.50 -3.97 3.51
N LEU A 118 -37.17 -3.97 3.48
CA LEU A 118 -36.37 -3.43 4.58
C LEU A 118 -36.52 -1.90 4.57
N GLU A 119 -36.81 -1.30 5.74
CA GLU A 119 -37.24 0.09 5.87
C GLU A 119 -36.09 1.09 5.65
N VAL A 120 -34.83 0.61 5.76
CA VAL A 120 -33.64 1.43 5.54
C VAL A 120 -33.28 1.38 4.04
N VAL A 121 -33.21 2.57 3.41
CA VAL A 121 -32.69 2.67 2.05
C VAL A 121 -31.18 2.87 2.11
N MET A 122 -30.46 1.94 1.43
CA MET A 122 -29.00 1.91 1.45
C MET A 122 -28.46 3.00 0.52
N GLU A 123 -27.56 3.84 1.07
CA GLU A 123 -26.98 4.97 0.35
C GLU A 123 -25.97 4.48 -0.69
N GLY A 124 -25.95 5.17 -1.83
CA GLY A 124 -24.93 4.96 -2.86
C GLY A 124 -23.62 5.65 -2.50
N ARG A 125 -22.83 5.93 -3.54
CA ARG A 125 -21.56 6.63 -3.48
C ARG A 125 -21.77 8.03 -2.86
N GLU A 126 -21.04 8.32 -1.76
CA GLU A 126 -21.02 9.66 -1.16
C GLU A 126 -19.64 10.28 -1.38
N LEU A 127 -19.60 11.41 -2.10
CA LEU A 127 -18.34 12.11 -2.33
C LEU A 127 -17.94 12.92 -1.10
N ARG A 128 -16.62 13.13 -0.96
CA ARG A 128 -16.06 13.89 0.15
C ARG A 128 -16.24 15.39 -0.10
N LYS A 129 -16.90 16.05 0.87
CA LYS A 129 -17.29 17.45 0.76
C LYS A 129 -16.49 18.29 1.75
N VAL A 130 -15.60 19.17 1.24
CA VAL A 130 -14.60 19.83 2.10
C VAL A 130 -14.41 21.32 1.79
N ALA A 131 -14.80 21.80 0.59
CA ALA A 131 -14.46 23.13 0.09
C ALA A 131 -14.85 24.27 1.06
N ARG A 132 -15.94 24.08 1.83
CA ARG A 132 -16.51 25.11 2.69
C ARG A 132 -15.66 25.33 3.95
N GLU A 133 -14.99 24.26 4.41
CA GLU A 133 -14.07 24.30 5.54
C GLU A 133 -12.65 24.61 5.05
N ALA A 134 -12.34 24.19 3.81
CA ALA A 134 -10.99 24.13 3.25
C ALA A 134 -10.65 25.35 2.37
N SER A 135 -11.48 26.41 2.42
CA SER A 135 -11.27 27.65 1.68
C SER A 135 -12.02 28.78 2.36
N ASN A 136 -11.81 30.02 1.88
CA ASN A 136 -12.56 31.17 2.32
C ASN A 136 -13.85 31.29 1.49
N VAL A 137 -15.03 31.26 2.15
CA VAL A 137 -16.30 31.38 1.44
C VAL A 137 -16.69 32.86 1.33
N ILE A 138 -16.77 33.35 0.08
CA ILE A 138 -17.25 34.69 -0.22
C ILE A 138 -18.71 34.58 -0.66
N ASN A 139 -19.62 35.17 0.12
CA ASN A 139 -21.00 35.36 -0.29
C ASN A 139 -21.08 36.62 -1.15
N ALA A 140 -21.10 36.44 -2.48
CA ALA A 140 -20.99 37.53 -3.45
C ALA A 140 -22.35 38.19 -3.69
N ASN A 141 -22.31 39.49 -4.06
CA ASN A 141 -23.49 40.27 -4.45
C ASN A 141 -23.72 40.23 -5.97
N THR A 142 -22.72 39.72 -6.72
CA THR A 142 -22.84 39.54 -8.17
C THR A 142 -22.20 38.22 -8.60
N ARG A 143 -22.63 37.75 -9.79
CA ARG A 143 -22.12 36.56 -10.44
C ARG A 143 -20.70 36.78 -10.97
N VAL A 144 -20.48 37.94 -11.61
CA VAL A 144 -19.18 38.37 -12.10
C VAL A 144 -18.69 39.50 -11.20
N GLY A 145 -17.43 39.40 -10.77
CA GLY A 145 -16.82 40.41 -9.90
C GLY A 145 -15.30 40.38 -9.98
N ASP A 146 -14.66 41.25 -9.17
CA ASP A 146 -13.21 41.27 -9.02
C ASP A 146 -12.87 41.53 -7.55
N VAL A 147 -11.74 40.96 -7.07
CA VAL A 147 -11.21 41.20 -5.73
C VAL A 147 -9.90 41.98 -5.84
N PRO A 148 -9.71 43.11 -5.10
CA PRO A 148 -8.47 43.88 -5.15
C PRO A 148 -7.33 43.15 -4.41
N ILE A 149 -6.12 43.25 -4.97
CA ILE A 149 -4.93 42.62 -4.41
C ILE A 149 -3.80 43.65 -4.30
N ALA A 150 -3.19 43.69 -3.12
CA ALA A 150 -2.06 44.57 -2.83
C ALA A 150 -0.77 43.96 -3.36
N SER A 151 0.16 44.85 -3.74
CA SER A 151 1.54 44.50 -4.04
C SER A 151 2.23 43.96 -2.79
N ASP A 152 3.32 43.21 -3.03
CA ASP A 152 4.14 42.62 -1.98
C ASP A 152 4.77 43.72 -1.14
N GLU A 153 5.06 43.38 0.13
CA GLU A 153 5.84 44.24 0.99
C GLU A 153 7.22 44.41 0.36
N GLU A 154 7.66 45.68 0.28
CA GLU A 154 9.01 46.04 -0.13
C GLU A 154 9.76 46.61 1.10
N PHE A 155 10.87 47.30 0.85
CA PHE A 155 11.80 47.73 1.89
C PHE A 155 11.96 49.25 1.84
N ALA A 156 11.99 49.89 3.02
CA ALA A 156 12.23 51.32 3.12
C ALA A 156 13.60 51.66 2.53
N ARG A 157 13.79 52.94 2.18
CA ARG A 157 14.98 53.38 1.45
C ARG A 157 15.92 54.14 2.39
N PRO A 158 17.26 53.88 2.38
CA PRO A 158 18.20 54.69 3.15
C PRO A 158 18.27 56.14 2.65
N THR A 159 18.33 57.08 3.60
CA THR A 159 18.10 58.50 3.37
C THR A 159 19.12 59.34 4.15
N GLY A 160 19.54 60.46 3.57
CA GLY A 160 20.26 61.51 4.29
C GLY A 160 19.38 62.24 5.29
N GLN A 161 19.99 63.13 6.08
CA GLN A 161 19.28 63.86 7.13
C GLN A 161 18.81 65.22 6.59
N GLY A 162 17.51 65.53 6.79
CA GLY A 162 16.90 66.71 6.19
C GLY A 162 16.56 66.53 4.71
N ALA A 163 16.70 65.29 4.18
CA ALA A 163 16.48 64.98 2.77
C ALA A 163 15.03 64.55 2.52
N GLU A 164 14.56 64.76 1.27
CA GLU A 164 13.23 64.37 0.80
C GLU A 164 13.05 62.85 0.89
N ILE A 165 12.01 62.44 1.64
CA ILE A 165 11.50 61.06 1.62
C ILE A 165 10.89 60.79 0.25
N ARG A 166 11.19 59.60 -0.29
CA ARG A 166 10.78 59.18 -1.62
C ARG A 166 9.64 58.17 -1.57
N ASP A 167 8.92 58.05 -2.70
CA ASP A 167 7.69 57.28 -2.76
C ASP A 167 7.90 55.91 -3.42
N ASP A 168 7.41 54.87 -2.74
CA ASP A 168 7.18 53.52 -3.27
C ASP A 168 5.90 52.99 -2.62
N GLY A 169 4.79 53.71 -2.85
CA GLY A 169 3.50 53.45 -2.24
C GLY A 169 2.91 52.12 -2.68
N GLU A 170 1.80 51.74 -2.03
CA GLU A 170 1.13 50.49 -2.35
C GLU A 170 0.50 50.58 -3.74
N THR A 171 0.92 49.66 -4.62
CA THR A 171 0.33 49.50 -5.95
C THR A 171 -0.61 48.28 -5.92
N TYR A 172 -1.61 48.27 -6.84
CA TYR A 172 -2.74 47.34 -6.77
C TYR A 172 -3.04 46.69 -8.12
N THR A 173 -3.70 45.52 -8.05
CA THR A 173 -4.28 44.83 -9.20
C THR A 173 -5.55 44.09 -8.77
N THR A 174 -6.24 43.43 -9.72
CA THR A 174 -7.46 42.69 -9.40
C THR A 174 -7.39 41.24 -9.92
N VAL A 175 -8.09 40.36 -9.19
CA VAL A 175 -8.38 38.99 -9.61
C VAL A 175 -9.89 38.90 -9.91
N ALA A 176 -10.24 38.41 -11.10
CA ALA A 176 -11.62 38.29 -11.57
C ALA A 176 -12.27 37.01 -11.04
N TRP A 177 -13.60 37.07 -10.82
CA TRP A 177 -14.43 35.88 -10.71
C TRP A 177 -15.59 35.96 -11.70
N ASN A 178 -16.01 34.78 -12.18
CA ASN A 178 -17.06 34.64 -13.17
C ASN A 178 -17.86 33.38 -12.86
N ALA A 179 -18.78 33.49 -11.88
CA ALA A 179 -19.48 32.34 -11.32
C ALA A 179 -20.40 31.70 -12.38
N THR A 180 -20.37 30.36 -12.41
CA THR A 180 -21.21 29.55 -13.28
C THR A 180 -22.37 28.97 -12.48
N LYS A 181 -23.57 29.00 -13.07
CA LYS A 181 -24.76 28.41 -12.48
C LYS A 181 -24.68 26.89 -12.52
N LEU A 182 -24.75 26.27 -11.32
CA LEU A 182 -24.88 24.83 -11.17
C LEU A 182 -26.31 24.51 -10.73
N THR A 183 -26.96 23.58 -11.44
CA THR A 183 -28.36 23.26 -11.19
C THR A 183 -28.57 21.75 -11.09
N GLU A 184 -29.55 21.37 -10.25
CA GLU A 184 -30.01 19.99 -10.15
C GLU A 184 -31.52 20.02 -9.95
N GLY A 185 -32.22 19.06 -10.59
CA GLY A 185 -33.66 18.96 -10.44
C GLY A 185 -34.12 17.50 -10.31
N SER A 186 -35.31 17.32 -9.73
CA SER A 186 -36.00 16.05 -9.72
C SER A 186 -37.51 16.27 -9.64
N ARG A 187 -38.26 15.27 -10.10
CA ARG A 187 -39.72 15.28 -10.07
C ARG A 187 -40.25 13.96 -9.49
N VAL A 188 -41.36 14.05 -8.74
CA VAL A 188 -42.00 12.94 -8.05
C VAL A 188 -43.52 13.09 -8.26
N THR A 189 -44.24 11.99 -8.55
CA THR A 189 -45.70 12.08 -8.59
C THR A 189 -46.25 12.02 -7.16
N ASP A 190 -47.42 12.64 -6.94
CA ASP A 190 -48.10 12.68 -5.65
C ASP A 190 -48.40 11.28 -5.11
N GLU A 191 -48.68 10.31 -6.00
CA GLU A 191 -49.01 8.95 -5.61
C GLU A 191 -47.76 8.21 -5.12
N MET A 192 -46.61 8.49 -5.76
CA MET A 192 -45.32 7.97 -5.35
C MET A 192 -44.95 8.49 -3.95
N ARG A 193 -45.16 9.80 -3.75
CA ARG A 193 -44.88 10.51 -2.50
C ARG A 193 -45.69 9.92 -1.33
N ASP A 194 -46.95 9.56 -1.57
CA ASP A 194 -47.80 8.92 -0.58
C ASP A 194 -47.31 7.48 -0.27
N GLN A 195 -47.10 6.68 -1.32
CA GLN A 195 -46.94 5.23 -1.18
C GLN A 195 -45.57 4.82 -0.62
N ALA A 196 -44.52 5.60 -0.93
CA ALA A 196 -43.16 5.27 -0.54
C ALA A 196 -43.00 5.20 0.98
N MET A 197 -42.18 4.25 1.42
CA MET A 197 -41.85 4.01 2.83
C MET A 197 -40.99 5.15 3.41
N VAL A 198 -40.33 5.93 2.53
CA VAL A 198 -39.45 7.06 2.88
C VAL A 198 -40.14 8.38 2.49
N ASP A 199 -39.61 9.49 3.02
CA ASP A 199 -39.98 10.82 2.54
C ASP A 199 -39.13 11.15 1.30
N LEU A 200 -39.72 10.97 0.11
CA LEU A 200 -39.04 11.15 -1.17
C LEU A 200 -38.67 12.60 -1.46
N ILE A 201 -39.51 13.54 -0.99
CA ILE A 201 -39.18 14.95 -1.14
C ILE A 201 -37.96 15.30 -0.27
N GLU A 202 -37.91 14.78 0.97
CA GLU A 202 -36.72 14.95 1.79
C GLU A 202 -35.49 14.29 1.15
N ARG A 203 -35.63 13.04 0.65
CA ARG A 203 -34.58 12.33 -0.07
C ARG A 203 -34.01 13.18 -1.22
N ASN A 204 -34.93 13.75 -2.02
CA ASN A 204 -34.60 14.49 -3.22
C ASN A 204 -34.00 15.85 -2.88
N ILE A 205 -34.49 16.49 -1.81
CA ILE A 205 -33.89 17.69 -1.23
C ILE A 205 -32.45 17.40 -0.82
N GLN A 206 -32.23 16.23 -0.19
CA GLN A 206 -30.90 15.77 0.17
C GLN A 206 -30.00 15.55 -1.06
N ARG A 207 -30.55 14.92 -2.12
CA ARG A 207 -29.80 14.70 -3.36
C ARG A 207 -29.40 16.01 -4.04
N VAL A 208 -30.36 16.95 -4.13
CA VAL A 208 -30.16 18.26 -4.74
C VAL A 208 -29.09 19.06 -3.97
N GLY A 209 -29.17 19.05 -2.63
CA GLY A 209 -28.15 19.65 -1.76
C GLY A 209 -26.75 19.07 -2.00
N ALA A 210 -26.64 17.73 -1.89
CA ALA A 210 -25.39 17.01 -2.04
C ALA A 210 -24.77 17.21 -3.44
N SER A 211 -25.63 17.20 -4.48
CA SER A 211 -25.26 17.39 -5.88
C SER A 211 -24.63 18.76 -6.12
N LEU A 212 -25.20 19.80 -5.49
CA LEU A 212 -24.67 21.17 -5.56
C LEU A 212 -23.34 21.29 -4.79
N GLU A 213 -23.30 20.73 -3.57
CA GLU A 213 -22.08 20.69 -2.75
C GLU A 213 -20.93 20.02 -3.52
N ASN A 214 -21.24 18.93 -4.24
CA ASN A 214 -20.27 18.23 -5.08
C ASN A 214 -19.76 19.15 -6.19
N GLY A 215 -20.68 19.90 -6.82
CA GLY A 215 -20.38 20.94 -7.79
C GLY A 215 -19.43 22.03 -7.27
N ILE A 216 -19.72 22.56 -6.05
CA ILE A 216 -18.85 23.53 -5.36
C ILE A 216 -17.43 22.97 -5.23
N ASN A 217 -17.36 21.69 -4.81
CA ASN A 217 -16.11 20.98 -4.56
C ASN A 217 -15.31 20.76 -5.84
N ARG A 218 -15.99 20.43 -6.95
CA ARG A 218 -15.38 20.33 -8.26
C ARG A 218 -14.75 21.67 -8.68
N VAL A 219 -15.53 22.77 -8.58
CA VAL A 219 -15.07 24.10 -8.97
C VAL A 219 -13.83 24.49 -8.14
N PHE A 220 -13.95 24.28 -6.82
CA PHE A 220 -12.88 24.52 -5.86
C PHE A 220 -11.60 23.74 -6.21
N LEU A 221 -11.72 22.39 -6.31
CA LEU A 221 -10.56 21.54 -6.53
C LEU A 221 -9.88 21.86 -7.86
N THR A 222 -10.70 22.03 -8.92
CA THR A 222 -10.20 22.33 -10.25
C THR A 222 -9.36 23.61 -10.22
N GLU A 223 -9.89 24.67 -9.59
CA GLU A 223 -9.15 25.92 -9.43
C GLU A 223 -7.85 25.69 -8.66
N LEU A 224 -7.97 25.02 -7.50
CA LEU A 224 -6.89 24.84 -6.56
C LEU A 224 -5.70 24.10 -7.20
N VAL A 225 -6.02 23.10 -8.04
CA VAL A 225 -5.03 22.26 -8.72
C VAL A 225 -4.46 23.01 -9.94
N ASP A 226 -5.34 23.68 -10.72
CA ASP A 226 -4.95 24.29 -11.99
C ASP A 226 -4.06 25.53 -11.80
N ASN A 227 -4.32 26.33 -10.74
CA ASN A 227 -3.79 27.70 -10.66
C ASN A 227 -2.78 27.92 -9.52
N ALA A 228 -2.28 26.84 -8.89
CA ALA A 228 -1.18 26.94 -7.91
C ALA A 228 0.10 27.36 -8.64
N GLN A 229 0.77 28.41 -8.14
CA GLN A 229 1.95 28.95 -8.83
C GLN A 229 3.21 28.13 -8.52
N ASN A 230 3.15 27.36 -7.42
CA ASN A 230 4.28 26.54 -7.01
C ASN A 230 3.98 25.08 -7.30
N ASN A 231 5.06 24.31 -7.42
CA ASN A 231 5.03 22.91 -7.79
C ASN A 231 6.22 22.23 -7.11
N HIS A 232 5.96 21.03 -6.57
CA HIS A 232 7.05 20.17 -6.14
C HIS A 232 7.00 18.87 -6.97
N ASP A 233 7.95 18.78 -7.92
CA ASP A 233 8.10 17.61 -8.76
C ASP A 233 8.78 16.51 -7.95
N THR A 234 8.01 15.48 -7.55
CA THR A 234 8.57 14.40 -6.74
C THR A 234 9.45 13.47 -7.57
N ALA A 235 9.20 13.38 -8.89
CA ALA A 235 9.88 12.46 -9.79
C ALA A 235 9.84 11.03 -9.22
N GLY A 236 8.61 10.53 -8.97
CA GLY A 236 8.30 9.19 -8.49
C GLY A 236 9.01 8.74 -7.20
N SER A 237 9.58 9.67 -6.42
CA SER A 237 10.45 9.35 -5.29
C SER A 237 10.27 10.37 -4.16
N ASN A 238 10.49 9.94 -2.89
CA ASN A 238 10.36 10.75 -1.67
C ASN A 238 8.98 11.39 -1.51
N GLN A 239 7.97 10.71 -2.08
CA GLN A 239 6.56 11.06 -1.93
C GLN A 239 6.11 10.69 -0.53
N GLY A 240 5.21 11.50 0.06
CA GLY A 240 4.86 11.42 1.48
C GLY A 240 5.23 12.68 2.25
N TYR A 241 5.86 12.49 3.42
CA TYR A 241 6.27 13.61 4.27
C TYR A 241 7.26 14.54 3.56
N GLN A 242 8.28 13.98 2.89
CA GLN A 242 9.30 14.80 2.25
C GLN A 242 8.71 15.66 1.12
N ALA A 243 7.74 15.10 0.37
CA ALA A 243 7.03 15.84 -0.66
C ALA A 243 6.16 16.95 -0.06
N LEU A 244 5.46 16.67 1.06
CA LEU A 244 4.64 17.65 1.76
C LEU A 244 5.50 18.80 2.32
N ASN A 245 6.61 18.43 2.99
CA ASN A 245 7.55 19.38 3.57
C ASN A 245 8.21 20.24 2.48
N SER A 246 8.58 19.63 1.34
CA SER A 246 9.16 20.32 0.20
C SER A 246 8.16 21.32 -0.42
N ALA A 247 6.88 20.89 -0.54
CA ALA A 247 5.80 21.77 -1.00
C ALA A 247 5.60 22.96 -0.05
N VAL A 248 5.61 22.74 1.27
CA VAL A 248 5.55 23.82 2.27
C VAL A 248 6.74 24.77 2.05
N GLY A 249 7.93 24.20 1.76
CA GLY A 249 9.15 24.92 1.44
C GLY A 249 9.03 25.87 0.24
N GLU A 250 8.31 25.43 -0.82
CA GLU A 250 8.06 26.26 -1.99
C GLU A 250 7.21 27.48 -1.62
N VAL A 251 6.15 27.26 -0.81
CA VAL A 251 5.24 28.31 -0.35
C VAL A 251 5.96 29.28 0.60
N ASP A 252 6.84 28.72 1.46
CA ASP A 252 7.67 29.46 2.42
C ASP A 252 8.71 30.34 1.70
N LYS A 253 9.27 29.83 0.58
CA LYS A 253 10.21 30.55 -0.28
C LYS A 253 9.58 31.82 -0.87
N ASP A 254 8.28 31.72 -1.23
CA ASP A 254 7.50 32.85 -1.71
C ASP A 254 6.78 33.61 -0.58
N ASP A 255 7.13 33.31 0.69
CA ASP A 255 6.77 34.03 1.90
C ASP A 255 5.25 34.05 2.17
N PHE A 256 4.65 32.85 2.07
CA PHE A 256 3.29 32.59 2.51
C PHE A 256 3.30 31.38 3.47
N ARG A 257 2.29 31.32 4.34
CA ARG A 257 2.21 30.34 5.40
C ARG A 257 1.07 29.36 5.11
N PRO A 258 1.34 28.15 4.54
CA PRO A 258 0.27 27.19 4.26
C PRO A 258 -0.18 26.49 5.54
N ASP A 259 -1.47 26.11 5.57
CA ASP A 259 -2.07 25.52 6.76
C ASP A 259 -2.95 24.33 6.40
N THR A 260 -3.20 24.11 5.10
CA THR A 260 -4.13 23.08 4.65
C THR A 260 -3.48 22.25 3.56
N TYR A 261 -3.87 20.97 3.48
CA TYR A 261 -3.60 20.17 2.29
C TYR A 261 -4.84 19.41 1.82
N VAL A 262 -4.98 19.39 0.49
CA VAL A 262 -6.04 18.72 -0.26
C VAL A 262 -5.41 17.53 -0.99
N THR A 263 -5.99 16.33 -0.83
CA THR A 263 -5.28 15.10 -1.16
C THR A 263 -6.15 14.15 -1.99
N HIS A 264 -5.54 13.49 -3.01
CA HIS A 264 -6.14 12.45 -3.84
C HIS A 264 -6.08 11.11 -3.10
N PRO A 265 -7.06 10.17 -3.28
CA PRO A 265 -6.97 8.81 -2.72
C PRO A 265 -5.65 8.04 -2.95
N ASP A 266 -5.08 8.11 -4.16
CA ASP A 266 -3.78 7.52 -4.48
C ASP A 266 -2.65 8.20 -3.70
N TYR A 267 -2.73 9.53 -3.56
CA TYR A 267 -1.73 10.27 -2.77
C TYR A 267 -1.78 9.86 -1.30
N ARG A 268 -3.00 9.89 -0.72
CA ARG A 268 -3.24 9.43 0.64
C ARG A 268 -2.68 8.02 0.84
N THR A 269 -2.96 7.12 -0.13
CA THR A 269 -2.51 5.73 -0.10
C THR A 269 -0.99 5.64 0.11
N GLN A 270 -0.21 6.37 -0.70
CA GLN A 270 1.25 6.29 -0.61
C GLN A 270 1.80 7.10 0.57
N LEU A 271 1.09 8.17 0.99
CA LEU A 271 1.40 8.87 2.23
C LEU A 271 1.34 7.90 3.43
N PHE A 272 0.31 7.04 3.45
CA PHE A 272 0.11 6.08 4.54
C PHE A 272 1.04 4.87 4.41
N ASN A 273 1.71 4.72 3.25
CA ASN A 273 2.78 3.75 3.00
C ASN A 273 4.15 4.32 3.41
N ASP A 274 4.24 5.65 3.58
CA ASP A 274 5.48 6.32 3.92
C ASP A 274 5.98 5.78 5.26
N THR A 275 7.24 5.29 5.29
CA THR A 275 7.83 4.68 6.48
C THR A 275 7.87 5.67 7.65
N ASN A 276 7.96 6.96 7.34
CA ASN A 276 7.97 8.07 8.30
C ASN A 276 6.66 8.15 9.11
N LEU A 277 5.53 7.70 8.51
CA LEU A 277 4.21 7.76 9.14
C LEU A 277 3.72 6.37 9.53
N ALA A 278 4.03 5.38 8.68
CA ALA A 278 3.60 3.99 8.87
C ALA A 278 4.26 3.36 10.11
N TYR A 279 5.58 3.58 10.29
CA TYR A 279 6.28 3.04 11.44
C TYR A 279 6.02 3.96 12.65
N ALA A 280 5.43 3.40 13.74
CA ALA A 280 5.11 4.12 14.97
C ALA A 280 6.34 4.78 15.60
N ASN A 281 7.49 4.13 15.37
CA ASN A 281 8.84 4.56 15.69
C ASN A 281 9.15 5.95 15.10
N ARG A 282 8.91 6.10 13.78
CA ARG A 282 9.29 7.28 13.01
C ARG A 282 8.24 8.39 13.11
N ALA A 283 7.04 8.05 13.62
CA ALA A 283 5.89 8.96 13.70
C ALA A 283 5.58 9.45 15.13
N GLY A 284 6.10 8.74 16.16
CA GLY A 284 5.84 9.07 17.56
C GLY A 284 4.52 8.51 18.11
N THR A 285 3.63 8.05 17.21
CA THR A 285 2.43 7.29 17.55
C THR A 285 2.16 6.24 16.47
N ASN A 286 1.41 5.20 16.84
CA ASN A 286 0.92 4.19 15.91
C ASN A 286 -0.42 4.60 15.29
N GLU A 287 -0.79 5.89 15.36
CA GLU A 287 -2.11 6.37 14.97
C GLU A 287 -2.41 6.18 13.48
N VAL A 288 -1.41 6.40 12.60
CA VAL A 288 -1.57 6.24 11.15
C VAL A 288 -1.75 4.75 10.83
N LEU A 289 -0.92 3.91 11.45
CA LEU A 289 -0.96 2.46 11.29
C LEU A 289 -2.32 1.90 11.73
N ARG A 290 -2.89 2.46 12.82
CA ARG A 290 -4.16 1.99 13.36
C ARG A 290 -5.34 2.61 12.62
N ASN A 291 -5.41 3.94 12.59
CA ASN A 291 -6.63 4.69 12.28
C ASN A 291 -6.61 5.33 10.88
N ARG A 292 -5.45 5.30 10.19
CA ARG A 292 -5.28 5.80 8.83
C ARG A 292 -5.49 7.32 8.77
N GLU A 293 -6.52 7.78 8.03
CA GLU A 293 -6.76 9.20 7.80
C GLU A 293 -7.36 9.90 9.02
N ASP A 294 -7.96 9.12 9.94
CA ASP A 294 -8.60 9.59 11.17
C ASP A 294 -7.57 9.87 12.28
N ALA A 295 -6.27 9.66 12.00
CA ALA A 295 -5.19 9.91 12.96
C ALA A 295 -5.02 11.42 13.17
N PRO A 296 -4.82 11.92 14.43
CA PRO A 296 -4.62 13.34 14.67
C PRO A 296 -3.39 13.96 13.99
N ILE A 297 -2.37 13.12 13.72
CA ILE A 297 -1.16 13.53 13.00
C ILE A 297 -1.45 13.84 11.52
N VAL A 298 -2.46 13.20 10.91
CA VAL A 298 -2.77 13.43 9.50
C VAL A 298 -3.36 14.84 9.30
N GLY A 299 -4.13 15.32 10.30
CA GLY A 299 -4.64 16.68 10.32
C GLY A 299 -3.64 17.70 10.90
N ASP A 300 -2.42 17.26 11.25
CA ASP A 300 -1.43 18.08 11.96
C ASP A 300 -0.02 17.65 11.53
N ILE A 301 0.33 17.89 10.24
CA ILE A 301 1.58 17.43 9.63
C ILE A 301 2.23 18.60 8.87
N ALA A 302 3.58 18.71 8.99
CA ALA A 302 4.41 19.71 8.30
C ALA A 302 3.97 21.16 8.56
N GLY A 303 3.38 21.43 9.73
CA GLY A 303 2.90 22.77 10.10
C GLY A 303 1.48 23.07 9.61
N LEU A 304 0.90 22.16 8.80
CA LEU A 304 -0.50 22.23 8.37
C LEU A 304 -1.39 21.78 9.53
N ASP A 305 -2.59 22.37 9.63
CA ASP A 305 -3.53 22.07 10.72
C ASP A 305 -4.91 21.62 10.21
N MET A 306 -5.03 21.41 8.88
CA MET A 306 -6.23 20.82 8.31
C MET A 306 -5.87 19.89 7.13
N HIS A 307 -6.43 18.68 7.18
CA HIS A 307 -6.43 17.77 6.04
C HIS A 307 -7.82 17.78 5.40
N ALA A 308 -7.85 18.12 4.10
CA ALA A 308 -9.06 18.10 3.30
C ALA A 308 -8.99 16.93 2.30
N ALA A 309 -9.44 15.75 2.76
CA ALA A 309 -9.46 14.55 1.93
C ALA A 309 -10.54 14.70 0.85
N MET A 310 -10.13 14.65 -0.43
CA MET A 310 -11.06 14.78 -1.54
C MET A 310 -11.13 13.49 -2.37
N SER A 311 -12.20 13.39 -3.18
CA SER A 311 -12.52 12.21 -4.00
C SER A 311 -11.74 12.25 -5.32
N SER A 312 -11.57 11.06 -5.93
CA SER A 312 -10.99 10.89 -7.26
C SER A 312 -11.84 11.57 -8.34
N ALA A 313 -13.18 11.46 -8.22
CA ALA A 313 -14.15 11.86 -9.25
C ALA A 313 -14.32 13.38 -9.38
N THR A 314 -13.89 14.15 -8.37
CA THR A 314 -14.38 15.51 -8.15
C THR A 314 -13.66 16.57 -9.01
N TYR A 315 -12.40 16.32 -9.38
CA TYR A 315 -11.70 17.21 -10.30
C TYR A 315 -12.39 17.20 -11.67
N ASP A 316 -12.30 18.32 -12.41
CA ASP A 316 -12.93 18.44 -13.72
C ASP A 316 -11.99 17.93 -14.82
N ASP A 317 -12.22 16.66 -15.24
CA ASP A 317 -11.51 16.02 -16.34
C ASP A 317 -12.17 16.34 -17.70
N GLY A 318 -13.30 17.07 -17.70
CA GLY A 318 -14.01 17.50 -18.90
C GLY A 318 -14.89 16.43 -19.56
N THR A 319 -15.10 15.30 -18.88
CA THR A 319 -15.88 14.18 -19.44
C THR A 319 -17.38 14.35 -19.17
N ASP A 320 -17.74 15.12 -18.13
CA ASP A 320 -19.13 15.41 -17.81
C ASP A 320 -19.61 16.57 -18.69
N ILE A 321 -20.93 16.58 -18.99
CA ILE A 321 -21.51 17.49 -19.97
C ILE A 321 -21.55 18.92 -19.40
N GLY A 322 -21.00 19.86 -20.18
CA GLY A 322 -20.94 21.27 -19.81
C GLY A 322 -19.77 21.62 -18.89
N TRP A 323 -19.07 20.59 -18.38
CA TRP A 323 -17.85 20.79 -17.63
C TRP A 323 -16.67 20.78 -18.60
N SER A 324 -15.96 21.93 -18.68
CA SER A 324 -14.80 22.13 -19.56
C SER A 324 -13.53 21.86 -18.76
N GLY A 325 -12.81 20.79 -19.12
CA GLY A 325 -11.77 20.18 -18.31
C GLY A 325 -10.67 21.15 -17.88
N GLY A 326 -10.15 20.92 -16.66
CA GLY A 326 -8.98 21.63 -16.16
C GLY A 326 -7.72 21.23 -16.92
N SER A 327 -6.61 21.92 -16.63
CA SER A 327 -5.35 21.75 -17.36
C SER A 327 -4.57 20.51 -16.90
N GLU A 328 -4.81 20.06 -15.66
CA GLU A 328 -3.97 19.07 -14.97
C GLU A 328 -4.61 17.67 -14.99
N THR A 329 -3.86 16.67 -14.50
CA THR A 329 -4.39 15.37 -14.14
C THR A 329 -4.40 15.24 -12.62
N TRP A 330 -5.61 15.01 -12.07
CA TRP A 330 -5.81 14.72 -10.66
C TRP A 330 -5.62 13.22 -10.43
N GLY A 331 -4.61 12.86 -9.64
CA GLY A 331 -4.19 11.48 -9.50
C GLY A 331 -2.83 11.39 -8.82
N PHE A 332 -2.35 10.15 -8.65
CA PHE A 332 -1.00 9.93 -8.14
C PHE A 332 -0.49 8.55 -8.57
N SER A 333 -0.20 8.41 -9.88
CA SER A 333 -0.02 7.11 -10.52
C SER A 333 1.04 7.15 -11.63
N SER A 334 1.26 8.32 -12.22
CA SER A 334 1.99 8.52 -13.47
C SER A 334 2.52 9.95 -13.52
N ASP A 335 3.49 10.23 -14.42
CA ASP A 335 4.13 11.55 -14.56
C ASP A 335 3.12 12.67 -14.77
N GLY A 336 3.26 13.75 -14.00
CA GLY A 336 2.44 14.94 -14.14
C GLY A 336 1.13 14.91 -13.34
N ASP A 337 0.87 13.77 -12.67
CA ASP A 337 -0.27 13.60 -11.78
C ASP A 337 -0.11 14.51 -10.56
N LYS A 338 -1.09 15.41 -10.35
CA LYS A 338 -1.17 16.28 -9.19
C LYS A 338 -1.97 15.56 -8.11
N GLY A 339 -1.27 15.05 -7.07
CA GLY A 339 -1.86 14.18 -6.06
C GLY A 339 -2.23 14.90 -4.77
N ALA A 340 -1.56 16.03 -4.51
CA ALA A 340 -1.87 16.88 -3.37
C ALA A 340 -1.68 18.35 -3.76
N VAL A 341 -2.35 19.23 -2.99
CA VAL A 341 -2.08 20.67 -2.98
C VAL A 341 -1.91 21.08 -1.52
N VAL A 342 -0.83 21.81 -1.25
CA VAL A 342 -0.52 22.38 0.06
C VAL A 342 -0.71 23.89 -0.04
N TYR A 343 -1.48 24.50 0.87
CA TYR A 343 -1.89 25.89 0.65
C TYR A 343 -2.36 26.60 1.91
N ASP A 344 -2.45 27.94 1.79
CA ASP A 344 -3.10 28.84 2.74
C ASP A 344 -4.60 28.92 2.44
N ARG A 345 -5.42 28.44 3.38
CA ARG A 345 -6.88 28.37 3.36
C ARG A 345 -7.54 29.74 3.15
N ASP A 346 -6.83 30.81 3.58
CA ASP A 346 -7.35 32.18 3.59
C ASP A 346 -7.03 32.92 2.27
N ASN A 347 -6.30 32.27 1.34
CA ASN A 347 -5.85 32.87 0.08
C ASN A 347 -6.50 32.21 -1.14
N ILE A 348 -7.33 31.18 -0.89
CA ILE A 348 -8.18 30.58 -1.92
C ILE A 348 -9.64 30.90 -1.56
N HIS A 349 -10.38 31.44 -2.54
CA HIS A 349 -11.71 31.98 -2.31
C HIS A 349 -12.73 31.20 -3.12
N THR A 350 -13.66 30.57 -2.40
CA THR A 350 -14.85 29.98 -3.00
C THR A 350 -15.94 31.05 -3.03
N ILE A 351 -16.35 31.44 -4.25
CA ILE A 351 -17.25 32.56 -4.40
C ILE A 351 -18.64 32.04 -4.77
N LEU A 352 -19.59 32.23 -3.84
CA LEU A 352 -20.95 31.76 -4.00
C LEU A 352 -21.89 32.95 -4.23
N TYR A 353 -22.57 32.91 -5.38
CA TYR A 353 -23.61 33.88 -5.69
C TYR A 353 -24.98 33.18 -5.67
N ALA A 354 -25.91 33.75 -4.87
CA ALA A 354 -27.29 33.30 -4.79
C ALA A 354 -28.22 34.49 -5.00
N PRO A 355 -29.07 34.51 -6.07
CA PRO A 355 -30.00 35.61 -6.31
C PRO A 355 -31.00 35.93 -5.18
N ASN A 356 -31.50 34.90 -4.49
CA ASN A 356 -32.61 35.05 -3.55
C ASN A 356 -32.17 34.89 -2.08
N GLY A 357 -30.86 34.78 -1.85
CA GLY A 357 -30.36 34.62 -0.48
C GLY A 357 -28.83 34.63 -0.41
N GLN A 358 -28.31 33.74 0.44
CA GLN A 358 -26.89 33.65 0.76
C GLN A 358 -26.24 32.48 0.01
N ASP A 359 -27.00 31.38 -0.17
CA ASP A 359 -26.49 30.03 -0.36
C ASP A 359 -27.43 29.26 -1.29
N VAL A 360 -27.30 27.91 -1.32
CA VAL A 360 -28.11 27.00 -2.13
C VAL A 360 -29.60 27.35 -1.98
N GLU A 361 -30.27 27.61 -3.10
CA GLU A 361 -31.72 27.78 -3.08
C GLU A 361 -32.40 26.54 -3.64
N ILE A 362 -33.21 25.91 -2.78
CA ILE A 362 -34.06 24.79 -3.16
C ILE A 362 -35.48 25.31 -3.30
N LYS A 363 -36.00 25.24 -4.53
CA LYS A 363 -37.37 25.61 -4.84
C LYS A 363 -38.18 24.34 -5.06
N ASP A 364 -39.32 24.26 -4.37
CA ASP A 364 -40.31 23.23 -4.62
C ASP A 364 -41.48 23.83 -5.39
N TYR A 365 -41.93 23.09 -6.41
CA TYR A 365 -43.08 23.50 -7.21
C TYR A 365 -44.08 22.35 -7.32
N GLU A 366 -45.36 22.73 -7.35
CA GLU A 366 -46.43 21.76 -7.54
C GLU A 366 -47.08 22.01 -8.89
N ASP A 367 -47.19 20.94 -9.68
CA ASP A 367 -47.94 20.98 -10.92
C ASP A 367 -49.31 20.34 -10.68
N PRO A 368 -50.38 21.16 -10.54
CA PRO A 368 -51.74 20.63 -10.35
C PRO A 368 -52.45 20.15 -11.62
N ILE A 369 -51.83 20.38 -12.80
CA ILE A 369 -52.30 19.87 -14.09
C ILE A 369 -51.84 18.42 -14.27
N ARG A 370 -50.70 18.05 -13.65
CA ARG A 370 -50.08 16.75 -13.85
C ARG A 370 -49.89 15.94 -12.56
N ASP A 371 -50.01 16.57 -11.37
CA ASP A 371 -49.78 16.01 -10.03
C ASP A 371 -48.34 15.54 -9.82
N ILE A 372 -47.41 16.42 -10.18
CA ILE A 372 -46.00 16.20 -9.97
C ILE A 372 -45.50 17.26 -8.99
N THR A 373 -44.66 16.86 -8.03
CA THR A 373 -43.89 17.81 -7.25
C THR A 373 -42.48 17.87 -7.83
N GLY A 374 -42.03 19.09 -8.12
CA GLY A 374 -40.65 19.34 -8.48
C GLY A 374 -39.84 19.80 -7.27
N VAL A 375 -38.62 19.29 -7.17
CA VAL A 375 -37.59 19.86 -6.31
C VAL A 375 -36.42 20.22 -7.22
N ASN A 376 -36.01 21.49 -7.20
CA ASN A 376 -34.80 21.86 -7.91
C ASN A 376 -33.94 22.77 -7.05
N GLY A 377 -32.64 22.76 -7.35
CA GLY A 377 -31.65 23.55 -6.64
C GLY A 377 -30.72 24.28 -7.60
N ARG A 378 -30.20 25.42 -7.12
CA ARG A 378 -29.34 26.30 -7.88
C ARG A 378 -28.30 26.92 -6.95
N LEU A 379 -27.12 27.18 -7.54
CA LEU A 379 -26.11 28.05 -6.97
C LEU A 379 -25.24 28.56 -8.12
N HIS A 380 -24.71 29.77 -7.98
CA HIS A 380 -23.63 30.21 -8.86
C HIS A 380 -22.32 30.13 -8.09
N VAL A 381 -21.32 29.46 -8.68
CA VAL A 381 -20.06 29.27 -7.99
C VAL A 381 -18.88 29.56 -8.93
N ASP A 382 -17.90 30.28 -8.39
CA ASP A 382 -16.54 30.28 -8.90
C ASP A 382 -15.59 29.96 -7.75
N CYS A 383 -14.32 29.71 -8.13
CA CYS A 383 -13.26 29.61 -7.16
C CYS A 383 -12.05 30.34 -7.71
N GLN A 384 -11.32 31.08 -6.85
CA GLN A 384 -10.21 31.90 -7.32
C GLN A 384 -9.18 32.14 -6.21
N TYR A 385 -7.89 32.06 -6.56
CA TYR A 385 -6.82 32.45 -5.67
C TYR A 385 -6.69 33.97 -5.62
N SER A 386 -6.46 34.52 -4.41
CA SER A 386 -5.94 35.87 -4.31
C SER A 386 -4.42 35.86 -4.48
N GLN A 387 -3.77 34.76 -4.06
CA GLN A 387 -2.35 34.55 -4.19
C GLN A 387 -2.09 33.08 -4.51
N GLY A 388 -1.85 32.77 -5.80
CA GLY A 388 -1.50 31.43 -6.25
C GLY A 388 -0.13 30.96 -5.73
N ARG A 389 0.73 31.93 -5.32
CA ARG A 389 2.00 31.68 -4.65
C ARG A 389 1.80 31.10 -3.23
N SER A 390 0.57 31.20 -2.69
CA SER A 390 0.25 30.67 -1.37
C SER A 390 -0.08 29.17 -1.41
N SER A 391 0.09 28.53 -2.59
CA SER A 391 -0.15 27.10 -2.76
C SER A 391 0.91 26.44 -3.65
N ALA A 392 1.18 25.15 -3.35
CA ALA A 392 2.07 24.30 -4.13
C ALA A 392 1.39 22.97 -4.45
N THR A 393 1.43 22.55 -5.72
CA THR A 393 0.97 21.21 -6.09
C THR A 393 2.11 20.20 -5.94
N VAL A 394 1.73 18.98 -5.55
CA VAL A 394 2.67 17.87 -5.44
C VAL A 394 2.44 16.97 -6.66
N GLN A 395 3.53 16.72 -7.40
CA GLN A 395 3.47 16.10 -8.71
C GLN A 395 4.24 14.78 -8.70
N TYR A 396 3.63 13.72 -9.27
CA TYR A 396 4.23 12.41 -9.38
C TYR A 396 5.34 12.41 -10.46
N PHE B 101 3.97 -66.87 25.44
CA PHE B 101 4.93 -67.84 26.10
C PHE B 101 4.34 -68.32 27.44
N ALA B 102 5.13 -68.23 28.54
CA ALA B 102 4.57 -68.00 29.87
C ALA B 102 3.66 -66.76 29.80
N ALA B 103 2.54 -66.76 30.55
CA ALA B 103 1.43 -65.84 30.29
C ALA B 103 1.89 -64.38 30.20
N SER B 104 1.66 -63.76 29.02
CA SER B 104 2.12 -62.42 28.64
C SER B 104 0.92 -61.64 28.10
N ASP B 105 0.90 -60.30 28.29
CA ASP B 105 -0.25 -59.51 27.84
C ASP B 105 -0.47 -59.57 26.32
N PRO B 106 0.57 -59.48 25.44
CA PRO B 106 0.36 -59.60 23.98
C PRO B 106 -0.28 -60.87 23.41
N GLU B 107 -0.46 -61.92 24.23
CA GLU B 107 -1.20 -63.09 23.79
C GLU B 107 -2.65 -63.10 24.33
N TYR B 108 -2.92 -62.40 25.45
CA TYR B 108 -4.24 -62.42 26.10
C TYR B 108 -4.95 -61.04 26.08
N VAL B 109 -4.62 -60.18 25.09
CA VAL B 109 -5.08 -58.79 24.92
C VAL B 109 -6.60 -58.62 24.81
N ASP B 110 -7.30 -59.68 24.39
CA ASP B 110 -8.75 -59.68 24.17
C ASP B 110 -9.37 -60.95 24.78
N THR B 111 -8.54 -61.69 25.54
CA THR B 111 -8.93 -62.93 26.21
C THR B 111 -9.18 -62.69 27.71
N LEU B 112 -8.26 -61.97 28.38
CA LEU B 112 -8.26 -61.82 29.84
C LEU B 112 -8.51 -60.39 30.32
N PHE B 113 -8.57 -59.43 29.38
CA PHE B 113 -8.96 -58.03 29.57
C PHE B 113 -9.29 -57.46 28.19
N ARG B 114 -10.05 -56.35 28.12
CA ARG B 114 -10.15 -55.57 26.89
C ARG B 114 -9.12 -54.44 26.93
N GLU B 115 -8.62 -54.02 25.75
CA GLU B 115 -7.84 -52.80 25.59
C GLU B 115 -8.65 -51.61 26.11
N GLN B 116 -7.99 -50.63 26.75
CA GLN B 116 -8.68 -49.45 27.24
C GLN B 116 -9.23 -48.64 26.06
N LEU B 117 -10.46 -48.11 26.20
CA LEU B 117 -10.89 -46.97 25.41
C LEU B 117 -10.92 -45.74 26.31
N LEU B 118 -10.29 -44.65 25.85
CA LEU B 118 -10.36 -43.40 26.59
C LEU B 118 -11.77 -42.82 26.45
N GLU B 119 -12.38 -42.40 27.58
CA GLU B 119 -13.78 -41.96 27.62
C GLU B 119 -13.96 -40.59 26.97
N VAL B 120 -12.86 -39.84 26.80
CA VAL B 120 -12.83 -38.57 26.11
C VAL B 120 -12.68 -38.84 24.60
N VAL B 121 -13.76 -38.57 23.83
CA VAL B 121 -13.69 -38.51 22.37
C VAL B 121 -13.08 -37.15 21.98
N MET B 122 -12.31 -37.14 20.89
CA MET B 122 -11.43 -36.00 20.60
C MET B 122 -11.75 -35.39 19.23
N GLU B 123 -11.87 -34.05 19.25
CA GLU B 123 -12.54 -33.28 18.21
C GLU B 123 -11.74 -33.30 16.91
N GLY B 124 -12.47 -33.23 15.78
CA GLY B 124 -11.87 -32.94 14.48
C GLY B 124 -11.47 -31.46 14.38
N ARG B 125 -11.14 -31.00 13.16
CA ARG B 125 -10.87 -29.57 12.97
C ARG B 125 -12.17 -28.78 13.15
N GLU B 126 -12.07 -27.64 13.86
CA GLU B 126 -13.19 -26.71 14.00
C GLU B 126 -12.91 -25.51 13.09
N LEU B 127 -13.90 -25.13 12.27
CA LEU B 127 -13.75 -23.98 11.39
C LEU B 127 -14.04 -22.69 12.15
N ARG B 128 -13.52 -21.57 11.62
CA ARG B 128 -13.70 -20.25 12.19
C ARG B 128 -15.09 -19.68 11.86
N LYS B 129 -15.83 -19.37 12.94
CA LYS B 129 -17.19 -18.81 12.91
C LYS B 129 -17.12 -17.30 13.16
N VAL B 130 -17.43 -16.47 12.13
CA VAL B 130 -17.29 -15.01 12.23
C VAL B 130 -18.46 -14.23 11.61
N ALA B 131 -19.21 -14.82 10.68
CA ALA B 131 -20.14 -14.12 9.80
C ALA B 131 -21.15 -13.22 10.55
N ARG B 132 -21.62 -13.66 11.73
CA ARG B 132 -22.63 -12.93 12.51
C ARG B 132 -22.10 -11.61 13.06
N GLU B 133 -20.77 -11.53 13.21
CA GLU B 133 -20.09 -10.32 13.66
C GLU B 133 -19.59 -9.53 12.45
N ALA B 134 -19.04 -10.27 11.46
CA ALA B 134 -18.40 -9.72 10.26
C ALA B 134 -19.39 -9.13 9.25
N SER B 135 -20.71 -9.19 9.53
CA SER B 135 -21.76 -8.76 8.60
C SER B 135 -22.91 -8.11 9.38
N ASN B 136 -23.65 -7.23 8.71
CA ASN B 136 -24.96 -6.80 9.20
C ASN B 136 -25.93 -7.97 9.07
N VAL B 137 -26.59 -8.36 10.18
CA VAL B 137 -27.48 -9.52 10.19
C VAL B 137 -28.93 -9.04 10.21
N ILE B 138 -29.70 -9.49 9.20
CA ILE B 138 -31.14 -9.25 9.16
C ILE B 138 -31.85 -10.53 9.56
N ASN B 139 -32.56 -10.44 10.69
CA ASN B 139 -33.54 -11.44 11.05
C ASN B 139 -34.81 -11.15 10.26
N ALA B 140 -34.95 -11.86 9.13
CA ALA B 140 -36.04 -11.61 8.19
C ALA B 140 -37.36 -12.18 8.72
N ASN B 141 -38.44 -11.48 8.36
CA ASN B 141 -39.81 -11.92 8.58
C ASN B 141 -40.30 -12.82 7.43
N THR B 142 -39.59 -12.78 6.28
CA THR B 142 -39.89 -13.61 5.11
C THR B 142 -38.61 -14.22 4.52
N ARG B 143 -38.76 -15.38 3.86
CA ARG B 143 -37.68 -16.12 3.21
C ARG B 143 -37.11 -15.32 2.03
N VAL B 144 -38.02 -14.72 1.23
CA VAL B 144 -37.67 -13.86 0.10
C VAL B 144 -38.03 -12.42 0.48
N GLY B 145 -37.14 -11.48 0.13
CA GLY B 145 -37.36 -10.08 0.46
C GLY B 145 -36.45 -9.16 -0.38
N ASP B 146 -36.54 -7.86 -0.11
CA ASP B 146 -35.75 -6.85 -0.80
C ASP B 146 -35.22 -5.80 0.18
N VAL B 147 -33.97 -5.37 -0.04
CA VAL B 147 -33.44 -4.14 0.52
C VAL B 147 -33.34 -3.08 -0.59
N PRO B 148 -33.94 -1.87 -0.41
CA PRO B 148 -33.82 -0.78 -1.38
C PRO B 148 -32.48 -0.06 -1.34
N ILE B 149 -32.00 0.28 -2.54
CA ILE B 149 -30.69 0.88 -2.76
C ILE B 149 -30.86 2.12 -3.62
N ALA B 150 -30.26 3.23 -3.15
CA ALA B 150 -30.31 4.51 -3.83
C ALA B 150 -29.15 4.65 -4.82
N SER B 151 -29.41 5.43 -5.87
CA SER B 151 -28.40 5.85 -6.85
C SER B 151 -27.30 6.67 -6.17
N ASP B 152 -26.12 6.69 -6.81
CA ASP B 152 -24.98 7.49 -6.43
C ASP B 152 -25.32 8.98 -6.46
N GLU B 153 -24.57 9.75 -5.67
CA GLU B 153 -24.53 11.20 -5.81
C GLU B 153 -23.98 11.57 -7.18
N GLU B 154 -24.44 12.70 -7.72
CA GLU B 154 -23.94 13.23 -8.98
C GLU B 154 -23.42 14.65 -8.75
N PHE B 155 -22.90 15.26 -9.83
CA PHE B 155 -22.51 16.66 -9.82
C PHE B 155 -23.64 17.47 -10.45
N ALA B 156 -23.99 18.60 -9.83
CA ALA B 156 -24.93 19.53 -10.43
C ALA B 156 -24.39 20.01 -11.79
N ARG B 157 -25.31 20.48 -12.64
CA ARG B 157 -25.04 20.71 -14.06
C ARG B 157 -24.78 22.19 -14.30
N PRO B 158 -23.68 22.57 -15.02
CA PRO B 158 -23.50 23.96 -15.49
C PRO B 158 -24.56 24.37 -16.51
N THR B 159 -25.20 25.52 -16.26
CA THR B 159 -26.47 25.93 -16.86
C THR B 159 -26.36 27.39 -17.30
N GLY B 160 -27.08 27.76 -18.39
CA GLY B 160 -27.26 29.16 -18.74
C GLY B 160 -28.28 29.82 -17.82
N GLN B 161 -28.36 31.16 -17.86
CA GLN B 161 -29.47 31.87 -17.22
C GLN B 161 -30.73 31.69 -18.06
N GLY B 162 -31.88 31.52 -17.38
CA GLY B 162 -33.17 31.40 -18.06
C GLY B 162 -33.41 30.00 -18.67
N ALA B 163 -32.38 29.14 -18.66
CA ALA B 163 -32.50 27.76 -19.17
C ALA B 163 -33.23 26.88 -18.14
N GLU B 164 -33.93 25.86 -18.64
CA GLU B 164 -34.62 24.87 -17.81
C GLU B 164 -33.61 24.08 -16.97
N ILE B 165 -33.90 23.96 -15.67
CA ILE B 165 -33.22 23.00 -14.81
C ILE B 165 -33.75 21.61 -15.16
N ARG B 166 -32.82 20.74 -15.56
CA ARG B 166 -33.15 19.39 -15.99
C ARG B 166 -33.25 18.47 -14.78
N ASP B 167 -33.99 17.38 -15.00
CA ASP B 167 -34.20 16.33 -14.01
C ASP B 167 -33.11 15.26 -14.13
N ASP B 168 -32.49 15.00 -12.98
CA ASP B 168 -31.76 13.78 -12.69
C ASP B 168 -32.10 13.44 -11.25
N GLY B 169 -33.25 12.77 -11.08
CA GLY B 169 -33.81 12.46 -9.77
C GLY B 169 -33.13 11.25 -9.16
N GLU B 170 -33.26 11.13 -7.83
CA GLU B 170 -32.79 9.93 -7.16
C GLU B 170 -33.53 8.72 -7.72
N THR B 171 -32.74 7.74 -8.15
CA THR B 171 -33.18 6.54 -8.82
C THR B 171 -32.87 5.37 -7.89
N TYR B 172 -33.76 4.36 -7.90
CA TYR B 172 -33.69 3.30 -6.90
C TYR B 172 -33.75 1.92 -7.55
N THR B 173 -33.10 0.95 -6.89
CA THR B 173 -33.17 -0.46 -7.22
C THR B 173 -33.26 -1.26 -5.91
N THR B 174 -33.25 -2.60 -6.00
CA THR B 174 -33.12 -3.45 -4.83
C THR B 174 -32.07 -4.53 -5.07
N VAL B 175 -31.52 -5.08 -3.98
CA VAL B 175 -31.00 -6.45 -4.02
C VAL B 175 -32.00 -7.36 -3.31
N ALA B 176 -32.39 -8.41 -4.03
CA ALA B 176 -33.33 -9.41 -3.54
C ALA B 176 -32.56 -10.48 -2.77
N TRP B 177 -32.95 -10.65 -1.50
CA TRP B 177 -32.54 -11.85 -0.78
C TRP B 177 -33.53 -12.97 -1.05
N ASN B 178 -32.97 -14.17 -1.08
CA ASN B 178 -33.73 -15.37 -1.35
C ASN B 178 -33.13 -16.48 -0.49
N ALA B 179 -33.51 -16.45 0.80
CA ALA B 179 -32.88 -17.27 1.84
C ALA B 179 -32.99 -18.75 1.47
N THR B 180 -31.81 -19.40 1.44
CA THR B 180 -31.68 -20.79 1.00
C THR B 180 -31.57 -21.68 2.24
N LYS B 181 -32.41 -22.72 2.27
CA LYS B 181 -32.47 -23.63 3.40
C LYS B 181 -31.21 -24.49 3.46
N LEU B 182 -30.38 -24.22 4.47
CA LEU B 182 -29.23 -25.06 4.76
C LEU B 182 -29.64 -26.11 5.81
N THR B 183 -29.41 -27.39 5.47
CA THR B 183 -29.88 -28.49 6.28
C THR B 183 -28.75 -29.49 6.54
N GLU B 184 -28.87 -30.17 7.69
CA GLU B 184 -27.92 -31.21 8.08
C GLU B 184 -28.69 -32.26 8.90
N GLY B 185 -28.47 -33.55 8.57
CA GLY B 185 -29.07 -34.66 9.28
C GLY B 185 -28.02 -35.63 9.81
N SER B 186 -28.41 -36.39 10.85
CA SER B 186 -27.64 -37.52 11.37
C SER B 186 -28.59 -38.58 11.92
N ARG B 187 -28.31 -39.85 11.59
CA ARG B 187 -29.09 -40.98 12.06
C ARG B 187 -28.20 -41.94 12.87
N VAL B 188 -28.81 -42.54 13.90
CA VAL B 188 -28.15 -43.40 14.88
C VAL B 188 -29.13 -44.54 15.21
N THR B 189 -28.63 -45.79 15.34
CA THR B 189 -29.51 -46.89 15.77
C THR B 189 -29.60 -46.91 17.30
N ASP B 190 -30.63 -47.56 17.84
CA ASP B 190 -30.87 -47.67 19.28
C ASP B 190 -29.76 -48.45 20.00
N GLU B 191 -29.21 -49.50 19.33
CA GLU B 191 -28.12 -50.31 19.89
C GLU B 191 -26.83 -49.50 19.93
N MET B 192 -26.61 -48.67 18.89
CA MET B 192 -25.44 -47.80 18.82
C MET B 192 -25.47 -46.80 19.98
N ARG B 193 -26.64 -46.16 20.17
CA ARG B 193 -26.88 -45.18 21.22
C ARG B 193 -26.68 -45.78 22.62
N ASP B 194 -27.08 -47.05 22.80
CA ASP B 194 -26.95 -47.73 24.08
C ASP B 194 -25.49 -48.06 24.39
N GLN B 195 -24.77 -48.61 23.40
CA GLN B 195 -23.45 -49.19 23.62
C GLN B 195 -22.33 -48.14 23.67
N ALA B 196 -22.49 -47.01 22.97
CA ALA B 196 -21.46 -45.97 22.92
C ALA B 196 -21.23 -45.37 24.32
N MET B 197 -19.96 -45.02 24.63
CA MET B 197 -19.56 -44.43 25.91
C MET B 197 -20.06 -42.99 26.05
N VAL B 198 -20.28 -42.31 24.91
CA VAL B 198 -20.55 -40.87 24.82
C VAL B 198 -21.95 -40.70 24.25
N ASP B 199 -22.69 -39.67 24.70
CA ASP B 199 -24.01 -39.35 24.19
C ASP B 199 -23.90 -38.91 22.72
N LEU B 200 -24.23 -39.85 21.82
CA LEU B 200 -24.14 -39.63 20.37
C LEU B 200 -25.14 -38.58 19.91
N ILE B 201 -26.35 -38.58 20.49
CA ILE B 201 -27.41 -37.66 20.10
C ILE B 201 -27.00 -36.22 20.45
N GLU B 202 -26.40 -36.04 21.64
CA GLU B 202 -25.84 -34.75 22.03
C GLU B 202 -24.74 -34.34 21.05
N ARG B 203 -23.82 -35.26 20.71
CA ARG B 203 -22.71 -35.00 19.80
C ARG B 203 -23.19 -34.65 18.38
N ASN B 204 -24.27 -35.31 17.93
CA ASN B 204 -24.85 -35.05 16.61
C ASN B 204 -25.69 -33.77 16.58
N ILE B 205 -26.32 -33.43 17.73
CA ILE B 205 -26.94 -32.12 17.93
C ILE B 205 -25.88 -31.02 17.75
N GLN B 206 -24.72 -31.20 18.41
CA GLN B 206 -23.61 -30.28 18.33
C GLN B 206 -23.05 -30.18 16.89
N ARG B 207 -22.88 -31.34 16.22
CA ARG B 207 -22.40 -31.36 14.84
C ARG B 207 -23.33 -30.58 13.90
N VAL B 208 -24.65 -30.81 14.05
CA VAL B 208 -25.69 -30.15 13.26
C VAL B 208 -25.63 -28.63 13.46
N GLY B 209 -25.53 -28.17 14.72
CA GLY B 209 -25.37 -26.76 15.05
C GLY B 209 -24.13 -26.13 14.40
N ALA B 210 -23.00 -26.86 14.45
CA ALA B 210 -21.72 -26.44 13.90
C ALA B 210 -21.74 -26.41 12.36
N SER B 211 -22.31 -27.47 11.74
CA SER B 211 -22.43 -27.62 10.30
C SER B 211 -23.30 -26.53 9.66
N LEU B 212 -24.35 -26.08 10.37
CA LEU B 212 -25.19 -24.96 9.96
C LEU B 212 -24.44 -23.63 10.05
N GLU B 213 -23.64 -23.47 11.13
CA GLU B 213 -22.83 -22.29 11.37
C GLU B 213 -21.73 -22.16 10.30
N ASN B 214 -21.10 -23.29 9.96
CA ASN B 214 -20.11 -23.39 8.89
C ASN B 214 -20.74 -23.00 7.53
N GLY B 215 -21.99 -23.44 7.33
CA GLY B 215 -22.81 -23.10 6.17
C GLY B 215 -23.09 -21.61 6.01
N ILE B 216 -23.53 -20.94 7.10
CA ILE B 216 -23.74 -19.48 7.14
C ILE B 216 -22.46 -18.77 6.70
N ASN B 217 -21.33 -19.20 7.30
CA ASN B 217 -20.00 -18.66 7.05
C ASN B 217 -19.58 -18.86 5.59
N ARG B 218 -19.88 -20.04 4.99
CA ARG B 218 -19.58 -20.30 3.59
C ARG B 218 -20.33 -19.34 2.67
N VAL B 219 -21.65 -19.18 2.90
CA VAL B 219 -22.50 -18.33 2.08
C VAL B 219 -21.96 -16.89 2.12
N PHE B 220 -21.69 -16.41 3.33
CA PHE B 220 -21.10 -15.10 3.60
C PHE B 220 -19.79 -14.90 2.82
N LEU B 221 -18.83 -15.82 2.99
CA LEU B 221 -17.50 -15.68 2.43
C LEU B 221 -17.52 -15.75 0.90
N THR B 222 -18.43 -16.57 0.34
CA THR B 222 -18.53 -16.75 -1.10
C THR B 222 -19.12 -15.50 -1.76
N GLU B 223 -20.16 -14.91 -1.15
CA GLU B 223 -20.70 -13.62 -1.58
C GLU B 223 -19.62 -12.55 -1.48
N LEU B 224 -18.96 -12.48 -0.31
CA LEU B 224 -17.96 -11.47 -0.02
C LEU B 224 -16.81 -11.48 -1.05
N VAL B 225 -16.26 -12.68 -1.31
CA VAL B 225 -15.08 -12.84 -2.17
C VAL B 225 -15.46 -12.63 -3.65
N ASP B 226 -16.56 -13.27 -4.11
CA ASP B 226 -16.95 -13.22 -5.52
C ASP B 226 -17.44 -11.83 -5.96
N ASN B 227 -18.22 -11.15 -5.10
CA ASN B 227 -18.99 -9.99 -5.54
C ASN B 227 -18.38 -8.64 -5.11
N ALA B 228 -17.17 -8.67 -4.52
CA ALA B 228 -16.37 -7.48 -4.28
C ALA B 228 -15.99 -6.83 -5.62
N GLN B 229 -16.24 -5.52 -5.78
CA GLN B 229 -16.11 -4.87 -7.08
C GLN B 229 -14.70 -4.30 -7.33
N ASN B 230 -13.89 -4.18 -6.26
CA ASN B 230 -12.54 -3.63 -6.37
C ASN B 230 -11.49 -4.70 -6.07
N ASN B 231 -10.24 -4.43 -6.50
CA ASN B 231 -9.14 -5.36 -6.37
C ASN B 231 -7.82 -4.60 -6.20
N HIS B 232 -6.97 -5.04 -5.27
CA HIS B 232 -5.58 -4.64 -5.24
C HIS B 232 -4.71 -5.84 -5.65
N ASP B 233 -3.99 -5.69 -6.77
CA ASP B 233 -3.06 -6.70 -7.26
C ASP B 233 -1.68 -6.46 -6.62
N THR B 234 -1.29 -7.35 -5.69
CA THR B 234 0.00 -7.19 -4.99
C THR B 234 1.18 -7.60 -5.87
N ALA B 235 0.93 -8.48 -6.87
CA ALA B 235 1.97 -9.02 -7.76
C ALA B 235 3.16 -9.53 -6.95
N GLY B 236 2.89 -10.42 -5.98
CA GLY B 236 3.89 -11.08 -5.14
C GLY B 236 4.67 -10.15 -4.20
N SER B 237 4.35 -8.84 -4.19
CA SER B 237 5.20 -7.82 -3.57
C SER B 237 4.41 -6.89 -2.63
N ASN B 238 5.08 -6.40 -1.57
CA ASN B 238 4.56 -5.44 -0.60
C ASN B 238 3.27 -5.90 0.11
N GLN B 239 3.14 -7.23 0.28
CA GLN B 239 2.03 -7.88 0.97
C GLN B 239 2.14 -7.59 2.48
N GLY B 240 0.98 -7.55 3.16
CA GLY B 240 0.91 -7.07 4.53
C GLY B 240 0.21 -5.71 4.61
N TYR B 241 0.77 -4.81 5.45
CA TYR B 241 0.11 -3.53 5.72
C TYR B 241 -0.08 -2.70 4.45
N GLN B 242 0.93 -2.67 3.56
CA GLN B 242 0.87 -1.87 2.34
C GLN B 242 -0.25 -2.35 1.43
N ALA B 243 -0.41 -3.67 1.29
CA ALA B 243 -1.51 -4.26 0.53
C ALA B 243 -2.88 -3.90 1.11
N LEU B 244 -2.98 -3.99 2.46
CA LEU B 244 -4.20 -3.71 3.22
C LEU B 244 -4.59 -2.24 3.10
N ASN B 245 -3.57 -1.36 3.17
CA ASN B 245 -3.69 0.08 2.97
C ASN B 245 -4.06 0.43 1.52
N SER B 246 -3.43 -0.24 0.55
CA SER B 246 -3.71 -0.04 -0.88
C SER B 246 -5.12 -0.51 -1.23
N ALA B 247 -5.62 -1.57 -0.58
CA ALA B 247 -6.99 -2.04 -0.72
C ALA B 247 -8.02 -1.03 -0.18
N VAL B 248 -7.77 -0.46 1.02
CA VAL B 248 -8.57 0.64 1.58
C VAL B 248 -8.58 1.81 0.58
N GLY B 249 -7.42 2.06 -0.06
CA GLY B 249 -7.25 3.00 -1.16
C GLY B 249 -8.23 2.78 -2.32
N GLU B 250 -8.39 1.52 -2.76
CA GLU B 250 -9.29 1.14 -3.85
C GLU B 250 -10.76 1.45 -3.51
N VAL B 251 -11.15 1.16 -2.26
CA VAL B 251 -12.50 1.43 -1.76
C VAL B 251 -12.72 2.95 -1.61
N ASP B 252 -11.65 3.67 -1.20
CA ASP B 252 -11.60 5.12 -1.08
C ASP B 252 -11.79 5.80 -2.45
N LYS B 253 -11.20 5.19 -3.50
CA LYS B 253 -11.30 5.63 -4.89
C LYS B 253 -12.73 5.51 -5.44
N ASP B 254 -13.51 4.54 -4.93
CA ASP B 254 -14.93 4.43 -5.24
C ASP B 254 -15.84 5.10 -4.18
N ASP B 255 -15.25 5.86 -3.23
CA ASP B 255 -15.93 6.75 -2.27
C ASP B 255 -16.85 6.00 -1.29
N PHE B 256 -16.33 4.90 -0.73
CA PHE B 256 -16.89 4.22 0.44
C PHE B 256 -15.81 4.12 1.51
N ARG B 257 -16.23 3.98 2.78
CA ARG B 257 -15.32 3.79 3.91
C ARG B 257 -15.40 2.34 4.40
N PRO B 258 -14.36 1.48 4.18
CA PRO B 258 -14.35 0.14 4.77
C PRO B 258 -13.99 0.19 6.25
N ASP B 259 -14.46 -0.82 7.02
CA ASP B 259 -14.25 -0.88 8.45
C ASP B 259 -13.86 -2.28 8.93
N THR B 260 -13.86 -3.26 8.01
CA THR B 260 -13.64 -4.66 8.35
C THR B 260 -12.74 -5.31 7.30
N TYR B 261 -12.02 -6.36 7.71
CA TYR B 261 -11.37 -7.23 6.75
C TYR B 261 -11.49 -8.70 7.15
N VAL B 262 -11.72 -9.53 6.12
CA VAL B 262 -11.78 -10.98 6.21
C VAL B 262 -10.49 -11.56 5.59
N THR B 263 -9.88 -12.54 6.28
CA THR B 263 -8.52 -12.97 5.95
C THR B 263 -8.42 -14.49 5.84
N HIS B 264 -7.67 -14.95 4.83
CA HIS B 264 -7.23 -16.34 4.66
C HIS B 264 -6.02 -16.63 5.55
N PRO B 265 -5.83 -17.90 6.06
CA PRO B 265 -4.63 -18.26 6.84
C PRO B 265 -3.26 -17.88 6.25
N ASP B 266 -3.11 -18.02 4.92
CA ASP B 266 -1.89 -17.66 4.18
C ASP B 266 -1.65 -16.15 4.30
N TYR B 267 -2.72 -15.34 4.10
CA TYR B 267 -2.61 -13.89 4.19
C TYR B 267 -2.23 -13.45 5.60
N ARG B 268 -2.90 -14.01 6.62
CA ARG B 268 -2.61 -13.75 8.02
C ARG B 268 -1.12 -13.96 8.29
N THR B 269 -0.58 -15.07 7.77
CA THR B 269 0.83 -15.42 7.89
C THR B 269 1.73 -14.28 7.37
N GLN B 270 1.44 -13.78 6.16
CA GLN B 270 2.22 -12.71 5.53
C GLN B 270 2.07 -11.37 6.27
N LEU B 271 0.85 -11.13 6.80
CA LEU B 271 0.58 -9.94 7.59
C LEU B 271 1.47 -9.90 8.84
N PHE B 272 1.63 -11.06 9.51
CA PHE B 272 2.41 -11.12 10.75
C PHE B 272 3.92 -11.19 10.45
N ASN B 273 4.29 -11.54 9.20
CA ASN B 273 5.66 -11.47 8.71
C ASN B 273 6.04 -10.04 8.29
N ASP B 274 5.04 -9.15 8.14
CA ASP B 274 5.31 -7.76 7.77
C ASP B 274 6.15 -7.09 8.86
N THR B 275 7.32 -6.58 8.46
CA THR B 275 8.28 -5.89 9.33
C THR B 275 7.62 -4.81 10.20
N ASN B 276 6.59 -4.17 9.65
CA ASN B 276 5.86 -3.06 10.24
C ASN B 276 5.05 -3.50 11.47
N LEU B 277 4.46 -4.71 11.41
CA LEU B 277 3.71 -5.28 12.54
C LEU B 277 4.61 -6.15 13.43
N ALA B 278 5.64 -6.78 12.80
CA ALA B 278 6.53 -7.71 13.50
C ALA B 278 7.40 -6.97 14.53
N TYR B 279 8.06 -5.88 14.10
CA TYR B 279 8.96 -5.13 14.97
C TYR B 279 8.12 -4.21 15.87
N ALA B 280 8.30 -4.35 17.20
CA ALA B 280 7.47 -3.71 18.22
C ALA B 280 7.53 -2.18 18.16
N ASN B 281 8.71 -1.62 17.84
CA ASN B 281 8.84 -0.17 17.68
C ASN B 281 8.08 0.34 16.45
N ARG B 282 8.13 -0.42 15.34
CA ARG B 282 7.41 -0.10 14.11
C ARG B 282 5.89 -0.24 14.30
N ALA B 283 5.46 -1.24 15.09
CA ALA B 283 4.06 -1.51 15.38
C ALA B 283 3.50 -0.59 16.47
N GLY B 284 4.38 -0.12 17.40
CA GLY B 284 3.99 0.61 18.59
C GLY B 284 3.53 -0.29 19.75
N THR B 285 3.63 -1.62 19.56
CA THR B 285 3.34 -2.64 20.56
C THR B 285 4.01 -3.96 20.16
N ASN B 286 4.40 -4.79 21.14
CA ASN B 286 4.91 -6.13 20.89
C ASN B 286 3.80 -7.19 20.86
N GLU B 287 2.53 -6.75 20.88
CA GLU B 287 1.37 -7.64 20.96
C GLU B 287 1.28 -8.60 19.76
N VAL B 288 1.67 -8.15 18.55
CA VAL B 288 1.65 -9.02 17.35
C VAL B 288 2.73 -10.10 17.46
N LEU B 289 3.95 -9.70 17.84
CA LEU B 289 5.07 -10.60 18.03
C LEU B 289 4.73 -11.67 19.07
N ARG B 290 4.01 -11.28 20.13
CA ARG B 290 3.71 -12.16 21.26
C ARG B 290 2.45 -12.99 21.02
N ASN B 291 1.31 -12.32 20.72
CA ASN B 291 -0.01 -12.93 20.75
C ASN B 291 -0.63 -13.10 19.36
N ARG B 292 0.11 -12.74 18.28
CA ARG B 292 -0.23 -13.00 16.88
C ARG B 292 -1.53 -12.30 16.48
N GLU B 293 -2.64 -13.06 16.33
CA GLU B 293 -3.93 -12.54 15.87
C GLU B 293 -4.78 -11.98 17.02
N ASP B 294 -4.46 -12.35 18.28
CA ASP B 294 -5.19 -11.92 19.47
C ASP B 294 -4.72 -10.54 19.94
N ALA B 295 -3.72 -9.97 19.23
CA ALA B 295 -3.22 -8.62 19.46
C ALA B 295 -4.30 -7.60 19.07
N PRO B 296 -4.60 -6.58 19.93
CA PRO B 296 -5.68 -5.63 19.65
C PRO B 296 -5.47 -4.75 18.42
N ILE B 297 -4.21 -4.64 17.95
CA ILE B 297 -3.86 -3.88 16.76
C ILE B 297 -4.32 -4.59 15.48
N VAL B 298 -4.40 -5.93 15.49
CA VAL B 298 -4.81 -6.69 14.31
C VAL B 298 -6.30 -6.38 13.99
N GLY B 299 -7.07 -6.04 15.03
CA GLY B 299 -8.44 -5.55 14.89
C GLY B 299 -8.54 -4.02 14.88
N ASP B 300 -7.41 -3.32 14.70
CA ASP B 300 -7.35 -1.86 14.66
C ASP B 300 -6.19 -1.42 13.76
N ILE B 301 -6.34 -1.66 12.44
CA ILE B 301 -5.30 -1.44 11.44
C ILE B 301 -5.95 -0.79 10.20
N ALA B 302 -5.26 0.21 9.61
CA ALA B 302 -5.64 0.89 8.37
C ALA B 302 -7.05 1.50 8.43
N GLY B 303 -7.50 1.91 9.63
CA GLY B 303 -8.83 2.50 9.81
C GLY B 303 -9.95 1.46 9.99
N LEU B 304 -9.61 0.18 9.81
CA LEU B 304 -10.51 -0.95 10.03
C LEU B 304 -10.56 -1.25 11.54
N ASP B 305 -11.78 -1.59 12.04
CA ASP B 305 -12.00 -1.83 13.46
C ASP B 305 -12.43 -3.28 13.75
N MET B 306 -12.43 -4.14 12.71
CA MET B 306 -12.73 -5.56 12.90
C MET B 306 -11.89 -6.44 11.97
N HIS B 307 -11.28 -7.47 12.57
CA HIS B 307 -10.65 -8.56 11.86
C HIS B 307 -11.52 -9.81 11.95
N ALA B 308 -11.88 -10.33 10.77
CA ALA B 308 -12.65 -11.56 10.65
C ALA B 308 -11.72 -12.66 10.11
N ALA B 309 -11.11 -13.41 11.04
CA ALA B 309 -10.28 -14.55 10.71
C ALA B 309 -11.17 -15.69 10.18
N MET B 310 -10.90 -16.14 8.94
CA MET B 310 -11.67 -17.20 8.32
C MET B 310 -10.76 -18.34 7.85
N SER B 311 -11.34 -19.54 7.74
CA SER B 311 -10.66 -20.79 7.42
C SER B 311 -10.50 -20.95 5.91
N SER B 312 -9.49 -21.73 5.47
CA SER B 312 -9.23 -22.03 4.07
C SER B 312 -10.39 -22.81 3.43
N ALA B 313 -11.09 -23.62 4.25
CA ALA B 313 -12.13 -24.55 3.82
C ALA B 313 -13.49 -23.87 3.63
N THR B 314 -13.67 -22.65 4.14
CA THR B 314 -14.99 -22.02 4.25
C THR B 314 -15.51 -21.52 2.90
N TYR B 315 -14.61 -21.02 2.04
CA TYR B 315 -15.00 -20.58 0.71
C TYR B 315 -15.51 -21.77 -0.10
N ASP B 316 -16.47 -21.50 -1.01
CA ASP B 316 -17.04 -22.53 -1.87
C ASP B 316 -16.09 -22.81 -3.04
N ASP B 317 -15.27 -23.87 -2.92
CA ASP B 317 -14.38 -24.38 -3.97
C ASP B 317 -15.20 -25.05 -5.10
N GLY B 318 -16.45 -25.42 -4.81
CA GLY B 318 -17.29 -26.20 -5.73
C GLY B 318 -17.02 -27.70 -5.63
N THR B 319 -16.37 -28.13 -4.54
CA THR B 319 -15.92 -29.51 -4.35
C THR B 319 -16.77 -30.27 -3.32
N ASP B 320 -17.45 -29.53 -2.42
CA ASP B 320 -18.44 -30.14 -1.53
C ASP B 320 -19.72 -30.40 -2.31
N ILE B 321 -20.40 -31.49 -1.93
CA ILE B 321 -21.60 -31.96 -2.59
C ILE B 321 -22.76 -31.03 -2.24
N GLY B 322 -23.47 -30.56 -3.29
CA GLY B 322 -24.57 -29.61 -3.16
C GLY B 322 -24.13 -28.14 -3.26
N TRP B 323 -22.81 -27.90 -3.23
CA TRP B 323 -22.26 -26.57 -3.38
C TRP B 323 -21.68 -26.41 -4.80
N SER B 324 -22.04 -25.30 -5.47
CA SER B 324 -21.83 -25.13 -6.91
C SER B 324 -20.48 -24.49 -7.25
N GLY B 325 -19.89 -23.76 -6.30
CA GLY B 325 -18.57 -23.15 -6.47
C GLY B 325 -18.62 -21.68 -6.83
N GLY B 326 -17.67 -20.91 -6.28
CA GLY B 326 -17.52 -19.50 -6.60
C GLY B 326 -16.62 -19.29 -7.82
N SER B 327 -16.38 -18.01 -8.17
CA SER B 327 -15.61 -17.62 -9.34
C SER B 327 -14.11 -17.48 -9.06
N GLU B 328 -13.72 -17.36 -7.77
CA GLU B 328 -12.36 -17.01 -7.36
C GLU B 328 -11.62 -18.22 -6.79
N THR B 329 -10.33 -18.03 -6.46
CA THR B 329 -9.59 -18.93 -5.59
C THR B 329 -9.31 -18.22 -4.27
N TRP B 330 -9.80 -18.82 -3.16
CA TRP B 330 -9.49 -18.37 -1.81
C TRP B 330 -8.13 -18.94 -1.40
N GLY B 331 -7.19 -18.04 -1.04
CA GLY B 331 -5.81 -18.45 -0.80
C GLY B 331 -4.83 -17.29 -0.95
N PHE B 332 -3.57 -17.54 -0.57
CA PHE B 332 -2.53 -16.54 -0.75
C PHE B 332 -1.17 -17.21 -0.98
N SER B 333 -1.13 -18.06 -2.02
CA SER B 333 0.01 -18.92 -2.33
C SER B 333 0.46 -18.82 -3.79
N SER B 334 -0.44 -18.44 -4.71
CA SER B 334 -0.17 -18.48 -6.15
C SER B 334 -0.85 -17.32 -6.89
N ASP B 335 -0.34 -17.00 -8.09
CA ASP B 335 -0.72 -15.86 -8.90
C ASP B 335 -2.24 -15.82 -9.10
N GLY B 336 -2.90 -14.75 -8.62
CA GLY B 336 -4.32 -14.57 -8.83
C GLY B 336 -5.23 -15.05 -7.69
N ASP B 337 -4.66 -15.64 -6.62
CA ASP B 337 -5.43 -16.01 -5.44
C ASP B 337 -5.89 -14.74 -4.70
N LYS B 338 -7.10 -14.81 -4.11
CA LYS B 338 -7.63 -13.74 -3.26
C LYS B 338 -7.46 -14.14 -1.80
N GLY B 339 -6.64 -13.37 -1.05
CA GLY B 339 -6.23 -13.76 0.30
C GLY B 339 -6.92 -13.00 1.42
N ALA B 340 -7.44 -11.79 1.10
CA ALA B 340 -8.15 -10.97 2.06
C ALA B 340 -9.22 -10.15 1.33
N VAL B 341 -10.26 -9.75 2.08
CA VAL B 341 -11.27 -8.80 1.59
C VAL B 341 -11.38 -7.67 2.62
N VAL B 342 -11.26 -6.43 2.12
CA VAL B 342 -11.40 -5.21 2.91
C VAL B 342 -12.73 -4.56 2.52
N TYR B 343 -13.62 -4.33 3.48
CA TYR B 343 -14.99 -3.96 3.16
C TYR B 343 -15.67 -3.19 4.30
N ASP B 344 -16.87 -2.68 4.01
CA ASP B 344 -17.77 -2.04 4.96
C ASP B 344 -18.79 -3.08 5.45
N ARG B 345 -18.78 -3.35 6.77
CA ARG B 345 -19.57 -4.34 7.49
C ARG B 345 -21.09 -4.05 7.43
N ASP B 346 -21.44 -2.76 7.23
CA ASP B 346 -22.82 -2.30 7.15
C ASP B 346 -23.39 -2.43 5.72
N ASN B 347 -22.52 -2.70 4.72
CA ASN B 347 -22.89 -2.81 3.31
C ASN B 347 -22.88 -4.26 2.81
N ILE B 348 -22.65 -5.23 3.72
CA ILE B 348 -22.89 -6.64 3.42
C ILE B 348 -23.89 -7.23 4.43
N HIS B 349 -24.95 -7.80 3.85
CA HIS B 349 -26.17 -8.16 4.54
C HIS B 349 -26.28 -9.69 4.57
N THR B 350 -26.23 -10.27 5.78
CA THR B 350 -26.48 -11.69 5.96
C THR B 350 -27.90 -11.85 6.49
N ILE B 351 -28.75 -12.48 5.66
CA ILE B 351 -30.17 -12.57 5.96
C ILE B 351 -30.50 -13.98 6.44
N LEU B 352 -30.97 -14.04 7.70
CA LEU B 352 -31.32 -15.30 8.36
C LEU B 352 -32.84 -15.36 8.57
N TYR B 353 -33.43 -16.40 7.98
CA TYR B 353 -34.84 -16.68 8.13
C TYR B 353 -35.03 -18.04 8.82
N ALA B 354 -35.91 -18.07 9.84
CA ALA B 354 -36.30 -19.30 10.51
C ALA B 354 -37.80 -19.25 10.78
N PRO B 355 -38.61 -20.31 10.45
CA PRO B 355 -40.05 -20.28 10.73
C PRO B 355 -40.44 -20.19 12.21
N ASN B 356 -39.83 -21.03 13.06
CA ASN B 356 -40.34 -21.28 14.41
C ASN B 356 -39.59 -20.51 15.48
N GLY B 357 -38.84 -19.46 15.06
CA GLY B 357 -38.03 -18.66 15.96
C GLY B 357 -37.08 -17.75 15.17
N GLN B 358 -35.94 -17.43 15.79
CA GLN B 358 -34.96 -16.51 15.23
C GLN B 358 -33.81 -17.26 14.52
N ASP B 359 -33.50 -18.49 14.99
CA ASP B 359 -32.19 -19.10 14.78
C ASP B 359 -32.32 -20.54 14.27
N VAL B 360 -31.24 -21.34 14.39
CA VAL B 360 -31.20 -22.75 13.99
C VAL B 360 -32.28 -23.54 14.73
N GLU B 361 -33.04 -24.35 13.98
CA GLU B 361 -34.03 -25.25 14.59
C GLU B 361 -33.55 -26.70 14.47
N ILE B 362 -33.49 -27.38 15.63
CA ILE B 362 -33.07 -28.78 15.69
C ILE B 362 -34.27 -29.64 16.10
N LYS B 363 -34.60 -30.60 15.22
CA LYS B 363 -35.70 -31.54 15.39
C LYS B 363 -35.14 -32.96 15.54
N ASP B 364 -35.53 -33.63 16.63
CA ASP B 364 -35.29 -35.05 16.81
C ASP B 364 -36.52 -35.83 16.32
N TYR B 365 -36.29 -37.09 15.94
CA TYR B 365 -37.37 -38.01 15.60
C TYR B 365 -36.96 -39.44 15.91
N GLU B 366 -37.99 -40.27 16.13
CA GLU B 366 -37.81 -41.69 16.39
C GLU B 366 -38.52 -42.48 15.30
N ASP B 367 -37.82 -43.52 14.82
CA ASP B 367 -38.36 -44.49 13.89
C ASP B 367 -38.51 -45.82 14.64
N PRO B 368 -39.76 -46.19 15.06
CA PRO B 368 -40.01 -47.48 15.73
C PRO B 368 -40.06 -48.69 14.78
N ILE B 369 -40.15 -48.42 13.46
CA ILE B 369 -40.15 -49.48 12.44
C ILE B 369 -38.73 -50.04 12.29
N ARG B 370 -37.74 -49.13 12.38
CA ARG B 370 -36.35 -49.43 12.04
C ARG B 370 -35.40 -49.32 13.24
N ASP B 371 -35.87 -48.79 14.39
CA ASP B 371 -35.08 -48.56 15.60
C ASP B 371 -33.91 -47.59 15.36
N ILE B 372 -34.25 -46.47 14.72
CA ILE B 372 -33.31 -45.41 14.42
C ILE B 372 -33.85 -44.12 15.05
N THR B 373 -32.94 -43.39 15.71
CA THR B 373 -33.19 -42.01 16.09
C THR B 373 -32.50 -41.11 15.07
N GLY B 374 -33.23 -40.08 14.62
CA GLY B 374 -32.64 -39.05 13.79
C GLY B 374 -32.58 -37.71 14.52
N VAL B 375 -31.55 -36.93 14.18
CA VAL B 375 -31.47 -35.51 14.51
C VAL B 375 -31.27 -34.79 13.19
N ASN B 376 -31.91 -33.62 13.04
CA ASN B 376 -31.59 -32.77 11.91
C ASN B 376 -31.70 -31.31 12.33
N GLY B 377 -31.08 -30.43 11.52
CA GLY B 377 -31.11 -29.00 11.76
C GLY B 377 -31.36 -28.24 10.46
N ARG B 378 -31.97 -27.07 10.60
CA ARG B 378 -32.16 -26.18 9.47
C ARG B 378 -32.03 -24.72 9.90
N LEU B 379 -31.61 -23.92 8.92
CA LEU B 379 -31.73 -22.47 8.91
C LEU B 379 -31.82 -22.06 7.43
N HIS B 380 -32.52 -20.95 7.15
CA HIS B 380 -32.45 -20.35 5.83
C HIS B 380 -31.47 -19.16 5.86
N VAL B 381 -30.54 -19.12 4.89
CA VAL B 381 -29.57 -18.04 4.82
C VAL B 381 -29.40 -17.55 3.39
N ASP B 382 -29.31 -16.22 3.25
CA ASP B 382 -28.71 -15.59 2.10
C ASP B 382 -27.65 -14.62 2.58
N CYS B 383 -26.70 -14.29 1.69
CA CYS B 383 -25.78 -13.18 1.94
C CYS B 383 -25.69 -12.34 0.67
N GLN B 384 -25.87 -11.01 0.82
CA GLN B 384 -25.93 -10.08 -0.30
C GLN B 384 -25.17 -8.80 0.04
N TYR B 385 -24.37 -8.29 -0.92
CA TYR B 385 -23.87 -6.94 -0.83
C TYR B 385 -24.97 -5.95 -1.21
N SER B 386 -25.11 -4.90 -0.37
CA SER B 386 -25.87 -3.72 -0.77
C SER B 386 -25.01 -2.74 -1.57
N GLN B 387 -23.69 -2.70 -1.29
CA GLN B 387 -22.72 -2.01 -2.15
C GLN B 387 -21.43 -2.82 -2.21
N GLY B 388 -21.25 -3.61 -3.28
CA GLY B 388 -20.05 -4.39 -3.52
C GLY B 388 -18.81 -3.54 -3.82
N ARG B 389 -19.05 -2.26 -4.20
CA ARG B 389 -18.01 -1.24 -4.38
C ARG B 389 -17.41 -0.79 -3.04
N SER B 390 -18.14 -1.02 -1.93
CA SER B 390 -17.62 -0.79 -0.58
C SER B 390 -16.64 -1.89 -0.15
N SER B 391 -16.14 -2.70 -1.12
CA SER B 391 -15.35 -3.90 -0.85
C SER B 391 -14.23 -4.06 -1.90
N ALA B 392 -13.05 -4.52 -1.44
CA ALA B 392 -11.89 -4.80 -2.28
C ALA B 392 -11.23 -6.12 -1.88
N THR B 393 -10.79 -6.91 -2.87
CA THR B 393 -9.99 -8.11 -2.65
C THR B 393 -8.49 -7.80 -2.73
N VAL B 394 -7.70 -8.56 -1.96
CA VAL B 394 -6.25 -8.52 -2.04
C VAL B 394 -5.80 -9.75 -2.84
N GLN B 395 -5.12 -9.50 -3.97
CA GLN B 395 -4.73 -10.53 -4.95
C GLN B 395 -3.21 -10.74 -4.96
N TYR B 396 -2.81 -12.02 -5.13
CA TYR B 396 -1.42 -12.45 -5.16
C TYR B 396 -0.77 -12.14 -6.51
N PHE C 101 65.97 -36.52 46.31
CA PHE C 101 67.22 -35.70 46.48
C PHE C 101 67.44 -35.34 47.96
N ALA C 102 66.63 -34.38 48.46
CA ALA C 102 66.10 -34.30 49.81
C ALA C 102 64.83 -35.15 49.75
N ALA C 103 64.11 -35.37 50.86
CA ALA C 103 62.76 -35.91 50.68
C ALA C 103 61.84 -34.85 50.05
N SER C 104 61.16 -35.20 48.94
CA SER C 104 60.24 -34.31 48.23
C SER C 104 58.95 -35.06 47.85
N ASP C 105 57.84 -34.34 47.57
CA ASP C 105 56.57 -34.99 47.20
C ASP C 105 56.72 -35.91 45.99
N PRO C 106 57.28 -35.44 44.83
CA PRO C 106 57.26 -36.23 43.59
C PRO C 106 57.85 -37.64 43.72
N GLU C 107 58.76 -37.80 44.69
CA GLU C 107 59.43 -39.07 44.97
C GLU C 107 58.54 -40.03 45.77
N TYR C 108 57.82 -39.50 46.78
CA TYR C 108 57.18 -40.32 47.82
C TYR C 108 55.64 -40.24 47.79
N VAL C 109 55.08 -39.90 46.61
CA VAL C 109 53.69 -39.53 46.37
C VAL C 109 52.69 -40.69 46.58
N ASP C 110 53.17 -41.95 46.59
CA ASP C 110 52.33 -43.10 46.93
C ASP C 110 52.89 -43.88 48.13
N THR C 111 54.12 -43.54 48.55
CA THR C 111 54.79 -44.28 49.62
C THR C 111 54.47 -43.69 51.00
N LEU C 112 54.41 -42.35 51.13
CA LEU C 112 54.30 -41.71 52.44
C LEU C 112 52.98 -40.94 52.64
N PHE C 113 52.18 -40.85 51.57
CA PHE C 113 50.81 -40.34 51.59
C PHE C 113 50.12 -40.88 50.34
N ARG C 114 48.78 -40.83 50.29
CA ARG C 114 48.04 -41.03 49.04
C ARG C 114 47.66 -39.64 48.50
N GLU C 115 47.52 -39.52 47.18
CA GLU C 115 46.90 -38.35 46.54
C GLU C 115 45.51 -38.14 47.15
N GLN C 116 45.08 -36.88 47.30
CA GLN C 116 43.71 -36.60 47.72
C GLN C 116 42.74 -37.07 46.63
N LEU C 117 41.64 -37.72 47.05
CA LEU C 117 40.51 -37.96 46.18
C LEU C 117 39.32 -37.17 46.72
N LEU C 118 38.78 -36.28 45.89
CA LEU C 118 37.74 -35.35 46.34
C LEU C 118 36.43 -36.11 46.56
N GLU C 119 35.80 -35.94 47.74
CA GLU C 119 34.67 -36.76 48.18
C GLU C 119 33.41 -36.52 47.34
N VAL C 120 33.36 -35.40 46.61
CA VAL C 120 32.27 -35.04 45.70
C VAL C 120 32.53 -35.68 44.33
N VAL C 121 31.53 -36.40 43.80
CA VAL C 121 31.56 -36.88 42.42
C VAL C 121 30.81 -35.89 41.52
N MET C 122 31.47 -35.54 40.41
CA MET C 122 31.05 -34.46 39.51
C MET C 122 30.20 -35.03 38.38
N GLU C 123 29.03 -34.40 38.15
CA GLU C 123 28.00 -34.92 37.27
C GLU C 123 28.41 -34.80 35.80
N GLY C 124 27.86 -35.71 34.98
CA GLY C 124 27.95 -35.63 33.53
C GLY C 124 26.90 -34.68 32.96
N ARG C 125 26.73 -34.78 31.63
CA ARG C 125 25.70 -34.13 30.84
C ARG C 125 24.31 -34.47 31.39
N GLU C 126 23.50 -33.42 31.64
CA GLU C 126 22.13 -33.52 32.15
C GLU C 126 21.18 -33.10 31.05
N LEU C 127 20.29 -34.01 30.59
CA LEU C 127 19.43 -33.72 29.45
C LEU C 127 18.19 -32.93 29.91
N ARG C 128 17.66 -32.10 29.02
CA ARG C 128 16.44 -31.35 29.29
C ARG C 128 15.23 -32.29 29.21
N LYS C 129 14.45 -32.33 30.31
CA LYS C 129 13.30 -33.20 30.46
C LYS C 129 12.01 -32.36 30.54
N VAL C 130 11.12 -32.53 29.54
CA VAL C 130 10.01 -31.60 29.31
C VAL C 130 8.69 -32.29 28.94
N ALA C 131 8.72 -33.56 28.50
CA ALA C 131 7.57 -34.28 27.93
C ALA C 131 6.31 -34.22 28.81
N ARG C 132 6.51 -34.31 30.14
CA ARG C 132 5.43 -34.40 31.13
C ARG C 132 4.68 -33.07 31.29
N GLU C 133 5.36 -31.95 30.96
CA GLU C 133 4.76 -30.61 30.95
C GLU C 133 4.30 -30.22 29.54
N ALA C 134 4.96 -30.78 28.49
CA ALA C 134 4.81 -30.38 27.09
C ALA C 134 3.80 -31.24 26.30
N SER C 135 3.06 -32.15 26.98
CA SER C 135 2.07 -33.00 26.33
C SER C 135 0.99 -33.39 27.35
N ASN C 136 -0.13 -33.94 26.86
CA ASN C 136 -1.14 -34.54 27.72
C ASN C 136 -0.65 -35.90 28.21
N VAL C 137 -0.64 -36.12 29.53
CA VAL C 137 -0.17 -37.39 30.10
C VAL C 137 -1.37 -38.26 30.47
N ILE C 138 -1.46 -39.41 29.80
CA ILE C 138 -2.45 -40.44 30.10
C ILE C 138 -1.77 -41.51 30.96
N ASN C 139 -2.24 -41.65 32.20
CA ASN C 139 -1.91 -42.79 33.03
C ASN C 139 -2.85 -43.94 32.66
N ALA C 140 -2.40 -44.80 31.74
CA ALA C 140 -3.24 -45.85 31.17
C ALA C 140 -3.42 -46.99 32.18
N ASN C 141 -4.54 -47.71 32.02
CA ASN C 141 -4.83 -48.90 32.82
C ASN C 141 -4.36 -50.19 32.11
N THR C 142 -4.07 -50.07 30.80
CA THR C 142 -3.60 -51.18 29.97
C THR C 142 -2.49 -50.69 29.05
N ARG C 143 -1.57 -51.60 28.69
CA ARG C 143 -0.37 -51.30 27.90
C ARG C 143 -0.72 -50.96 26.46
N VAL C 144 -1.82 -51.56 25.96
CA VAL C 144 -2.41 -51.25 24.67
C VAL C 144 -3.81 -50.66 24.90
N GLY C 145 -4.15 -49.65 24.10
CA GLY C 145 -5.47 -49.05 24.16
C GLY C 145 -5.69 -48.10 22.99
N ASP C 146 -6.86 -47.45 22.99
CA ASP C 146 -7.30 -46.60 21.89
C ASP C 146 -7.94 -45.34 22.46
N VAL C 147 -7.84 -44.22 21.72
CA VAL C 147 -8.61 -43.01 22.01
C VAL C 147 -9.53 -42.69 20.81
N PRO C 148 -10.85 -42.43 21.02
CA PRO C 148 -11.77 -42.11 19.92
C PRO C 148 -11.54 -40.71 19.36
N ILE C 149 -11.38 -40.64 18.04
CA ILE C 149 -11.33 -39.37 17.32
C ILE C 149 -12.63 -39.23 16.51
N ALA C 150 -13.23 -38.05 16.58
CA ALA C 150 -14.40 -37.67 15.78
C ALA C 150 -13.95 -37.06 14.45
N SER C 151 -14.83 -37.16 13.44
CA SER C 151 -14.66 -36.55 12.13
C SER C 151 -14.64 -35.02 12.23
N ASP C 152 -13.97 -34.37 11.27
CA ASP C 152 -13.97 -32.91 11.13
C ASP C 152 -15.40 -32.39 11.00
N GLU C 153 -15.57 -31.09 11.32
CA GLU C 153 -16.79 -30.37 10.99
C GLU C 153 -16.90 -30.22 9.47
N GLU C 154 -18.13 -30.43 8.95
CA GLU C 154 -18.45 -30.22 7.54
C GLU C 154 -19.43 -29.05 7.41
N PHE C 155 -20.11 -28.99 6.25
CA PHE C 155 -21.05 -27.92 5.92
C PHE C 155 -22.43 -28.52 5.64
N ALA C 156 -23.47 -27.80 6.09
CA ALA C 156 -24.86 -28.11 5.74
C ALA C 156 -25.05 -27.98 4.23
N ARG C 157 -26.18 -28.49 3.70
CA ARG C 157 -26.43 -28.52 2.26
C ARG C 157 -27.59 -27.60 1.89
N PRO C 158 -27.56 -26.91 0.71
CA PRO C 158 -28.75 -26.20 0.19
C PRO C 158 -29.86 -27.16 -0.21
N THR C 159 -31.09 -26.86 0.24
CA THR C 159 -32.21 -27.79 0.24
C THR C 159 -33.47 -27.07 -0.26
N GLY C 160 -34.31 -27.81 -1.01
CA GLY C 160 -35.62 -27.34 -1.40
C GLY C 160 -36.56 -27.19 -0.21
N GLN C 161 -37.78 -26.71 -0.50
CA GLN C 161 -38.80 -26.51 0.52
C GLN C 161 -39.72 -27.72 0.53
N GLY C 162 -39.90 -28.33 1.71
CA GLY C 162 -40.65 -29.58 1.83
C GLY C 162 -39.81 -30.81 1.42
N ALA C 163 -38.51 -30.61 1.17
CA ALA C 163 -37.61 -31.66 0.72
C ALA C 163 -36.97 -32.37 1.92
N GLU C 164 -36.58 -33.64 1.71
CA GLU C 164 -35.92 -34.50 2.68
C GLU C 164 -34.57 -33.90 3.10
N ILE C 165 -34.34 -33.80 4.42
CA ILE C 165 -33.02 -33.46 4.94
C ILE C 165 -32.12 -34.69 4.79
N ARG C 166 -30.95 -34.47 4.17
CA ARG C 166 -29.97 -35.51 3.88
C ARG C 166 -28.98 -35.64 5.03
N ASP C 167 -28.42 -36.85 5.17
CA ASP C 167 -27.62 -37.23 6.31
C ASP C 167 -26.12 -37.12 5.99
N ASP C 168 -25.38 -36.62 6.98
CA ASP C 168 -23.94 -36.68 7.06
C ASP C 168 -23.60 -36.71 8.56
N GLY C 169 -23.71 -37.92 9.16
CA GLY C 169 -23.54 -38.08 10.60
C GLY C 169 -22.08 -37.99 11.01
N GLU C 170 -21.87 -37.73 12.32
CA GLU C 170 -20.52 -37.76 12.86
C GLU C 170 -19.95 -39.17 12.72
N THR C 171 -18.71 -39.20 12.22
CA THR C 171 -18.03 -40.42 11.81
C THR C 171 -16.77 -40.55 12.66
N TYR C 172 -16.43 -41.79 13.08
CA TYR C 172 -15.43 -41.97 14.13
C TYR C 172 -14.31 -42.92 13.71
N THR C 173 -13.16 -42.75 14.37
CA THR C 173 -11.99 -43.60 14.24
C THR C 173 -11.24 -43.59 15.59
N THR C 174 -10.10 -44.30 15.65
CA THR C 174 -9.26 -44.26 16.84
C THR C 174 -7.79 -44.08 16.44
N VAL C 175 -6.99 -43.61 17.42
CA VAL C 175 -5.55 -43.85 17.39
C VAL C 175 -5.18 -44.80 18.54
N ALA C 176 -4.35 -45.79 18.19
CA ALA C 176 -3.95 -46.86 19.10
C ALA C 176 -2.62 -46.52 19.78
N TRP C 177 -2.59 -46.65 21.12
CA TRP C 177 -1.32 -46.68 21.83
C TRP C 177 -0.84 -48.11 22.02
N ASN C 178 0.48 -48.26 22.00
CA ASN C 178 1.14 -49.52 22.27
C ASN C 178 2.38 -49.18 23.10
N ALA C 179 2.20 -49.14 24.43
CA ALA C 179 3.25 -48.71 25.35
C ALA C 179 4.42 -49.70 25.33
N THR C 180 5.60 -49.16 25.01
CA THR C 180 6.84 -49.90 24.92
C THR C 180 7.55 -49.84 26.27
N LYS C 181 8.00 -51.02 26.74
CA LYS C 181 8.78 -51.10 27.96
C LYS C 181 10.15 -50.46 27.74
N LEU C 182 10.45 -49.44 28.56
CA LEU C 182 11.78 -48.87 28.63
C LEU C 182 12.46 -49.38 29.91
N THR C 183 13.66 -49.95 29.75
CA THR C 183 14.36 -50.58 30.87
C THR C 183 15.81 -50.13 30.92
N GLU C 184 16.34 -50.09 32.15
CA GLU C 184 17.71 -49.68 32.43
C GLU C 184 18.20 -50.44 33.65
N GLY C 185 19.31 -51.17 33.46
CA GLY C 185 19.91 -51.95 34.54
C GLY C 185 21.32 -51.45 34.91
N SER C 186 21.74 -51.78 36.13
CA SER C 186 23.10 -51.57 36.59
C SER C 186 23.47 -52.66 37.60
N ARG C 187 24.77 -53.03 37.62
CA ARG C 187 25.29 -54.01 38.57
C ARG C 187 26.58 -53.50 39.21
N VAL C 188 26.77 -53.88 40.49
CA VAL C 188 27.86 -53.46 41.36
C VAL C 188 28.34 -54.68 42.14
N THR C 189 29.67 -54.86 42.30
CA THR C 189 30.19 -55.88 43.21
C THR C 189 30.05 -55.38 44.65
N ASP C 190 29.88 -56.30 45.61
CA ASP C 190 29.84 -55.95 47.03
C ASP C 190 31.13 -55.26 47.48
N GLU C 191 32.27 -55.65 46.87
CA GLU C 191 33.59 -55.13 47.20
C GLU C 191 33.76 -53.70 46.68
N MET C 192 33.16 -53.42 45.52
CA MET C 192 33.12 -52.06 44.98
C MET C 192 32.25 -51.16 45.87
N ARG C 193 31.10 -51.68 46.28
CA ARG C 193 30.11 -50.93 47.04
C ARG C 193 30.64 -50.55 48.43
N ASP C 194 31.44 -51.44 49.04
CA ASP C 194 32.07 -51.17 50.32
C ASP C 194 33.19 -50.12 50.19
N GLN C 195 34.04 -50.25 49.17
CA GLN C 195 35.25 -49.43 49.05
C GLN C 195 34.94 -48.01 48.57
N ALA C 196 33.93 -47.85 47.70
CA ALA C 196 33.57 -46.55 47.14
C ALA C 196 33.15 -45.57 48.25
N MET C 197 33.58 -44.30 48.12
CA MET C 197 33.31 -43.25 49.09
C MET C 197 31.86 -42.75 48.95
N VAL C 198 31.29 -42.88 47.73
CA VAL C 198 29.92 -42.54 47.36
C VAL C 198 29.05 -43.79 47.47
N ASP C 199 27.76 -43.61 47.81
CA ASP C 199 26.78 -44.69 47.71
C ASP C 199 26.47 -44.95 46.23
N LEU C 200 27.10 -45.99 45.66
CA LEU C 200 26.97 -46.32 44.23
C LEU C 200 25.57 -46.84 43.87
N ILE C 201 24.89 -47.48 44.83
CA ILE C 201 23.55 -47.99 44.56
C ILE C 201 22.55 -46.83 44.44
N GLU C 202 22.56 -45.90 45.42
CA GLU C 202 21.70 -44.72 45.31
C GLU C 202 21.99 -43.97 43.99
N ARG C 203 23.28 -43.82 43.69
CA ARG C 203 23.76 -43.12 42.51
C ARG C 203 23.28 -43.81 41.23
N ASN C 204 23.26 -45.16 41.22
CA ASN C 204 22.74 -45.93 40.09
C ASN C 204 21.21 -45.88 40.02
N ILE C 205 20.54 -45.75 41.20
CA ILE C 205 19.10 -45.55 41.28
C ILE C 205 18.73 -44.21 40.60
N GLN C 206 19.54 -43.16 40.84
CA GLN C 206 19.38 -41.87 40.20
C GLN C 206 19.60 -41.96 38.68
N ARG C 207 20.63 -42.70 38.24
CA ARG C 207 20.91 -42.91 36.82
C ARG C 207 19.74 -43.62 36.12
N VAL C 208 19.21 -44.66 36.76
CA VAL C 208 18.06 -45.43 36.27
C VAL C 208 16.84 -44.51 36.12
N GLY C 209 16.54 -43.71 37.16
CA GLY C 209 15.46 -42.73 37.14
C GLY C 209 15.58 -41.75 35.97
N ALA C 210 16.75 -41.10 35.87
CA ALA C 210 17.08 -40.13 34.82
C ALA C 210 16.99 -40.78 33.43
N SER C 211 17.56 -41.98 33.27
CA SER C 211 17.61 -42.74 32.03
C SER C 211 16.21 -43.10 31.50
N LEU C 212 15.30 -43.51 32.41
CA LEU C 212 13.89 -43.73 32.07
C LEU C 212 13.22 -42.43 31.63
N GLU C 213 13.42 -41.34 32.40
CA GLU C 213 12.89 -40.02 32.11
C GLU C 213 13.35 -39.54 30.72
N ASN C 214 14.63 -39.73 30.40
CA ASN C 214 15.20 -39.40 29.10
C ASN C 214 14.51 -40.19 27.98
N GLY C 215 14.15 -41.45 28.28
CA GLY C 215 13.41 -42.34 27.39
C GLY C 215 11.99 -41.87 27.07
N ILE C 216 11.25 -41.38 28.09
CA ILE C 216 9.95 -40.71 27.92
C ILE C 216 10.10 -39.54 26.93
N ASN C 217 11.18 -38.77 27.11
CA ASN C 217 11.48 -37.59 26.33
C ASN C 217 11.86 -37.94 24.88
N ARG C 218 12.61 -39.05 24.69
CA ARG C 218 12.93 -39.56 23.36
C ARG C 218 11.67 -40.02 22.61
N VAL C 219 10.81 -40.81 23.26
CA VAL C 219 9.57 -41.33 22.67
C VAL C 219 8.67 -40.16 22.25
N PHE C 220 8.49 -39.21 23.17
CA PHE C 220 7.73 -37.98 22.91
C PHE C 220 8.27 -37.23 21.68
N LEU C 221 9.56 -36.86 21.71
CA LEU C 221 10.16 -36.02 20.68
C LEU C 221 10.16 -36.71 19.31
N THR C 222 10.44 -38.03 19.30
CA THR C 222 10.48 -38.82 18.07
C THR C 222 9.10 -38.84 17.40
N GLU C 223 8.03 -39.12 18.17
CA GLU C 223 6.66 -39.10 17.67
C GLU C 223 6.32 -37.70 17.14
N LEU C 224 6.60 -36.68 17.98
CA LEU C 224 6.30 -35.29 17.70
C LEU C 224 6.90 -34.84 16.37
N VAL C 225 8.19 -35.18 16.13
CA VAL C 225 8.95 -34.79 14.96
C VAL C 225 8.51 -35.62 13.73
N ASP C 226 8.41 -36.96 13.88
CA ASP C 226 8.13 -37.84 12.75
C ASP C 226 6.71 -37.65 12.19
N ASN C 227 5.72 -37.45 13.07
CA ASN C 227 4.30 -37.61 12.72
C ASN C 227 3.53 -36.28 12.63
N ALA C 228 4.23 -35.14 12.72
CA ALA C 228 3.63 -33.84 12.41
C ALA C 228 3.25 -33.76 10.93
N GLN C 229 1.99 -33.42 10.62
CA GLN C 229 1.47 -33.53 9.25
C GLN C 229 1.77 -32.29 8.41
N ASN C 230 2.25 -31.22 9.05
CA ASN C 230 2.63 -29.99 8.36
C ASN C 230 4.12 -29.73 8.58
N ASN C 231 4.70 -28.97 7.64
CA ASN C 231 6.11 -28.63 7.66
C ASN C 231 6.27 -27.22 7.06
N HIS C 232 7.21 -26.45 7.61
CA HIS C 232 7.63 -25.20 7.00
C HIS C 232 9.09 -25.29 6.58
N ASP C 233 9.32 -25.13 5.26
CA ASP C 233 10.65 -25.18 4.63
C ASP C 233 11.23 -23.77 4.62
N THR C 234 12.30 -23.54 5.39
CA THR C 234 12.92 -22.22 5.50
C THR C 234 13.90 -21.95 4.35
N ALA C 235 14.44 -23.02 3.73
CA ALA C 235 15.46 -22.97 2.69
C ALA C 235 16.62 -22.06 3.09
N GLY C 236 17.11 -22.21 4.32
CA GLY C 236 18.22 -21.44 4.85
C GLY C 236 17.95 -19.94 5.03
N SER C 237 16.67 -19.52 5.09
CA SER C 237 16.28 -18.10 5.07
C SER C 237 15.17 -17.82 6.09
N ASN C 238 15.14 -16.58 6.64
CA ASN C 238 14.11 -16.05 7.56
C ASN C 238 13.85 -16.95 8.77
N GLN C 239 14.90 -17.70 9.17
CA GLN C 239 14.88 -18.54 10.34
C GLN C 239 14.86 -17.62 11.56
N GLY C 240 13.88 -17.85 12.46
CA GLY C 240 13.62 -16.98 13.61
C GLY C 240 12.11 -16.89 13.87
N TYR C 241 11.65 -15.67 14.19
CA TYR C 241 10.23 -15.41 14.38
C TYR C 241 9.42 -15.71 13.12
N GLN C 242 9.94 -15.36 11.93
CA GLN C 242 9.23 -15.54 10.67
C GLN C 242 8.95 -17.02 10.38
N ALA C 243 9.97 -17.87 10.58
CA ALA C 243 9.83 -19.32 10.45
C ALA C 243 8.80 -19.86 11.44
N LEU C 244 8.78 -19.32 12.67
CA LEU C 244 7.86 -19.70 13.74
C LEU C 244 6.41 -19.31 13.41
N ASN C 245 6.23 -18.07 12.93
CA ASN C 245 4.95 -17.55 12.46
C ASN C 245 4.43 -18.32 11.24
N SER C 246 5.35 -18.72 10.35
CA SER C 246 5.01 -19.51 9.17
C SER C 246 4.56 -20.93 9.56
N ALA C 247 5.19 -21.50 10.61
CA ALA C 247 4.82 -22.80 11.17
C ALA C 247 3.43 -22.76 11.84
N VAL C 248 3.14 -21.69 12.59
CA VAL C 248 1.79 -21.43 13.13
C VAL C 248 0.81 -21.28 11.96
N GLY C 249 1.26 -20.62 10.87
CA GLY C 249 0.51 -20.45 9.63
C GLY C 249 0.03 -21.76 8.98
N GLU C 250 0.93 -22.75 8.90
CA GLU C 250 0.61 -24.08 8.36
C GLU C 250 -0.40 -24.82 9.23
N VAL C 251 -0.29 -24.68 10.58
CA VAL C 251 -1.24 -25.29 11.52
C VAL C 251 -2.62 -24.61 11.41
N ASP C 252 -2.61 -23.27 11.30
CA ASP C 252 -3.80 -22.43 11.19
C ASP C 252 -4.55 -22.70 9.88
N LYS C 253 -3.83 -23.03 8.80
CA LYS C 253 -4.41 -23.44 7.52
C LYS C 253 -5.18 -24.77 7.65
N ASP C 254 -4.73 -25.69 8.51
CA ASP C 254 -5.41 -26.95 8.78
C ASP C 254 -6.47 -26.83 9.89
N ASP C 255 -6.73 -25.60 10.39
CA ASP C 255 -7.78 -25.24 11.35
C ASP C 255 -7.56 -25.77 12.77
N PHE C 256 -6.29 -25.72 13.23
CA PHE C 256 -5.93 -25.93 14.63
C PHE C 256 -5.15 -24.71 15.13
N ARG C 257 -5.26 -24.42 16.43
CA ARG C 257 -4.43 -23.40 17.07
C ARG C 257 -3.33 -24.07 17.88
N PRO C 258 -2.03 -23.94 17.50
CA PRO C 258 -0.92 -24.40 18.34
C PRO C 258 -0.73 -23.46 19.51
N ASP C 259 -0.14 -23.99 20.60
CA ASP C 259 0.07 -23.25 21.83
C ASP C 259 1.47 -23.48 22.38
N THR C 260 2.20 -24.45 21.81
CA THR C 260 3.48 -24.90 22.35
C THR C 260 4.48 -25.05 21.22
N TYR C 261 5.77 -24.84 21.55
CA TYR C 261 6.83 -25.19 20.63
C TYR C 261 7.99 -25.87 21.35
N VAL C 262 8.60 -26.81 20.61
CA VAL C 262 9.74 -27.62 21.02
C VAL C 262 10.91 -27.24 20.12
N THR C 263 12.09 -26.99 20.72
CA THR C 263 13.20 -26.35 20.01
C THR C 263 14.51 -27.10 20.23
N HIS C 264 15.30 -27.23 19.15
CA HIS C 264 16.67 -27.75 19.15
C HIS C 264 17.62 -26.64 19.60
N PRO C 265 18.79 -26.97 20.26
CA PRO C 265 19.82 -25.97 20.61
C PRO C 265 20.27 -25.01 19.49
N ASP C 266 20.43 -25.54 18.26
CA ASP C 266 20.80 -24.75 17.10
C ASP C 266 19.69 -23.77 16.70
N TYR C 267 18.42 -24.23 16.75
CA TYR C 267 17.29 -23.35 16.45
C TYR C 267 17.16 -22.24 17.49
N ARG C 268 17.27 -22.61 18.79
CA ARG C 268 17.26 -21.62 19.87
C ARG C 268 18.34 -20.55 19.64
N THR C 269 19.55 -21.01 19.26
CA THR C 269 20.68 -20.14 19.00
C THR C 269 20.34 -19.12 17.90
N GLN C 270 19.83 -19.60 16.76
CA GLN C 270 19.53 -18.77 15.60
C GLN C 270 18.36 -17.82 15.91
N LEU C 271 17.38 -18.32 16.69
CA LEU C 271 16.22 -17.54 17.14
C LEU C 271 16.65 -16.34 17.99
N PHE C 272 17.63 -16.55 18.90
CA PHE C 272 18.11 -15.47 19.75
C PHE C 272 19.12 -14.57 19.03
N ASN C 273 19.59 -15.00 17.84
CA ASN C 273 20.33 -14.15 16.90
C ASN C 273 19.40 -13.27 16.05
N ASP C 274 18.11 -13.65 15.93
CA ASP C 274 17.14 -12.93 15.12
C ASP C 274 16.99 -11.50 15.66
N THR C 275 17.23 -10.48 14.81
CA THR C 275 17.21 -9.08 15.19
C THR C 275 15.87 -8.66 15.83
N ASN C 276 14.81 -9.41 15.48
CA ASN C 276 13.44 -9.23 15.95
C ASN C 276 13.36 -9.48 17.47
N LEU C 277 14.16 -10.45 17.96
CA LEU C 277 14.24 -10.80 19.37
C LEU C 277 15.44 -10.13 20.05
N ALA C 278 16.56 -9.98 19.32
CA ALA C 278 17.83 -9.52 19.88
C ALA C 278 17.89 -8.01 20.10
N TYR C 279 17.21 -7.22 19.23
CA TYR C 279 17.13 -5.77 19.40
C TYR C 279 15.89 -5.43 20.23
N ALA C 280 16.09 -4.70 21.34
CA ALA C 280 15.07 -4.48 22.38
C ALA C 280 13.86 -3.70 21.86
N ASN C 281 14.09 -2.80 20.88
CA ASN C 281 13.08 -2.02 20.20
C ASN C 281 12.23 -2.88 19.26
N ARG C 282 12.85 -3.88 18.59
CA ARG C 282 12.14 -4.79 17.71
C ARG C 282 11.31 -5.79 18.53
N ALA C 283 11.82 -6.18 19.72
CA ALA C 283 11.21 -7.17 20.60
C ALA C 283 10.21 -6.56 21.60
N GLY C 284 10.31 -5.24 21.86
CA GLY C 284 9.56 -4.56 22.91
C GLY C 284 10.11 -4.79 24.32
N THR C 285 11.21 -5.56 24.45
CA THR C 285 11.87 -5.89 25.71
C THR C 285 13.32 -6.28 25.42
N ASN C 286 14.20 -6.12 26.42
CA ASN C 286 15.59 -6.57 26.32
C ASN C 286 15.83 -7.91 27.02
N GLU C 287 14.75 -8.60 27.44
CA GLU C 287 14.80 -9.86 28.17
C GLU C 287 15.54 -10.98 27.41
N VAL C 288 15.40 -11.05 26.07
CA VAL C 288 16.10 -12.08 25.29
C VAL C 288 17.61 -11.82 25.29
N LEU C 289 17.98 -10.56 25.00
CA LEU C 289 19.35 -10.08 25.01
C LEU C 289 20.00 -10.36 26.39
N ARG C 290 19.21 -10.22 27.46
CA ARG C 290 19.69 -10.40 28.83
C ARG C 290 19.66 -11.87 29.28
N ASN C 291 18.45 -12.47 29.32
CA ASN C 291 18.19 -13.72 30.02
C ASN C 291 17.98 -14.91 29.06
N ARG C 292 18.06 -14.65 27.73
CA ARG C 292 18.06 -15.68 26.69
C ARG C 292 16.75 -16.48 26.70
N GLU C 293 16.79 -17.76 27.14
CA GLU C 293 15.64 -18.65 27.13
C GLU C 293 14.72 -18.43 28.35
N ASP C 294 15.24 -17.77 29.42
CA ASP C 294 14.50 -17.50 30.65
C ASP C 294 13.65 -16.23 30.52
N ALA C 295 13.79 -15.55 29.37
CA ALA C 295 12.98 -14.40 28.98
C ALA C 295 11.51 -14.84 28.86
N PRO C 296 10.53 -14.09 29.45
CA PRO C 296 9.11 -14.44 29.34
C PRO C 296 8.52 -14.32 27.94
N ILE C 297 9.18 -13.54 27.06
CA ILE C 297 8.80 -13.42 25.66
C ILE C 297 9.07 -14.72 24.88
N VAL C 298 10.08 -15.52 25.30
CA VAL C 298 10.38 -16.80 24.64
C VAL C 298 9.25 -17.81 24.92
N GLY C 299 8.66 -17.74 26.13
CA GLY C 299 7.45 -18.48 26.45
C GLY C 299 6.17 -17.83 25.92
N ASP C 300 6.28 -16.79 25.07
CA ASP C 300 5.13 -16.00 24.62
C ASP C 300 5.37 -15.39 23.23
N ILE C 301 5.75 -16.23 22.23
CA ILE C 301 5.95 -15.81 20.83
C ILE C 301 4.78 -16.37 19.99
N ALA C 302 4.28 -15.55 19.03
CA ALA C 302 3.42 -15.98 17.92
C ALA C 302 2.15 -16.71 18.37
N GLY C 303 1.55 -16.29 19.50
CA GLY C 303 0.32 -16.86 20.04
C GLY C 303 0.54 -18.11 20.91
N LEU C 304 1.76 -18.66 20.89
CA LEU C 304 2.16 -19.78 21.73
C LEU C 304 2.38 -19.26 23.16
N ASP C 305 2.17 -20.12 24.18
CA ASP C 305 2.30 -19.74 25.58
C ASP C 305 3.23 -20.68 26.36
N MET C 306 3.84 -21.65 25.65
CA MET C 306 4.82 -22.53 26.25
C MET C 306 5.97 -22.80 25.28
N HIS C 307 7.20 -22.68 25.81
CA HIS C 307 8.42 -23.14 25.17
C HIS C 307 8.96 -24.35 25.92
N ALA C 308 9.25 -25.42 25.15
CA ALA C 308 9.89 -26.61 25.68
C ALA C 308 11.25 -26.78 25.01
N ALA C 309 12.31 -26.41 25.75
CA ALA C 309 13.68 -26.54 25.28
C ALA C 309 14.11 -28.00 25.39
N MET C 310 14.51 -28.61 24.26
CA MET C 310 14.91 -30.00 24.24
C MET C 310 16.37 -30.15 23.77
N SER C 311 16.98 -31.29 24.15
CA SER C 311 18.38 -31.58 23.92
C SER C 311 18.56 -32.24 22.53
N SER C 312 19.76 -32.06 21.95
CA SER C 312 20.14 -32.59 20.64
C SER C 312 20.13 -34.12 20.60
N ALA C 313 20.44 -34.77 21.73
CA ALA C 313 20.56 -36.23 21.82
C ALA C 313 19.21 -36.94 21.92
N THR C 314 18.11 -36.20 22.17
CA THR C 314 16.85 -36.82 22.58
C THR C 314 16.04 -37.43 21.43
N TYR C 315 16.18 -36.87 20.22
CA TYR C 315 15.53 -37.50 19.06
C TYR C 315 16.21 -38.83 18.73
N ASP C 316 15.40 -39.81 18.33
CA ASP C 316 15.92 -41.13 17.94
C ASP C 316 16.56 -41.07 16.55
N ASP C 317 17.90 -40.88 16.51
CA ASP C 317 18.70 -40.92 15.29
C ASP C 317 18.82 -42.36 14.74
N GLY C 318 18.60 -43.36 15.61
CA GLY C 318 18.87 -44.76 15.32
C GLY C 318 20.33 -45.15 15.52
N THR C 319 21.14 -44.23 16.09
CA THR C 319 22.55 -44.47 16.38
C THR C 319 22.74 -45.08 17.77
N ASP C 320 21.77 -44.82 18.67
CA ASP C 320 21.84 -45.30 20.05
C ASP C 320 21.41 -46.76 20.10
N ILE C 321 21.96 -47.49 21.08
CA ILE C 321 21.87 -48.95 21.10
C ILE C 321 20.47 -49.38 21.58
N GLY C 322 19.80 -50.21 20.75
CA GLY C 322 18.46 -50.71 21.01
C GLY C 322 17.35 -49.86 20.40
N TRP C 323 17.70 -48.66 19.91
CA TRP C 323 16.74 -47.71 19.33
C TRP C 323 16.81 -47.75 17.80
N SER C 324 15.65 -47.81 17.12
CA SER C 324 15.57 -48.14 15.69
C SER C 324 15.69 -46.91 14.77
N GLY C 325 15.46 -45.70 15.29
CA GLY C 325 15.57 -44.47 14.52
C GLY C 325 14.23 -44.01 13.95
N GLY C 326 13.97 -42.70 14.05
CA GLY C 326 12.87 -42.04 13.36
C GLY C 326 13.23 -41.70 11.92
N SER C 327 12.26 -41.11 11.19
CA SER C 327 12.37 -40.84 9.76
C SER C 327 13.13 -39.53 9.46
N GLU C 328 13.18 -38.60 10.43
CA GLU C 328 13.69 -37.24 10.23
C GLU C 328 15.12 -37.10 10.75
N THR C 329 15.71 -35.90 10.57
CA THR C 329 16.92 -35.49 11.29
C THR C 329 16.57 -34.32 12.22
N TRP C 330 16.85 -34.49 13.52
CA TRP C 330 16.70 -33.42 14.51
C TRP C 330 17.95 -32.56 14.50
N GLY C 331 17.76 -31.26 14.25
CA GLY C 331 18.88 -30.34 14.15
C GLY C 331 18.48 -29.04 13.46
N PHE C 332 19.44 -28.13 13.39
CA PHE C 332 19.24 -26.89 12.64
C PHE C 332 20.57 -26.39 12.05
N SER C 333 21.27 -27.31 11.37
CA SER C 333 22.67 -27.16 10.96
C SER C 333 22.80 -27.28 9.43
N SER C 334 21.93 -28.09 8.82
CA SER C 334 22.05 -28.49 7.41
C SER C 334 20.67 -28.70 6.79
N ASP C 335 20.64 -28.64 5.45
CA ASP C 335 19.48 -28.77 4.56
C ASP C 335 18.63 -30.00 4.91
N GLY C 336 17.38 -29.76 5.34
CA GLY C 336 16.42 -30.83 5.61
C GLY C 336 16.22 -31.15 7.11
N ASP C 337 17.13 -30.68 7.97
CA ASP C 337 17.02 -30.86 9.42
C ASP C 337 15.75 -30.19 9.95
N LYS C 338 15.08 -30.87 10.92
CA LYS C 338 13.93 -30.34 11.63
C LYS C 338 14.42 -29.81 12.99
N GLY C 339 14.31 -28.48 13.21
CA GLY C 339 14.92 -27.82 14.36
C GLY C 339 13.93 -27.34 15.42
N ALA C 340 12.64 -27.25 15.04
CA ALA C 340 11.57 -26.86 15.94
C ALA C 340 10.28 -27.56 15.52
N VAL C 341 9.38 -27.78 16.51
CA VAL C 341 8.04 -28.28 16.26
C VAL C 341 7.04 -27.37 17.00
N VAL C 342 6.01 -26.90 16.27
CA VAL C 342 5.00 -25.97 16.78
C VAL C 342 3.65 -26.71 16.77
N TYR C 343 3.01 -26.81 17.94
CA TYR C 343 1.90 -27.75 18.10
C TYR C 343 0.94 -27.32 19.21
N ASP C 344 -0.23 -27.99 19.24
CA ASP C 344 -1.18 -27.97 20.33
C ASP C 344 -0.81 -29.09 21.32
N ARG C 345 -0.48 -28.74 22.58
CA ARG C 345 -0.04 -29.74 23.56
C ARG C 345 -1.16 -30.67 24.03
N ASP C 346 -2.44 -30.28 23.76
CA ASP C 346 -3.59 -31.10 24.10
C ASP C 346 -3.89 -32.17 23.05
N ASN C 347 -3.19 -32.12 21.89
CA ASN C 347 -3.41 -33.01 20.76
C ASN C 347 -2.27 -34.02 20.56
N ILE C 348 -1.26 -33.97 21.45
CA ILE C 348 -0.27 -35.03 21.55
C ILE C 348 -0.30 -35.63 22.96
N HIS C 349 -0.38 -36.96 22.99
CA HIS C 349 -0.60 -37.73 24.21
C HIS C 349 0.63 -38.58 24.50
N THR C 350 1.18 -38.41 25.71
CA THR C 350 2.18 -39.32 26.26
C THR C 350 1.44 -40.29 27.19
N ILE C 351 1.51 -41.58 26.83
CA ILE C 351 0.76 -42.61 27.53
C ILE C 351 1.73 -43.42 28.39
N LEU C 352 1.52 -43.34 29.72
CA LEU C 352 2.35 -44.04 30.70
C LEU C 352 1.57 -45.21 31.30
N TYR C 353 2.24 -46.37 31.33
CA TYR C 353 1.69 -47.57 31.94
C TYR C 353 2.74 -48.15 32.90
N ALA C 354 2.30 -48.48 34.12
CA ALA C 354 3.07 -49.31 35.03
C ALA C 354 2.13 -50.34 35.67
N PRO C 355 2.55 -51.63 35.78
CA PRO C 355 1.73 -52.65 36.44
C PRO C 355 1.56 -52.50 37.96
N ASN C 356 2.51 -51.80 38.63
CA ASN C 356 2.64 -51.80 40.08
C ASN C 356 2.44 -50.41 40.69
N GLY C 357 1.79 -49.50 39.95
CA GLY C 357 1.53 -48.15 40.42
C GLY C 357 1.10 -47.27 39.24
N GLN C 358 1.88 -46.20 39.00
CA GLN C 358 1.69 -45.35 37.84
C GLN C 358 3.03 -44.95 37.20
N ASP C 359 4.04 -44.61 38.02
CA ASP C 359 5.30 -44.03 37.57
C ASP C 359 6.36 -45.11 37.35
N VAL C 360 7.65 -44.73 37.29
CA VAL C 360 8.79 -45.64 37.18
C VAL C 360 8.80 -46.61 38.36
N GLU C 361 9.24 -47.85 38.10
CA GLU C 361 9.47 -48.82 39.17
C GLU C 361 10.93 -49.27 39.19
N ILE C 362 11.55 -49.13 40.37
CA ILE C 362 12.93 -49.53 40.60
C ILE C 362 12.94 -50.76 41.50
N LYS C 363 13.57 -51.83 40.99
CA LYS C 363 13.72 -53.11 41.68
C LYS C 363 15.21 -53.41 41.85
N ASP C 364 15.54 -54.03 43.00
CA ASP C 364 16.90 -54.41 43.33
C ASP C 364 16.96 -55.92 43.54
N TYR C 365 18.16 -56.48 43.29
CA TYR C 365 18.41 -57.89 43.53
C TYR C 365 19.85 -58.08 44.02
N GLU C 366 20.02 -59.18 44.75
CA GLU C 366 21.31 -59.62 45.23
C GLU C 366 21.60 -60.99 44.63
N ASP C 367 22.87 -61.17 44.25
CA ASP C 367 23.37 -62.44 43.77
C ASP C 367 24.37 -62.98 44.78
N PRO C 368 23.96 -63.94 45.66
CA PRO C 368 24.88 -64.55 46.64
C PRO C 368 25.86 -65.56 46.06
N ILE C 369 25.66 -65.93 44.78
CA ILE C 369 26.56 -66.83 44.04
C ILE C 369 27.74 -66.03 43.46
N ARG C 370 27.53 -64.74 43.14
CA ARG C 370 28.53 -63.92 42.47
C ARG C 370 28.96 -62.67 43.27
N ASP C 371 28.30 -62.36 44.40
CA ASP C 371 28.50 -61.16 45.22
C ASP C 371 28.28 -59.87 44.42
N ILE C 372 27.25 -59.92 43.56
CA ILE C 372 26.85 -58.77 42.77
C ILE C 372 25.49 -58.30 43.30
N THR C 373 25.37 -56.98 43.51
CA THR C 373 24.08 -56.33 43.74
C THR C 373 23.69 -55.58 42.47
N GLY C 374 22.41 -55.70 42.09
CA GLY C 374 21.89 -55.05 40.89
C GLY C 374 20.71 -54.12 41.19
N VAL C 375 20.47 -53.17 40.26
CA VAL C 375 19.33 -52.26 40.24
C VAL C 375 18.76 -52.26 38.82
N ASN C 376 17.42 -52.38 38.71
CA ASN C 376 16.71 -52.32 37.44
C ASN C 376 15.59 -51.27 37.54
N GLY C 377 15.43 -50.48 36.47
CA GLY C 377 14.26 -49.63 36.30
C GLY C 377 13.41 -50.09 35.12
N ARG C 378 12.11 -49.78 35.21
CA ARG C 378 11.15 -50.05 34.15
C ARG C 378 10.06 -48.98 34.17
N LEU C 379 9.55 -48.70 32.96
CA LEU C 379 8.34 -47.93 32.72
C LEU C 379 7.85 -48.30 31.32
N HIS C 380 6.53 -48.30 31.10
CA HIS C 380 6.00 -48.41 29.74
C HIS C 380 5.51 -47.05 29.26
N VAL C 381 5.97 -46.64 28.06
CA VAL C 381 5.56 -45.38 27.45
C VAL C 381 5.21 -45.60 25.97
N ASP C 382 4.18 -44.86 25.51
CA ASP C 382 4.00 -44.55 24.10
C ASP C 382 3.75 -43.05 23.96
N CYS C 383 3.94 -42.55 22.73
CA CYS C 383 3.46 -41.23 22.40
C CYS C 383 2.66 -41.30 21.09
N GLN C 384 1.47 -40.67 21.06
CA GLN C 384 0.65 -40.64 19.87
C GLN C 384 -0.03 -39.26 19.72
N TYR C 385 -0.11 -38.79 18.45
CA TYR C 385 -0.93 -37.65 18.09
C TYR C 385 -2.40 -38.09 17.98
N SER C 386 -3.31 -37.24 18.46
CA SER C 386 -4.74 -37.36 18.16
C SER C 386 -5.08 -36.55 16.92
N GLN C 387 -4.40 -35.42 16.72
CA GLN C 387 -4.50 -34.64 15.48
C GLN C 387 -3.09 -34.24 15.08
N GLY C 388 -2.46 -35.01 14.16
CA GLY C 388 -1.12 -34.72 13.66
C GLY C 388 -1.05 -33.41 12.86
N ARG C 389 -2.21 -32.92 12.39
CA ARG C 389 -2.35 -31.66 11.66
C ARG C 389 -2.28 -30.45 12.59
N SER C 390 -2.49 -30.67 13.90
CA SER C 390 -2.35 -29.63 14.92
C SER C 390 -0.88 -29.27 15.19
N SER C 391 0.05 -29.74 14.34
CA SER C 391 1.48 -29.67 14.57
C SER C 391 2.24 -29.41 13.25
N ALA C 392 3.32 -28.60 13.33
CA ALA C 392 4.18 -28.30 12.19
C ALA C 392 5.66 -28.30 12.59
N THR C 393 6.52 -28.93 11.76
CA THR C 393 7.98 -28.87 11.93
C THR C 393 8.56 -27.68 11.15
N VAL C 394 9.67 -27.13 11.68
CA VAL C 394 10.45 -26.10 10.99
C VAL C 394 11.72 -26.75 10.43
N GLN C 395 11.88 -26.63 9.10
CA GLN C 395 12.93 -27.31 8.35
C GLN C 395 13.96 -26.30 7.85
N TYR C 396 15.26 -26.62 8.03
CA TYR C 396 16.37 -25.81 7.56
C TYR C 396 16.46 -25.88 6.01
N PHE D 101 73.97 39.10 43.05
CA PHE D 101 72.56 38.86 42.66
C PHE D 101 71.77 38.18 43.79
N ALA D 102 71.19 38.99 44.67
CA ALA D 102 70.11 38.59 45.59
C ALA D 102 70.44 37.25 46.25
N ALA D 103 69.49 36.31 46.14
CA ALA D 103 69.64 34.89 46.41
C ALA D 103 68.44 34.22 45.76
N SER D 104 68.66 33.22 44.90
CA SER D 104 67.60 32.66 44.08
C SER D 104 67.66 31.13 44.12
N ASP D 105 66.50 30.48 43.95
CA ASP D 105 66.41 29.04 44.11
C ASP D 105 67.26 28.26 43.08
N PRO D 106 67.43 28.71 41.80
CA PRO D 106 68.36 28.04 40.89
C PRO D 106 69.82 27.95 41.36
N GLU D 107 70.24 28.85 42.27
CA GLU D 107 71.58 28.81 42.84
C GLU D 107 71.67 27.74 43.94
N TYR D 108 70.61 27.65 44.78
CA TYR D 108 70.71 27.11 46.14
C TYR D 108 69.79 25.90 46.38
N VAL D 109 69.35 25.25 45.28
CA VAL D 109 68.40 24.13 45.23
C VAL D 109 68.95 22.84 45.89
N ASP D 110 70.26 22.81 46.20
CA ASP D 110 70.85 21.71 46.96
C ASP D 110 71.75 22.23 48.09
N THR D 111 71.62 23.52 48.45
CA THR D 111 72.40 24.11 49.54
C THR D 111 71.50 24.64 50.67
N LEU D 112 70.43 25.37 50.33
CA LEU D 112 69.55 25.98 51.32
C LEU D 112 68.29 25.15 51.59
N PHE D 113 68.01 24.17 50.72
CA PHE D 113 66.84 23.30 50.81
C PHE D 113 67.05 22.09 49.90
N ARG D 114 66.21 21.05 50.08
CA ARG D 114 66.13 19.93 49.14
C ARG D 114 64.85 20.05 48.32
N GLU D 115 64.92 19.62 47.04
CA GLU D 115 63.76 19.38 46.19
C GLU D 115 62.74 18.50 46.94
N GLN D 116 61.44 18.70 46.65
CA GLN D 116 60.41 17.89 47.29
C GLN D 116 60.39 16.48 46.70
N LEU D 117 60.22 15.47 47.59
CA LEU D 117 59.68 14.18 47.19
C LEU D 117 58.27 14.08 47.76
N LEU D 118 57.30 13.69 46.91
CA LEU D 118 56.00 13.32 47.44
C LEU D 118 56.12 12.02 48.22
N GLU D 119 55.41 11.96 49.36
CA GLU D 119 55.40 10.78 50.21
C GLU D 119 54.62 9.64 49.55
N VAL D 120 53.68 10.02 48.66
CA VAL D 120 52.86 9.08 47.89
C VAL D 120 53.71 8.53 46.75
N VAL D 121 53.97 7.21 46.81
CA VAL D 121 54.52 6.48 45.67
C VAL D 121 53.37 6.15 44.71
N MET D 122 53.54 6.52 43.43
CA MET D 122 52.50 6.40 42.42
C MET D 122 52.58 5.01 41.78
N GLU D 123 51.46 4.26 41.87
CA GLU D 123 51.42 2.85 41.54
C GLU D 123 51.53 2.63 40.03
N GLY D 124 52.15 1.50 39.65
CA GLY D 124 52.18 1.00 38.29
C GLY D 124 50.85 0.34 37.91
N ARG D 125 50.83 -0.37 36.78
CA ARG D 125 49.62 -1.00 36.28
C ARG D 125 49.17 -2.10 37.25
N GLU D 126 47.85 -2.22 37.43
CA GLU D 126 47.25 -3.27 38.25
C GLU D 126 46.43 -4.20 37.35
N LEU D 127 46.83 -5.47 37.33
CA LEU D 127 46.16 -6.52 36.57
C LEU D 127 44.86 -6.91 37.27
N ARG D 128 43.86 -7.33 36.47
CA ARG D 128 42.53 -7.66 36.97
C ARG D 128 42.54 -9.04 37.64
N LYS D 129 42.13 -9.06 38.93
CA LYS D 129 42.15 -10.24 39.80
C LYS D 129 40.73 -10.83 39.90
N VAL D 130 40.47 -12.01 39.29
CA VAL D 130 39.10 -12.50 39.14
C VAL D 130 38.89 -13.97 39.55
N ALA D 131 39.93 -14.80 39.49
CA ALA D 131 39.84 -16.26 39.56
C ALA D 131 39.05 -16.81 40.77
N ARG D 132 39.21 -16.17 41.95
CA ARG D 132 38.58 -16.62 43.19
C ARG D 132 37.06 -16.46 43.14
N GLU D 133 36.59 -15.42 42.43
CA GLU D 133 35.16 -15.16 42.24
C GLU D 133 34.66 -15.92 41.00
N ALA D 134 35.54 -16.04 39.98
CA ALA D 134 35.21 -16.52 38.64
C ALA D 134 35.37 -18.05 38.46
N SER D 135 35.69 -18.80 39.53
CA SER D 135 35.79 -20.26 39.49
C SER D 135 35.47 -20.84 40.87
N ASN D 136 35.37 -22.18 40.96
CA ASN D 136 35.25 -22.85 42.26
C ASN D 136 36.65 -23.04 42.84
N VAL D 137 36.84 -22.72 44.14
CA VAL D 137 38.15 -22.83 44.78
C VAL D 137 38.19 -24.07 45.69
N ILE D 138 39.15 -24.96 45.41
CA ILE D 138 39.44 -26.11 46.25
C ILE D 138 40.72 -25.82 47.03
N ASN D 139 40.60 -25.85 48.36
CA ASN D 139 41.75 -25.88 49.26
C ASN D 139 42.17 -27.34 49.44
N ALA D 140 43.17 -27.77 48.66
CA ALA D 140 43.64 -29.16 48.67
C ALA D 140 44.42 -29.47 49.96
N ASN D 141 44.42 -30.75 50.35
CA ASN D 141 45.26 -31.29 51.41
C ASN D 141 46.59 -31.80 50.84
N THR D 142 46.61 -32.10 49.52
CA THR D 142 47.80 -32.60 48.83
C THR D 142 48.03 -31.84 47.52
N ARG D 143 49.31 -31.68 47.17
CA ARG D 143 49.73 -30.98 45.96
C ARG D 143 49.21 -31.67 44.70
N VAL D 144 49.12 -33.01 44.76
CA VAL D 144 48.59 -33.85 43.69
C VAL D 144 47.29 -34.48 44.19
N GLY D 145 46.30 -34.57 43.31
CA GLY D 145 45.02 -35.17 43.66
C GLY D 145 44.20 -35.49 42.42
N ASP D 146 43.01 -36.06 42.63
CA ASP D 146 42.05 -36.24 41.53
C ASP D 146 40.63 -35.92 42.03
N VAL D 147 39.78 -35.49 41.09
CA VAL D 147 38.34 -35.30 41.29
C VAL D 147 37.61 -36.40 40.51
N PRO D 148 36.68 -37.17 41.13
CA PRO D 148 35.91 -38.19 40.40
C PRO D 148 34.78 -37.61 39.55
N ILE D 149 34.77 -38.04 38.28
CA ILE D 149 33.82 -37.59 37.26
C ILE D 149 32.92 -38.78 36.88
N ALA D 150 31.60 -38.55 36.94
CA ALA D 150 30.60 -39.53 36.54
C ALA D 150 30.25 -39.31 35.06
N SER D 151 29.97 -40.44 34.36
CA SER D 151 29.59 -40.43 32.95
C SER D 151 28.25 -39.72 32.76
N ASP D 152 28.01 -39.29 31.51
CA ASP D 152 26.74 -38.72 31.07
C ASP D 152 25.61 -39.73 31.33
N GLU D 153 24.43 -39.19 31.66
CA GLU D 153 23.21 -40.00 31.68
C GLU D 153 22.84 -40.37 30.24
N GLU D 154 22.28 -41.58 30.10
CA GLU D 154 21.91 -42.14 28.82
C GLU D 154 20.40 -42.39 28.79
N PHE D 155 19.96 -43.24 27.85
CA PHE D 155 18.55 -43.55 27.63
C PHE D 155 18.31 -45.03 27.92
N ALA D 156 17.15 -45.33 28.52
CA ALA D 156 16.68 -46.70 28.68
C ALA D 156 16.48 -47.34 27.30
N ARG D 157 16.45 -48.67 27.25
CA ARG D 157 16.27 -49.41 26.00
C ARG D 157 14.81 -49.83 25.84
N PRO D 158 14.24 -49.75 24.61
CA PRO D 158 12.97 -50.44 24.33
C PRO D 158 13.21 -51.95 24.43
N THR D 159 12.36 -52.61 25.24
CA THR D 159 12.57 -53.96 25.73
C THR D 159 11.29 -54.76 25.50
N GLY D 160 11.44 -56.06 25.17
CA GLY D 160 10.31 -56.96 25.07
C GLY D 160 9.73 -57.31 26.44
N GLN D 161 8.50 -57.83 26.44
CA GLN D 161 7.83 -58.30 27.64
C GLN D 161 8.47 -59.61 28.11
N GLY D 162 8.81 -59.67 29.41
CA GLY D 162 9.48 -60.83 29.99
C GLY D 162 10.94 -60.99 29.60
N ALA D 163 11.53 -59.98 28.94
CA ALA D 163 12.91 -60.01 28.48
C ALA D 163 13.86 -59.50 29.57
N GLU D 164 15.14 -59.89 29.47
CA GLU D 164 16.21 -59.50 30.41
C GLU D 164 16.48 -58.00 30.30
N ILE D 165 16.46 -57.31 31.45
CA ILE D 165 16.87 -55.92 31.56
C ILE D 165 18.40 -55.86 31.50
N ARG D 166 18.92 -55.02 30.58
CA ARG D 166 20.35 -54.96 30.26
C ARG D 166 21.01 -53.81 31.01
N ASP D 167 22.35 -53.93 31.13
CA ASP D 167 23.17 -53.09 31.99
C ASP D 167 23.83 -51.97 31.20
N ASP D 168 23.70 -50.75 31.74
CA ASP D 168 24.51 -49.58 31.39
C ASP D 168 24.59 -48.70 32.64
N GLY D 169 25.45 -49.09 33.59
CA GLY D 169 25.58 -48.41 34.87
C GLY D 169 26.43 -47.16 34.78
N GLU D 170 26.51 -46.39 35.87
CA GLU D 170 27.42 -45.24 35.91
C GLU D 170 28.87 -45.71 35.81
N THR D 171 29.52 -45.22 34.74
CA THR D 171 30.93 -45.39 34.51
C THR D 171 31.64 -44.14 35.04
N TYR D 172 32.86 -44.30 35.56
CA TYR D 172 33.57 -43.20 36.21
C TYR D 172 34.97 -43.02 35.65
N THR D 173 35.45 -41.77 35.69
CA THR D 173 36.86 -41.42 35.50
C THR D 173 37.24 -40.31 36.48
N THR D 174 38.43 -39.70 36.27
CA THR D 174 38.90 -38.63 37.13
C THR D 174 39.52 -37.50 36.29
N VAL D 175 39.59 -36.31 36.90
CA VAL D 175 40.51 -35.25 36.46
C VAL D 175 41.60 -35.07 37.51
N ALA D 176 42.85 -35.22 37.06
CA ALA D 176 44.02 -35.06 37.91
C ALA D 176 44.31 -33.58 38.11
N TRP D 177 44.83 -33.26 39.32
CA TRP D 177 45.51 -32.00 39.51
C TRP D 177 46.94 -32.29 39.98
N ASN D 178 47.87 -31.44 39.53
CA ASN D 178 49.09 -31.24 40.30
C ASN D 178 49.41 -29.75 40.36
N ALA D 179 49.51 -29.24 41.59
CA ALA D 179 49.66 -27.81 41.84
C ALA D 179 51.12 -27.41 41.59
N THR D 180 51.29 -26.47 40.64
CA THR D 180 52.58 -25.86 40.31
C THR D 180 52.90 -24.83 41.39
N LYS D 181 54.13 -24.88 41.91
CA LYS D 181 54.60 -23.88 42.85
C LYS D 181 54.82 -22.58 42.11
N LEU D 182 54.12 -21.51 42.53
CA LEU D 182 54.37 -20.16 42.04
C LEU D 182 55.13 -19.40 43.13
N THR D 183 56.28 -18.79 42.76
CA THR D 183 57.12 -18.12 43.75
C THR D 183 57.60 -16.76 43.26
N GLU D 184 57.76 -15.85 44.23
CA GLU D 184 58.23 -14.49 43.98
C GLU D 184 59.17 -14.09 45.13
N GLY D 185 60.30 -13.46 44.76
CA GLY D 185 61.33 -13.04 45.71
C GLY D 185 61.68 -11.56 45.52
N SER D 186 62.15 -10.93 46.61
CA SER D 186 62.63 -9.56 46.61
C SER D 186 63.69 -9.41 47.69
N ARG D 187 64.74 -8.62 47.38
CA ARG D 187 65.81 -8.33 48.33
C ARG D 187 66.02 -6.82 48.45
N VAL D 188 66.28 -6.39 49.69
CA VAL D 188 66.45 -4.99 50.08
C VAL D 188 67.66 -4.93 51.02
N THR D 189 68.58 -3.97 50.81
CA THR D 189 69.72 -3.79 51.70
C THR D 189 69.27 -3.08 52.99
N ASP D 190 69.97 -3.32 54.12
CA ASP D 190 69.68 -2.67 55.40
C ASP D 190 69.67 -1.14 55.26
N GLU D 191 70.69 -0.59 54.56
CA GLU D 191 70.85 0.85 54.35
C GLU D 191 69.64 1.43 53.59
N MET D 192 69.11 0.64 52.64
CA MET D 192 67.98 1.08 51.83
C MET D 192 66.68 0.99 52.63
N ARG D 193 66.51 -0.07 53.44
CA ARG D 193 65.37 -0.27 54.31
C ARG D 193 65.23 0.90 55.30
N ASP D 194 66.37 1.37 55.84
CA ASP D 194 66.42 2.49 56.75
C ASP D 194 66.12 3.82 56.05
N GLN D 195 66.77 4.07 54.90
CA GLN D 195 66.79 5.41 54.31
C GLN D 195 65.51 5.78 53.56
N ALA D 196 64.79 4.77 53.02
CA ALA D 196 63.59 5.01 52.24
C ALA D 196 62.53 5.75 53.07
N MET D 197 61.77 6.64 52.40
CA MET D 197 60.62 7.32 53.03
C MET D 197 59.49 6.33 53.30
N VAL D 198 59.45 5.23 52.53
CA VAL D 198 58.41 4.20 52.57
C VAL D 198 58.94 2.98 53.33
N ASP D 199 58.03 2.13 53.79
CA ASP D 199 58.37 0.81 54.30
C ASP D 199 58.55 -0.15 53.12
N LEU D 200 59.82 -0.33 52.68
CA LEU D 200 60.16 -1.08 51.48
C LEU D 200 59.81 -2.56 51.61
N ILE D 201 59.82 -3.08 52.85
CA ILE D 201 59.50 -4.47 53.10
C ILE D 201 57.99 -4.69 53.04
N GLU D 202 57.20 -3.72 53.57
CA GLU D 202 55.74 -3.75 53.43
C GLU D 202 55.36 -3.64 51.95
N ARG D 203 56.03 -2.74 51.20
CA ARG D 203 55.86 -2.58 49.76
C ARG D 203 56.09 -3.90 49.02
N ASN D 204 57.22 -4.55 49.31
CA ASN D 204 57.65 -5.78 48.65
C ASN D 204 56.79 -6.99 49.04
N ILE D 205 56.27 -7.01 50.28
CA ILE D 205 55.29 -7.99 50.73
C ILE D 205 53.98 -7.84 49.93
N GLN D 206 53.53 -6.59 49.74
CA GLN D 206 52.34 -6.32 48.93
C GLN D 206 52.55 -6.73 47.47
N ARG D 207 53.71 -6.39 46.90
CA ARG D 207 54.08 -6.78 45.54
C ARG D 207 54.08 -8.31 45.39
N VAL D 208 54.71 -9.02 46.35
CA VAL D 208 54.85 -10.48 46.37
C VAL D 208 53.47 -11.16 46.43
N GLY D 209 52.55 -10.60 47.24
CA GLY D 209 51.17 -11.06 47.32
C GLY D 209 50.38 -10.83 46.03
N ALA D 210 50.62 -9.66 45.40
CA ALA D 210 50.00 -9.29 44.13
C ALA D 210 50.49 -10.19 42.98
N SER D 211 51.81 -10.44 42.94
CA SER D 211 52.46 -11.27 41.93
C SER D 211 51.96 -12.72 41.97
N LEU D 212 51.71 -13.24 43.18
CA LEU D 212 51.09 -14.54 43.40
C LEU D 212 49.62 -14.56 42.95
N GLU D 213 48.84 -13.51 43.28
CA GLU D 213 47.44 -13.39 42.87
C GLU D 213 47.31 -13.34 41.34
N ASN D 214 48.26 -12.65 40.67
CA ASN D 214 48.39 -12.57 39.23
C ASN D 214 48.75 -13.94 38.61
N GLY D 215 49.62 -14.70 39.30
CA GLY D 215 49.96 -16.06 38.93
C GLY D 215 48.77 -17.02 38.94
N ILE D 216 47.91 -16.92 39.98
CA ILE D 216 46.67 -17.67 40.12
C ILE D 216 45.77 -17.40 38.91
N ASN D 217 45.66 -16.11 38.54
CA ASN D 217 44.84 -15.68 37.43
C ASN D 217 45.38 -16.20 36.10
N ARG D 218 46.73 -16.26 35.95
CA ARG D 218 47.37 -16.82 34.77
C ARG D 218 47.06 -18.31 34.63
N VAL D 219 47.20 -19.08 35.73
CA VAL D 219 46.94 -20.51 35.72
C VAL D 219 45.47 -20.79 35.40
N PHE D 220 44.57 -19.96 35.95
CA PHE D 220 43.14 -20.03 35.71
C PHE D 220 42.79 -19.75 34.23
N LEU D 221 43.34 -18.66 33.67
CA LEU D 221 43.01 -18.23 32.31
C LEU D 221 43.61 -19.18 31.27
N THR D 222 44.82 -19.71 31.55
CA THR D 222 45.49 -20.64 30.65
C THR D 222 44.74 -21.96 30.56
N GLU D 223 44.28 -22.49 31.72
CA GLU D 223 43.44 -23.69 31.74
C GLU D 223 42.13 -23.44 31.00
N LEU D 224 41.46 -22.33 31.36
CA LEU D 224 40.13 -21.96 30.87
C LEU D 224 40.12 -21.84 29.34
N VAL D 225 41.11 -21.12 28.77
CA VAL D 225 41.25 -20.89 27.33
C VAL D 225 41.66 -22.19 26.61
N ASP D 226 42.68 -22.90 27.12
CA ASP D 226 43.23 -24.06 26.42
C ASP D 226 42.27 -25.26 26.41
N ASN D 227 41.59 -25.53 27.55
CA ASN D 227 40.91 -26.80 27.75
C ASN D 227 39.39 -26.75 27.59
N ALA D 228 38.85 -25.61 27.11
CA ALA D 228 37.44 -25.49 26.70
C ALA D 228 37.20 -26.41 25.49
N GLN D 229 36.17 -27.28 25.57
CA GLN D 229 35.95 -28.29 24.53
C GLN D 229 35.15 -27.73 23.35
N ASN D 230 34.34 -26.69 23.61
CA ASN D 230 33.54 -26.05 22.57
C ASN D 230 34.22 -24.77 22.08
N ASN D 231 33.86 -24.38 20.85
CA ASN D 231 34.44 -23.22 20.18
C ASN D 231 33.39 -22.61 19.25
N HIS D 232 33.39 -21.26 19.19
CA HIS D 232 32.63 -20.56 18.18
C HIS D 232 33.60 -19.70 17.36
N ASP D 233 33.67 -20.01 16.05
CA ASP D 233 34.51 -19.28 15.12
C ASP D 233 33.68 -18.16 14.49
N THR D 234 34.04 -16.91 14.82
CA THR D 234 33.32 -15.76 14.32
C THR D 234 33.70 -15.45 12.87
N ALA D 235 34.91 -15.88 12.45
CA ALA D 235 35.45 -15.64 11.11
C ALA D 235 35.41 -14.15 10.76
N GLY D 236 35.84 -13.29 11.70
CA GLY D 236 35.93 -11.85 11.50
C GLY D 236 34.57 -11.14 11.42
N SER D 237 33.46 -11.81 11.79
CA SER D 237 32.11 -11.34 11.50
C SER D 237 31.13 -11.64 12.65
N ASN D 238 30.14 -10.73 12.86
CA ASN D 238 29.08 -10.83 13.86
C ASN D 238 29.61 -10.95 15.30
N GLN D 239 30.83 -10.42 15.50
CA GLN D 239 31.54 -10.42 16.77
C GLN D 239 30.86 -9.44 17.72
N GLY D 240 30.39 -9.97 18.87
CA GLY D 240 29.62 -9.20 19.85
C GLY D 240 28.59 -10.09 20.55
N TYR D 241 27.34 -9.59 20.65
CA TYR D 241 26.25 -10.34 21.25
C TYR D 241 26.01 -11.68 20.52
N GLN D 242 26.02 -11.67 19.18
CA GLN D 242 25.73 -12.86 18.38
C GLN D 242 26.78 -13.94 18.63
N ALA D 243 28.05 -13.53 18.77
CA ALA D 243 29.16 -14.42 19.10
C ALA D 243 29.00 -15.04 20.49
N LEU D 244 28.60 -14.22 21.48
CA LEU D 244 28.33 -14.68 22.85
C LEU D 244 27.18 -15.68 22.87
N ASN D 245 26.07 -15.32 22.20
CA ASN D 245 24.88 -16.15 22.05
C ASN D 245 25.20 -17.49 21.37
N SER D 246 26.05 -17.44 20.32
CA SER D 246 26.50 -18.64 19.59
C SER D 246 27.40 -19.52 20.46
N ALA D 247 28.26 -18.88 21.28
CA ALA D 247 29.06 -19.61 22.28
C ALA D 247 28.15 -20.31 23.31
N VAL D 248 27.12 -19.61 23.84
CA VAL D 248 26.15 -20.20 24.77
C VAL D 248 25.39 -21.34 24.07
N GLY D 249 25.06 -21.14 22.77
CA GLY D 249 24.51 -22.15 21.90
C GLY D 249 25.33 -23.45 21.85
N GLU D 250 26.66 -23.32 21.73
CA GLU D 250 27.59 -24.44 21.70
C GLU D 250 27.60 -25.21 23.04
N VAL D 251 27.57 -24.49 24.16
CA VAL D 251 27.56 -25.09 25.51
C VAL D 251 26.21 -25.76 25.79
N ASP D 252 25.12 -25.12 25.33
CA ASP D 252 23.76 -25.61 25.40
C ASP D 252 23.58 -26.92 24.61
N LYS D 253 24.22 -27.01 23.42
CA LYS D 253 24.16 -28.15 22.53
C LYS D 253 24.80 -29.41 23.17
N ASP D 254 25.83 -29.19 24.02
CA ASP D 254 26.42 -30.26 24.82
C ASP D 254 25.79 -30.36 26.22
N ASP D 255 24.64 -29.66 26.45
CA ASP D 255 23.72 -29.78 27.58
C ASP D 255 24.30 -29.33 28.93
N PHE D 256 25.07 -28.24 28.93
CA PHE D 256 25.40 -27.50 30.15
C PHE D 256 24.85 -26.08 30.00
N ARG D 257 24.50 -25.43 31.12
CA ARG D 257 24.15 -24.02 31.08
C ARG D 257 25.33 -23.20 31.63
N PRO D 258 26.01 -22.37 30.79
CA PRO D 258 27.04 -21.45 31.27
C PRO D 258 26.39 -20.27 31.98
N ASP D 259 27.17 -19.62 32.86
CA ASP D 259 26.66 -18.52 33.69
C ASP D 259 27.66 -17.36 33.76
N THR D 260 28.87 -17.56 33.21
CA THR D 260 29.97 -16.60 33.34
C THR D 260 30.69 -16.46 32.01
N TYR D 261 31.32 -15.28 31.80
CA TYR D 261 32.27 -15.13 30.71
C TYR D 261 33.50 -14.33 31.13
N VAL D 262 34.68 -14.79 30.67
CA VAL D 262 35.93 -14.01 30.71
C VAL D 262 36.13 -13.34 29.36
N THR D 263 36.79 -12.17 29.37
CA THR D 263 36.90 -11.33 28.18
C THR D 263 38.28 -10.67 28.12
N HIS D 264 38.84 -10.62 26.90
CA HIS D 264 40.03 -9.82 26.57
C HIS D 264 39.65 -8.35 26.41
N PRO D 265 40.55 -7.37 26.74
CA PRO D 265 40.36 -5.95 26.41
C PRO D 265 39.89 -5.62 24.98
N ASP D 266 40.47 -6.31 23.97
CA ASP D 266 40.09 -6.16 22.57
C ASP D 266 38.66 -6.64 22.34
N TYR D 267 38.28 -7.77 22.95
CA TYR D 267 36.92 -8.28 22.85
C TYR D 267 35.91 -7.30 23.47
N ARG D 268 36.25 -6.76 24.66
CA ARG D 268 35.46 -5.73 25.31
C ARG D 268 35.26 -4.54 24.38
N THR D 269 36.36 -4.08 23.75
CA THR D 269 36.33 -2.98 22.79
C THR D 269 35.31 -3.25 21.68
N GLN D 270 35.44 -4.43 21.04
CA GLN D 270 34.56 -4.90 19.98
C GLN D 270 33.09 -4.98 20.45
N LEU D 271 32.89 -5.55 21.65
CA LEU D 271 31.57 -5.79 22.21
C LEU D 271 30.79 -4.49 22.42
N PHE D 272 31.48 -3.43 22.90
CA PHE D 272 30.84 -2.15 23.16
C PHE D 272 30.69 -1.31 21.88
N ASN D 273 31.40 -1.69 20.80
CA ASN D 273 31.18 -1.17 19.45
C ASN D 273 29.94 -1.82 18.80
N ASP D 274 29.53 -3.01 19.28
CA ASP D 274 28.39 -3.74 18.74
C ASP D 274 27.12 -2.88 18.84
N THR D 275 26.49 -2.60 17.69
CA THR D 275 25.29 -1.76 17.57
C THR D 275 24.15 -2.26 18.47
N ASN D 276 24.08 -3.58 18.70
CA ASN D 276 23.08 -4.24 19.54
C ASN D 276 23.18 -3.76 20.99
N LEU D 277 24.40 -3.47 21.47
CA LEU D 277 24.64 -3.00 22.84
C LEU D 277 24.86 -1.48 22.88
N ALA D 278 25.51 -0.94 21.84
CA ALA D 278 25.89 0.46 21.77
C ALA D 278 24.65 1.37 21.63
N TYR D 279 23.74 1.01 20.71
CA TYR D 279 22.53 1.79 20.48
C TYR D 279 21.52 1.48 21.59
N ALA D 280 21.19 2.50 22.41
CA ALA D 280 20.27 2.40 23.55
C ALA D 280 18.92 1.81 23.14
N ASN D 281 18.47 2.23 21.95
CA ASN D 281 17.42 1.66 21.13
C ASN D 281 17.38 0.12 21.19
N ARG D 282 18.49 -0.50 20.75
CA ARG D 282 18.61 -1.94 20.56
C ARG D 282 18.97 -2.67 21.86
N ALA D 283 19.53 -1.93 22.84
CA ALA D 283 20.00 -2.48 24.11
C ALA D 283 18.90 -2.47 25.18
N GLY D 284 17.97 -1.51 25.09
CA GLY D 284 16.93 -1.33 26.10
C GLY D 284 17.33 -0.36 27.22
N THR D 285 18.64 -0.08 27.37
CA THR D 285 19.15 1.02 28.18
C THR D 285 20.37 1.64 27.50
N ASN D 286 20.70 2.89 27.89
CA ASN D 286 21.91 3.58 27.43
C ASN D 286 23.13 3.26 28.31
N GLU D 287 22.99 2.29 29.23
CA GLU D 287 23.99 1.95 30.25
C GLU D 287 25.37 1.58 29.66
N VAL D 288 25.40 0.90 28.50
CA VAL D 288 26.67 0.51 27.86
C VAL D 288 27.34 1.73 27.21
N LEU D 289 26.55 2.50 26.44
CA LEU D 289 26.98 3.74 25.80
C LEU D 289 27.61 4.68 26.83
N ARG D 290 27.01 4.75 28.03
CA ARG D 290 27.43 5.68 29.06
C ARG D 290 28.43 5.04 30.04
N ASN D 291 28.10 3.90 30.68
CA ASN D 291 28.93 3.34 31.74
C ASN D 291 29.87 2.21 31.27
N ARG D 292 29.79 1.78 30.00
CA ARG D 292 30.69 0.79 29.41
C ARG D 292 30.61 -0.56 30.16
N GLU D 293 31.75 -1.10 30.62
CA GLU D 293 31.83 -2.41 31.27
C GLU D 293 31.11 -2.43 32.63
N ASP D 294 30.88 -1.25 33.23
CA ASP D 294 30.30 -1.09 34.56
C ASP D 294 28.77 -1.16 34.52
N ALA D 295 28.22 -1.24 33.28
CA ALA D 295 26.79 -1.35 32.99
C ALA D 295 26.23 -2.66 33.53
N PRO D 296 25.00 -2.66 34.13
CA PRO D 296 24.42 -3.90 34.67
C PRO D 296 24.09 -4.97 33.63
N ILE D 297 23.90 -4.57 32.36
CA ILE D 297 23.62 -5.49 31.26
C ILE D 297 24.86 -6.32 30.88
N VAL D 298 26.07 -5.75 31.06
CA VAL D 298 27.30 -6.43 30.66
C VAL D 298 27.58 -7.63 31.59
N GLY D 299 26.97 -7.63 32.79
CA GLY D 299 26.94 -8.80 33.68
C GLY D 299 25.60 -9.54 33.65
N ASP D 300 24.81 -9.34 32.57
CA ASP D 300 23.48 -9.90 32.40
C ASP D 300 23.13 -9.96 30.89
N ILE D 301 23.97 -10.64 30.08
CA ILE D 301 23.72 -10.89 28.67
C ILE D 301 23.72 -12.41 28.40
N ALA D 302 22.92 -12.84 27.42
CA ALA D 302 22.87 -14.21 26.89
C ALA D 302 22.63 -15.28 27.96
N GLY D 303 21.97 -14.89 29.07
CA GLY D 303 21.68 -15.78 30.20
C GLY D 303 22.82 -15.89 31.23
N LEU D 304 23.92 -15.11 31.04
CA LEU D 304 25.07 -15.13 31.93
C LEU D 304 24.88 -14.12 33.07
N ASP D 305 25.29 -14.52 34.29
CA ASP D 305 25.11 -13.73 35.51
C ASP D 305 26.40 -13.02 35.93
N MET D 306 27.52 -13.25 35.21
CA MET D 306 28.81 -12.72 35.64
C MET D 306 29.74 -12.45 34.45
N HIS D 307 30.35 -11.26 34.49
CA HIS D 307 31.46 -10.90 33.63
C HIS D 307 32.74 -10.88 34.46
N ALA D 308 33.72 -11.71 34.04
CA ALA D 308 35.06 -11.66 34.61
C ALA D 308 35.96 -10.89 33.65
N ALA D 309 36.12 -9.57 33.91
CA ALA D 309 37.01 -8.72 33.12
C ALA D 309 38.47 -9.11 33.37
N MET D 310 39.12 -9.67 32.33
CA MET D 310 40.49 -10.16 32.39
C MET D 310 41.43 -9.16 31.71
N SER D 311 42.74 -9.28 32.00
CA SER D 311 43.78 -8.43 31.43
C SER D 311 44.36 -9.05 30.16
N SER D 312 45.01 -8.20 29.33
CA SER D 312 45.72 -8.61 28.11
C SER D 312 46.86 -9.60 28.43
N ALA D 313 47.61 -9.33 29.51
CA ALA D 313 48.86 -10.03 29.84
C ALA D 313 48.67 -11.31 30.66
N THR D 314 47.43 -11.62 31.12
CA THR D 314 47.21 -12.68 32.11
C THR D 314 47.44 -14.08 31.53
N TYR D 315 47.00 -14.32 30.29
CA TYR D 315 47.17 -15.63 29.66
C TYR D 315 48.66 -15.92 29.45
N ASP D 316 49.02 -17.21 29.55
CA ASP D 316 50.41 -17.62 29.31
C ASP D 316 50.72 -17.67 27.81
N ASP D 317 51.27 -16.56 27.28
CA ASP D 317 51.82 -16.46 25.94
C ASP D 317 53.12 -17.26 25.79
N GLY D 318 53.80 -17.57 26.91
CA GLY D 318 55.14 -18.15 26.88
C GLY D 318 56.24 -17.11 26.65
N THR D 319 55.83 -15.83 26.52
CA THR D 319 56.73 -14.69 26.39
C THR D 319 57.19 -14.16 27.75
N ASP D 320 56.54 -14.60 28.85
CA ASP D 320 56.93 -14.19 30.19
C ASP D 320 58.01 -15.13 30.73
N ILE D 321 58.87 -14.59 31.61
CA ILE D 321 60.13 -15.23 31.97
C ILE D 321 59.84 -16.43 32.88
N GLY D 322 60.22 -17.63 32.39
CA GLY D 322 60.04 -18.86 33.12
C GLY D 322 58.62 -19.44 33.02
N TRP D 323 57.77 -18.82 32.19
CA TRP D 323 56.47 -19.37 31.80
C TRP D 323 56.59 -19.94 30.39
N SER D 324 56.06 -21.16 30.17
CA SER D 324 56.34 -21.96 28.98
C SER D 324 55.35 -21.68 27.83
N GLY D 325 54.09 -21.34 28.16
CA GLY D 325 53.10 -21.00 27.15
C GLY D 325 51.96 -22.02 27.03
N GLY D 326 50.74 -21.50 26.81
CA GLY D 326 49.59 -22.30 26.42
C GLY D 326 49.56 -22.56 24.92
N SER D 327 48.51 -23.27 24.45
CA SER D 327 48.37 -23.68 23.06
C SER D 327 47.76 -22.60 22.18
N GLU D 328 46.96 -21.70 22.80
CA GLU D 328 46.12 -20.74 22.10
C GLU D 328 46.81 -19.36 22.06
N THR D 329 46.10 -18.38 21.47
CA THR D 329 46.43 -16.97 21.51
C THR D 329 45.27 -16.23 22.17
N TRP D 330 45.60 -15.40 23.16
CA TRP D 330 44.62 -14.59 23.87
C TRP D 330 44.62 -13.18 23.26
N GLY D 331 43.46 -12.77 22.73
CA GLY D 331 43.35 -11.52 21.99
C GLY D 331 42.06 -11.46 21.17
N PHE D 332 41.90 -10.37 20.42
CA PHE D 332 40.80 -10.26 19.47
C PHE D 332 41.18 -9.30 18.35
N SER D 333 42.13 -9.74 17.51
CA SER D 333 42.85 -8.88 16.57
C SER D 333 43.04 -9.55 15.21
N SER D 334 43.16 -10.89 15.20
CA SER D 334 43.62 -11.67 14.06
C SER D 334 43.02 -13.07 14.13
N ASP D 335 42.95 -13.74 12.97
CA ASP D 335 42.43 -15.10 12.79
C ASP D 335 43.01 -16.06 13.84
N GLY D 336 42.11 -16.68 14.62
CA GLY D 336 42.50 -17.69 15.60
C GLY D 336 42.77 -17.16 17.01
N ASP D 337 42.65 -15.83 17.24
CA ASP D 337 42.70 -15.27 18.58
C ASP D 337 41.45 -15.69 19.36
N LYS D 338 41.64 -16.12 20.61
CA LYS D 338 40.54 -16.38 21.53
C LYS D 338 40.31 -15.12 22.38
N GLY D 339 39.11 -14.52 22.25
CA GLY D 339 38.81 -13.22 22.86
C GLY D 339 37.90 -13.31 24.09
N ALA D 340 37.14 -14.40 24.20
CA ALA D 340 36.25 -14.63 25.34
C ALA D 340 36.12 -16.14 25.60
N VAL D 341 35.81 -16.49 26.86
CA VAL D 341 35.34 -17.84 27.21
C VAL D 341 34.03 -17.71 27.99
N VAL D 342 33.01 -18.43 27.49
CA VAL D 342 31.67 -18.52 28.08
C VAL D 342 31.60 -19.88 28.79
N TYR D 343 31.22 -19.91 30.07
CA TYR D 343 31.41 -21.12 30.86
C TYR D 343 30.50 -21.20 32.09
N ASP D 344 30.37 -22.43 32.61
CA ASP D 344 29.81 -22.70 33.94
C ASP D 344 30.91 -22.52 34.98
N ARG D 345 30.72 -21.52 35.85
CA ARG D 345 31.63 -21.14 36.94
C ARG D 345 31.90 -22.30 37.92
N ASP D 346 30.91 -23.21 38.06
CA ASP D 346 30.96 -24.32 39.01
C ASP D 346 31.71 -25.53 38.44
N ASN D 347 32.00 -25.53 37.13
CA ASN D 347 32.61 -26.67 36.43
C ASN D 347 34.10 -26.45 36.12
N ILE D 348 34.68 -25.33 36.60
CA ILE D 348 36.12 -25.12 36.58
C ILE D 348 36.61 -24.82 37.99
N HIS D 349 37.74 -25.45 38.34
CA HIS D 349 38.27 -25.48 39.69
C HIS D 349 39.65 -24.83 39.72
N THR D 350 39.79 -23.72 40.46
CA THR D 350 41.09 -23.31 40.94
C THR D 350 41.43 -24.18 42.15
N ILE D 351 42.61 -24.81 42.11
CA ILE D 351 43.01 -25.71 43.19
C ILE D 351 44.25 -25.10 43.84
N LEU D 352 44.13 -24.80 45.15
CA LEU D 352 45.19 -24.17 45.92
C LEU D 352 45.71 -25.15 46.97
N TYR D 353 47.04 -25.24 47.02
CA TYR D 353 47.75 -26.02 48.03
C TYR D 353 48.85 -25.17 48.67
N ALA D 354 48.99 -25.29 50.00
CA ALA D 354 50.09 -24.72 50.74
C ALA D 354 50.45 -25.65 51.90
N PRO D 355 51.75 -25.93 52.17
CA PRO D 355 52.14 -26.81 53.28
C PRO D 355 51.81 -26.29 54.70
N ASN D 356 51.82 -24.97 54.91
CA ASN D 356 51.84 -24.38 56.24
C ASN D 356 50.55 -23.62 56.58
N GLY D 357 49.56 -23.66 55.68
CA GLY D 357 48.27 -23.00 55.82
C GLY D 357 47.42 -23.31 54.58
N GLN D 358 46.42 -22.46 54.29
CA GLN D 358 45.59 -22.67 53.12
C GLN D 358 45.97 -21.74 51.95
N ASP D 359 46.67 -20.64 52.23
CA ASP D 359 46.85 -19.55 51.26
C ASP D 359 48.33 -19.14 51.18
N VAL D 360 48.61 -17.96 50.61
CA VAL D 360 49.97 -17.48 50.32
C VAL D 360 50.83 -17.46 51.60
N GLU D 361 52.07 -17.98 51.48
CA GLU D 361 53.01 -17.97 52.60
C GLU D 361 54.17 -17.01 52.33
N ILE D 362 54.30 -16.02 53.21
CA ILE D 362 55.35 -15.00 53.14
C ILE D 362 56.42 -15.34 54.18
N LYS D 363 57.69 -15.41 53.71
CA LYS D 363 58.84 -15.64 54.58
C LYS D 363 59.86 -14.53 54.39
N ASP D 364 60.40 -14.05 55.52
CA ASP D 364 61.47 -13.07 55.56
C ASP D 364 62.77 -13.73 56.03
N TYR D 365 63.91 -13.26 55.50
CA TYR D 365 65.21 -13.75 55.92
C TYR D 365 66.25 -12.63 55.92
N GLU D 366 67.15 -12.68 56.92
CA GLU D 366 68.31 -11.80 56.98
C GLU D 366 69.53 -12.52 56.43
N ASP D 367 70.42 -11.71 55.85
CA ASP D 367 71.71 -12.14 55.33
C ASP D 367 72.78 -11.35 56.10
N PRO D 368 73.24 -11.83 57.28
CA PRO D 368 74.16 -11.05 58.14
C PRO D 368 75.59 -10.92 57.61
N ILE D 369 75.87 -11.61 56.50
CA ILE D 369 77.16 -11.62 55.80
C ILE D 369 77.22 -10.46 54.80
N ARG D 370 76.04 -10.02 54.29
CA ARG D 370 75.95 -9.08 53.18
C ARG D 370 75.07 -7.84 53.48
N ASP D 371 74.29 -7.89 54.57
CA ASP D 371 73.35 -6.84 55.00
C ASP D 371 72.19 -6.67 54.01
N ILE D 372 71.60 -7.82 53.65
CA ILE D 372 70.40 -7.84 52.83
C ILE D 372 69.28 -8.54 53.62
N THR D 373 68.06 -7.99 53.50
CA THR D 373 66.86 -8.68 53.94
C THR D 373 66.10 -9.12 52.70
N GLY D 374 65.63 -10.38 52.72
CA GLY D 374 64.80 -10.90 51.64
C GLY D 374 63.37 -11.19 52.07
N VAL D 375 62.44 -11.05 51.11
CA VAL D 375 61.04 -11.45 51.25
C VAL D 375 60.72 -12.42 50.10
N ASN D 376 60.14 -13.57 50.46
CA ASN D 376 59.72 -14.59 49.52
C ASN D 376 58.22 -14.86 49.73
N GLY D 377 57.51 -15.15 48.62
CA GLY D 377 56.14 -15.63 48.67
C GLY D 377 55.98 -16.94 47.89
N ARG D 378 55.10 -17.83 48.38
CA ARG D 378 54.76 -19.05 47.64
C ARG D 378 53.28 -19.38 47.78
N LEU D 379 52.77 -20.05 46.75
CA LEU D 379 51.51 -20.77 46.75
C LEU D 379 51.65 -21.87 45.67
N HIS D 380 50.98 -23.00 45.88
CA HIS D 380 50.84 -23.97 44.81
C HIS D 380 49.44 -23.87 44.21
N VAL D 381 49.38 -23.76 42.87
CA VAL D 381 48.10 -23.66 42.18
C VAL D 381 48.09 -24.56 40.95
N ASP D 382 46.96 -25.27 40.79
CA ASP D 382 46.55 -25.83 39.51
C ASP D 382 45.18 -25.26 39.17
N CYS D 383 44.80 -25.37 37.90
CA CYS D 383 43.42 -25.13 37.50
C CYS D 383 42.96 -26.24 36.56
N GLN D 384 41.75 -26.79 36.80
CA GLN D 384 41.22 -27.93 36.06
C GLN D 384 39.72 -27.78 35.83
N TYR D 385 39.25 -28.17 34.62
CA TYR D 385 37.84 -28.34 34.35
C TYR D 385 37.35 -29.69 34.89
N SER D 386 36.22 -29.69 35.61
CA SER D 386 35.49 -30.92 35.87
C SER D 386 34.72 -31.38 34.62
N GLN D 387 34.19 -30.42 33.85
CA GLN D 387 33.54 -30.67 32.56
C GLN D 387 33.92 -29.55 31.59
N GLY D 388 34.89 -29.81 30.70
CA GLY D 388 35.38 -28.84 29.71
C GLY D 388 34.34 -28.52 28.61
N ARG D 389 33.32 -29.39 28.47
CA ARG D 389 32.20 -29.19 27.56
C ARG D 389 31.24 -28.09 28.04
N SER D 390 31.36 -27.71 29.33
CA SER D 390 30.57 -26.64 29.94
C SER D 390 31.12 -25.24 29.61
N SER D 391 32.12 -25.15 28.72
CA SER D 391 32.71 -23.88 28.31
C SER D 391 32.97 -23.83 26.81
N ALA D 392 32.90 -22.61 26.25
CA ALA D 392 33.12 -22.33 24.85
C ALA D 392 34.02 -21.09 24.68
N THR D 393 35.05 -21.20 23.83
CA THR D 393 35.89 -20.07 23.46
C THR D 393 35.31 -19.35 22.23
N VAL D 394 35.38 -18.02 22.25
CA VAL D 394 35.03 -17.19 21.10
C VAL D 394 36.32 -16.88 20.33
N GLN D 395 36.32 -17.24 19.04
CA GLN D 395 37.49 -17.17 18.17
C GLN D 395 37.26 -16.11 17.09
N TYR D 396 38.29 -15.27 16.88
CA TYR D 396 38.33 -14.25 15.84
C TYR D 396 38.48 -14.92 14.47
N PHE E 101 23.71 73.07 7.68
CA PHE E 101 22.71 73.64 6.68
C PHE E 101 21.50 74.25 7.41
N ALA E 102 20.48 73.44 7.71
CA ALA E 102 19.66 73.59 8.92
C ALA E 102 20.60 73.21 10.07
N ALA E 103 20.24 73.41 11.35
CA ALA E 103 21.03 72.74 12.38
C ALA E 103 20.87 71.22 12.25
N SER E 104 21.98 70.50 11.95
CA SER E 104 21.95 69.07 11.65
C SER E 104 22.95 68.34 12.54
N ASP E 105 22.61 67.10 12.94
CA ASP E 105 23.40 66.41 13.98
C ASP E 105 24.84 66.13 13.55
N PRO E 106 25.17 65.76 12.27
CA PRO E 106 26.56 65.63 11.83
C PRO E 106 27.45 66.87 12.00
N GLU E 107 26.83 68.07 12.01
CA GLU E 107 27.56 69.32 12.19
C GLU E 107 27.94 69.55 13.67
N TYR E 108 27.00 69.25 14.58
CA TYR E 108 27.13 69.62 15.99
C TYR E 108 27.35 68.39 16.88
N VAL E 109 27.81 67.29 16.27
CA VAL E 109 28.03 65.95 16.83
C VAL E 109 28.99 65.93 18.04
N ASP E 110 29.86 66.96 18.14
CA ASP E 110 30.82 67.11 19.23
C ASP E 110 30.74 68.53 19.81
N THR E 111 29.68 69.27 19.44
CA THR E 111 29.49 70.68 19.80
C THR E 111 28.31 70.84 20.77
N LEU E 112 27.16 70.24 20.43
CA LEU E 112 25.90 70.42 21.18
C LEU E 112 25.47 69.14 21.90
N PHE E 113 26.20 68.04 21.64
CA PHE E 113 25.99 66.77 22.32
C PHE E 113 27.26 65.94 22.15
N ARG E 114 27.33 64.84 22.91
CA ARG E 114 28.40 63.85 22.83
C ARG E 114 27.80 62.52 22.35
N GLU E 115 28.53 61.80 21.48
CA GLU E 115 28.14 60.48 21.01
C GLU E 115 28.02 59.56 22.21
N GLN E 116 27.00 58.68 22.21
CA GLN E 116 26.78 57.73 23.30
C GLN E 116 27.93 56.72 23.37
N LEU E 117 28.38 56.37 24.60
CA LEU E 117 29.06 55.12 24.89
C LEU E 117 28.12 54.23 25.70
N LEU E 118 28.01 52.95 25.32
CA LEU E 118 27.38 51.98 26.22
C LEU E 118 28.27 51.82 27.45
N GLU E 119 27.64 51.71 28.64
CA GLU E 119 28.35 51.61 29.92
C GLU E 119 28.99 50.23 30.11
N VAL E 120 28.41 49.20 29.48
CA VAL E 120 28.92 47.83 29.48
C VAL E 120 30.05 47.72 28.44
N VAL E 121 31.11 46.99 28.79
CA VAL E 121 32.18 46.64 27.85
C VAL E 121 31.96 45.21 27.36
N MET E 122 32.06 45.02 26.03
CA MET E 122 31.86 43.73 25.37
C MET E 122 33.17 42.93 25.46
N GLU E 123 33.04 41.68 25.93
CA GLU E 123 34.21 40.85 26.24
C GLU E 123 34.87 40.35 24.95
N GLY E 124 36.18 40.10 25.06
CA GLY E 124 36.95 39.45 24.00
C GLY E 124 36.71 37.94 23.97
N ARG E 125 37.61 37.25 23.27
CA ARG E 125 37.65 35.79 23.23
C ARG E 125 38.11 35.27 24.60
N GLU E 126 37.22 34.52 25.27
CA GLU E 126 37.56 33.82 26.50
C GLU E 126 37.87 32.36 26.16
N LEU E 127 38.99 31.85 26.70
CA LEU E 127 39.34 30.45 26.50
C LEU E 127 38.68 29.59 27.58
N ARG E 128 38.52 28.30 27.26
CA ARG E 128 37.95 27.31 28.17
C ARG E 128 38.99 26.91 29.22
N LYS E 129 38.55 26.90 30.49
CA LYS E 129 39.43 26.69 31.64
C LYS E 129 38.99 25.46 32.42
N VAL E 130 39.83 24.42 32.43
CA VAL E 130 39.43 23.09 32.90
C VAL E 130 40.50 22.39 33.75
N ALA E 131 41.79 22.77 33.62
CA ALA E 131 42.94 22.03 34.13
C ALA E 131 42.85 21.68 35.63
N ARG E 132 42.29 22.59 36.43
CA ARG E 132 42.13 22.43 37.87
C ARG E 132 41.18 21.28 38.21
N GLU E 133 40.17 21.06 37.35
CA GLU E 133 39.16 20.01 37.52
C GLU E 133 39.58 18.74 36.78
N ALA E 134 40.26 18.92 35.63
CA ALA E 134 40.66 17.87 34.69
C ALA E 134 41.97 17.16 35.07
N SER E 135 42.64 17.57 36.18
CA SER E 135 43.86 16.93 36.65
C SER E 135 43.92 16.95 38.19
N ASN E 136 44.84 16.16 38.76
CA ASN E 136 45.18 16.28 40.16
C ASN E 136 46.04 17.52 40.35
N VAL E 137 45.74 18.34 41.38
CA VAL E 137 46.49 19.56 41.62
C VAL E 137 47.36 19.39 42.86
N ILE E 138 48.69 19.53 42.67
CA ILE E 138 49.66 19.47 43.77
C ILE E 138 50.07 20.89 44.12
N ASN E 139 49.81 21.29 45.37
CA ASN E 139 50.36 22.50 45.93
C ASN E 139 51.76 22.20 46.48
N ALA E 140 52.78 22.42 45.64
CA ALA E 140 54.15 22.01 45.93
C ALA E 140 54.74 22.89 47.04
N ASN E 141 55.65 22.28 47.84
CA ASN E 141 56.44 22.99 48.82
C ASN E 141 57.68 23.65 48.18
N THR E 142 58.07 23.16 46.98
CA THR E 142 59.24 23.68 46.25
C THR E 142 58.91 23.76 44.76
N ARG E 143 59.63 24.66 44.06
CA ARG E 143 59.48 24.92 42.63
C ARG E 143 59.96 23.73 41.78
N VAL E 144 60.96 23.00 42.28
CA VAL E 144 61.49 21.80 41.64
C VAL E 144 61.30 20.63 42.61
N GLY E 145 61.02 19.45 42.05
CA GLY E 145 60.76 18.26 42.85
C GLY E 145 60.64 17.00 42.00
N ASP E 146 60.44 15.86 42.67
CA ASP E 146 60.27 14.57 42.03
C ASP E 146 59.11 13.82 42.67
N VAL E 147 58.40 13.02 41.85
CA VAL E 147 57.34 12.12 42.31
C VAL E 147 57.86 10.68 42.21
N PRO E 148 57.89 9.89 43.32
CA PRO E 148 58.31 8.47 43.25
C PRO E 148 57.27 7.59 42.56
N ILE E 149 57.75 6.77 41.62
CA ILE E 149 56.93 5.90 40.79
C ILE E 149 57.45 4.47 40.93
N ALA E 150 56.53 3.53 41.23
CA ALA E 150 56.83 2.11 41.38
C ALA E 150 56.54 1.38 40.07
N SER E 151 57.29 0.28 39.83
CA SER E 151 57.14 -0.54 38.63
C SER E 151 55.81 -1.31 38.66
N ASP E 152 55.38 -1.75 37.47
CA ASP E 152 54.19 -2.55 37.26
C ASP E 152 54.20 -3.83 38.10
N GLU E 153 53.00 -4.33 38.39
CA GLU E 153 52.78 -5.70 38.84
C GLU E 153 53.30 -6.67 37.79
N GLU E 154 54.05 -7.69 38.25
CA GLU E 154 54.46 -8.82 37.42
C GLU E 154 53.77 -10.10 37.91
N PHE E 155 54.22 -11.25 37.37
CA PHE E 155 53.67 -12.57 37.66
C PHE E 155 54.74 -13.44 38.32
N ALA E 156 54.33 -14.28 39.29
CA ALA E 156 55.22 -15.17 40.02
C ALA E 156 55.77 -16.25 39.06
N ARG E 157 56.94 -16.80 39.42
CA ARG E 157 57.67 -17.81 38.66
C ARG E 157 57.10 -19.21 38.95
N PRO E 158 56.75 -20.07 37.94
CA PRO E 158 56.51 -21.50 38.21
C PRO E 158 57.83 -22.20 38.52
N THR E 159 57.89 -22.86 39.69
CA THR E 159 59.12 -23.19 40.39
C THR E 159 59.17 -24.67 40.75
N GLY E 160 60.35 -25.30 40.62
CA GLY E 160 60.58 -26.66 41.08
C GLY E 160 60.48 -26.76 42.60
N GLN E 161 60.21 -27.97 43.12
CA GLN E 161 60.15 -28.19 44.56
C GLN E 161 61.57 -28.21 45.13
N GLY E 162 61.79 -27.47 46.23
CA GLY E 162 63.12 -27.34 46.82
C GLY E 162 64.08 -26.43 46.04
N ALA E 163 63.58 -25.76 44.98
CA ALA E 163 64.39 -24.88 44.15
C ALA E 163 64.39 -23.45 44.71
N GLU E 164 65.40 -22.65 44.31
CA GLU E 164 65.59 -21.28 44.74
C GLU E 164 64.49 -20.35 44.22
N ILE E 165 63.90 -19.57 45.13
CA ILE E 165 63.02 -18.46 44.78
C ILE E 165 63.88 -17.31 44.25
N ARG E 166 63.59 -16.92 43.00
CA ARG E 166 64.31 -15.88 42.28
C ARG E 166 63.71 -14.50 42.60
N ASP E 167 64.50 -13.46 42.33
CA ASP E 167 64.16 -12.09 42.66
C ASP E 167 63.62 -11.33 41.46
N ASP E 168 62.51 -10.62 41.71
CA ASP E 168 61.96 -9.59 40.84
C ASP E 168 61.25 -8.56 41.73
N GLY E 169 62.01 -8.01 42.69
CA GLY E 169 61.53 -7.05 43.67
C GLY E 169 61.10 -5.73 43.02
N GLU E 170 60.48 -4.85 43.82
CA GLU E 170 59.92 -3.61 43.30
C GLU E 170 61.02 -2.65 42.87
N THR E 171 60.81 -2.05 41.68
CA THR E 171 61.77 -1.14 41.04
C THR E 171 61.15 0.25 40.97
N TYR E 172 61.99 1.30 41.15
CA TYR E 172 61.48 2.67 41.28
C TYR E 172 62.18 3.65 40.35
N THR E 173 61.44 4.68 39.94
CA THR E 173 61.96 5.82 39.19
C THR E 173 61.21 7.08 39.66
N THR E 174 61.50 8.23 39.04
CA THR E 174 60.75 9.46 39.31
C THR E 174 60.33 10.15 38.02
N VAL E 175 59.28 10.97 38.12
CA VAL E 175 59.09 12.10 37.21
C VAL E 175 59.46 13.38 37.96
N ALA E 176 60.27 14.21 37.28
CA ALA E 176 60.72 15.49 37.83
C ALA E 176 59.75 16.60 37.41
N TRP E 177 59.33 17.42 38.38
CA TRP E 177 58.69 18.68 38.06
C TRP E 177 59.70 19.84 38.16
N ASN E 178 59.49 20.81 37.26
CA ASN E 178 60.28 22.03 37.23
C ASN E 178 59.29 23.15 36.89
N ALA E 179 58.71 23.76 37.95
CA ALA E 179 57.64 24.74 37.77
C ALA E 179 58.21 26.02 37.14
N THR E 180 57.61 26.42 36.01
CA THR E 180 58.00 27.63 35.29
C THR E 180 57.16 28.82 35.79
N LYS E 181 57.81 29.96 35.99
CA LYS E 181 57.13 31.15 36.47
C LYS E 181 56.35 31.83 35.35
N LEU E 182 55.02 31.65 35.36
CA LEU E 182 54.15 32.40 34.47
C LEU E 182 53.78 33.75 35.11
N THR E 183 53.83 34.82 34.29
CA THR E 183 53.58 36.17 34.79
C THR E 183 52.78 36.99 33.78
N GLU E 184 52.05 37.98 34.31
CA GLU E 184 51.29 38.95 33.56
C GLU E 184 51.30 40.28 34.30
N GLY E 185 51.46 41.39 33.55
CA GLY E 185 51.47 42.73 34.12
C GLY E 185 50.60 43.70 33.32
N SER E 186 50.09 44.73 34.00
CA SER E 186 49.36 45.83 33.39
C SER E 186 49.54 47.12 34.19
N ARG E 187 49.61 48.26 33.48
CA ARG E 187 49.75 49.58 34.10
C ARG E 187 48.66 50.52 33.60
N VAL E 188 48.20 51.40 34.50
CA VAL E 188 47.11 52.36 34.27
C VAL E 188 47.50 53.69 34.93
N THR E 189 47.28 54.82 34.23
CA THR E 189 47.52 56.15 34.83
C THR E 189 46.34 56.48 35.76
N ASP E 190 46.61 57.29 36.81
CA ASP E 190 45.58 57.73 37.74
C ASP E 190 44.45 58.51 37.04
N GLU E 191 44.80 59.24 35.97
CA GLU E 191 43.86 60.00 35.17
C GLU E 191 42.92 59.07 34.40
N MET E 192 43.50 57.97 33.87
CA MET E 192 42.74 56.95 33.17
C MET E 192 41.83 56.20 34.15
N ARG E 193 42.35 55.93 35.36
CA ARG E 193 41.64 55.24 36.42
C ARG E 193 40.39 56.01 36.87
N ASP E 194 40.49 57.35 36.92
CA ASP E 194 39.39 58.23 37.28
C ASP E 194 38.35 58.32 36.15
N GLN E 195 38.82 58.57 34.92
CA GLN E 195 37.94 58.95 33.81
C GLN E 195 37.14 57.77 33.24
N ALA E 196 37.69 56.54 33.27
CA ALA E 196 37.04 55.38 32.67
C ALA E 196 35.69 55.07 33.32
N MET E 197 34.73 54.56 32.53
CA MET E 197 33.43 54.12 33.01
C MET E 197 33.59 52.91 33.94
N VAL E 198 34.37 51.91 33.48
CA VAL E 198 34.63 50.66 34.20
C VAL E 198 35.72 50.89 35.25
N ASP E 199 35.77 50.01 36.26
CA ASP E 199 36.92 49.95 37.16
C ASP E 199 38.05 49.22 36.44
N LEU E 200 39.02 50.02 35.93
CA LEU E 200 40.08 49.51 35.06
C LEU E 200 41.09 48.65 35.81
N ILE E 201 41.25 48.88 37.13
CA ILE E 201 42.10 48.04 37.98
C ILE E 201 41.47 46.65 38.17
N GLU E 202 40.14 46.64 38.40
CA GLU E 202 39.37 45.41 38.50
C GLU E 202 39.40 44.61 37.19
N ARG E 203 39.23 45.31 36.04
CA ARG E 203 39.34 44.71 34.71
C ARG E 203 40.70 44.02 34.54
N ASN E 204 41.79 44.74 34.86
CA ASN E 204 43.15 44.26 34.67
C ASN E 204 43.49 43.09 35.60
N ILE E 205 43.03 43.16 36.86
CA ILE E 205 43.14 42.06 37.83
C ILE E 205 42.52 40.78 37.27
N GLN E 206 41.30 40.89 36.71
CA GLN E 206 40.61 39.73 36.17
C GLN E 206 41.29 39.19 34.89
N ARG E 207 41.81 40.11 34.04
CA ARG E 207 42.63 39.75 32.89
C ARG E 207 43.88 38.97 33.31
N VAL E 208 44.56 39.46 34.37
CA VAL E 208 45.74 38.83 34.95
C VAL E 208 45.40 37.41 35.46
N GLY E 209 44.30 37.30 36.23
CA GLY E 209 43.76 36.01 36.65
C GLY E 209 43.53 35.06 35.46
N ALA E 210 42.78 35.55 34.47
CA ALA E 210 42.46 34.80 33.24
C ALA E 210 43.72 34.35 32.48
N SER E 211 44.70 35.25 32.35
CA SER E 211 45.95 35.03 31.62
C SER E 211 46.79 33.91 32.25
N LEU E 212 46.90 33.95 33.59
CA LEU E 212 47.56 32.89 34.36
C LEU E 212 46.83 31.55 34.21
N GLU E 213 45.49 31.58 34.32
CA GLU E 213 44.65 30.40 34.17
C GLU E 213 44.82 29.77 32.77
N ASN E 214 44.88 30.62 31.73
CA ASN E 214 45.12 30.16 30.37
C ASN E 214 46.48 29.47 30.24
N GLY E 215 47.48 30.02 30.96
CA GLY E 215 48.83 29.45 31.07
C GLY E 215 48.85 28.08 31.75
N ILE E 216 48.15 27.96 32.91
CA ILE E 216 47.95 26.68 33.60
C ILE E 216 47.42 25.63 32.62
N ASN E 217 46.41 26.04 31.82
CA ASN E 217 45.74 25.19 30.85
C ASN E 217 46.65 24.78 29.69
N ARG E 218 47.48 25.72 29.18
CA ARG E 218 48.44 25.46 28.10
C ARG E 218 49.47 24.41 28.52
N VAL E 219 50.04 24.57 29.73
CA VAL E 219 51.01 23.64 30.30
C VAL E 219 50.37 22.26 30.43
N PHE E 220 49.18 22.21 31.05
CA PHE E 220 48.41 20.99 31.24
C PHE E 220 48.16 20.27 29.91
N LEU E 221 47.57 20.99 28.93
CA LEU E 221 47.14 20.38 27.68
C LEU E 221 48.35 19.85 26.89
N THR E 222 49.45 20.63 26.87
CA THR E 222 50.64 20.27 26.10
C THR E 222 51.27 18.98 26.63
N GLU E 223 51.42 18.87 27.96
CA GLU E 223 51.88 17.64 28.61
C GLU E 223 50.94 16.46 28.30
N LEU E 224 49.65 16.70 28.52
CA LEU E 224 48.60 15.71 28.30
C LEU E 224 48.67 15.12 26.89
N VAL E 225 48.73 16.00 25.86
CA VAL E 225 48.75 15.59 24.46
C VAL E 225 50.10 14.94 24.10
N ASP E 226 51.22 15.59 24.49
CA ASP E 226 52.55 15.17 24.03
C ASP E 226 52.96 13.81 24.60
N ASN E 227 52.69 13.59 25.90
CA ASN E 227 53.33 12.51 26.67
C ASN E 227 52.36 11.36 26.98
N ALA E 228 51.17 11.37 26.36
CA ALA E 228 50.25 10.23 26.31
C ALA E 228 50.91 9.07 25.56
N GLN E 229 50.90 7.86 26.14
CA GLN E 229 51.64 6.74 25.58
C GLN E 229 50.80 5.90 24.63
N ASN E 230 49.46 5.93 24.79
CA ASN E 230 48.56 5.19 23.93
C ASN E 230 47.98 6.14 22.88
N ASN E 231 47.53 5.53 21.77
CA ASN E 231 47.07 6.25 20.60
C ASN E 231 46.08 5.36 19.84
N HIS E 232 45.12 6.00 19.18
CA HIS E 232 44.18 5.32 18.30
C HIS E 232 44.05 6.13 17.00
N ASP E 233 44.69 5.66 15.91
CA ASP E 233 44.48 6.25 14.59
C ASP E 233 43.15 5.76 14.02
N THR E 234 42.19 6.69 13.95
CA THR E 234 40.86 6.49 13.41
C THR E 234 40.88 6.35 11.89
N ALA E 235 41.98 6.82 11.26
CA ALA E 235 42.18 6.82 9.82
C ALA E 235 40.97 7.44 9.10
N GLY E 236 40.60 8.66 9.50
CA GLY E 236 39.47 9.39 8.93
C GLY E 236 38.11 8.70 9.03
N SER E 237 37.98 7.68 9.91
CA SER E 237 36.85 6.75 9.88
C SER E 237 36.41 6.39 11.31
N ASN E 238 35.09 6.23 11.51
CA ASN E 238 34.47 5.80 12.76
C ASN E 238 34.87 6.68 13.95
N GLN E 239 34.87 8.00 13.73
CA GLN E 239 35.16 9.01 14.75
C GLN E 239 33.89 9.21 15.58
N GLY E 240 34.05 9.76 16.81
CA GLY E 240 33.00 9.78 17.81
C GLY E 240 33.14 8.61 18.80
N TYR E 241 31.99 8.00 19.17
CA TYR E 241 31.90 7.04 20.26
C TYR E 241 32.83 5.83 20.06
N GLN E 242 32.89 5.29 18.82
CA GLN E 242 33.74 4.16 18.48
C GLN E 242 35.22 4.48 18.75
N ALA E 243 35.63 5.71 18.44
CA ALA E 243 37.00 6.19 18.69
C ALA E 243 37.27 6.37 20.19
N LEU E 244 36.30 6.93 20.94
CA LEU E 244 36.41 7.04 22.41
C LEU E 244 36.52 5.66 23.05
N ASN E 245 35.60 4.74 22.66
CA ASN E 245 35.58 3.36 23.11
C ASN E 245 36.89 2.63 22.78
N SER E 246 37.42 2.87 21.56
CA SER E 246 38.69 2.31 21.11
C SER E 246 39.87 2.84 21.94
N ALA E 247 39.87 4.16 22.22
CA ALA E 247 40.88 4.80 23.06
C ALA E 247 40.83 4.28 24.52
N VAL E 248 39.62 4.07 25.07
CA VAL E 248 39.43 3.45 26.39
C VAL E 248 39.99 2.02 26.38
N GLY E 249 39.72 1.28 25.27
CA GLY E 249 40.27 -0.04 25.02
C GLY E 249 41.81 -0.08 25.05
N GLU E 250 42.47 0.90 24.41
CA GLU E 250 43.93 1.03 24.40
C GLU E 250 44.49 1.24 25.82
N VAL E 251 43.78 2.03 26.65
CA VAL E 251 44.17 2.26 28.05
C VAL E 251 43.96 0.99 28.89
N ASP E 252 42.85 0.26 28.64
CA ASP E 252 42.54 -1.00 29.31
C ASP E 252 43.58 -2.08 29.00
N LYS E 253 44.14 -2.07 27.78
CA LYS E 253 45.16 -3.02 27.32
C LYS E 253 46.48 -2.87 28.08
N ASP E 254 46.69 -1.65 28.65
CA ASP E 254 47.82 -1.37 29.52
C ASP E 254 47.41 -1.34 31.00
N ASP E 255 46.21 -1.84 31.34
CA ASP E 255 45.73 -2.08 32.71
C ASP E 255 45.60 -0.82 33.55
N PHE E 256 45.13 0.28 32.91
CA PHE E 256 44.63 1.46 33.61
C PHE E 256 43.16 1.70 33.21
N ARG E 257 42.44 2.43 34.08
CA ARG E 257 41.02 2.67 33.90
C ARG E 257 40.78 4.19 33.82
N PRO E 258 40.59 4.76 32.60
CA PRO E 258 40.42 6.21 32.45
C PRO E 258 39.03 6.68 32.90
N ASP E 259 38.89 8.00 33.10
CA ASP E 259 37.66 8.57 33.65
C ASP E 259 37.34 9.95 33.07
N THR E 260 38.30 10.54 32.33
CA THR E 260 38.15 11.90 31.82
C THR E 260 38.55 11.96 30.35
N TYR E 261 37.87 12.81 29.58
CA TYR E 261 38.34 13.18 28.25
C TYR E 261 38.42 14.69 28.07
N VAL E 262 39.50 15.07 27.39
CA VAL E 262 39.83 16.42 26.95
C VAL E 262 39.70 16.46 25.43
N THR E 263 39.12 17.54 24.89
CA THR E 263 38.62 17.54 23.52
C THR E 263 38.93 18.85 22.80
N HIS E 264 39.33 18.74 21.52
CA HIS E 264 39.44 19.85 20.56
C HIS E 264 38.06 20.18 19.98
N PRO E 265 37.76 21.47 19.61
CA PRO E 265 36.50 21.83 18.92
C PRO E 265 36.08 21.01 17.70
N ASP E 266 37.06 20.65 16.84
CA ASP E 266 36.83 19.81 15.67
C ASP E 266 36.44 18.40 16.07
N TYR E 267 37.08 17.87 17.13
CA TYR E 267 36.71 16.55 17.63
C TYR E 267 35.28 16.56 18.20
N ARG E 268 34.94 17.61 18.97
CA ARG E 268 33.59 17.80 19.50
C ARG E 268 32.57 17.76 18.37
N THR E 269 32.92 18.42 17.25
CA THR E 269 32.11 18.42 16.04
C THR E 269 31.84 17.00 15.53
N GLN E 270 32.90 16.18 15.37
CA GLN E 270 32.79 14.83 14.85
C GLN E 270 32.15 13.87 15.86
N LEU E 271 32.26 14.20 17.16
CA LEU E 271 31.56 13.49 18.22
C LEU E 271 30.05 13.71 18.13
N PHE E 272 29.61 14.97 17.94
CA PHE E 272 28.18 15.29 17.94
C PHE E 272 27.51 15.01 16.61
N ASN E 273 28.30 14.79 15.54
CA ASN E 273 27.86 14.25 14.26
C ASN E 273 27.54 12.75 14.34
N ASP E 274 28.13 12.05 15.33
CA ASP E 274 28.03 10.59 15.43
C ASP E 274 26.56 10.17 15.56
N THR E 275 26.11 9.33 14.61
CA THR E 275 24.79 8.69 14.58
C THR E 275 24.35 8.21 15.96
N ASN E 276 25.30 7.63 16.71
CA ASN E 276 25.11 7.02 18.00
C ASN E 276 24.64 8.03 19.06
N LEU E 277 25.06 9.31 18.90
CA LEU E 277 24.74 10.39 19.84
C LEU E 277 23.70 11.36 19.26
N ALA E 278 23.82 11.63 17.94
CA ALA E 278 22.93 12.54 17.22
C ALA E 278 21.47 12.07 17.30
N TYR E 279 21.25 10.77 16.99
CA TYR E 279 19.91 10.19 17.02
C TYR E 279 19.54 9.92 18.49
N ALA E 280 18.43 10.54 18.95
CA ALA E 280 17.93 10.46 20.32
C ALA E 280 17.62 9.02 20.73
N ASN E 281 17.17 8.26 19.72
CA ASN E 281 16.91 6.84 19.71
C ASN E 281 18.16 6.03 20.12
N ARG E 282 19.27 6.26 19.40
CA ARG E 282 20.54 5.56 19.57
C ARG E 282 21.16 5.92 20.93
N ALA E 283 20.89 7.14 21.42
CA ALA E 283 21.51 7.73 22.60
C ALA E 283 20.73 7.52 23.90
N GLY E 284 19.43 7.16 23.81
CA GLY E 284 18.54 7.08 24.97
C GLY E 284 18.14 8.45 25.56
N THR E 285 18.46 9.54 24.84
CA THR E 285 18.02 10.90 25.14
C THR E 285 18.24 11.79 23.91
N ASN E 286 17.43 12.86 23.78
CA ASN E 286 17.64 13.85 22.73
C ASN E 286 18.47 15.04 23.23
N GLU E 287 19.17 14.88 24.36
CA GLU E 287 19.86 16.00 24.99
C GLU E 287 21.13 16.44 24.24
N VAL E 288 21.76 15.52 23.49
CA VAL E 288 22.90 15.87 22.62
C VAL E 288 22.39 16.71 21.45
N LEU E 289 21.34 16.21 20.77
CA LEU E 289 20.71 16.91 19.65
C LEU E 289 20.27 18.31 20.08
N ARG E 290 19.68 18.41 21.29
CA ARG E 290 19.16 19.68 21.80
C ARG E 290 20.26 20.58 22.36
N ASN E 291 21.11 20.05 23.25
CA ASN E 291 21.94 20.87 24.13
C ASN E 291 23.44 20.69 23.89
N ARG E 292 23.81 19.76 22.99
CA ARG E 292 25.19 19.56 22.53
C ARG E 292 26.08 19.16 23.71
N GLU E 293 27.14 19.94 23.98
CA GLU E 293 28.13 19.62 25.01
C GLU E 293 27.57 19.78 26.43
N ASP E 294 26.42 20.46 26.59
CA ASP E 294 25.76 20.68 27.88
C ASP E 294 24.88 19.49 28.27
N ALA E 295 24.83 18.45 27.42
CA ALA E 295 24.05 17.23 27.66
C ALA E 295 24.68 16.41 28.80
N PRO E 296 23.87 15.82 29.73
CA PRO E 296 24.38 14.93 30.79
C PRO E 296 25.17 13.70 30.34
N ILE E 297 24.82 13.17 29.14
CA ILE E 297 25.46 11.99 28.56
C ILE E 297 26.89 12.29 28.06
N VAL E 298 27.16 13.56 27.70
CA VAL E 298 28.48 13.97 27.23
C VAL E 298 29.50 13.93 28.37
N GLY E 299 29.05 14.30 29.59
CA GLY E 299 29.83 14.08 30.79
C GLY E 299 29.79 12.64 31.32
N ASP E 300 29.33 11.67 30.49
CA ASP E 300 29.11 10.30 30.92
C ASP E 300 29.39 9.26 29.81
N ILE E 301 30.15 9.60 28.74
CA ILE E 301 30.40 8.68 27.61
C ILE E 301 31.42 7.60 28.00
N ALA E 302 31.17 6.33 27.58
CA ALA E 302 32.14 5.23 27.52
C ALA E 302 32.91 4.99 28.83
N GLY E 303 32.22 5.16 29.98
CA GLY E 303 32.78 4.90 31.31
C GLY E 303 33.44 6.13 31.95
N LEU E 304 33.59 7.21 31.18
CA LEU E 304 34.19 8.46 31.63
C LEU E 304 33.12 9.29 32.34
N ASP E 305 33.50 10.02 33.40
CA ASP E 305 32.56 10.85 34.16
C ASP E 305 32.90 12.33 34.11
N MET E 306 33.87 12.70 33.27
CA MET E 306 34.17 14.11 33.04
C MET E 306 34.51 14.36 31.57
N HIS E 307 33.91 15.45 31.05
CA HIS E 307 34.30 16.07 29.79
C HIS E 307 34.93 17.44 30.06
N ALA E 308 36.16 17.61 29.52
CA ALA E 308 36.90 18.84 29.62
C ALA E 308 37.09 19.43 28.22
N ALA E 309 36.08 20.20 27.77
CA ALA E 309 36.16 20.94 26.51
C ALA E 309 37.32 21.94 26.58
N MET E 310 38.26 21.86 25.62
CA MET E 310 39.40 22.77 25.60
C MET E 310 39.48 23.54 24.27
N SER E 311 40.14 24.71 24.32
CA SER E 311 40.23 25.67 23.23
C SER E 311 41.33 25.27 22.24
N SER E 312 41.17 25.63 20.96
CA SER E 312 42.13 25.34 19.89
C SER E 312 43.48 26.01 20.14
N ALA E 313 43.45 27.23 20.72
CA ALA E 313 44.62 28.09 20.93
C ALA E 313 45.49 27.68 22.13
N THR E 314 44.97 26.77 22.99
CA THR E 314 45.57 26.43 24.28
C THR E 314 46.84 25.59 24.15
N TYR E 315 46.90 24.71 23.13
CA TYR E 315 48.08 23.89 22.93
C TYR E 315 49.26 24.77 22.49
N ASP E 316 50.47 24.42 22.96
CA ASP E 316 51.68 25.16 22.62
C ASP E 316 52.13 24.86 21.17
N ASP E 317 51.92 25.82 20.25
CA ASP E 317 52.38 25.74 18.86
C ASP E 317 53.89 26.03 18.77
N GLY E 318 54.43 26.75 19.77
CA GLY E 318 55.79 27.27 19.71
C GLY E 318 55.88 28.63 19.02
N THR E 319 54.72 29.24 18.71
CA THR E 319 54.62 30.56 18.10
C THR E 319 54.79 31.67 19.13
N ASP E 320 54.23 31.48 20.35
CA ASP E 320 54.28 32.48 21.40
C ASP E 320 55.69 32.59 21.97
N ILE E 321 56.03 33.78 22.49
CA ILE E 321 57.35 34.05 23.05
C ILE E 321 57.51 33.30 24.38
N GLY E 322 58.65 32.61 24.52
CA GLY E 322 59.01 31.89 25.74
C GLY E 322 58.43 30.47 25.80
N TRP E 323 57.48 30.21 24.90
CA TRP E 323 56.83 28.92 24.75
C TRP E 323 57.54 28.14 23.65
N SER E 324 57.90 26.89 23.95
CA SER E 324 58.57 26.00 23.04
C SER E 324 57.60 24.87 22.67
N GLY E 325 57.33 24.72 21.36
CA GLY E 325 56.17 23.99 20.87
C GLY E 325 56.11 22.54 21.35
N GLY E 326 54.89 22.02 21.47
CA GLY E 326 54.67 20.60 21.74
C GLY E 326 55.06 19.73 20.54
N SER E 327 55.16 18.41 20.74
CA SER E 327 55.60 17.46 19.72
C SER E 327 54.52 17.19 18.66
N GLU E 328 53.25 17.33 19.03
CA GLU E 328 52.10 16.90 18.24
C GLU E 328 51.49 18.07 17.46
N THR E 329 50.36 17.80 16.80
CA THR E 329 49.43 18.82 16.29
C THR E 329 48.08 18.64 17.00
N TRP E 330 47.64 19.71 17.69
CA TRP E 330 46.31 19.78 18.27
C TRP E 330 45.32 20.17 17.18
N GLY E 331 44.23 19.39 17.06
CA GLY E 331 43.26 19.57 16.01
C GLY E 331 42.57 18.26 15.65
N PHE E 332 41.59 18.35 14.74
CA PHE E 332 40.95 17.15 14.23
C PHE E 332 40.50 17.34 12.77
N SER E 333 41.50 17.57 11.87
CA SER E 333 41.25 18.08 10.52
C SER E 333 42.03 17.33 9.44
N SER E 334 43.19 16.73 9.81
CA SER E 334 44.12 16.09 8.86
C SER E 334 44.86 14.94 9.55
N ASP E 335 45.35 13.96 8.76
CA ASP E 335 45.98 12.74 9.27
C ASP E 335 47.16 13.07 10.18
N GLY E 336 47.18 12.44 11.37
CA GLY E 336 48.21 12.69 12.37
C GLY E 336 47.77 13.65 13.49
N ASP E 337 46.71 14.44 13.25
CA ASP E 337 46.17 15.39 14.22
C ASP E 337 45.65 14.65 15.46
N LYS E 338 45.96 15.19 16.64
CA LYS E 338 45.49 14.72 17.94
C LYS E 338 44.32 15.61 18.39
N GLY E 339 43.10 15.04 18.44
CA GLY E 339 41.87 15.80 18.68
C GLY E 339 41.26 15.61 20.06
N ALA E 340 41.64 14.52 20.75
CA ALA E 340 41.12 14.20 22.07
C ALA E 340 42.17 13.40 22.84
N VAL E 341 42.16 13.55 24.18
CA VAL E 341 42.88 12.65 25.06
C VAL E 341 41.88 12.08 26.08
N VAL E 342 41.84 10.75 26.15
CA VAL E 342 41.06 10.00 27.13
C VAL E 342 42.06 9.48 28.17
N TYR E 343 41.79 9.75 29.46
CA TYR E 343 42.81 9.53 30.48
C TYR E 343 42.20 9.36 31.87
N ASP E 344 43.08 8.98 32.80
CA ASP E 344 42.80 8.95 34.23
C ASP E 344 43.22 10.29 34.84
N ARG E 345 42.24 10.98 35.46
CA ARG E 345 42.36 12.30 36.08
C ARG E 345 43.39 12.28 37.22
N ASP E 346 43.52 11.12 37.88
CA ASP E 346 44.39 10.95 39.05
C ASP E 346 45.85 10.65 38.62
N ASN E 347 46.09 10.39 37.32
CA ASN E 347 47.40 9.97 36.81
C ASN E 347 48.10 11.08 36.01
N ILE E 348 47.50 12.27 35.96
CA ILE E 348 48.21 13.46 35.52
C ILE E 348 48.10 14.55 36.59
N HIS E 349 49.23 15.23 36.82
CA HIS E 349 49.38 16.18 37.91
C HIS E 349 49.72 17.56 37.36
N THR E 350 48.98 18.56 37.83
CA THR E 350 49.32 19.96 37.67
C THR E 350 50.00 20.41 38.97
N ILE E 351 51.26 20.84 38.85
CA ILE E 351 52.05 21.20 40.03
C ILE E 351 52.08 22.72 40.13
N LEU E 352 51.45 23.25 41.18
CA LEU E 352 51.39 24.68 41.42
C LEU E 352 52.31 25.05 42.58
N TYR E 353 53.18 26.01 42.29
CA TYR E 353 54.07 26.54 43.30
C TYR E 353 53.87 28.06 43.37
N ALA E 354 53.63 28.57 44.59
CA ALA E 354 53.67 30.00 44.88
C ALA E 354 54.44 30.19 46.19
N PRO E 355 55.38 31.17 46.28
CA PRO E 355 56.10 31.41 47.53
C PRO E 355 55.26 31.88 48.74
N ASN E 356 54.16 32.62 48.48
CA ASN E 356 53.45 33.34 49.53
C ASN E 356 52.10 32.71 49.90
N GLY E 357 51.69 31.66 49.17
CA GLY E 357 50.44 30.95 49.41
C GLY E 357 50.42 29.62 48.67
N GLN E 358 49.20 29.13 48.39
CA GLN E 358 49.01 27.91 47.62
C GLN E 358 48.95 28.21 46.11
N ASP E 359 48.52 29.43 45.75
CA ASP E 359 47.96 29.72 44.43
C ASP E 359 48.42 31.11 43.92
N VAL E 360 47.75 31.59 42.84
CA VAL E 360 47.98 32.87 42.17
C VAL E 360 48.16 33.99 43.18
N GLU E 361 49.25 34.76 43.00
CA GLU E 361 49.44 35.99 43.75
C GLU E 361 49.34 37.21 42.82
N ILE E 362 48.50 38.16 43.24
CA ILE E 362 48.35 39.44 42.58
C ILE E 362 48.90 40.53 43.51
N LYS E 363 49.89 41.27 42.98
CA LYS E 363 50.51 42.40 43.65
C LYS E 363 50.13 43.68 42.90
N ASP E 364 49.91 44.76 43.67
CA ASP E 364 49.68 46.08 43.12
C ASP E 364 50.76 47.04 43.63
N TYR E 365 51.02 48.08 42.83
CA TYR E 365 51.95 49.13 43.22
C TYR E 365 51.46 50.48 42.70
N GLU E 366 51.73 51.52 43.50
CA GLU E 366 51.63 52.88 43.01
C GLU E 366 53.04 53.40 42.72
N ASP E 367 53.16 54.08 41.59
CA ASP E 367 54.33 54.89 41.29
C ASP E 367 53.98 56.35 41.52
N PRO E 368 54.33 56.95 42.69
CA PRO E 368 54.02 58.35 42.99
C PRO E 368 54.88 59.37 42.23
N ILE E 369 55.92 58.87 41.53
CA ILE E 369 56.82 59.70 40.72
C ILE E 369 56.24 59.88 39.31
N ARG E 370 55.30 59.01 38.89
CA ARG E 370 54.73 59.03 37.54
C ARG E 370 53.19 59.02 37.52
N ASP E 371 52.54 58.68 38.66
CA ASP E 371 51.09 58.53 38.82
C ASP E 371 50.54 57.37 38.00
N ILE E 372 51.24 56.23 38.10
CA ILE E 372 50.80 55.00 37.47
C ILE E 372 50.50 53.99 38.57
N THR E 373 49.37 53.30 38.45
CA THR E 373 49.09 52.12 39.25
C THR E 373 49.38 50.89 38.39
N GLY E 374 50.18 49.97 38.96
CA GLY E 374 50.47 48.70 38.31
C GLY E 374 49.78 47.54 39.03
N VAL E 375 49.44 46.51 38.22
CA VAL E 375 48.95 45.22 38.69
C VAL E 375 49.84 44.14 38.06
N ASN E 376 50.34 43.23 38.89
CA ASN E 376 51.13 42.09 38.46
C ASN E 376 50.52 40.79 38.99
N GLY E 377 50.58 39.72 38.18
CA GLY E 377 50.21 38.38 38.61
C GLY E 377 51.30 37.37 38.29
N ARG E 378 51.39 36.33 39.13
CA ARG E 378 52.41 35.30 39.04
C ARG E 378 51.84 33.98 39.55
N LEU E 379 52.29 32.89 38.91
CA LEU E 379 52.16 31.54 39.45
C LEU E 379 53.26 30.68 38.82
N HIS E 380 53.80 29.73 39.59
CA HIS E 380 54.67 28.73 38.99
C HIS E 380 53.89 27.45 38.73
N VAL E 381 54.04 26.91 37.52
CA VAL E 381 53.29 25.75 37.09
C VAL E 381 54.19 24.80 36.28
N ASP E 382 54.00 23.50 36.53
CA ASP E 382 54.41 22.43 35.65
C ASP E 382 53.23 21.45 35.53
N CYS E 383 53.27 20.62 34.50
CA CYS E 383 52.36 19.48 34.44
C CYS E 383 53.14 18.23 34.01
N GLN E 384 52.94 17.12 34.74
CA GLN E 384 53.63 15.85 34.48
C GLN E 384 52.65 14.68 34.69
N TYR E 385 52.74 13.66 33.83
CA TYR E 385 52.05 12.40 34.06
C TYR E 385 52.78 11.58 35.14
N SER E 386 51.98 10.84 35.94
CA SER E 386 52.47 9.70 36.70
C SER E 386 52.57 8.46 35.80
N GLN E 387 51.51 8.20 35.03
CA GLN E 387 51.45 7.10 34.09
C GLN E 387 50.85 7.62 32.77
N GLY E 388 51.72 7.92 31.79
CA GLY E 388 51.31 8.30 30.44
C GLY E 388 50.53 7.19 29.72
N ARG E 389 50.76 5.93 30.15
CA ARG E 389 50.03 4.76 29.65
C ARG E 389 48.55 4.82 30.04
N SER E 390 48.26 5.63 31.08
CA SER E 390 46.91 5.84 31.59
C SER E 390 46.13 6.83 30.72
N SER E 391 46.67 7.19 29.54
CA SER E 391 46.01 8.07 28.59
C SER E 391 46.21 7.61 27.15
N ALA E 392 45.18 7.84 26.32
CA ALA E 392 45.22 7.58 24.89
C ALA E 392 44.77 8.82 24.11
N THR E 393 45.53 9.20 23.08
CA THR E 393 45.11 10.23 22.14
C THR E 393 44.27 9.62 21.03
N VAL E 394 43.32 10.42 20.53
CA VAL E 394 42.55 10.06 19.34
C VAL E 394 43.17 10.80 18.15
N GLN E 395 43.50 10.01 17.11
CA GLN E 395 44.22 10.49 15.94
C GLN E 395 43.34 10.39 14.69
N TYR E 396 43.44 11.41 13.84
CA TYR E 396 42.77 11.47 12.54
C TYR E 396 43.52 10.56 11.56
N PHE F 101 -32.83 38.96 -24.11
CA PHE F 101 -33.98 38.05 -24.52
C PHE F 101 -35.24 38.38 -23.70
N ALA F 102 -35.14 38.07 -22.39
CA ALA F 102 -35.70 38.72 -21.21
C ALA F 102 -34.53 39.53 -20.66
N ALA F 103 -34.68 40.34 -19.60
CA ALA F 103 -33.47 40.96 -19.06
C ALA F 103 -32.60 39.87 -18.38
N SER F 104 -31.27 39.88 -18.63
CA SER F 104 -30.34 38.87 -18.10
C SER F 104 -28.95 39.48 -17.90
N ASP F 105 -28.11 38.85 -17.06
CA ASP F 105 -26.77 39.36 -16.71
C ASP F 105 -25.90 39.65 -17.93
N PRO F 106 -25.59 38.66 -18.82
CA PRO F 106 -24.62 38.88 -19.90
C PRO F 106 -24.97 40.05 -20.83
N GLU F 107 -26.27 40.38 -20.93
CA GLU F 107 -26.73 41.52 -21.71
C GLU F 107 -26.41 42.84 -21.00
N TYR F 108 -26.64 42.90 -19.67
CA TYR F 108 -26.69 44.16 -18.94
C TYR F 108 -25.65 44.23 -17.80
N VAL F 109 -24.54 43.49 -17.96
CA VAL F 109 -23.45 43.35 -17.00
C VAL F 109 -22.80 44.70 -16.62
N ASP F 110 -22.89 45.69 -17.52
CA ASP F 110 -22.22 46.98 -17.34
C ASP F 110 -23.17 48.13 -17.72
N THR F 111 -24.50 47.89 -17.65
CA THR F 111 -25.51 48.88 -18.02
C THR F 111 -26.65 48.99 -17.00
N LEU F 112 -26.97 47.89 -16.26
CA LEU F 112 -27.97 47.89 -15.20
C LEU F 112 -27.35 47.63 -13.83
N PHE F 113 -26.12 47.09 -13.81
CA PHE F 113 -25.35 46.93 -12.59
C PHE F 113 -23.86 46.98 -12.92
N ARG F 114 -23.05 47.13 -11.86
CA ARG F 114 -21.60 47.01 -11.91
C ARG F 114 -21.22 45.66 -11.28
N GLU F 115 -20.26 44.96 -11.91
CA GLU F 115 -19.61 43.78 -11.33
C GLU F 115 -19.08 44.15 -9.93
N GLN F 116 -19.23 43.23 -8.96
CA GLN F 116 -18.81 43.55 -7.59
C GLN F 116 -17.30 43.78 -7.55
N LEU F 117 -16.90 44.79 -6.75
CA LEU F 117 -15.53 44.86 -6.29
C LEU F 117 -15.50 44.58 -4.79
N LEU F 118 -14.63 43.64 -4.37
CA LEU F 118 -14.63 43.18 -2.99
C LEU F 118 -14.15 44.29 -2.06
N GLU F 119 -14.81 44.41 -0.90
CA GLU F 119 -14.58 45.47 0.08
C GLU F 119 -13.22 45.30 0.78
N VAL F 120 -12.78 44.04 0.87
CA VAL F 120 -11.50 43.65 1.46
C VAL F 120 -10.46 43.58 0.34
N VAL F 121 -9.38 44.36 0.50
CA VAL F 121 -8.19 44.18 -0.33
C VAL F 121 -7.36 43.05 0.28
N MET F 122 -6.91 42.10 -0.58
CA MET F 122 -6.16 40.94 -0.13
C MET F 122 -4.65 41.24 -0.12
N GLU F 123 -4.00 40.81 0.98
CA GLU F 123 -2.61 41.13 1.29
C GLU F 123 -1.64 40.45 0.31
N GLY F 124 -0.53 41.15 0.03
CA GLY F 124 0.60 40.57 -0.67
C GLY F 124 1.47 39.72 0.26
N ARG F 125 2.70 39.47 -0.20
CA ARG F 125 3.73 38.72 0.50
C ARG F 125 4.11 39.47 1.79
N GLU F 126 4.08 38.75 2.92
CA GLU F 126 4.56 39.28 4.20
C GLU F 126 5.94 38.69 4.49
N LEU F 127 6.96 39.55 4.60
CA LEU F 127 8.28 39.09 4.97
C LEU F 127 8.36 38.87 6.49
N ARG F 128 9.19 37.89 6.91
CA ARG F 128 9.34 37.53 8.32
C ARG F 128 10.17 38.59 9.05
N LYS F 129 9.64 39.03 10.20
CA LYS F 129 10.18 40.13 11.00
C LYS F 129 10.69 39.57 12.33
N VAL F 130 12.02 39.50 12.49
CA VAL F 130 12.65 38.75 13.58
C VAL F 130 13.82 39.49 14.25
N ALA F 131 14.38 40.52 13.59
CA ALA F 131 15.62 41.21 14.00
C ALA F 131 15.65 41.63 15.48
N ARG F 132 14.50 42.11 15.99
CA ARG F 132 14.35 42.60 17.36
C ARG F 132 14.49 41.47 18.38
N GLU F 133 14.03 40.26 18.04
CA GLU F 133 14.15 39.10 18.91
C GLU F 133 15.53 38.46 18.76
N ALA F 134 16.07 38.57 17.53
CA ALA F 134 17.21 37.81 17.05
C ALA F 134 18.56 38.49 17.37
N SER F 135 18.54 39.70 17.96
CA SER F 135 19.76 40.45 18.26
C SER F 135 19.62 41.21 19.58
N ASN F 136 20.75 41.71 20.11
CA ASN F 136 20.70 42.72 21.16
C ASN F 136 20.22 44.03 20.55
N VAL F 137 19.11 44.59 21.06
CA VAL F 137 18.58 45.85 20.55
C VAL F 137 18.98 46.98 21.50
N ILE F 138 19.64 48.00 20.93
CA ILE F 138 19.94 49.24 21.62
C ILE F 138 18.96 50.30 21.14
N ASN F 139 18.17 50.83 22.07
CA ASN F 139 17.43 52.06 21.85
C ASN F 139 18.36 53.23 22.18
N ALA F 140 19.07 53.72 21.15
CA ALA F 140 20.14 54.69 21.32
C ALA F 140 19.58 56.07 21.67
N ASN F 141 20.36 56.81 22.47
CA ASN F 141 20.08 58.20 22.79
C ASN F 141 20.54 59.12 21.65
N THR F 142 21.53 58.65 20.86
CA THR F 142 22.12 59.39 19.76
C THR F 142 22.18 58.53 18.49
N ARG F 143 22.12 59.20 17.33
CA ARG F 143 22.16 58.58 16.00
C ARG F 143 23.51 57.90 15.74
N VAL F 144 24.56 58.47 16.34
CA VAL F 144 25.92 57.96 16.28
C VAL F 144 26.40 57.71 17.71
N GLY F 145 27.16 56.62 17.88
CA GLY F 145 27.65 56.18 19.17
C GLY F 145 28.63 55.02 18.97
N ASP F 146 29.32 54.67 20.05
CA ASP F 146 30.36 53.64 20.00
C ASP F 146 30.10 52.62 21.10
N VAL F 147 30.38 51.33 20.81
CA VAL F 147 30.32 50.24 21.78
C VAL F 147 31.75 49.82 22.13
N PRO F 148 32.16 49.86 23.43
CA PRO F 148 33.52 49.45 23.82
C PRO F 148 33.74 47.93 23.79
N ILE F 149 34.84 47.54 23.12
CA ILE F 149 35.27 46.15 22.97
C ILE F 149 36.60 45.97 23.72
N ALA F 150 36.69 44.90 24.52
CA ALA F 150 37.93 44.53 25.19
C ALA F 150 38.72 43.52 24.36
N SER F 151 40.06 43.51 24.55
CA SER F 151 40.99 42.57 23.92
C SER F 151 40.63 41.13 24.28
N ASP F 152 41.03 40.20 23.39
CA ASP F 152 41.09 38.78 23.67
C ASP F 152 41.94 38.52 24.91
N GLU F 153 41.60 37.43 25.62
CA GLU F 153 42.48 36.84 26.60
C GLU F 153 43.77 36.38 25.90
N GLU F 154 44.89 36.50 26.63
CA GLU F 154 46.17 35.98 26.18
C GLU F 154 46.66 34.93 27.18
N PHE F 155 47.90 34.48 26.97
CA PHE F 155 48.56 33.50 27.84
C PHE F 155 49.64 34.22 28.64
N ALA F 156 49.71 33.94 29.95
CA ALA F 156 50.77 34.44 30.82
C ALA F 156 52.13 33.96 30.32
N ARG F 157 53.14 34.81 30.55
CA ARG F 157 54.44 34.68 29.90
C ARG F 157 55.41 33.97 30.85
N PRO F 158 56.15 32.92 30.39
CA PRO F 158 57.18 32.29 31.22
C PRO F 158 58.39 33.23 31.36
N THR F 159 58.80 33.48 32.61
CA THR F 159 59.81 34.48 32.93
C THR F 159 60.87 33.91 33.89
N GLY F 160 62.06 34.53 33.88
CA GLY F 160 63.12 34.17 34.79
C GLY F 160 62.78 34.57 36.22
N GLN F 161 63.40 33.89 37.19
CA GLN F 161 63.27 34.26 38.59
C GLN F 161 64.01 35.57 38.84
N GLY F 162 63.35 36.54 39.49
CA GLY F 162 63.93 37.85 39.76
C GLY F 162 63.95 38.77 38.52
N ALA F 163 63.25 38.37 37.45
CA ALA F 163 63.10 39.19 36.25
C ALA F 163 61.87 40.08 36.38
N GLU F 164 61.93 41.27 35.75
CA GLU F 164 60.81 42.19 35.61
C GLU F 164 59.63 41.50 34.91
N ILE F 165 58.45 41.58 35.54
CA ILE F 165 57.19 41.24 34.89
C ILE F 165 56.88 42.34 33.87
N ARG F 166 56.64 41.91 32.62
CA ARG F 166 56.35 42.79 31.48
C ARG F 166 54.85 43.05 31.40
N ASP F 167 54.53 44.14 30.69
CA ASP F 167 53.16 44.65 30.55
C ASP F 167 52.56 44.16 29.24
N ASP F 168 51.37 43.55 29.36
CA ASP F 168 50.48 43.23 28.26
C ASP F 168 49.05 43.47 28.78
N GLY F 169 48.75 44.74 29.07
CA GLY F 169 47.50 45.15 29.68
C GLY F 169 46.31 44.98 28.75
N GLU F 170 45.10 45.15 29.31
CA GLU F 170 43.89 45.09 28.49
C GLU F 170 43.85 46.31 27.57
N THR F 171 43.87 46.05 26.25
CA THR F 171 43.65 47.10 25.26
C THR F 171 42.19 47.08 24.82
N TYR F 172 41.74 48.24 24.33
CA TYR F 172 40.34 48.47 24.02
C TYR F 172 40.21 49.11 22.64
N THR F 173 39.08 48.85 22.00
CA THR F 173 38.65 49.51 20.77
C THR F 173 37.14 49.74 20.84
N THR F 174 36.51 50.20 19.75
CA THR F 174 35.07 50.36 19.70
C THR F 174 34.52 49.88 18.37
N VAL F 175 33.23 49.50 18.38
CA VAL F 175 32.45 49.42 17.15
C VAL F 175 31.47 50.60 17.12
N ALA F 176 31.49 51.33 16.00
CA ALA F 176 30.74 52.57 15.84
C ALA F 176 29.41 52.28 15.13
N TRP F 177 28.33 52.85 15.68
CA TRP F 177 27.06 52.83 14.97
C TRP F 177 26.81 54.19 14.31
N ASN F 178 26.34 54.12 13.06
CA ASN F 178 25.89 55.28 12.30
C ASN F 178 24.47 54.96 11.80
N ALA F 179 23.46 55.26 12.64
CA ALA F 179 22.09 54.85 12.38
C ALA F 179 21.53 55.61 11.17
N THR F 180 21.41 54.88 10.03
CA THR F 180 20.92 55.40 8.76
C THR F 180 19.41 55.58 8.85
N LYS F 181 18.90 56.72 8.33
CA LYS F 181 17.47 56.94 8.23
C LYS F 181 16.90 56.02 7.14
N LEU F 182 15.99 55.12 7.55
CA LEU F 182 15.18 54.38 6.60
C LEU F 182 13.83 55.07 6.45
N THR F 183 13.41 55.29 5.21
CA THR F 183 12.20 56.05 4.94
C THR F 183 11.35 55.39 3.86
N GLU F 184 10.03 55.45 4.11
CA GLU F 184 9.03 55.02 3.15
C GLU F 184 7.99 56.13 3.00
N GLY F 185 7.67 56.47 1.75
CA GLY F 185 6.65 57.45 1.42
C GLY F 185 5.60 56.87 0.47
N SER F 186 4.39 57.46 0.50
CA SER F 186 3.29 57.13 -0.39
C SER F 186 2.39 58.36 -0.57
N ARG F 187 1.92 58.59 -1.81
CA ARG F 187 1.03 59.71 -2.11
C ARG F 187 -0.23 59.22 -2.82
N VAL F 188 -1.36 59.90 -2.53
CA VAL F 188 -2.71 59.54 -2.97
C VAL F 188 -3.45 60.84 -3.31
N THR F 189 -4.16 60.87 -4.44
CA THR F 189 -5.02 62.01 -4.79
C THR F 189 -6.27 61.97 -3.91
N ASP F 190 -6.86 63.15 -3.63
CA ASP F 190 -8.07 63.23 -2.82
C ASP F 190 -9.22 62.46 -3.46
N GLU F 191 -9.29 62.46 -4.80
CA GLU F 191 -10.29 61.71 -5.56
C GLU F 191 -10.10 60.21 -5.42
N MET F 192 -8.84 59.74 -5.34
CA MET F 192 -8.56 58.33 -5.12
C MET F 192 -8.99 57.89 -3.72
N ARG F 193 -8.60 58.63 -2.67
CA ARG F 193 -9.01 58.27 -1.32
C ARG F 193 -10.53 58.37 -1.12
N ASP F 194 -11.20 59.26 -1.87
CA ASP F 194 -12.65 59.35 -1.85
C ASP F 194 -13.30 58.11 -2.49
N GLN F 195 -12.88 57.79 -3.72
CA GLN F 195 -13.60 56.81 -4.54
C GLN F 195 -13.35 55.37 -4.08
N ALA F 196 -12.15 55.09 -3.54
CA ALA F 196 -11.74 53.75 -3.11
C ALA F 196 -12.64 53.24 -1.99
N MET F 197 -12.97 51.92 -2.04
CA MET F 197 -13.84 51.29 -1.05
C MET F 197 -13.09 51.03 0.26
N VAL F 198 -11.74 51.04 0.20
CA VAL F 198 -10.82 50.76 1.30
C VAL F 198 -10.38 52.10 1.90
N ASP F 199 -10.02 52.10 3.20
CA ASP F 199 -9.29 53.24 3.77
C ASP F 199 -7.85 53.14 3.29
N LEU F 200 -7.50 53.93 2.27
CA LEU F 200 -6.18 53.88 1.63
C LEU F 200 -5.08 54.48 2.49
N ILE F 201 -5.44 55.44 3.37
CA ILE F 201 -4.44 56.05 4.23
C ILE F 201 -4.10 55.12 5.38
N GLU F 202 -5.12 54.37 5.88
CA GLU F 202 -4.87 53.25 6.78
C GLU F 202 -3.97 52.21 6.10
N ARG F 203 -4.28 51.84 4.84
CA ARG F 203 -3.45 50.91 4.06
C ARG F 203 -2.00 51.37 3.99
N ASN F 204 -1.80 52.63 3.57
CA ASN F 204 -0.47 53.17 3.32
C ASN F 204 0.32 53.35 4.62
N ILE F 205 -0.39 53.71 5.71
CA ILE F 205 0.18 53.72 7.06
C ILE F 205 0.73 52.32 7.42
N GLN F 206 -0.08 51.27 7.20
CA GLN F 206 0.34 49.89 7.46
C GLN F 206 1.52 49.47 6.58
N ARG F 207 1.52 49.89 5.31
CA ARG F 207 2.62 49.58 4.39
C ARG F 207 3.93 50.23 4.84
N VAL F 208 3.83 51.49 5.29
CA VAL F 208 4.98 52.27 5.73
C VAL F 208 5.65 51.55 6.92
N GLY F 209 4.84 51.19 7.94
CA GLY F 209 5.31 50.47 9.13
C GLY F 209 5.98 49.14 8.80
N ALA F 210 5.36 48.36 7.89
CA ALA F 210 5.88 47.07 7.46
C ALA F 210 7.19 47.21 6.67
N SER F 211 7.24 48.23 5.80
CA SER F 211 8.41 48.56 4.98
C SER F 211 9.62 48.97 5.83
N LEU F 212 9.35 49.69 6.94
CA LEU F 212 10.39 50.06 7.92
C LEU F 212 10.91 48.84 8.69
N GLU F 213 9.99 47.94 9.09
CA GLU F 213 10.34 46.69 9.77
C GLU F 213 11.21 45.80 8.88
N ASN F 214 10.80 45.66 7.60
CA ASN F 214 11.53 44.94 6.57
C ASN F 214 12.93 45.53 6.37
N GLY F 215 13.03 46.87 6.42
CA GLY F 215 14.28 47.62 6.40
C GLY F 215 15.22 47.29 7.56
N ILE F 216 14.71 47.21 8.81
CA ILE F 216 15.47 46.79 9.98
C ILE F 216 16.05 45.39 9.73
N ASN F 217 15.18 44.49 9.24
CA ASN F 217 15.52 43.09 9.00
C ASN F 217 16.55 42.95 7.88
N ARG F 218 16.49 43.81 6.85
CA ARG F 218 17.51 43.83 5.80
C ARG F 218 18.87 44.23 6.37
N VAL F 219 18.93 45.35 7.11
CA VAL F 219 20.16 45.85 7.72
C VAL F 219 20.76 44.78 8.65
N PHE F 220 19.88 44.09 9.41
CA PHE F 220 20.27 43.02 10.33
C PHE F 220 20.85 41.81 9.58
N LEU F 221 20.07 41.22 8.67
CA LEU F 221 20.47 40.00 7.95
C LEU F 221 21.71 40.24 7.09
N THR F 222 21.80 41.42 6.47
CA THR F 222 22.94 41.79 5.62
C THR F 222 24.23 41.86 6.44
N GLU F 223 24.21 42.59 7.57
CA GLU F 223 25.35 42.68 8.48
C GLU F 223 25.78 41.29 8.95
N LEU F 224 24.77 40.49 9.33
CA LEU F 224 24.97 39.17 9.92
C LEU F 224 25.66 38.21 8.94
N VAL F 225 25.18 38.21 7.67
CA VAL F 225 25.68 37.34 6.60
C VAL F 225 27.06 37.81 6.11
N ASP F 226 27.20 39.13 5.82
CA ASP F 226 28.41 39.67 5.24
C ASP F 226 29.60 39.62 6.21
N ASN F 227 29.35 39.95 7.49
CA ASN F 227 30.42 40.20 8.46
C ASN F 227 30.65 39.05 9.46
N ALA F 228 29.99 37.90 9.23
CA ALA F 228 30.33 36.64 9.91
C ALA F 228 31.74 36.22 9.48
N GLN F 229 32.64 35.99 10.46
CA GLN F 229 34.05 35.73 10.19
C GLN F 229 34.31 34.27 9.81
N ASN F 230 33.45 33.35 10.29
CA ASN F 230 33.59 31.93 10.04
C ASN F 230 32.57 31.43 9.01
N ASN F 231 32.81 30.20 8.53
CA ASN F 231 32.05 29.58 7.46
C ASN F 231 32.17 28.06 7.56
N HIS F 232 31.06 27.35 7.24
CA HIS F 232 31.12 25.92 6.98
C HIS F 232 30.63 25.63 5.56
N ASP F 233 31.54 25.15 4.70
CA ASP F 233 31.20 24.73 3.35
C ASP F 233 30.72 23.28 3.40
N THR F 234 29.43 23.07 3.12
CA THR F 234 28.83 21.75 3.13
C THR F 234 29.21 20.93 1.89
N ALA F 235 29.62 21.61 0.80
CA ALA F 235 29.90 21.00 -0.49
C ALA F 235 28.77 20.05 -0.91
N GLY F 236 27.53 20.57 -0.92
CA GLY F 236 26.34 19.90 -1.43
C GLY F 236 25.87 18.67 -0.64
N SER F 237 26.48 18.39 0.53
CA SER F 237 26.29 17.14 1.25
C SER F 237 26.34 17.34 2.77
N ASN F 238 25.71 16.42 3.55
CA ASN F 238 25.56 16.48 5.01
C ASN F 238 24.92 17.78 5.48
N GLN F 239 24.06 18.35 4.62
CA GLN F 239 23.27 19.53 4.93
C GLN F 239 22.18 19.14 5.93
N GLY F 240 21.94 19.98 6.95
CA GLY F 240 21.00 19.65 8.01
C GLY F 240 21.60 19.85 9.41
N TYR F 241 21.39 18.85 10.28
CA TYR F 241 21.90 18.95 11.65
C TYR F 241 23.43 18.98 11.65
N GLN F 242 24.07 18.23 10.74
CA GLN F 242 25.53 18.14 10.67
C GLN F 242 26.15 19.47 10.25
N ALA F 243 25.54 20.14 9.25
CA ALA F 243 25.95 21.47 8.82
C ALA F 243 25.80 22.52 9.94
N LEU F 244 24.72 22.38 10.73
CA LEU F 244 24.43 23.26 11.85
C LEU F 244 25.43 23.06 12.99
N ASN F 245 25.70 21.79 13.32
CA ASN F 245 26.68 21.35 14.33
C ASN F 245 28.10 21.78 13.93
N SER F 246 28.40 21.71 12.62
CA SER F 246 29.67 22.15 12.04
C SER F 246 29.87 23.66 12.21
N ALA F 247 28.82 24.44 11.93
CA ALA F 247 28.85 25.89 12.14
C ALA F 247 29.07 26.25 13.62
N VAL F 248 28.38 25.54 14.56
CA VAL F 248 28.59 25.70 15.99
C VAL F 248 30.05 25.37 16.34
N GLY F 249 30.58 24.29 15.75
CA GLY F 249 31.99 23.90 15.84
C GLY F 249 32.97 25.00 15.37
N GLU F 250 32.67 25.65 14.24
CA GLU F 250 33.49 26.74 13.69
C GLU F 250 33.53 27.96 14.62
N VAL F 251 32.42 28.21 15.34
CA VAL F 251 32.33 29.30 16.31
C VAL F 251 33.04 28.91 17.62
N ASP F 252 32.87 27.63 18.01
CA ASP F 252 33.51 27.00 19.16
C ASP F 252 35.05 27.01 19.01
N LYS F 253 35.53 26.86 17.75
CA LYS F 253 36.95 26.89 17.39
C LYS F 253 37.56 28.28 17.51
N ASP F 254 36.73 29.33 17.40
CA ASP F 254 37.14 30.71 17.71
C ASP F 254 36.75 31.10 19.16
N ASP F 255 36.34 30.12 20.01
CA ASP F 255 36.13 30.24 21.46
C ASP F 255 34.93 31.12 21.86
N PHE F 256 33.85 31.12 21.06
CA PHE F 256 32.58 31.75 21.41
C PHE F 256 31.46 30.70 21.45
N ARG F 257 30.43 30.95 22.27
CA ARG F 257 29.24 30.11 22.36
C ARG F 257 28.09 30.75 21.57
N PRO F 258 27.70 30.22 20.37
CA PRO F 258 26.48 30.68 19.70
C PRO F 258 25.23 30.15 20.41
N ASP F 259 24.13 30.89 20.26
CA ASP F 259 22.86 30.56 20.90
C ASP F 259 21.68 30.72 19.93
N THR F 260 21.94 31.24 18.71
CA THR F 260 20.88 31.56 17.76
C THR F 260 21.30 31.12 16.36
N TYR F 261 20.28 30.84 15.51
CA TYR F 261 20.50 30.73 14.08
C TYR F 261 19.38 31.41 13.29
N VAL F 262 19.79 32.10 12.21
CA VAL F 262 18.88 32.54 11.14
C VAL F 262 18.95 31.54 10.00
N THR F 263 17.88 31.50 9.19
CA THR F 263 17.70 30.45 8.20
C THR F 263 16.98 30.98 6.96
N HIS F 264 17.46 30.57 5.77
CA HIS F 264 16.80 30.74 4.48
C HIS F 264 15.65 29.74 4.35
N PRO F 265 14.52 30.06 3.64
CA PRO F 265 13.44 29.09 3.38
C PRO F 265 13.88 27.73 2.83
N ASP F 266 14.87 27.72 1.91
CA ASP F 266 15.41 26.49 1.33
C ASP F 266 16.17 25.68 2.40
N TYR F 267 16.97 26.36 3.24
CA TYR F 267 17.70 25.67 4.29
C TYR F 267 16.75 25.01 5.28
N ARG F 268 15.71 25.76 5.72
CA ARG F 268 14.66 25.23 6.59
C ARG F 268 14.06 23.96 5.99
N THR F 269 13.75 24.01 4.68
CA THR F 269 13.12 22.91 3.95
C THR F 269 14.00 21.64 3.96
N GLN F 270 15.29 21.82 3.66
CA GLN F 270 16.30 20.77 3.66
C GLN F 270 16.54 20.23 5.08
N LEU F 271 16.48 21.13 6.09
CA LEU F 271 16.66 20.77 7.50
C LEU F 271 15.52 19.88 8.02
N PHE F 272 14.28 20.19 7.59
CA PHE F 272 13.09 19.43 8.00
C PHE F 272 12.94 18.10 7.23
N ASN F 273 13.63 17.98 6.09
CA ASN F 273 13.80 16.71 5.38
C ASN F 273 14.83 15.80 6.06
N ASP F 274 15.68 16.35 6.95
CA ASP F 274 16.73 15.60 7.65
C ASP F 274 16.09 14.50 8.49
N THR F 275 16.49 13.24 8.24
CA THR F 275 15.93 12.07 8.91
C THR F 275 16.13 12.11 10.44
N ASN F 276 17.17 12.85 10.88
CA ASN F 276 17.46 13.08 12.29
C ASN F 276 16.34 13.91 12.94
N LEU F 277 15.73 14.83 12.18
CA LEU F 277 14.65 15.68 12.68
C LEU F 277 13.27 15.11 12.32
N ALA F 278 13.19 14.42 11.17
CA ALA F 278 11.93 13.96 10.57
C ALA F 278 11.41 12.68 11.23
N TYR F 279 12.32 11.75 11.57
CA TYR F 279 11.93 10.51 12.26
C TYR F 279 11.82 10.82 13.76
N ALA F 280 10.61 10.65 14.32
CA ALA F 280 10.27 11.06 15.68
C ALA F 280 11.20 10.45 16.73
N ASN F 281 11.60 9.19 16.53
CA ASN F 281 12.54 8.48 17.40
C ASN F 281 13.94 9.11 17.35
N ARG F 282 14.45 9.43 16.15
CA ARG F 282 15.74 10.07 15.95
C ARG F 282 15.77 11.48 16.56
N ALA F 283 14.61 12.18 16.55
CA ALA F 283 14.47 13.54 17.08
C ALA F 283 14.16 13.58 18.58
N GLY F 284 13.60 12.47 19.13
CA GLY F 284 13.09 12.43 20.50
C GLY F 284 11.69 13.03 20.69
N THR F 285 11.12 13.65 19.64
CA THR F 285 9.75 14.13 19.60
C THR F 285 9.22 14.05 18.16
N ASN F 286 7.89 13.95 18.00
CA ASN F 286 7.25 14.03 16.68
C ASN F 286 6.90 15.49 16.30
N GLU F 287 7.42 16.46 17.07
CA GLU F 287 7.03 17.87 16.95
C GLU F 287 7.40 18.48 15.59
N VAL F 288 8.57 18.11 15.02
CA VAL F 288 8.98 18.65 13.72
C VAL F 288 8.02 18.15 12.64
N LEU F 289 7.78 16.82 12.66
CA LEU F 289 6.91 16.12 11.72
C LEU F 289 5.50 16.73 11.73
N ARG F 290 5.03 17.13 12.92
CA ARG F 290 3.71 17.73 13.09
C ARG F 290 3.71 19.23 12.76
N ASN F 291 4.62 19.99 13.39
CA ASN F 291 4.48 21.44 13.51
C ASN F 291 5.55 22.23 12.75
N ARG F 292 6.51 21.53 12.11
CA ARG F 292 7.57 22.11 11.29
C ARG F 292 8.43 23.10 12.10
N GLU F 293 8.39 24.42 11.79
CA GLU F 293 9.28 25.36 12.51
C GLU F 293 8.70 25.83 13.85
N ASP F 294 7.40 25.55 14.11
CA ASP F 294 6.74 25.88 15.36
C ASP F 294 7.10 24.86 16.46
N ALA F 295 7.86 23.80 16.10
CA ALA F 295 8.32 22.77 17.03
C ALA F 295 9.31 23.35 18.04
N PRO F 296 9.20 22.99 19.35
CA PRO F 296 10.12 23.49 20.38
C PRO F 296 11.59 23.07 20.24
N ILE F 297 11.83 21.98 19.49
CA ILE F 297 13.19 21.50 19.23
C ILE F 297 13.90 22.36 18.17
N VAL F 298 13.14 23.04 17.30
CA VAL F 298 13.72 23.88 16.26
C VAL F 298 14.41 25.10 16.90
N GLY F 299 13.82 25.60 17.99
CA GLY F 299 14.47 26.60 18.83
C GLY F 299 15.26 26.00 19.99
N ASP F 300 15.71 24.74 19.86
CA ASP F 300 16.46 24.04 20.90
C ASP F 300 17.30 22.91 20.28
N ILE F 301 18.24 23.29 19.40
CA ILE F 301 19.05 22.37 18.60
C ILE F 301 20.52 22.80 18.64
N ALA F 302 21.45 21.83 18.78
CA ALA F 302 22.90 22.03 18.81
C ALA F 302 23.35 23.06 19.87
N GLY F 303 22.61 23.16 21.00
CA GLY F 303 22.93 24.11 22.06
C GLY F 303 22.35 25.52 21.84
N LEU F 304 21.83 25.78 20.63
CA LEU F 304 21.16 27.03 20.27
C LEU F 304 19.76 27.04 20.90
N ASP F 305 19.33 28.21 21.42
CA ASP F 305 18.05 28.35 22.11
C ASP F 305 17.05 29.21 21.34
N MET F 306 17.40 29.63 20.11
CA MET F 306 16.52 30.47 19.31
C MET F 306 16.69 30.18 17.82
N HIS F 307 15.56 30.17 17.12
CA HIS F 307 15.50 30.13 15.67
C HIS F 307 14.87 31.42 15.14
N ALA F 308 15.57 32.05 14.19
CA ALA F 308 15.08 33.22 13.48
C ALA F 308 14.77 32.84 12.03
N ALA F 309 13.52 32.42 11.78
CA ALA F 309 13.03 32.16 10.44
C ALA F 309 13.04 33.46 9.64
N MET F 310 13.81 33.47 8.53
CA MET F 310 14.05 34.66 7.71
C MET F 310 13.54 34.43 6.28
N SER F 311 13.16 35.53 5.61
CA SER F 311 12.62 35.52 4.26
C SER F 311 13.77 35.51 3.24
N SER F 312 13.47 35.05 2.02
CA SER F 312 14.43 35.01 0.91
C SER F 312 14.82 36.42 0.44
N ALA F 313 13.84 37.35 0.41
CA ALA F 313 14.01 38.69 -0.15
C ALA F 313 14.75 39.65 0.79
N THR F 314 14.90 39.29 2.09
CA THR F 314 15.36 40.18 3.16
C THR F 314 16.82 40.60 2.96
N TYR F 315 17.67 39.69 2.45
CA TYR F 315 19.07 40.00 2.24
C TYR F 315 19.22 41.07 1.15
N ASP F 316 20.29 41.87 1.26
CA ASP F 316 20.59 42.92 0.30
C ASP F 316 21.34 42.34 -0.91
N ASP F 317 20.57 41.93 -1.94
CA ASP F 317 21.06 41.46 -3.23
C ASP F 317 21.76 42.59 -4.02
N GLY F 318 21.43 43.86 -3.69
CA GLY F 318 21.88 45.03 -4.45
C GLY F 318 20.97 45.38 -5.64
N THR F 319 19.82 44.70 -5.75
CA THR F 319 18.86 44.89 -6.83
C THR F 319 17.82 45.97 -6.51
N ASP F 320 17.47 46.10 -5.22
CA ASP F 320 16.56 47.15 -4.77
C ASP F 320 17.29 48.49 -4.79
N ILE F 321 16.54 49.53 -5.17
CA ILE F 321 17.09 50.83 -5.47
C ILE F 321 17.34 51.59 -4.17
N GLY F 322 18.54 52.19 -4.06
CA GLY F 322 19.02 52.81 -2.84
C GLY F 322 19.79 51.84 -1.94
N TRP F 323 19.82 50.55 -2.29
CA TRP F 323 20.54 49.56 -1.52
C TRP F 323 21.80 49.11 -2.28
N SER F 324 22.98 49.28 -1.64
CA SER F 324 24.26 48.86 -2.17
C SER F 324 24.54 47.43 -1.70
N GLY F 325 24.49 46.46 -2.62
CA GLY F 325 24.41 45.04 -2.30
C GLY F 325 25.52 44.53 -1.39
N GLY F 326 25.18 43.47 -0.62
CA GLY F 326 26.13 42.79 0.24
C GLY F 326 27.10 41.92 -0.55
N SER F 327 28.10 41.35 0.15
CA SER F 327 29.19 40.59 -0.45
C SER F 327 28.77 39.16 -0.85
N GLU F 328 27.71 38.62 -0.22
CA GLU F 328 27.34 37.21 -0.30
C GLU F 328 26.14 36.99 -1.23
N THR F 329 25.74 35.71 -1.37
CA THR F 329 24.46 35.32 -1.93
C THR F 329 23.66 34.55 -0.87
N TRP F 330 22.51 35.12 -0.47
CA TRP F 330 21.61 34.48 0.48
C TRP F 330 20.68 33.52 -0.26
N GLY F 331 20.83 32.22 0.05
CA GLY F 331 20.06 31.16 -0.58
C GLY F 331 20.48 29.81 -0.03
N PHE F 332 19.86 28.73 -0.52
CA PHE F 332 20.36 27.40 -0.25
C PHE F 332 20.03 26.44 -1.39
N SER F 333 20.46 26.80 -2.62
CA SER F 333 19.94 26.20 -3.84
C SER F 333 21.02 26.00 -4.90
N SER F 334 22.18 26.64 -4.72
CA SER F 334 23.26 26.57 -5.69
C SER F 334 24.61 26.73 -4.98
N ASP F 335 25.65 26.17 -5.61
CA ASP F 335 27.03 26.12 -5.16
C ASP F 335 27.55 27.51 -4.77
N GLY F 336 27.71 27.73 -3.44
CA GLY F 336 28.26 28.98 -2.91
C GLY F 336 27.26 29.83 -2.11
N ASP F 337 25.98 29.43 -2.07
CA ASP F 337 24.97 30.18 -1.34
C ASP F 337 25.19 30.04 0.17
N LYS F 338 24.96 31.14 0.91
CA LYS F 338 24.89 31.13 2.37
C LYS F 338 23.41 31.03 2.78
N GLY F 339 23.04 29.94 3.50
CA GLY F 339 21.64 29.61 3.76
C GLY F 339 21.24 29.62 5.22
N ALA F 340 22.23 29.68 6.12
CA ALA F 340 22.01 29.86 7.55
C ALA F 340 23.18 30.66 8.12
N VAL F 341 22.93 31.37 9.21
CA VAL F 341 24.01 31.92 10.04
C VAL F 341 23.73 31.52 11.50
N VAL F 342 24.76 30.93 12.10
CA VAL F 342 24.74 30.50 13.50
C VAL F 342 25.58 31.51 14.28
N TYR F 343 25.06 32.03 15.40
CA TYR F 343 25.69 33.18 16.04
C TYR F 343 25.30 33.31 17.52
N ASP F 344 26.05 34.19 18.22
CA ASP F 344 25.74 34.64 19.57
C ASP F 344 24.88 35.91 19.48
N ARG F 345 23.63 35.81 19.98
CA ARG F 345 22.60 36.86 19.95
C ARG F 345 23.09 38.16 20.58
N ASP F 346 23.94 38.04 21.62
CA ASP F 346 24.45 39.18 22.39
C ASP F 346 25.59 39.90 21.65
N ASN F 347 26.21 39.23 20.65
CA ASN F 347 27.39 39.75 19.96
C ASN F 347 27.03 40.36 18.60
N ILE F 348 25.73 40.38 18.27
CA ILE F 348 25.21 41.20 17.18
C ILE F 348 24.27 42.27 17.76
N HIS F 349 24.54 43.53 17.38
CA HIS F 349 23.87 44.69 17.96
C HIS F 349 23.04 45.41 16.88
N THR F 350 21.71 45.47 17.10
CA THR F 350 20.81 46.29 16.29
C THR F 350 20.53 47.59 17.03
N ILE F 351 20.93 48.72 16.43
CA ILE F 351 20.76 50.01 17.07
C ILE F 351 19.60 50.74 16.40
N LEU F 352 18.59 51.06 17.22
CA LEU F 352 17.43 51.82 16.78
C LEU F 352 17.46 53.21 17.42
N TYR F 353 17.36 54.22 16.56
CA TYR F 353 17.28 55.60 17.00
C TYR F 353 16.00 56.23 16.43
N ALA F 354 15.33 57.03 17.26
CA ALA F 354 14.12 57.75 16.89
C ALA F 354 14.07 59.04 17.69
N PRO F 355 14.07 60.25 17.05
CA PRO F 355 14.02 61.50 17.81
C PRO F 355 12.78 61.72 18.68
N ASN F 356 11.59 61.32 18.20
CA ASN F 356 10.32 61.70 18.84
C ASN F 356 9.81 60.63 19.80
N GLY F 357 10.51 59.50 19.93
CA GLY F 357 10.04 58.37 20.72
C GLY F 357 11.05 57.21 20.68
N GLN F 358 10.52 55.97 20.77
CA GLN F 358 11.35 54.77 20.86
C GLN F 358 11.48 54.06 19.50
N ASP F 359 10.57 54.36 18.55
CA ASP F 359 10.22 53.43 17.49
C ASP F 359 9.89 54.14 16.16
N VAL F 360 9.17 53.44 15.26
CA VAL F 360 8.77 53.95 13.94
C VAL F 360 7.87 55.18 14.11
N GLU F 361 8.15 56.23 13.32
CA GLU F 361 7.47 57.51 13.41
C GLU F 361 6.78 57.81 12.08
N ILE F 362 5.43 57.85 12.10
CA ILE F 362 4.62 58.05 10.90
C ILE F 362 3.99 59.44 10.92
N LYS F 363 4.15 60.14 9.79
CA LYS F 363 3.65 61.51 9.59
C LYS F 363 2.80 61.56 8.33
N ASP F 364 1.84 62.49 8.34
CA ASP F 364 0.95 62.71 7.21
C ASP F 364 0.97 64.19 6.83
N TYR F 365 0.69 64.45 5.55
CA TYR F 365 0.55 65.81 5.05
C TYR F 365 -0.53 65.85 3.98
N GLU F 366 -1.17 67.01 3.90
CA GLU F 366 -2.12 67.32 2.86
C GLU F 366 -1.55 68.49 2.05
N ASP F 367 -1.50 68.29 0.72
CA ASP F 367 -1.12 69.33 -0.22
C ASP F 367 -2.40 69.90 -0.85
N PRO F 368 -2.87 71.10 -0.41
CA PRO F 368 -4.07 71.71 -0.98
C PRO F 368 -3.89 72.38 -2.35
N ILE F 369 -2.64 72.49 -2.83
CA ILE F 369 -2.33 73.05 -4.14
C ILE F 369 -2.51 71.97 -5.22
N ARG F 370 -2.19 70.72 -4.86
CA ARG F 370 -2.19 69.60 -5.79
C ARG F 370 -3.27 68.56 -5.50
N ASP F 371 -3.95 68.65 -4.34
CA ASP F 371 -4.99 67.72 -3.89
C ASP F 371 -4.44 66.30 -3.68
N ILE F 372 -3.33 66.24 -2.93
CA ILE F 372 -2.65 64.99 -2.63
C ILE F 372 -2.51 64.89 -1.11
N THR F 373 -2.85 63.70 -0.59
CA THR F 373 -2.44 63.29 0.75
C THR F 373 -1.19 62.44 0.63
N GLY F 374 -0.23 62.67 1.53
CA GLY F 374 0.98 61.86 1.61
C GLY F 374 1.17 61.27 3.01
N VAL F 375 1.73 60.06 3.05
CA VAL F 375 2.09 59.39 4.30
C VAL F 375 3.56 58.98 4.22
N ASN F 376 4.34 59.37 5.24
CA ASN F 376 5.76 59.06 5.34
C ASN F 376 6.07 58.39 6.69
N GLY F 377 6.98 57.41 6.69
CA GLY F 377 7.51 56.85 7.92
C GLY F 377 9.04 56.92 7.95
N ARG F 378 9.59 56.96 9.17
CA ARG F 378 11.03 57.03 9.39
C ARG F 378 11.42 56.16 10.59
N LEU F 379 12.66 55.64 10.53
CA LEU F 379 13.35 55.04 11.66
C LEU F 379 14.85 55.12 11.36
N HIS F 380 15.69 55.26 12.40
CA HIS F 380 17.13 55.17 12.20
C HIS F 380 17.66 53.81 12.68
N VAL F 381 18.31 53.05 11.77
CA VAL F 381 18.84 51.73 12.12
C VAL F 381 20.28 51.57 11.65
N ASP F 382 21.09 50.93 12.51
CA ASP F 382 22.36 50.34 12.13
C ASP F 382 22.47 48.96 12.79
N CYS F 383 23.14 48.03 12.11
CA CYS F 383 23.45 46.72 12.69
C CYS F 383 24.96 46.50 12.60
N GLN F 384 25.57 46.19 13.75
CA GLN F 384 27.02 46.00 13.84
C GLN F 384 27.33 44.80 14.72
N TYR F 385 28.35 44.03 14.32
CA TYR F 385 28.88 42.95 15.15
C TYR F 385 29.79 43.52 16.22
N SER F 386 29.49 43.14 17.46
CA SER F 386 30.39 43.27 18.61
C SER F 386 31.56 42.29 18.46
N GLN F 387 31.26 41.03 18.07
CA GLN F 387 32.27 40.01 17.79
C GLN F 387 31.80 39.17 16.60
N GLY F 388 32.34 39.46 15.40
CA GLY F 388 31.94 38.80 14.15
C GLY F 388 32.39 37.34 14.04
N ARG F 389 33.40 36.94 14.84
CA ARG F 389 33.86 35.55 14.93
C ARG F 389 33.02 34.71 15.92
N SER F 390 32.09 35.37 16.64
CA SER F 390 31.03 34.69 17.36
C SER F 390 29.95 34.13 16.41
N SER F 391 30.19 34.18 15.08
CA SER F 391 29.21 33.70 14.10
C SER F 391 29.87 32.95 12.94
N ALA F 392 29.08 32.05 12.32
CA ALA F 392 29.47 31.26 11.15
C ALA F 392 28.31 31.18 10.16
N THR F 393 28.61 31.38 8.86
CA THR F 393 27.66 31.09 7.78
C THR F 393 27.73 29.61 7.40
N VAL F 394 26.57 29.06 7.00
CA VAL F 394 26.48 27.73 6.41
C VAL F 394 26.37 27.89 4.89
N GLN F 395 27.28 27.24 4.16
CA GLN F 395 27.41 27.39 2.72
C GLN F 395 27.05 26.08 2.00
N TYR F 396 26.29 26.20 0.89
CA TYR F 396 25.88 25.10 0.04
C TYR F 396 27.06 24.67 -0.84
N ALA G 2 -34.54 0.55 -21.18
CA ALA G 2 -33.34 1.37 -20.84
C ALA G 2 -32.97 1.19 -19.37
N THR G 3 -31.66 1.02 -19.09
CA THR G 3 -31.13 0.78 -17.75
C THR G 3 -29.70 1.34 -17.61
N GLU G 4 -29.30 1.65 -16.35
CA GLU G 4 -28.04 2.32 -16.02
C GLU G 4 -27.26 1.46 -15.01
N THR G 5 -25.91 1.41 -15.14
CA THR G 5 -25.05 0.60 -14.27
C THR G 5 -24.24 1.47 -13.32
N GLN G 6 -24.32 1.15 -12.01
CA GLN G 6 -23.50 1.77 -10.98
C GLN G 6 -22.90 0.69 -10.07
N GLY G 7 -21.74 0.14 -10.48
CA GLY G 7 -21.15 -1.04 -9.85
C GLY G 7 -21.86 -2.32 -10.32
N GLU G 8 -22.31 -3.14 -9.36
CA GLU G 8 -23.08 -4.35 -9.65
C GLU G 8 -24.55 -4.03 -9.95
N HIS G 9 -24.99 -2.81 -9.58
CA HIS G 9 -26.40 -2.46 -9.66
C HIS G 9 -26.78 -1.95 -11.04
N THR G 10 -27.94 -2.44 -11.50
CA THR G 10 -28.66 -1.82 -12.60
C THR G 10 -29.89 -1.08 -12.06
N PHE G 11 -30.03 0.16 -12.54
CA PHE G 11 -31.07 1.09 -12.13
C PHE G 11 -32.00 1.39 -13.32
N PRO G 12 -33.32 1.62 -13.07
CA PRO G 12 -34.23 2.06 -14.13
C PRO G 12 -33.88 3.50 -14.51
N VAL G 13 -33.71 3.72 -15.82
CA VAL G 13 -33.42 5.06 -16.33
C VAL G 13 -34.69 5.92 -16.20
N GLU G 14 -34.53 7.15 -15.68
CA GLU G 14 -35.58 8.15 -15.73
C GLU G 14 -35.75 8.63 -17.17
N VAL G 15 -36.87 8.26 -17.81
CA VAL G 15 -37.13 8.57 -19.22
C VAL G 15 -37.16 10.08 -19.47
N LEU G 16 -37.65 10.88 -18.51
CA LEU G 16 -37.86 12.31 -18.72
C LEU G 16 -36.73 13.13 -18.11
N ILE G 17 -36.08 13.95 -18.97
CA ILE G 17 -35.03 14.89 -18.61
C ILE G 17 -35.63 16.27 -18.33
N SER G 18 -36.52 16.71 -19.22
CA SER G 18 -37.25 17.97 -19.11
C SER G 18 -38.50 17.89 -19.98
N GLY G 19 -39.44 18.82 -19.74
CA GLY G 19 -40.68 18.87 -20.51
C GLY G 19 -41.92 18.60 -19.65
N GLU G 20 -43.07 19.05 -20.17
CA GLU G 20 -44.35 19.00 -19.48
C GLU G 20 -45.45 18.47 -20.41
N GLU G 21 -45.07 18.01 -21.61
CA GLU G 21 -45.99 17.42 -22.58
C GLU G 21 -46.27 15.96 -22.23
N LEU G 22 -46.82 15.74 -21.03
CA LEU G 22 -47.07 14.42 -20.47
C LEU G 22 -48.56 14.13 -20.54
N ARG G 23 -48.97 13.08 -21.29
CA ARG G 23 -50.37 12.92 -21.68
C ARG G 23 -50.87 11.48 -21.48
N GLY G 24 -52.15 11.39 -21.07
CA GLY G 24 -52.76 10.11 -20.75
C GLY G 24 -53.38 9.45 -21.98
N TYR G 25 -53.02 8.15 -22.16
CA TYR G 25 -53.62 7.24 -23.14
C TYR G 25 -53.93 5.92 -22.46
N THR G 26 -54.49 4.97 -23.23
CA THR G 26 -54.68 3.60 -22.79
C THR G 26 -53.73 2.70 -23.59
N ALA G 27 -53.16 1.68 -22.91
CA ALA G 27 -52.28 0.72 -23.57
C ALA G 27 -53.09 -0.26 -24.41
N GLY G 28 -52.75 -0.40 -25.70
CA GLY G 28 -53.33 -1.42 -26.57
C GLY G 28 -52.69 -2.79 -26.39
N GLU G 29 -51.53 -2.83 -25.71
CA GLU G 29 -50.73 -4.02 -25.43
C GLU G 29 -49.86 -3.73 -24.20
N ALA G 30 -49.05 -4.72 -23.77
CA ALA G 30 -48.08 -4.49 -22.70
C ALA G 30 -46.91 -3.64 -23.20
N LEU G 31 -46.66 -2.50 -22.54
CA LEU G 31 -45.62 -1.55 -22.95
C LEU G 31 -44.57 -1.39 -21.84
N SER G 32 -43.33 -1.12 -22.25
CA SER G 32 -42.20 -0.92 -21.36
C SER G 32 -41.78 0.55 -21.39
N ALA G 33 -41.06 0.99 -20.35
CA ALA G 33 -40.60 2.37 -20.23
C ALA G 33 -39.64 2.71 -21.37
N GLY G 34 -39.78 3.92 -21.93
CA GLY G 34 -38.95 4.42 -23.02
C GLY G 34 -39.32 3.87 -24.40
N GLU G 35 -40.42 3.11 -24.50
CA GLU G 35 -40.88 2.48 -25.73
C GLU G 35 -41.60 3.53 -26.59
N PRO G 36 -41.25 3.69 -27.90
CA PRO G 36 -42.01 4.56 -28.81
C PRO G 36 -43.39 3.96 -29.14
N VAL G 37 -44.40 4.83 -29.21
CA VAL G 37 -45.78 4.38 -29.33
C VAL G 37 -46.54 5.26 -30.33
N TYR G 38 -47.64 4.71 -30.86
CA TYR G 38 -48.53 5.36 -31.82
C TYR G 38 -49.98 4.96 -31.52
N LEU G 39 -50.93 5.72 -32.08
CA LEU G 39 -52.35 5.49 -31.84
C LEU G 39 -52.85 4.26 -32.62
N SER G 40 -53.32 3.26 -31.86
CA SER G 40 -53.85 2.01 -32.40
C SER G 40 -55.38 1.99 -32.39
N GLY G 41 -55.98 2.83 -31.53
CA GLY G 41 -57.42 3.05 -31.46
C GLY G 41 -57.72 4.42 -30.83
N ASP G 42 -59.00 4.64 -30.46
CA ASP G 42 -59.43 5.89 -29.87
C ASP G 42 -58.85 6.07 -28.46
N TYR G 43 -57.94 7.05 -28.31
CA TYR G 43 -57.14 7.32 -27.10
C TYR G 43 -56.33 6.09 -26.63
N GLU G 44 -55.99 5.20 -27.58
CA GLU G 44 -55.32 3.94 -27.30
C GLU G 44 -54.02 3.88 -28.10
N VAL G 45 -52.92 3.50 -27.43
CA VAL G 45 -51.59 3.49 -28.02
C VAL G 45 -50.94 2.10 -27.95
N SER G 46 -50.24 1.72 -29.02
CA SER G 46 -49.46 0.48 -29.13
C SER G 46 -48.04 0.82 -29.56
N ALA G 47 -47.11 -0.14 -29.43
CA ALA G 47 -45.72 0.09 -29.79
C ALA G 47 -45.57 0.28 -31.30
N SER G 48 -44.75 1.27 -31.70
CA SER G 48 -44.54 1.70 -33.08
C SER G 48 -43.89 0.60 -33.93
N SER G 49 -44.30 0.50 -35.21
CA SER G 49 -43.54 -0.23 -36.20
C SER G 49 -42.48 0.68 -36.83
N ALA G 50 -41.66 0.11 -37.74
CA ALA G 50 -40.54 0.78 -38.40
C ALA G 50 -41.03 1.77 -39.46
N ASP G 51 -40.10 2.56 -40.01
CA ASP G 51 -40.24 3.28 -41.28
C ASP G 51 -41.29 4.39 -41.26
N GLY G 52 -41.64 4.90 -40.06
CA GLY G 52 -42.40 6.13 -39.91
C GLY G 52 -43.92 5.97 -40.00
N GLY G 53 -44.64 7.09 -39.80
CA GLY G 53 -46.10 7.16 -39.82
C GLY G 53 -46.75 6.66 -38.53
N GLU G 54 -45.94 6.31 -37.51
CA GLU G 54 -46.40 5.66 -36.29
C GLU G 54 -45.63 6.17 -35.07
N PHE G 55 -45.88 7.44 -34.70
CA PHE G 55 -45.26 8.01 -33.51
C PHE G 55 -46.12 9.12 -32.90
N LEU G 56 -46.46 8.95 -31.61
CA LEU G 56 -47.11 10.00 -30.84
C LEU G 56 -46.19 10.48 -29.69
N GLY G 57 -45.42 9.54 -29.11
CA GLY G 57 -44.51 9.85 -28.01
C GLY G 57 -43.80 8.59 -27.50
N VAL G 58 -43.26 8.68 -26.28
CA VAL G 58 -42.63 7.54 -25.62
C VAL G 58 -43.32 7.27 -24.28
N ASN G 59 -43.38 5.99 -23.92
CA ASN G 59 -44.08 5.49 -22.74
C ASN G 59 -43.21 5.70 -21.49
N LEU G 60 -43.77 6.32 -20.44
CA LEU G 60 -42.98 6.84 -19.32
C LEU G 60 -42.77 5.82 -18.18
N TYR G 61 -43.62 4.78 -18.11
CA TYR G 61 -43.51 3.68 -17.14
C TYR G 61 -44.18 2.43 -17.71
N ASP G 62 -43.88 1.24 -17.13
CA ASP G 62 -44.37 -0.05 -17.62
C ASP G 62 -45.87 -0.21 -17.34
N VAL G 63 -46.63 -0.62 -18.37
CA VAL G 63 -48.07 -0.86 -18.29
C VAL G 63 -48.42 -2.23 -18.87
N ALA G 64 -49.46 -2.89 -18.31
CA ALA G 64 -50.09 -4.03 -18.95
C ALA G 64 -51.13 -3.53 -19.96
N SER G 65 -51.64 -4.45 -20.80
CA SER G 65 -52.66 -4.16 -21.80
C SER G 65 -53.94 -3.62 -21.15
N GLY G 66 -54.44 -2.48 -21.68
CA GLY G 66 -55.67 -1.87 -21.21
C GLY G 66 -55.48 -0.83 -20.10
N GLU G 67 -54.25 -0.71 -19.56
CA GLU G 67 -53.94 0.17 -18.44
C GLU G 67 -53.68 1.60 -18.92
N PRO G 68 -53.81 2.64 -18.04
CA PRO G 68 -53.54 4.03 -18.43
C PRO G 68 -52.04 4.34 -18.52
N VAL G 69 -51.61 4.81 -19.69
CA VAL G 69 -50.22 5.13 -19.97
C VAL G 69 -50.02 6.65 -19.87
N ALA G 70 -48.90 7.03 -19.24
CA ALA G 70 -48.36 8.37 -19.40
C ALA G 70 -47.36 8.35 -20.56
N LEU G 71 -47.56 9.29 -21.48
CA LEU G 71 -46.78 9.43 -22.70
C LEU G 71 -46.05 10.76 -22.66
N ALA G 72 -44.75 10.76 -22.98
CA ALA G 72 -44.00 11.99 -23.25
C ALA G 72 -44.07 12.29 -24.75
N GLY G 73 -44.64 13.45 -25.10
CA GLY G 73 -44.76 13.88 -26.48
C GLY G 73 -43.58 14.76 -26.92
N ASP G 74 -43.78 15.47 -28.04
CA ASP G 74 -42.90 16.55 -28.47
C ASP G 74 -42.82 17.62 -27.36
N ASP G 75 -41.70 18.36 -27.29
CA ASP G 75 -41.36 19.29 -26.21
C ASP G 75 -40.76 18.56 -24.99
N CYS G 76 -40.50 17.26 -25.09
CA CYS G 76 -39.84 16.54 -23.99
C CYS G 76 -38.39 16.20 -24.37
N GLU G 77 -37.46 16.44 -23.43
CA GLU G 77 -36.14 15.84 -23.47
C GLU G 77 -36.20 14.48 -22.77
N VAL G 78 -35.73 13.44 -23.47
CA VAL G 78 -35.89 12.06 -23.02
C VAL G 78 -34.57 11.28 -23.12
N ARG G 79 -34.39 10.34 -22.17
CA ARG G 79 -33.39 9.30 -22.24
C ARG G 79 -33.99 8.10 -22.97
N VAL G 80 -33.48 7.79 -24.18
CA VAL G 80 -34.01 6.71 -25.02
C VAL G 80 -32.89 5.81 -25.55
N GLU G 81 -33.23 4.52 -25.68
CA GLU G 81 -32.34 3.47 -26.17
C GLU G 81 -32.35 3.45 -27.71
N VAL G 82 -31.16 3.22 -28.28
CA VAL G 82 -30.94 3.20 -29.72
C VAL G 82 -30.40 1.83 -30.16
N SER G 83 -30.72 1.43 -31.40
CA SER G 83 -30.27 0.16 -31.99
C SER G 83 -28.96 0.30 -32.76
N GLU G 84 -28.49 1.55 -32.97
CA GLU G 84 -27.27 1.82 -33.74
C GLU G 84 -26.53 3.00 -33.11
N GLN G 85 -25.35 3.32 -33.66
CA GLN G 85 -24.59 4.49 -33.20
C GLN G 85 -25.28 5.77 -33.65
N VAL G 86 -25.57 6.65 -32.69
CA VAL G 86 -26.11 7.98 -32.95
C VAL G 86 -25.09 9.04 -32.54
N THR G 87 -24.87 10.01 -33.44
CA THR G 87 -24.14 11.24 -33.12
C THR G 87 -25.15 12.32 -32.73
N ALA G 88 -24.67 13.36 -32.01
CA ALA G 88 -25.50 14.53 -31.75
C ALA G 88 -25.87 15.20 -33.08
N ASN G 89 -27.12 15.67 -33.18
CA ASN G 89 -27.75 16.23 -34.37
C ASN G 89 -28.28 15.13 -35.31
N ASP G 90 -28.21 13.84 -34.93
CA ASP G 90 -28.89 12.82 -35.70
C ASP G 90 -30.39 12.92 -35.43
N GLU G 91 -31.19 12.81 -36.50
CA GLU G 91 -32.62 12.59 -36.35
C GLU G 91 -32.88 11.09 -36.18
N ILE G 92 -33.73 10.78 -35.20
CA ILE G 92 -34.11 9.42 -34.89
C ILE G 92 -35.63 9.27 -34.95
N LEU G 93 -36.05 8.06 -35.34
CA LEU G 93 -37.44 7.67 -35.28
C LEU G 93 -37.53 6.21 -34.83
N PRO G 94 -38.74 5.69 -34.50
CA PRO G 94 -38.93 4.32 -34.04
C PRO G 94 -38.42 3.26 -35.03
N ASP G 95 -37.85 2.21 -34.42
CA ASP G 95 -37.11 1.15 -35.05
C ASP G 95 -38.04 -0.03 -35.39
N GLY G 96 -39.10 -0.19 -34.58
CA GLY G 96 -39.98 -1.36 -34.61
C GLY G 96 -39.63 -2.42 -33.57
N LEU G 97 -38.49 -2.24 -32.88
CA LEU G 97 -37.92 -3.23 -31.98
C LEU G 97 -37.95 -2.77 -30.51
N GLY G 98 -38.74 -1.71 -30.22
CA GLY G 98 -38.84 -1.08 -28.91
C GLY G 98 -37.83 0.06 -28.70
N THR G 99 -37.12 0.42 -29.77
CA THR G 99 -35.95 1.30 -29.78
C THR G 99 -36.11 2.39 -30.83
N PHE G 100 -35.10 3.27 -30.88
CA PHE G 100 -34.95 4.27 -31.93
C PHE G 100 -33.77 3.92 -32.84
N GLU G 101 -33.93 4.27 -34.13
CA GLU G 101 -32.89 4.20 -35.13
C GLU G 101 -32.82 5.55 -35.85
N THR G 102 -31.74 5.78 -36.61
CA THR G 102 -31.59 7.03 -37.35
C THR G 102 -32.49 7.04 -38.59
N VAL G 103 -32.85 8.25 -39.01
CA VAL G 103 -33.57 8.48 -40.26
C VAL G 103 -32.74 7.94 -41.44
N ALA G 104 -31.41 8.13 -41.35
CA ALA G 104 -30.44 7.65 -42.33
C ALA G 104 -30.54 6.14 -42.57
N THR G 105 -30.70 5.36 -41.50
CA THR G 105 -30.82 3.90 -41.56
C THR G 105 -32.21 3.47 -42.05
N SER G 106 -33.25 4.13 -41.54
CA SER G 106 -34.64 3.76 -41.80
C SER G 106 -34.99 4.01 -43.27
N ALA G 107 -36.13 3.45 -43.73
CA ALA G 107 -36.64 3.77 -45.06
C ALA G 107 -37.39 5.10 -45.09
N ALA G 108 -37.59 5.73 -43.91
CA ALA G 108 -38.24 7.04 -43.79
C ALA G 108 -37.25 8.16 -44.14
N SER G 109 -37.75 9.41 -44.18
CA SER G 109 -36.97 10.58 -44.58
C SER G 109 -37.09 11.77 -43.61
N ALA G 110 -37.89 11.64 -42.55
CA ALA G 110 -37.97 12.64 -41.48
C ALA G 110 -38.17 11.93 -40.13
N GLY G 111 -37.55 12.48 -39.08
CA GLY G 111 -37.54 11.87 -37.75
C GLY G 111 -38.50 12.55 -36.77
N VAL G 112 -38.44 12.11 -35.49
CA VAL G 112 -39.39 12.53 -34.48
C VAL G 112 -38.66 13.12 -33.27
N ALA G 113 -37.37 12.77 -33.13
CA ALA G 113 -36.51 13.33 -32.09
C ALA G 113 -35.13 13.66 -32.68
N ILE G 114 -34.45 14.62 -32.04
CA ILE G 114 -33.09 15.02 -32.34
C ILE G 114 -32.18 14.53 -31.20
N VAL G 115 -31.03 13.93 -31.56
CA VAL G 115 -30.09 13.40 -30.58
C VAL G 115 -29.25 14.55 -30.03
N GLN G 116 -29.30 14.71 -28.69
CA GLN G 116 -28.55 15.75 -27.98
C GLN G 116 -27.25 15.18 -27.40
N GLU G 117 -27.27 13.91 -26.96
CA GLU G 117 -26.06 13.22 -26.53
C GLU G 117 -25.97 11.88 -27.28
N GLY G 118 -24.82 11.67 -27.95
CA GLY G 118 -24.58 10.48 -28.75
C GLY G 118 -24.40 9.22 -27.88
N ALA G 119 -24.60 8.06 -28.50
CA ALA G 119 -24.53 6.76 -27.83
C ALA G 119 -24.21 5.66 -28.86
N ALA G 120 -23.67 4.53 -28.39
CA ALA G 120 -23.41 3.36 -29.22
C ALA G 120 -24.71 2.56 -29.38
N SER G 121 -24.65 1.46 -30.16
CA SER G 121 -25.74 0.51 -30.32
C SER G 121 -26.09 -0.12 -28.97
N GLY G 122 -27.39 -0.08 -28.59
CA GLY G 122 -27.88 -0.69 -27.36
C GLY G 122 -27.76 0.21 -26.12
N GLU G 123 -27.17 1.41 -26.28
CA GLU G 123 -26.98 2.35 -25.18
C GLU G 123 -28.08 3.41 -25.18
N VAL G 124 -28.04 4.27 -24.15
CA VAL G 124 -29.04 5.30 -23.93
C VAL G 124 -28.48 6.63 -24.46
N CYS G 125 -29.13 7.17 -25.50
CA CYS G 125 -28.90 8.53 -25.94
C CYS G 125 -29.83 9.46 -25.14
N GLU G 126 -29.53 10.77 -25.21
CA GLU G 126 -30.46 11.79 -24.75
C GLU G 126 -30.97 12.55 -25.98
N ALA G 127 -32.30 12.66 -26.09
CA ALA G 127 -32.96 13.15 -27.29
C ALA G 127 -34.02 14.19 -26.92
N TYR G 128 -34.37 15.04 -27.90
CA TYR G 128 -35.50 15.95 -27.77
C TYR G 128 -36.56 15.55 -28.79
N ILE G 129 -37.76 15.18 -28.29
CA ILE G 129 -38.89 14.86 -29.15
C ILE G 129 -39.46 16.18 -29.68
N PHE G 130 -39.67 16.27 -30.99
CA PHE G 130 -40.14 17.51 -31.62
C PHE G 130 -41.28 17.28 -32.60
N ALA G 131 -41.59 16.03 -32.97
CA ALA G 131 -42.60 15.76 -33.99
C ALA G 131 -43.45 14.54 -33.64
N VAL G 132 -44.60 14.48 -34.32
CA VAL G 132 -45.55 13.37 -34.31
C VAL G 132 -45.70 12.88 -35.74
N GLN G 133 -45.84 11.55 -35.91
CA GLN G 133 -46.14 10.99 -37.22
C GLN G 133 -47.38 10.10 -37.11
N GLY G 134 -48.43 10.48 -37.85
CA GLY G 134 -49.58 9.63 -38.05
C GLY G 134 -49.61 9.11 -39.49
N THR G 135 -50.76 8.58 -39.90
CA THR G 135 -50.91 8.02 -41.25
C THR G 135 -51.35 9.10 -42.24
N THR G 136 -50.70 9.07 -43.42
CA THR G 136 -50.84 10.05 -44.48
C THR G 136 -51.47 9.38 -45.71
N ALA G 137 -51.64 8.05 -45.65
CA ALA G 137 -51.79 7.15 -46.80
C ALA G 137 -50.67 7.37 -47.80
N ALA H 2 -29.09 41.01 -32.99
CA ALA H 2 -29.77 42.16 -33.65
C ALA H 2 -29.79 43.37 -32.73
N THR H 3 -29.87 44.58 -33.31
CA THR H 3 -29.75 45.84 -32.57
C THR H 3 -30.68 46.91 -33.15
N GLU H 4 -31.03 47.92 -32.33
CA GLU H 4 -32.08 48.90 -32.62
C GLU H 4 -31.55 50.31 -32.41
N THR H 5 -31.55 51.15 -33.46
CA THR H 5 -31.07 52.52 -33.39
C THR H 5 -32.20 53.46 -32.99
N GLN H 6 -31.96 54.24 -31.92
CA GLN H 6 -32.91 55.23 -31.42
C GLN H 6 -32.15 56.54 -31.17
N GLY H 7 -31.94 57.32 -32.25
CA GLY H 7 -31.10 58.51 -32.24
C GLY H 7 -29.62 58.13 -32.23
N GLU H 8 -28.91 58.59 -31.18
CA GLU H 8 -27.51 58.29 -30.91
C GLU H 8 -27.34 56.90 -30.29
N HIS H 9 -28.44 56.33 -29.78
CA HIS H 9 -28.40 55.11 -28.99
C HIS H 9 -28.59 53.87 -29.88
N THR H 10 -27.84 52.82 -29.53
CA THR H 10 -28.17 51.47 -29.96
C THR H 10 -28.60 50.63 -28.76
N PHE H 11 -29.68 49.87 -28.98
CA PHE H 11 -30.29 49.01 -27.97
C PHE H 11 -30.21 47.57 -28.43
N PRO H 12 -30.11 46.58 -27.50
CA PRO H 12 -30.26 45.17 -27.88
C PRO H 12 -31.72 44.87 -28.14
N VAL H 13 -31.97 43.99 -29.11
CA VAL H 13 -33.32 43.54 -29.44
C VAL H 13 -33.64 42.35 -28.54
N GLU H 14 -34.83 42.35 -27.91
CA GLU H 14 -35.30 41.21 -27.13
C GLU H 14 -35.67 40.07 -28.06
N VAL H 15 -34.83 39.01 -28.08
CA VAL H 15 -35.00 37.83 -28.93
C VAL H 15 -36.33 37.11 -28.65
N LEU H 16 -36.76 37.05 -27.37
CA LEU H 16 -37.89 36.21 -26.97
C LEU H 16 -39.18 37.04 -26.81
N ILE H 17 -40.18 36.76 -27.66
CA ILE H 17 -41.49 37.41 -27.60
C ILE H 17 -42.41 36.65 -26.63
N SER H 18 -42.44 35.33 -26.75
CA SER H 18 -43.24 34.46 -25.90
C SER H 18 -42.65 33.05 -25.92
N GLY H 19 -43.06 32.22 -24.96
CA GLY H 19 -42.67 30.82 -24.92
C GLY H 19 -41.69 30.52 -23.78
N GLU H 20 -41.59 29.22 -23.47
CA GLU H 20 -40.87 28.73 -22.31
C GLU H 20 -39.96 27.55 -22.70
N GLU H 21 -39.74 27.39 -24.01
CA GLU H 21 -38.80 26.41 -24.56
C GLU H 21 -37.37 26.95 -24.45
N LEU H 22 -36.90 27.16 -23.21
CA LEU H 22 -35.62 27.81 -22.94
C LEU H 22 -34.64 26.77 -22.36
N ARG H 23 -33.66 26.34 -23.17
CA ARG H 23 -32.89 25.15 -22.83
C ARG H 23 -31.38 25.40 -22.90
N GLY H 24 -30.66 24.75 -21.98
CA GLY H 24 -29.25 24.98 -21.74
C GLY H 24 -28.34 24.08 -22.58
N TYR H 25 -27.34 24.70 -23.22
CA TYR H 25 -26.32 24.07 -24.06
C TYR H 25 -24.97 24.75 -23.82
N THR H 26 -23.90 24.17 -24.37
CA THR H 26 -22.56 24.77 -24.38
C THR H 26 -22.27 25.32 -25.77
N ALA H 27 -21.71 26.54 -25.84
CA ALA H 27 -21.36 27.15 -27.12
C ALA H 27 -20.10 26.48 -27.69
N GLY H 28 -20.19 25.99 -28.95
CA GLY H 28 -19.07 25.39 -29.67
C GLY H 28 -18.17 26.42 -30.36
N GLU H 29 -18.67 27.66 -30.46
CA GLU H 29 -17.99 28.83 -31.01
C GLU H 29 -18.54 30.06 -30.27
N ALA H 30 -18.07 31.27 -30.64
CA ALA H 30 -18.68 32.51 -30.15
C ALA H 30 -20.03 32.74 -30.83
N LEU H 31 -21.08 32.94 -30.03
CA LEU H 31 -22.45 33.10 -30.52
C LEU H 31 -23.04 34.43 -30.02
N SER H 32 -23.93 35.00 -30.85
CA SER H 32 -24.54 36.31 -30.60
C SER H 32 -26.05 36.14 -30.45
N ALA H 33 -26.69 37.09 -29.75
CA ALA H 33 -28.12 37.05 -29.49
C ALA H 33 -28.90 37.09 -30.82
N GLY H 34 -29.84 36.14 -30.98
CA GLY H 34 -30.71 36.06 -32.15
C GLY H 34 -30.17 35.16 -33.26
N GLU H 35 -28.98 34.57 -33.04
CA GLU H 35 -28.27 33.73 -33.99
C GLU H 35 -28.86 32.31 -34.00
N PRO H 36 -29.16 31.72 -35.18
CA PRO H 36 -29.62 30.33 -35.28
C PRO H 36 -28.48 29.33 -35.05
N VAL H 37 -28.80 28.20 -34.37
CA VAL H 37 -27.79 27.25 -33.96
C VAL H 37 -28.30 25.81 -34.12
N TYR H 38 -27.33 24.89 -34.18
CA TYR H 38 -27.55 23.45 -34.30
C TYR H 38 -26.54 22.72 -33.41
N LEU H 39 -26.78 21.42 -33.16
CA LEU H 39 -25.91 20.60 -32.32
C LEU H 39 -24.66 20.17 -33.09
N SER H 40 -23.50 20.64 -32.61
CA SER H 40 -22.20 20.31 -33.19
C SER H 40 -21.51 19.18 -32.40
N GLY H 41 -21.95 18.99 -31.15
CA GLY H 41 -21.48 17.93 -30.25
C GLY H 41 -22.54 17.59 -29.20
N ASP H 42 -22.15 16.78 -28.20
CA ASP H 42 -23.05 16.39 -27.12
C ASP H 42 -23.42 17.61 -26.26
N TYR H 43 -24.68 18.06 -26.38
CA TYR H 43 -25.22 19.28 -25.77
C TYR H 43 -24.41 20.53 -26.13
N GLU H 44 -23.67 20.47 -27.25
CA GLU H 44 -22.84 21.56 -27.72
C GLU H 44 -23.43 22.10 -29.03
N VAL H 45 -23.58 23.43 -29.11
CA VAL H 45 -24.27 24.07 -30.22
C VAL H 45 -23.36 25.10 -30.91
N SER H 46 -23.48 25.16 -32.25
CA SER H 46 -22.69 26.01 -33.13
C SER H 46 -23.63 26.73 -34.10
N ALA H 47 -23.12 27.75 -34.82
CA ALA H 47 -23.92 28.53 -35.76
C ALA H 47 -24.34 27.65 -36.95
N SER H 48 -25.63 27.68 -37.29
CA SER H 48 -26.23 26.92 -38.39
C SER H 48 -25.62 27.32 -39.73
N SER H 49 -25.52 26.34 -40.66
CA SER H 49 -25.24 26.63 -42.06
C SER H 49 -26.54 26.64 -42.88
N ALA H 50 -26.43 27.01 -44.17
CA ALA H 50 -27.55 27.20 -45.08
C ALA H 50 -28.20 25.86 -45.45
N ASP H 51 -29.39 25.95 -46.08
CA ASP H 51 -30.07 24.85 -46.76
C ASP H 51 -30.53 23.72 -45.81
N GLY H 52 -30.76 24.05 -44.53
CA GLY H 52 -31.48 23.19 -43.60
C GLY H 52 -30.63 22.07 -43.00
N GLY H 53 -31.31 21.19 -42.24
CA GLY H 53 -30.68 20.06 -41.55
C GLY H 53 -29.82 20.48 -40.35
N GLU H 54 -29.88 21.77 -39.99
CA GLU H 54 -29.07 22.36 -38.91
C GLU H 54 -29.84 23.46 -38.19
N PHE H 55 -30.78 23.06 -37.31
CA PHE H 55 -31.48 24.03 -36.48
C PHE H 55 -32.06 23.37 -35.24
N LEU H 56 -31.76 23.96 -34.08
CA LEU H 56 -32.32 23.59 -32.78
C LEU H 56 -33.07 24.77 -32.14
N GLY H 57 -32.55 25.99 -32.35
CA GLY H 57 -33.12 27.17 -31.73
C GLY H 57 -32.33 28.44 -32.05
N VAL H 58 -32.70 29.53 -31.37
CA VAL H 58 -31.95 30.77 -31.45
C VAL H 58 -31.28 31.06 -30.12
N ASN H 59 -30.04 31.54 -30.21
CA ASN H 59 -29.22 31.95 -29.08
C ASN H 59 -29.85 33.19 -28.43
N LEU H 60 -30.06 33.13 -27.09
CA LEU H 60 -30.78 34.18 -26.36
C LEU H 60 -29.88 35.39 -26.02
N TYR H 61 -28.59 35.15 -25.71
CA TYR H 61 -27.66 36.20 -25.31
C TYR H 61 -26.24 35.88 -25.82
N ASP H 62 -25.39 36.93 -25.97
CA ASP H 62 -24.03 36.77 -26.50
C ASP H 62 -23.19 35.91 -25.55
N VAL H 63 -22.43 34.93 -26.13
CA VAL H 63 -21.55 34.02 -25.39
C VAL H 63 -20.23 33.81 -26.12
N ALA H 64 -19.15 33.60 -25.35
CA ALA H 64 -17.86 33.14 -25.87
C ALA H 64 -17.87 31.61 -25.95
N SER H 65 -16.91 31.04 -26.69
CA SER H 65 -16.74 29.60 -26.88
C SER H 65 -16.58 28.87 -25.54
N GLY H 66 -17.38 27.81 -25.32
CA GLY H 66 -17.30 26.97 -24.13
C GLY H 66 -18.17 27.43 -22.96
N GLU H 67 -18.82 28.61 -23.09
CA GLU H 67 -19.70 29.13 -22.05
C GLU H 67 -21.09 28.47 -22.15
N PRO H 68 -21.86 28.40 -21.03
CA PRO H 68 -23.25 27.92 -21.08
C PRO H 68 -24.19 28.92 -21.74
N VAL H 69 -24.92 28.43 -22.75
CA VAL H 69 -25.83 29.22 -23.56
C VAL H 69 -27.28 28.80 -23.26
N ALA H 70 -28.19 29.79 -23.34
CA ALA H 70 -29.62 29.52 -23.39
C ALA H 70 -30.13 29.69 -24.82
N LEU H 71 -31.00 28.75 -25.24
CA LEU H 71 -31.66 28.80 -26.54
C LEU H 71 -33.18 28.89 -26.35
N ALA H 72 -33.83 29.66 -27.24
CA ALA H 72 -35.25 29.48 -27.51
C ALA H 72 -35.41 28.41 -28.58
N GLY H 73 -36.13 27.33 -28.24
CA GLY H 73 -36.53 26.29 -29.17
C GLY H 73 -37.96 26.49 -29.67
N ASP H 74 -38.55 25.40 -30.21
CA ASP H 74 -39.88 25.46 -30.80
C ASP H 74 -40.94 25.75 -29.73
N ASP H 75 -42.06 26.36 -30.18
CA ASP H 75 -43.10 27.04 -29.41
C ASP H 75 -42.61 28.28 -28.67
N CYS H 76 -41.52 28.88 -29.16
CA CYS H 76 -41.20 30.26 -28.84
C CYS H 76 -41.51 31.16 -30.05
N GLU H 77 -42.12 32.32 -29.75
CA GLU H 77 -42.17 33.43 -30.69
C GLU H 77 -40.92 34.29 -30.47
N VAL H 78 -40.26 34.67 -31.59
CA VAL H 78 -38.92 35.26 -31.52
C VAL H 78 -38.79 36.44 -32.49
N ARG H 79 -37.89 37.36 -32.11
CA ARG H 79 -37.41 38.46 -32.94
C ARG H 79 -36.07 38.07 -33.56
N VAL H 80 -36.04 38.01 -34.91
CA VAL H 80 -34.88 37.50 -35.64
C VAL H 80 -34.63 38.33 -36.90
N GLU H 81 -33.37 38.34 -37.34
CA GLU H 81 -32.91 39.13 -38.48
C GLU H 81 -32.93 38.27 -39.75
N VAL H 82 -33.42 38.87 -40.85
CA VAL H 82 -33.64 38.18 -42.12
C VAL H 82 -32.73 38.79 -43.19
N SER H 83 -32.26 37.95 -44.12
CA SER H 83 -31.36 38.38 -45.20
C SER H 83 -32.12 38.88 -46.43
N GLU H 84 -33.45 38.68 -46.45
CA GLU H 84 -34.30 39.07 -47.58
C GLU H 84 -35.64 39.58 -47.05
N GLN H 85 -36.50 40.08 -47.96
CA GLN H 85 -37.85 40.49 -47.61
C GLN H 85 -38.67 39.26 -47.23
N VAL H 86 -39.31 39.31 -46.05
CA VAL H 86 -40.24 38.29 -45.60
C VAL H 86 -41.62 38.93 -45.42
N THR H 87 -42.64 38.26 -45.96
CA THR H 87 -44.03 38.63 -45.70
C THR H 87 -44.60 37.66 -44.66
N ALA H 88 -45.78 37.96 -44.10
CA ALA H 88 -46.41 37.07 -43.14
C ALA H 88 -46.72 35.73 -43.82
N ASN H 89 -46.64 34.63 -43.05
CA ASN H 89 -46.91 33.28 -43.51
C ASN H 89 -45.75 32.69 -44.32
N ASP H 90 -44.62 33.40 -44.44
CA ASP H 90 -43.44 32.82 -45.05
C ASP H 90 -42.80 31.85 -44.05
N GLU H 91 -42.43 30.66 -44.54
CA GLU H 91 -41.58 29.78 -43.76
C GLU H 91 -40.12 30.17 -43.95
N ILE H 92 -39.40 30.16 -42.83
CA ILE H 92 -38.01 30.59 -42.79
C ILE H 92 -37.14 29.52 -42.13
N LEU H 93 -35.88 29.50 -42.54
CA LEU H 93 -34.84 28.70 -41.91
C LEU H 93 -33.52 29.47 -41.96
N PRO H 94 -32.44 29.01 -41.27
CA PRO H 94 -31.14 29.71 -41.28
C PRO H 94 -30.49 29.86 -42.65
N ASP H 95 -29.85 31.02 -42.84
CA ASP H 95 -29.18 31.43 -44.07
C ASP H 95 -27.69 31.08 -44.04
N GLY H 96 -27.15 30.73 -42.86
CA GLY H 96 -25.72 30.46 -42.70
C GLY H 96 -24.90 31.72 -42.39
N LEU H 97 -25.57 32.89 -42.37
CA LEU H 97 -24.94 34.19 -42.16
C LEU H 97 -25.28 34.79 -40.79
N GLY H 98 -25.79 33.96 -39.85
CA GLY H 98 -26.29 34.43 -38.56
C GLY H 98 -27.73 34.95 -38.62
N THR H 99 -28.35 34.87 -39.82
CA THR H 99 -29.68 35.37 -40.12
C THR H 99 -30.55 34.25 -40.70
N PHE H 100 -31.80 34.60 -41.05
CA PHE H 100 -32.78 33.69 -41.62
C PHE H 100 -33.10 34.07 -43.06
N GLU H 101 -33.49 33.07 -43.86
CA GLU H 101 -34.00 33.27 -45.21
C GLU H 101 -35.27 32.46 -45.39
N THR H 102 -36.04 32.74 -46.46
CA THR H 102 -37.23 31.95 -46.75
C THR H 102 -36.84 30.58 -47.32
N VAL H 103 -37.69 29.60 -47.02
CA VAL H 103 -37.65 28.26 -47.61
C VAL H 103 -37.62 28.37 -49.14
N ALA H 104 -38.43 29.30 -49.68
CA ALA H 104 -38.53 29.60 -51.10
C ALA H 104 -37.19 30.00 -51.74
N THR H 105 -36.27 30.59 -50.97
CA THR H 105 -34.98 31.08 -51.46
C THR H 105 -33.88 30.01 -51.29
N SER H 106 -33.97 29.24 -50.20
CA SER H 106 -33.04 28.18 -49.87
C SER H 106 -33.23 26.99 -50.81
N ALA H 107 -32.30 26.02 -50.77
CA ALA H 107 -32.47 24.75 -51.46
C ALA H 107 -33.32 23.76 -50.64
N ALA H 108 -33.68 24.10 -49.39
CA ALA H 108 -34.49 23.25 -48.53
C ALA H 108 -35.97 23.33 -48.93
N SER H 109 -36.75 22.31 -48.52
CA SER H 109 -38.17 22.17 -48.89
C SER H 109 -39.15 22.42 -47.74
N ALA H 110 -38.64 22.54 -46.50
CA ALA H 110 -39.45 22.87 -45.31
C ALA H 110 -38.64 23.70 -44.32
N GLY H 111 -39.34 24.56 -43.55
CA GLY H 111 -38.70 25.53 -42.67
C GLY H 111 -38.70 25.11 -41.20
N VAL H 112 -38.36 26.07 -40.33
CA VAL H 112 -38.29 25.85 -38.88
C VAL H 112 -39.12 26.90 -38.13
N ALA H 113 -39.34 28.06 -38.76
CA ALA H 113 -40.15 29.12 -38.19
C ALA H 113 -41.09 29.70 -39.25
N ILE H 114 -42.16 30.37 -38.78
CA ILE H 114 -43.18 30.99 -39.60
C ILE H 114 -43.24 32.49 -39.26
N VAL H 115 -43.19 33.34 -40.29
CA VAL H 115 -43.14 34.79 -40.11
C VAL H 115 -44.54 35.30 -39.76
N GLN H 116 -44.66 35.96 -38.61
CA GLN H 116 -45.91 36.53 -38.14
C GLN H 116 -46.01 38.01 -38.53
N GLU H 117 -44.86 38.70 -38.44
CA GLU H 117 -44.71 40.11 -38.77
C GLU H 117 -43.60 40.24 -39.83
N GLY H 118 -43.94 40.77 -41.01
CA GLY H 118 -43.02 40.89 -42.12
C GLY H 118 -41.92 41.94 -41.87
N ALA H 119 -40.78 41.77 -42.57
CA ALA H 119 -39.63 42.65 -42.45
C ALA H 119 -38.89 42.73 -43.79
N ALA H 120 -38.18 43.85 -44.01
CA ALA H 120 -37.26 44.00 -45.13
C ALA H 120 -35.93 43.31 -44.80
N SER H 121 -35.03 43.24 -45.79
CA SER H 121 -33.69 42.66 -45.65
C SER H 121 -32.89 43.41 -44.57
N GLY H 122 -32.30 42.66 -43.63
CA GLY H 122 -31.45 43.20 -42.57
C GLY H 122 -32.21 43.72 -41.34
N GLU H 123 -33.55 43.59 -41.33
CA GLU H 123 -34.40 44.07 -40.25
C GLU H 123 -34.96 42.87 -39.47
N VAL H 124 -35.63 43.17 -38.34
CA VAL H 124 -36.17 42.19 -37.42
C VAL H 124 -37.59 41.80 -37.86
N CYS H 125 -37.78 40.50 -38.16
CA CYS H 125 -39.12 39.93 -38.27
C CYS H 125 -39.53 39.35 -36.92
N GLU H 126 -40.85 39.20 -36.71
CA GLU H 126 -41.35 38.40 -35.61
C GLU H 126 -41.84 37.07 -36.17
N ALA H 127 -41.29 35.96 -35.64
CA ALA H 127 -41.51 34.63 -36.17
C ALA H 127 -41.85 33.65 -35.04
N TYR H 128 -42.52 32.55 -35.38
CA TYR H 128 -42.82 31.48 -34.45
C TYR H 128 -42.01 30.23 -34.83
N ILE H 129 -41.22 29.71 -33.87
CA ILE H 129 -40.42 28.51 -34.09
C ILE H 129 -41.32 27.29 -33.89
N PHE H 130 -41.39 26.41 -34.91
CA PHE H 130 -42.29 25.27 -34.89
C PHE H 130 -41.57 23.92 -35.06
N ALA H 131 -40.34 23.92 -35.59
CA ALA H 131 -39.62 22.68 -35.85
C ALA H 131 -38.15 22.78 -35.44
N VAL H 132 -37.51 21.60 -35.35
CA VAL H 132 -36.05 21.46 -35.34
C VAL H 132 -35.67 20.62 -36.56
N GLN H 133 -34.47 20.87 -37.11
CA GLN H 133 -33.96 20.11 -38.24
C GLN H 133 -32.56 19.57 -37.93
N GLY H 134 -32.37 18.28 -38.24
CA GLY H 134 -31.11 17.61 -38.03
C GLY H 134 -30.71 16.75 -39.22
N THR H 135 -29.78 15.83 -38.95
CA THR H 135 -29.14 14.99 -39.95
C THR H 135 -30.05 13.83 -40.35
N THR H 136 -30.42 13.80 -41.65
CA THR H 136 -31.29 12.78 -42.20
C THR H 136 -30.53 11.83 -43.12
N ALA H 137 -29.28 12.20 -43.48
CA ALA H 137 -28.60 11.70 -44.67
C ALA H 137 -29.48 11.86 -45.89
N ALA I 2 -69.38 24.20 -33.03
CA ALA I 2 -70.10 22.92 -32.79
C ALA I 2 -70.98 23.05 -31.54
N THR I 3 -72.00 22.18 -31.43
CA THR I 3 -73.08 22.31 -30.46
C THR I 3 -73.55 20.92 -29.96
N GLU I 4 -74.28 20.90 -28.83
CA GLU I 4 -74.73 19.69 -28.14
C GLU I 4 -76.18 19.87 -27.69
N THR I 5 -77.02 18.83 -27.85
CA THR I 5 -78.42 18.86 -27.44
C THR I 5 -78.64 18.07 -26.16
N GLN I 6 -79.28 18.71 -25.17
CA GLN I 6 -79.69 18.08 -23.92
C GLN I 6 -81.16 18.42 -23.68
N GLY I 7 -82.05 17.53 -24.15
CA GLY I 7 -83.49 17.81 -24.16
C GLY I 7 -83.82 18.93 -25.14
N GLU I 8 -84.40 20.02 -24.61
CA GLU I 8 -84.78 21.18 -25.41
C GLU I 8 -83.60 22.14 -25.60
N HIS I 9 -82.54 21.99 -24.79
CA HIS I 9 -81.42 22.92 -24.70
C HIS I 9 -80.31 22.58 -25.71
N THR I 10 -79.72 23.63 -26.30
CA THR I 10 -78.47 23.54 -27.05
C THR I 10 -77.34 24.23 -26.29
N PHE I 11 -76.21 23.53 -26.17
CA PHE I 11 -75.01 23.96 -25.44
C PHE I 11 -73.81 24.01 -26.40
N PRO I 12 -72.92 25.04 -26.35
CA PRO I 12 -71.70 25.02 -27.16
C PRO I 12 -70.70 23.93 -26.75
N VAL I 13 -70.02 23.35 -27.75
CA VAL I 13 -68.89 22.48 -27.49
C VAL I 13 -67.68 23.36 -27.17
N GLU I 14 -66.88 22.99 -26.16
CA GLU I 14 -65.59 23.62 -25.92
C GLU I 14 -64.56 23.04 -26.88
N VAL I 15 -63.86 23.93 -27.61
CA VAL I 15 -62.80 23.54 -28.55
C VAL I 15 -61.58 22.96 -27.83
N LEU I 16 -61.12 23.60 -26.74
CA LEU I 16 -59.86 23.24 -26.10
C LEU I 16 -60.05 22.11 -25.08
N ILE I 17 -59.45 20.94 -25.37
CA ILE I 17 -59.42 19.79 -24.48
C ILE I 17 -58.30 19.98 -23.45
N SER I 18 -57.09 20.26 -23.96
CA SER I 18 -55.90 20.53 -23.17
C SER I 18 -54.91 21.33 -24.03
N GLY I 19 -53.90 21.90 -23.37
CA GLY I 19 -52.84 22.67 -24.01
C GLY I 19 -52.85 24.13 -23.56
N GLU I 20 -51.70 24.78 -23.74
CA GLU I 20 -51.50 26.14 -23.27
C GLU I 20 -50.91 27.07 -24.35
N GLU I 21 -50.73 26.57 -25.57
CA GLU I 21 -50.29 27.40 -26.68
C GLU I 21 -51.49 28.15 -27.29
N LEU I 22 -52.06 29.02 -26.43
CA LEU I 22 -53.20 29.87 -26.72
C LEU I 22 -52.67 31.26 -27.04
N ARG I 23 -52.64 31.64 -28.33
CA ARG I 23 -51.92 32.83 -28.77
C ARG I 23 -52.87 33.83 -29.45
N GLY I 24 -52.51 35.13 -29.37
CA GLY I 24 -53.41 36.20 -29.80
C GLY I 24 -53.08 36.71 -31.21
N TYR I 25 -54.15 36.89 -32.02
CA TYR I 25 -54.06 37.42 -33.38
C TYR I 25 -55.23 38.38 -33.61
N THR I 26 -55.22 39.04 -34.77
CA THR I 26 -56.34 39.84 -35.26
C THR I 26 -57.08 39.02 -36.32
N ALA I 27 -58.43 38.97 -36.21
CA ALA I 27 -59.27 38.31 -37.21
C ALA I 27 -59.28 39.16 -38.49
N GLY I 28 -59.04 38.52 -39.65
CA GLY I 28 -59.11 39.16 -40.96
C GLY I 28 -60.46 39.00 -41.64
N GLU I 29 -61.35 38.20 -41.03
CA GLU I 29 -62.72 37.94 -41.43
C GLU I 29 -63.48 37.45 -40.20
N ALA I 30 -64.82 37.28 -40.32
CA ALA I 30 -65.60 36.67 -39.27
C ALA I 30 -65.23 35.19 -39.14
N LEU I 31 -64.84 34.76 -37.92
CA LEU I 31 -64.37 33.41 -37.67
C LEU I 31 -65.15 32.76 -36.53
N SER I 32 -65.32 31.43 -36.63
CA SER I 32 -66.16 30.65 -35.73
C SER I 32 -65.30 29.66 -34.95
N ALA I 33 -65.81 29.22 -33.79
CA ALA I 33 -65.10 28.30 -32.92
C ALA I 33 -64.85 26.98 -33.65
N GLY I 34 -63.60 26.50 -33.60
CA GLY I 34 -63.18 25.27 -34.25
C GLY I 34 -62.65 25.47 -35.68
N GLU I 35 -62.75 26.70 -36.21
CA GLU I 35 -62.36 27.04 -37.57
C GLU I 35 -60.83 27.09 -37.69
N PRO I 36 -60.21 26.36 -38.66
CA PRO I 36 -58.76 26.43 -38.88
C PRO I 36 -58.37 27.74 -39.58
N VAL I 37 -57.21 28.28 -39.20
CA VAL I 37 -56.79 29.59 -39.67
C VAL I 37 -55.30 29.58 -39.99
N TYR I 38 -54.90 30.55 -40.82
CA TYR I 38 -53.52 30.82 -41.22
C TYR I 38 -53.28 32.33 -41.17
N LEU I 39 -52.00 32.74 -41.29
CA LEU I 39 -51.62 34.14 -41.32
C LEU I 39 -51.91 34.75 -42.71
N SER I 40 -52.95 35.59 -42.77
CA SER I 40 -53.30 36.34 -43.99
C SER I 40 -52.50 37.64 -44.08
N GLY I 41 -52.02 38.12 -42.92
CA GLY I 41 -51.29 39.38 -42.82
C GLY I 41 -50.47 39.44 -41.53
N ASP I 42 -49.97 40.64 -41.18
CA ASP I 42 -49.09 40.83 -40.03
C ASP I 42 -49.87 40.66 -38.72
N TYR I 43 -49.63 39.51 -38.04
CA TYR I 43 -50.38 39.03 -36.88
C TYR I 43 -51.90 38.95 -37.15
N GLU I 44 -52.28 38.86 -38.44
CA GLU I 44 -53.67 38.83 -38.87
C GLU I 44 -53.97 37.45 -39.48
N VAL I 45 -55.09 36.85 -39.03
CA VAL I 45 -55.42 35.48 -39.40
C VAL I 45 -56.79 35.44 -40.12
N SER I 46 -56.86 34.56 -41.14
CA SER I 46 -58.05 34.26 -41.93
C SER I 46 -58.24 32.74 -41.99
N ALA I 47 -59.44 32.30 -42.42
CA ALA I 47 -59.77 30.88 -42.52
C ALA I 47 -58.92 30.20 -43.59
N SER I 48 -58.37 29.03 -43.25
CA SER I 48 -57.49 28.25 -44.12
C SER I 48 -58.24 27.77 -45.38
N SER I 49 -57.54 27.80 -46.52
CA SER I 49 -57.97 27.09 -47.72
C SER I 49 -57.55 25.62 -47.64
N ALA I 50 -57.73 24.88 -48.75
CA ALA I 50 -57.45 23.44 -48.84
C ALA I 50 -55.99 23.19 -49.18
N ASP I 51 -55.55 21.92 -49.06
CA ASP I 51 -54.33 21.37 -49.67
C ASP I 51 -53.03 21.93 -49.08
N GLY I 52 -53.07 22.37 -47.81
CA GLY I 52 -51.88 22.66 -47.03
C GLY I 52 -51.29 24.05 -47.30
N GLY I 53 -50.18 24.34 -46.60
CA GLY I 53 -49.46 25.61 -46.67
C GLY I 53 -50.17 26.76 -45.95
N GLU I 54 -51.26 26.45 -45.21
CA GLU I 54 -52.09 27.47 -44.56
C GLU I 54 -52.65 26.96 -43.23
N PHE I 55 -51.80 26.94 -42.19
CA PHE I 55 -52.30 26.62 -40.86
C PHE I 55 -51.38 27.17 -39.76
N LEU I 56 -51.99 27.89 -38.81
CA LEU I 56 -51.33 28.32 -37.59
C LEU I 56 -52.03 27.75 -36.35
N GLY I 57 -53.36 27.64 -36.39
CA GLY I 57 -54.12 27.15 -35.26
C GLY I 57 -55.61 27.03 -35.55
N VAL I 58 -56.38 26.76 -34.49
CA VAL I 58 -57.84 26.76 -34.55
C VAL I 58 -58.37 27.90 -33.69
N ASN I 59 -59.45 28.49 -34.16
CA ASN I 59 -60.12 29.61 -33.51
C ASN I 59 -60.90 29.10 -32.29
N LEU I 60 -60.65 29.68 -31.10
CA LEU I 60 -61.16 29.20 -29.81
C LEU I 60 -62.58 29.72 -29.48
N TYR I 61 -62.94 30.92 -29.95
CA TYR I 61 -64.26 31.52 -29.75
C TYR I 61 -64.64 32.38 -30.97
N ASP I 62 -65.96 32.58 -31.21
CA ASP I 62 -66.48 33.32 -32.36
C ASP I 62 -66.06 34.80 -32.30
N VAL I 63 -65.63 35.35 -33.46
CA VAL I 63 -65.18 36.74 -33.61
C VAL I 63 -65.74 37.37 -34.90
N ALA I 64 -65.84 38.71 -34.89
CA ALA I 64 -66.07 39.49 -36.10
C ALA I 64 -64.73 39.90 -36.72
N SER I 65 -64.77 40.45 -37.94
CA SER I 65 -63.59 40.95 -38.65
C SER I 65 -62.92 42.06 -37.84
N GLY I 66 -61.58 42.00 -37.73
CA GLY I 66 -60.79 43.03 -37.07
C GLY I 66 -60.68 42.86 -35.55
N GLU I 67 -61.45 41.92 -34.96
CA GLU I 67 -61.44 41.67 -33.52
C GLU I 67 -60.26 40.78 -33.13
N PRO I 68 -59.76 40.86 -31.86
CA PRO I 68 -58.71 39.96 -31.38
C PRO I 68 -59.22 38.55 -31.10
N VAL I 69 -58.46 37.58 -31.61
CA VAL I 69 -58.81 36.17 -31.62
C VAL I 69 -57.76 35.39 -30.82
N ALA I 70 -58.23 34.35 -30.10
CA ALA I 70 -57.36 33.39 -29.43
C ALA I 70 -57.28 32.11 -30.27
N LEU I 71 -56.04 31.69 -30.58
CA LEU I 71 -55.81 30.47 -31.32
C LEU I 71 -55.17 29.42 -30.41
N ALA I 72 -55.67 28.19 -30.50
CA ALA I 72 -54.88 27.04 -30.07
C ALA I 72 -53.90 26.69 -31.18
N GLY I 73 -52.59 26.71 -30.86
CA GLY I 73 -51.54 26.25 -31.76
C GLY I 73 -51.16 24.78 -31.48
N ASP I 74 -49.98 24.37 -31.97
CA ASP I 74 -49.43 23.05 -31.65
C ASP I 74 -49.18 22.95 -30.14
N ASP I 75 -49.16 21.71 -29.62
CA ASP I 75 -49.20 21.35 -28.21
C ASP I 75 -50.64 21.30 -27.65
N CYS I 76 -51.67 21.54 -28.49
CA CYS I 76 -53.05 21.61 -28.02
C CYS I 76 -53.87 20.42 -28.51
N GLU I 77 -54.66 19.83 -27.60
CA GLU I 77 -55.72 18.88 -27.89
C GLU I 77 -57.02 19.64 -28.10
N VAL I 78 -57.67 19.42 -29.25
CA VAL I 78 -58.81 20.23 -29.67
C VAL I 78 -59.97 19.34 -30.15
N ARG I 79 -61.19 19.86 -29.96
CA ARG I 79 -62.43 19.30 -30.47
C ARG I 79 -62.76 20.00 -31.79
N VAL I 80 -62.56 19.29 -32.92
CA VAL I 80 -62.69 19.90 -34.23
C VAL I 80 -63.54 19.03 -35.17
N GLU I 81 -64.16 19.71 -36.14
CA GLU I 81 -65.15 19.12 -37.03
C GLU I 81 -64.49 18.65 -38.33
N VAL I 82 -64.92 17.46 -38.80
CA VAL I 82 -64.33 16.79 -39.94
C VAL I 82 -65.38 16.63 -41.05
N SER I 83 -64.94 16.66 -42.31
CA SER I 83 -65.81 16.47 -43.46
C SER I 83 -65.97 14.99 -43.86
N GLU I 84 -65.06 14.13 -43.37
CA GLU I 84 -65.03 12.72 -43.74
C GLU I 84 -64.81 11.86 -42.50
N GLN I 85 -64.79 10.53 -42.68
CA GLN I 85 -64.52 9.65 -41.55
C GLN I 85 -63.04 9.72 -41.17
N VAL I 86 -62.80 10.04 -39.90
CA VAL I 86 -61.46 9.98 -39.33
C VAL I 86 -61.37 8.80 -38.35
N THR I 87 -60.29 8.04 -38.49
CA THR I 87 -59.89 7.01 -37.55
C THR I 87 -58.73 7.56 -36.72
N ALA I 88 -58.40 6.92 -35.60
CA ALA I 88 -57.28 7.35 -34.79
C ALA I 88 -55.97 7.13 -35.55
N ASN I 89 -55.01 8.05 -35.35
CA ASN I 89 -53.69 8.07 -36.00
C ASN I 89 -53.73 8.81 -37.35
N ASP I 90 -54.93 9.07 -37.90
CA ASP I 90 -55.06 9.83 -39.15
C ASP I 90 -54.49 11.23 -38.94
N GLU I 91 -53.62 11.66 -39.87
CA GLU I 91 -53.24 13.06 -39.96
C GLU I 91 -54.32 13.83 -40.69
N ILE I 92 -54.64 14.99 -40.11
CA ILE I 92 -55.67 15.87 -40.64
C ILE I 92 -55.05 17.25 -40.87
N LEU I 93 -55.64 17.95 -41.83
CA LEU I 93 -55.28 19.34 -42.13
C LEU I 93 -56.53 20.06 -42.65
N PRO I 94 -56.47 21.41 -42.80
CA PRO I 94 -57.60 22.19 -43.30
C PRO I 94 -58.20 21.70 -44.61
N ASP I 95 -59.54 21.78 -44.64
CA ASP I 95 -60.43 21.27 -45.65
C ASP I 95 -60.73 22.37 -46.66
N GLY I 96 -60.67 23.65 -46.22
CA GLY I 96 -61.07 24.80 -47.00
C GLY I 96 -62.53 25.20 -46.76
N LEU I 97 -63.22 24.46 -45.88
CA LEU I 97 -64.65 24.62 -45.60
C LEU I 97 -64.91 24.93 -44.12
N GLY I 98 -63.88 25.44 -43.40
CA GLY I 98 -63.95 25.70 -41.96
C GLY I 98 -63.86 24.43 -41.12
N THR I 99 -63.54 23.31 -41.77
CA THR I 99 -63.44 21.98 -41.20
C THR I 99 -62.08 21.37 -41.52
N PHE I 100 -61.93 20.07 -41.23
CA PHE I 100 -60.72 19.29 -41.44
C PHE I 100 -61.00 18.10 -42.35
N GLU I 101 -59.96 17.68 -43.09
CA GLU I 101 -59.97 16.46 -43.89
C GLU I 101 -58.66 15.71 -43.67
N THR I 102 -58.64 14.43 -44.07
CA THR I 102 -57.44 13.63 -43.93
C THR I 102 -56.41 14.03 -44.98
N VAL I 103 -55.14 13.88 -44.61
CA VAL I 103 -53.99 14.04 -45.48
C VAL I 103 -54.12 13.13 -46.69
N ALA I 104 -54.70 11.93 -46.48
CA ALA I 104 -55.02 10.96 -47.52
C ALA I 104 -55.93 11.56 -48.61
N THR I 105 -56.93 12.35 -48.21
CA THR I 105 -57.93 12.91 -49.12
C THR I 105 -57.38 14.15 -49.84
N SER I 106 -56.59 14.96 -49.13
CA SER I 106 -56.06 16.22 -49.62
C SER I 106 -54.99 15.96 -50.67
N ALA I 107 -54.57 17.02 -51.38
CA ALA I 107 -53.41 16.96 -52.26
C ALA I 107 -52.08 17.10 -51.48
N ALA I 108 -52.15 17.36 -50.16
CA ALA I 108 -50.97 17.52 -49.32
C ALA I 108 -50.48 16.16 -48.79
N SER I 109 -49.16 16.10 -48.47
CA SER I 109 -48.49 14.91 -47.99
C SER I 109 -48.29 14.90 -46.47
N ALA I 110 -48.49 16.05 -45.81
CA ALA I 110 -48.23 16.21 -44.38
C ALA I 110 -49.37 17.00 -43.70
N GLY I 111 -49.76 16.55 -42.49
CA GLY I 111 -50.85 17.14 -41.72
C GLY I 111 -50.37 18.08 -40.61
N VAL I 112 -51.35 18.66 -39.88
CA VAL I 112 -51.08 19.66 -38.85
C VAL I 112 -51.53 19.14 -37.48
N ALA I 113 -52.55 18.27 -37.49
CA ALA I 113 -53.09 17.62 -36.31
C ALA I 113 -53.25 16.13 -36.56
N ILE I 114 -53.24 15.35 -35.47
CA ILE I 114 -53.46 13.90 -35.49
C ILE I 114 -54.73 13.57 -34.72
N VAL I 115 -55.57 12.69 -35.29
CA VAL I 115 -56.83 12.31 -34.68
C VAL I 115 -56.58 11.28 -33.58
N GLN I 116 -57.09 11.59 -32.37
CA GLN I 116 -56.95 10.76 -31.18
C GLN I 116 -58.21 9.95 -30.92
N GLU I 117 -59.37 10.59 -31.14
CA GLU I 117 -60.69 9.97 -31.05
C GLU I 117 -61.33 10.08 -32.44
N GLY I 118 -61.60 8.92 -33.06
CA GLY I 118 -62.22 8.88 -34.38
C GLY I 118 -63.62 9.48 -34.38
N ALA I 119 -64.07 9.94 -35.56
CA ALA I 119 -65.36 10.59 -35.72
C ALA I 119 -65.86 10.41 -37.15
N ALA I 120 -67.19 10.46 -37.34
CA ALA I 120 -67.82 10.36 -38.65
C ALA I 120 -67.86 11.73 -39.33
N SER I 121 -68.26 11.75 -40.62
CA SER I 121 -68.42 12.97 -41.40
C SER I 121 -69.40 13.92 -40.71
N GLY I 122 -68.96 15.16 -40.45
CA GLY I 122 -69.79 16.20 -39.87
C GLY I 122 -69.80 16.22 -38.33
N GLU I 123 -69.15 15.23 -37.70
CA GLU I 123 -69.05 15.12 -36.25
C GLU I 123 -67.73 15.73 -35.76
N VAL I 124 -67.54 15.71 -34.42
CA VAL I 124 -66.41 16.28 -33.72
C VAL I 124 -65.44 15.17 -33.33
N CYS I 125 -64.21 15.27 -33.83
CA CYS I 125 -63.09 14.43 -33.42
C CYS I 125 -62.36 15.13 -32.28
N GLU I 126 -61.62 14.35 -31.48
CA GLU I 126 -60.57 14.91 -30.64
C GLU I 126 -59.24 14.69 -31.36
N ALA I 127 -58.49 15.79 -31.52
CA ALA I 127 -57.25 15.79 -32.28
C ALA I 127 -56.17 16.57 -31.54
N TYR I 128 -54.90 16.23 -31.80
CA TYR I 128 -53.76 16.95 -31.24
C TYR I 128 -53.01 17.69 -32.36
N ILE I 129 -52.90 19.02 -32.20
CA ILE I 129 -52.17 19.87 -33.14
C ILE I 129 -50.68 19.75 -32.81
N PHE I 130 -49.87 19.46 -33.85
CA PHE I 130 -48.45 19.22 -33.66
C PHE I 130 -47.58 20.08 -34.59
N ALA I 131 -48.17 20.60 -35.69
CA ALA I 131 -47.42 21.33 -36.70
C ALA I 131 -48.19 22.58 -37.17
N VAL I 132 -47.43 23.52 -37.76
CA VAL I 132 -47.97 24.67 -38.47
C VAL I 132 -47.47 24.60 -39.92
N GLN I 133 -48.25 25.18 -40.84
CA GLN I 133 -47.88 25.19 -42.25
C GLN I 133 -47.99 26.61 -42.82
N GLY I 134 -46.98 26.96 -43.63
CA GLY I 134 -46.97 28.24 -44.32
C GLY I 134 -46.40 28.11 -45.73
N THR I 135 -45.96 29.26 -46.25
CA THR I 135 -45.54 29.44 -47.64
C THR I 135 -44.11 28.94 -47.81
N THR I 136 -43.97 27.91 -48.67
CA THR I 136 -42.69 27.28 -48.98
C THR I 136 -42.27 27.58 -50.41
N ALA I 137 -43.19 28.15 -51.21
CA ALA I 137 -43.19 28.10 -52.67
C ALA I 137 -43.04 26.67 -53.16
N ALA J 2 -49.64 -25.55 -14.65
CA ALA J 2 -50.98 -26.19 -14.58
C ALA J 2 -51.92 -25.37 -13.69
N THR J 3 -53.18 -25.19 -14.12
CA THR J 3 -54.11 -24.26 -13.47
C THR J 3 -55.56 -24.77 -13.48
N GLU J 4 -56.38 -24.32 -12.52
CA GLU J 4 -57.75 -24.77 -12.29
C GLU J 4 -58.72 -23.59 -12.37
N THR J 5 -59.75 -23.68 -13.24
CA THR J 5 -60.78 -22.65 -13.35
C THR J 5 -61.91 -22.93 -12.35
N GLN J 6 -62.23 -21.92 -11.53
CA GLN J 6 -63.40 -21.93 -10.67
C GLN J 6 -64.15 -20.61 -10.87
N GLY J 7 -65.16 -20.63 -11.76
CA GLY J 7 -65.80 -19.41 -12.23
C GLY J 7 -64.86 -18.60 -13.14
N GLU J 8 -64.59 -17.35 -12.75
CA GLU J 8 -63.65 -16.49 -13.46
C GLU J 8 -62.21 -16.73 -13.00
N HIS J 9 -62.04 -17.25 -11.77
CA HIS J 9 -60.72 -17.38 -11.15
C HIS J 9 -59.95 -18.56 -11.72
N THR J 10 -58.63 -18.34 -11.86
CA THR J 10 -57.68 -19.42 -12.09
C THR J 10 -56.83 -19.61 -10.83
N PHE J 11 -56.89 -20.83 -10.29
CA PHE J 11 -56.14 -21.26 -9.11
C PHE J 11 -54.92 -22.06 -9.55
N PRO J 12 -53.78 -22.01 -8.81
CA PRO J 12 -52.62 -22.85 -9.14
C PRO J 12 -52.94 -24.29 -8.77
N VAL J 13 -52.58 -25.23 -9.64
CA VAL J 13 -52.81 -26.64 -9.38
C VAL J 13 -51.83 -27.12 -8.31
N GLU J 14 -52.37 -27.98 -7.43
CA GLU J 14 -51.67 -28.65 -6.36
C GLU J 14 -50.90 -29.85 -6.91
N VAL J 15 -49.60 -29.68 -7.24
CA VAL J 15 -48.83 -30.69 -7.97
C VAL J 15 -48.79 -32.04 -7.23
N LEU J 16 -48.67 -32.04 -5.90
CA LEU J 16 -48.54 -33.30 -5.16
C LEU J 16 -49.92 -33.74 -4.63
N ILE J 17 -50.29 -35.00 -4.92
CA ILE J 17 -51.52 -35.62 -4.44
C ILE J 17 -51.22 -36.46 -3.18
N SER J 18 -50.26 -37.38 -3.30
CA SER J 18 -49.75 -38.14 -2.16
C SER J 18 -48.30 -38.57 -2.46
N GLY J 19 -47.58 -38.94 -1.39
CA GLY J 19 -46.19 -39.35 -1.50
C GLY J 19 -45.27 -38.53 -0.60
N GLU J 20 -44.11 -39.13 -0.32
CA GLU J 20 -43.15 -38.57 0.62
C GLU J 20 -41.74 -38.49 0.01
N GLU J 21 -41.58 -38.90 -1.27
CA GLU J 21 -40.28 -38.87 -1.94
C GLU J 21 -40.00 -37.48 -2.53
N LEU J 22 -39.92 -36.50 -1.62
CA LEU J 22 -39.69 -35.09 -1.92
C LEU J 22 -38.21 -34.79 -1.68
N ARG J 23 -37.48 -34.45 -2.77
CA ARG J 23 -36.02 -34.38 -2.74
C ARG J 23 -35.52 -33.02 -3.25
N GLY J 24 -34.41 -32.56 -2.65
CA GLY J 24 -33.86 -31.23 -2.93
C GLY J 24 -32.74 -31.24 -3.97
N TYR J 25 -32.82 -30.29 -4.92
CA TYR J 25 -31.86 -30.08 -6.01
C TYR J 25 -31.67 -28.58 -6.22
N THR J 26 -30.74 -28.24 -7.12
CA THR J 26 -30.53 -26.88 -7.62
C THR J 26 -31.08 -26.80 -9.04
N ALA J 27 -31.76 -25.69 -9.37
CA ALA J 27 -32.32 -25.46 -10.70
C ALA J 27 -31.23 -25.03 -11.69
N GLY J 28 -31.11 -25.75 -12.82
CA GLY J 28 -30.19 -25.45 -13.92
C GLY J 28 -30.72 -24.38 -14.87
N GLU J 29 -32.03 -24.09 -14.76
CA GLU J 29 -32.74 -23.06 -15.53
C GLU J 29 -33.98 -22.65 -14.72
N ALA J 30 -34.76 -21.69 -15.23
CA ALA J 30 -36.07 -21.40 -14.63
C ALA J 30 -37.01 -22.58 -14.88
N LEU J 31 -37.55 -23.16 -13.79
CA LEU J 31 -38.47 -24.30 -13.87
C LEU J 31 -39.85 -23.91 -13.32
N SER J 32 -40.90 -24.30 -14.07
CA SER J 32 -42.28 -23.99 -13.71
C SER J 32 -42.92 -25.18 -12.99
N ALA J 33 -43.84 -24.88 -12.05
CA ALA J 33 -44.51 -25.89 -11.24
C ALA J 33 -45.17 -26.96 -12.10
N GLY J 34 -44.85 -28.24 -11.81
CA GLY J 34 -45.41 -29.41 -12.48
C GLY J 34 -44.55 -29.95 -13.62
N GLU J 35 -43.44 -29.26 -13.92
CA GLU J 35 -42.58 -29.52 -15.08
C GLU J 35 -41.73 -30.78 -14.83
N PRO J 36 -41.62 -31.71 -15.81
CA PRO J 36 -40.67 -32.84 -15.73
C PRO J 36 -39.21 -32.38 -15.87
N VAL J 37 -38.33 -32.99 -15.06
CA VAL J 37 -36.94 -32.54 -14.93
C VAL J 37 -35.99 -33.75 -14.82
N TYR J 38 -34.72 -33.52 -15.19
CA TYR J 38 -33.64 -34.51 -15.17
C TYR J 38 -32.35 -33.86 -14.65
N LEU J 39 -31.35 -34.69 -14.30
CA LEU J 39 -30.06 -34.19 -13.83
C LEU J 39 -29.21 -33.65 -14.99
N SER J 40 -28.98 -32.33 -14.97
CA SER J 40 -28.12 -31.65 -15.93
C SER J 40 -26.68 -31.50 -15.41
N GLY J 41 -26.52 -31.56 -14.08
CA GLY J 41 -25.23 -31.45 -13.42
C GLY J 41 -25.30 -32.03 -12.01
N ASP J 42 -24.20 -31.90 -11.25
CA ASP J 42 -24.10 -32.47 -9.91
C ASP J 42 -25.15 -31.82 -9.00
N TYR J 43 -26.18 -32.62 -8.65
CA TYR J 43 -27.38 -32.21 -7.90
C TYR J 43 -28.12 -31.03 -8.55
N GLU J 44 -27.93 -30.85 -9.87
CA GLU J 44 -28.55 -29.78 -10.64
C GLU J 44 -29.54 -30.40 -11.62
N VAL J 45 -30.75 -29.81 -11.71
CA VAL J 45 -31.83 -30.33 -12.55
C VAL J 45 -32.33 -29.28 -13.54
N SER J 46 -32.64 -29.75 -14.76
CA SER J 46 -33.15 -28.96 -15.87
C SER J 46 -34.38 -29.64 -16.49
N ALA J 47 -35.13 -28.91 -17.33
CA ALA J 47 -36.34 -29.42 -17.97
C ALA J 47 -36.01 -30.58 -18.92
N SER J 48 -36.75 -31.69 -18.79
CA SER J 48 -36.60 -32.91 -19.59
C SER J 48 -36.83 -32.63 -21.08
N SER J 49 -36.09 -33.34 -21.95
CA SER J 49 -36.37 -33.37 -23.38
C SER J 49 -37.17 -34.62 -23.75
N ALA J 50 -37.60 -34.71 -25.02
CA ALA J 50 -38.47 -35.76 -25.54
C ALA J 50 -37.74 -37.11 -25.59
N ASP J 51 -38.51 -38.21 -25.74
CA ASP J 51 -38.05 -39.54 -26.12
C ASP J 51 -37.17 -40.23 -25.06
N GLY J 52 -37.25 -39.79 -23.79
CA GLY J 52 -36.79 -40.57 -22.65
C GLY J 52 -35.29 -40.46 -22.36
N GLY J 53 -34.86 -41.11 -21.27
CA GLY J 53 -33.50 -41.06 -20.76
C GLY J 53 -33.22 -39.83 -19.89
N GLU J 54 -34.25 -39.00 -19.66
CA GLU J 54 -34.13 -37.70 -18.99
C GLU J 54 -35.32 -37.48 -18.06
N PHE J 55 -35.35 -38.19 -16.92
CA PHE J 55 -36.43 -37.99 -15.96
C PHE J 55 -36.02 -38.44 -14.56
N LEU J 56 -36.07 -37.48 -13.62
CA LEU J 56 -35.85 -37.72 -12.20
C LEU J 56 -37.15 -37.52 -11.40
N GLY J 57 -37.96 -36.54 -11.82
CA GLY J 57 -39.21 -36.24 -11.15
C GLY J 57 -39.85 -34.97 -11.71
N VAL J 58 -40.77 -34.40 -10.92
CA VAL J 58 -41.46 -33.18 -11.31
C VAL J 58 -41.19 -32.09 -10.28
N ASN J 59 -40.97 -30.88 -10.80
CA ASN J 59 -40.73 -29.68 -10.02
C ASN J 59 -42.03 -29.26 -9.33
N LEU J 60 -41.97 -29.02 -8.00
CA LEU J 60 -43.17 -28.81 -7.18
C LEU J 60 -43.67 -27.36 -7.12
N TYR J 61 -42.76 -26.38 -7.33
CA TYR J 61 -43.10 -24.96 -7.27
C TYR J 61 -42.20 -24.17 -8.23
N ASP J 62 -42.60 -22.93 -8.60
CA ASP J 62 -41.85 -22.12 -9.57
C ASP J 62 -40.50 -21.68 -8.99
N VAL J 63 -39.41 -21.95 -9.74
CA VAL J 63 -38.04 -21.56 -9.37
C VAL J 63 -37.36 -20.82 -10.54
N ALA J 64 -36.51 -19.84 -10.21
CA ALA J 64 -35.54 -19.28 -11.17
C ALA J 64 -34.29 -20.17 -11.20
N SER J 65 -33.36 -19.85 -12.11
CA SER J 65 -32.08 -20.55 -12.22
C SER J 65 -31.25 -20.36 -10.95
N GLY J 66 -30.60 -21.45 -10.49
CA GLY J 66 -29.69 -21.42 -9.35
C GLY J 66 -30.36 -21.56 -7.98
N GLU J 67 -31.70 -21.55 -7.94
CA GLU J 67 -32.47 -21.65 -6.70
C GLU J 67 -32.64 -23.10 -6.26
N PRO J 68 -32.88 -23.37 -4.94
CA PRO J 68 -33.22 -24.72 -4.46
C PRO J 68 -34.64 -25.14 -4.86
N VAL J 69 -34.71 -26.28 -5.55
CA VAL J 69 -35.95 -26.82 -6.09
C VAL J 69 -36.30 -28.09 -5.30
N ALA J 70 -37.60 -28.33 -5.11
CA ALA J 70 -38.11 -29.59 -4.58
C ALA J 70 -38.72 -30.42 -5.71
N LEU J 71 -38.32 -31.70 -5.77
CA LEU J 71 -38.82 -32.66 -6.74
C LEU J 71 -39.69 -33.70 -6.05
N ALA J 72 -40.88 -33.95 -6.61
CA ALA J 72 -41.57 -35.20 -6.36
C ALA J 72 -41.00 -36.26 -7.30
N GLY J 73 -40.38 -37.29 -6.69
CA GLY J 73 -39.85 -38.44 -7.43
C GLY J 73 -40.91 -39.54 -7.59
N ASP J 74 -40.43 -40.77 -7.84
CA ASP J 74 -41.25 -41.97 -7.81
C ASP J 74 -41.81 -42.19 -6.40
N ASP J 75 -42.88 -43.00 -6.29
CA ASP J 75 -43.71 -43.14 -5.10
C ASP J 75 -44.54 -41.87 -4.82
N CYS J 76 -44.75 -41.02 -5.84
CA CYS J 76 -45.61 -39.85 -5.71
C CYS J 76 -46.77 -39.91 -6.71
N GLU J 77 -47.97 -39.52 -6.23
CA GLU J 77 -49.14 -39.23 -7.06
C GLU J 77 -49.17 -37.72 -7.31
N VAL J 78 -49.37 -37.32 -8.59
CA VAL J 78 -49.12 -35.94 -9.01
C VAL J 78 -50.15 -35.47 -10.04
N ARG J 79 -50.44 -34.16 -10.00
CA ARG J 79 -51.28 -33.49 -10.97
C ARG J 79 -50.39 -32.84 -12.04
N VAL J 80 -50.50 -33.31 -13.29
CA VAL J 80 -49.57 -32.94 -14.36
C VAL J 80 -50.34 -32.60 -15.64
N GLU J 81 -49.81 -31.62 -16.38
CA GLU J 81 -50.35 -31.23 -17.69
C GLU J 81 -49.86 -32.21 -18.76
N VAL J 82 -50.77 -32.59 -19.67
CA VAL J 82 -50.49 -33.52 -20.76
C VAL J 82 -50.66 -32.79 -22.10
N SER J 83 -49.90 -33.21 -23.12
CA SER J 83 -49.95 -32.57 -24.44
C SER J 83 -50.97 -33.25 -25.37
N GLU J 84 -51.37 -34.49 -25.04
CA GLU J 84 -52.32 -35.25 -25.83
C GLU J 84 -53.38 -35.87 -24.93
N GLN J 85 -54.35 -36.58 -25.52
CA GLN J 85 -55.36 -37.27 -24.71
C GLN J 85 -54.76 -38.50 -24.04
N VAL J 86 -54.94 -38.56 -22.72
CA VAL J 86 -54.51 -39.71 -21.91
C VAL J 86 -55.74 -40.38 -21.29
N THR J 87 -55.73 -41.71 -21.32
CA THR J 87 -56.72 -42.55 -20.66
C THR J 87 -56.07 -43.15 -19.40
N ALA J 88 -56.89 -43.71 -18.49
CA ALA J 88 -56.35 -44.42 -17.33
C ALA J 88 -55.54 -45.63 -17.79
N ASN J 89 -54.44 -45.94 -17.08
CA ASN J 89 -53.48 -46.99 -17.39
C ASN J 89 -52.42 -46.59 -18.42
N ASP J 90 -52.54 -45.41 -19.08
CA ASP J 90 -51.55 -45.00 -20.06
C ASP J 90 -50.21 -44.71 -19.34
N GLU J 91 -49.11 -45.25 -19.90
CA GLU J 91 -47.79 -44.86 -19.45
C GLU J 91 -47.41 -43.56 -20.14
N ILE J 92 -46.92 -42.61 -19.33
CA ILE J 92 -46.55 -41.28 -19.80
C ILE J 92 -45.10 -40.99 -19.44
N LEU J 93 -44.48 -40.16 -20.29
CA LEU J 93 -43.14 -39.65 -20.05
C LEU J 93 -43.05 -38.22 -20.60
N PRO J 94 -41.94 -37.48 -20.30
CA PRO J 94 -41.77 -36.10 -20.76
C PRO J 94 -41.80 -35.93 -22.27
N ASP J 95 -42.49 -34.86 -22.71
CA ASP J 95 -42.76 -34.53 -24.11
C ASP J 95 -41.65 -33.63 -24.67
N GLY J 96 -40.88 -32.98 -23.78
CA GLY J 96 -39.93 -31.94 -24.14
C GLY J 96 -40.52 -30.53 -24.09
N LEU J 97 -41.86 -30.42 -24.10
CA LEU J 97 -42.58 -29.15 -24.19
C LEU J 97 -43.04 -28.64 -22.80
N GLY J 98 -42.42 -29.15 -21.72
CA GLY J 98 -42.77 -28.81 -20.35
C GLY J 98 -43.92 -29.64 -19.78
N THR J 99 -44.36 -30.66 -20.55
CA THR J 99 -45.56 -31.45 -20.32
C THR J 99 -45.24 -32.94 -20.51
N PHE J 100 -46.25 -33.79 -20.25
CA PHE J 100 -46.14 -35.23 -20.47
C PHE J 100 -46.89 -35.67 -21.73
N GLU J 101 -46.45 -36.80 -22.31
CA GLU J 101 -47.08 -37.46 -23.45
C GLU J 101 -47.00 -38.97 -23.26
N THR J 102 -47.81 -39.73 -24.04
CA THR J 102 -47.82 -41.18 -23.88
C THR J 102 -46.56 -41.80 -24.48
N VAL J 103 -46.21 -42.98 -23.94
CA VAL J 103 -45.17 -43.84 -24.49
C VAL J 103 -45.54 -44.25 -25.92
N ALA J 104 -46.85 -44.52 -26.15
CA ALA J 104 -47.41 -44.84 -27.46
C ALA J 104 -47.03 -43.79 -28.52
N THR J 105 -47.02 -42.51 -28.14
CA THR J 105 -46.74 -41.38 -29.02
C THR J 105 -45.24 -41.12 -29.16
N SER J 106 -44.48 -41.30 -28.07
CA SER J 106 -43.05 -41.03 -28.00
C SER J 106 -42.25 -42.03 -28.83
N ALA J 107 -40.95 -41.76 -29.04
CA ALA J 107 -40.04 -42.74 -29.64
C ALA J 107 -39.44 -43.67 -28.58
N ALA J 108 -39.92 -43.58 -27.33
CA ALA J 108 -39.52 -44.46 -26.24
C ALA J 108 -40.50 -45.64 -26.14
N SER J 109 -40.13 -46.65 -25.32
CA SER J 109 -40.89 -47.89 -25.19
C SER J 109 -41.22 -48.24 -23.73
N ALA J 110 -40.79 -47.39 -22.78
CA ALA J 110 -41.12 -47.49 -21.37
C ALA J 110 -41.35 -46.09 -20.80
N GLY J 111 -42.31 -45.96 -19.86
CA GLY J 111 -42.68 -44.67 -19.28
C GLY J 111 -42.09 -44.44 -17.89
N VAL J 112 -42.49 -43.33 -17.26
CA VAL J 112 -42.01 -42.93 -15.94
C VAL J 112 -43.19 -42.82 -14.95
N ALA J 113 -44.39 -42.57 -15.49
CA ALA J 113 -45.60 -42.41 -14.70
C ALA J 113 -46.76 -43.13 -15.37
N ILE J 114 -47.77 -43.48 -14.57
CA ILE J 114 -49.00 -44.10 -15.06
C ILE J 114 -50.18 -43.21 -14.71
N VAL J 115 -51.07 -43.01 -15.70
CA VAL J 115 -52.21 -42.12 -15.59
C VAL J 115 -53.31 -42.80 -14.76
N GLN J 116 -53.70 -42.15 -13.65
CA GLN J 116 -54.76 -42.59 -12.75
C GLN J 116 -56.13 -42.13 -13.27
N GLU J 117 -56.15 -40.93 -13.87
CA GLU J 117 -57.37 -40.23 -14.27
C GLU J 117 -57.07 -39.56 -15.60
N GLY J 118 -57.90 -39.86 -16.62
CA GLY J 118 -57.68 -39.36 -17.97
C GLY J 118 -57.90 -37.85 -18.08
N ALA J 119 -57.27 -37.24 -19.10
CA ALA J 119 -57.40 -35.83 -19.41
C ALA J 119 -57.28 -35.59 -20.91
N ALA J 120 -57.92 -34.51 -21.40
CA ALA J 120 -57.78 -34.05 -22.77
C ALA J 120 -56.47 -33.27 -22.92
N SER J 121 -56.06 -33.04 -24.19
CA SER J 121 -54.87 -32.28 -24.56
C SER J 121 -54.85 -30.91 -23.88
N GLY J 122 -53.76 -30.62 -23.13
CA GLY J 122 -53.55 -29.34 -22.47
C GLY J 122 -54.20 -29.23 -21.09
N GLU J 123 -54.85 -30.30 -20.62
CA GLU J 123 -55.51 -30.35 -19.32
C GLU J 123 -54.64 -31.16 -18.34
N VAL J 124 -55.15 -31.32 -17.11
CA VAL J 124 -54.42 -31.88 -15.98
C VAL J 124 -54.87 -33.32 -15.78
N CYS J 125 -53.92 -34.26 -15.89
CA CYS J 125 -54.17 -35.64 -15.49
C CYS J 125 -53.61 -35.87 -14.08
N GLU J 126 -54.18 -36.86 -13.38
CA GLU J 126 -53.61 -37.36 -12.15
C GLU J 126 -52.83 -38.63 -12.48
N ALA J 127 -51.58 -38.68 -12.02
CA ALA J 127 -50.62 -39.70 -12.42
C ALA J 127 -49.87 -40.21 -11.19
N TYR J 128 -49.29 -41.42 -11.33
CA TYR J 128 -48.41 -42.00 -10.32
C TYR J 128 -47.01 -42.20 -10.91
N ILE J 129 -46.01 -41.51 -10.33
CA ILE J 129 -44.62 -41.62 -10.78
C ILE J 129 -44.01 -42.88 -10.17
N PHE J 130 -43.34 -43.68 -11.01
CA PHE J 130 -42.85 -44.98 -10.57
C PHE J 130 -41.41 -45.26 -11.01
N ALA J 131 -40.88 -44.52 -12.01
CA ALA J 131 -39.55 -44.84 -12.54
C ALA J 131 -38.76 -43.58 -12.90
N VAL J 132 -37.44 -43.67 -12.64
CA VAL J 132 -36.44 -42.71 -13.10
C VAL J 132 -35.93 -43.20 -14.48
N GLN J 133 -35.52 -42.25 -15.34
CA GLN J 133 -34.77 -42.55 -16.55
C GLN J 133 -33.51 -41.69 -16.61
N GLY J 134 -32.38 -42.33 -16.90
CA GLY J 134 -31.09 -41.65 -17.06
C GLY J 134 -30.41 -42.03 -18.37
N THR J 135 -29.11 -41.71 -18.48
CA THR J 135 -28.35 -42.02 -19.68
C THR J 135 -27.72 -43.42 -19.63
N THR J 136 -27.92 -44.14 -20.74
CA THR J 136 -27.54 -45.53 -20.94
C THR J 136 -26.64 -45.66 -22.18
N ALA J 137 -26.22 -44.52 -22.76
CA ALA J 137 -25.68 -44.39 -24.11
C ALA J 137 -26.62 -44.99 -25.15
N ALA K 2 -55.66 -65.95 -1.68
CA ALA K 2 -54.65 -66.82 -1.01
C ALA K 2 -55.09 -67.15 0.42
N THR K 3 -54.72 -68.36 0.90
CA THR K 3 -55.16 -68.86 2.20
C THR K 3 -54.09 -69.75 2.85
N GLU K 4 -54.04 -69.71 4.20
CA GLU K 4 -53.09 -70.48 4.99
C GLU K 4 -53.81 -71.62 5.72
N THR K 5 -53.40 -72.87 5.41
CA THR K 5 -53.96 -74.06 6.03
C THR K 5 -53.23 -74.35 7.35
N GLN K 6 -53.98 -74.39 8.46
CA GLN K 6 -53.46 -74.79 9.77
C GLN K 6 -54.38 -75.87 10.34
N GLY K 7 -54.11 -77.13 9.96
CA GLY K 7 -55.02 -78.24 10.22
C GLY K 7 -56.24 -78.17 9.31
N GLU K 8 -57.42 -78.11 9.93
CA GLU K 8 -58.70 -78.00 9.25
C GLU K 8 -59.00 -76.54 8.86
N HIS K 9 -58.36 -75.60 9.56
CA HIS K 9 -58.64 -74.17 9.43
C HIS K 9 -57.95 -73.61 8.20
N THR K 10 -58.69 -72.77 7.46
CA THR K 10 -58.12 -71.94 6.41
C THR K 10 -58.22 -70.47 6.84
N PHE K 11 -57.04 -69.89 7.07
CA PHE K 11 -56.89 -68.51 7.52
C PHE K 11 -56.67 -67.61 6.32
N PRO K 12 -57.04 -66.30 6.37
CA PRO K 12 -56.62 -65.36 5.33
C PRO K 12 -55.11 -65.13 5.44
N VAL K 13 -54.45 -65.00 4.30
CA VAL K 13 -53.06 -64.56 4.26
C VAL K 13 -53.05 -63.04 4.45
N GLU K 14 -52.21 -62.54 5.36
CA GLU K 14 -51.95 -61.11 5.41
C GLU K 14 -51.03 -60.72 4.25
N VAL K 15 -51.59 -59.99 3.28
CA VAL K 15 -50.93 -59.72 2.01
C VAL K 15 -49.71 -58.81 2.27
N LEU K 16 -49.85 -57.82 3.16
CA LEU K 16 -48.78 -56.87 3.42
C LEU K 16 -47.79 -57.44 4.44
N ILE K 17 -46.51 -57.56 4.05
CA ILE K 17 -45.41 -57.96 4.93
C ILE K 17 -44.74 -56.71 5.49
N SER K 18 -44.33 -55.82 4.58
CA SER K 18 -43.68 -54.57 4.91
C SER K 18 -44.06 -53.52 3.86
N GLY K 19 -44.07 -52.24 4.26
CA GLY K 19 -44.31 -51.13 3.35
C GLY K 19 -45.55 -50.31 3.71
N GLU K 20 -45.60 -49.10 3.13
CA GLU K 20 -46.60 -48.09 3.46
C GLU K 20 -47.30 -47.55 2.20
N GLU K 21 -47.03 -48.16 1.03
CA GLU K 21 -47.66 -47.78 -0.23
C GLU K 21 -49.04 -48.42 -0.37
N LEU K 22 -49.96 -48.00 0.52
CA LEU K 22 -51.30 -48.56 0.60
C LEU K 22 -52.29 -47.55 0.00
N ARG K 23 -52.58 -47.69 -1.31
CA ARG K 23 -53.33 -46.68 -2.06
C ARG K 23 -54.76 -47.13 -2.36
N GLY K 24 -55.69 -46.16 -2.25
CA GLY K 24 -57.11 -46.38 -2.44
C GLY K 24 -57.55 -46.20 -3.89
N TYR K 25 -58.38 -47.14 -4.37
CA TYR K 25 -59.01 -47.13 -5.69
C TYR K 25 -60.47 -47.61 -5.51
N THR K 26 -61.21 -47.71 -6.63
CA THR K 26 -62.52 -48.33 -6.65
C THR K 26 -62.43 -49.62 -7.47
N ALA K 27 -63.21 -50.65 -7.07
CA ALA K 27 -63.19 -51.94 -7.75
C ALA K 27 -64.07 -51.91 -9.00
N GLY K 28 -63.48 -52.17 -10.18
CA GLY K 28 -64.19 -52.28 -11.46
C GLY K 28 -64.98 -53.59 -11.61
N GLU K 29 -64.64 -54.57 -10.74
CA GLU K 29 -65.30 -55.86 -10.61
C GLU K 29 -65.12 -56.34 -9.16
N ALA K 30 -65.62 -57.54 -8.82
CA ALA K 30 -65.38 -58.11 -7.50
C ALA K 30 -63.95 -58.69 -7.43
N LEU K 31 -63.18 -58.26 -6.41
CA LEU K 31 -61.77 -58.62 -6.27
C LEU K 31 -61.50 -59.32 -4.93
N SER K 32 -60.53 -60.24 -4.96
CA SER K 32 -60.20 -61.10 -3.82
C SER K 32 -58.79 -60.77 -3.32
N ALA K 33 -58.55 -60.99 -2.02
CA ALA K 33 -57.29 -60.67 -1.36
C ALA K 33 -56.11 -61.36 -2.05
N GLY K 34 -55.08 -60.56 -2.39
CA GLY K 34 -53.85 -61.02 -3.01
C GLY K 34 -53.87 -61.03 -4.55
N GLU K 35 -54.99 -60.57 -5.14
CA GLU K 35 -55.20 -60.53 -6.58
C GLU K 35 -54.43 -59.35 -7.19
N PRO K 36 -53.65 -59.56 -8.31
CA PRO K 36 -53.02 -58.45 -9.03
C PRO K 36 -54.06 -57.66 -9.83
N VAL K 37 -53.91 -56.32 -9.82
CA VAL K 37 -54.90 -55.45 -10.45
C VAL K 37 -54.22 -54.35 -11.29
N TYR K 38 -54.99 -53.78 -12.23
CA TYR K 38 -54.57 -52.72 -13.15
C TYR K 38 -55.69 -51.68 -13.28
N LEU K 39 -55.40 -50.55 -13.96
CA LEU K 39 -56.38 -49.47 -14.10
C LEU K 39 -57.34 -49.71 -15.26
N SER K 40 -58.62 -49.92 -14.92
CA SER K 40 -59.71 -50.16 -15.86
C SER K 40 -60.52 -48.88 -16.16
N GLY K 41 -60.31 -47.85 -15.33
CA GLY K 41 -60.94 -46.54 -15.49
C GLY K 41 -60.31 -45.54 -14.52
N ASP K 42 -60.90 -44.33 -14.43
CA ASP K 42 -60.36 -43.28 -13.58
C ASP K 42 -60.45 -43.68 -12.10
N TYR K 43 -59.26 -43.92 -11.50
CA TYR K 43 -59.06 -44.47 -10.15
C TYR K 43 -59.88 -45.75 -9.90
N GLU K 44 -60.07 -46.54 -10.96
CA GLU K 44 -60.85 -47.76 -10.92
C GLU K 44 -59.95 -48.92 -11.38
N VAL K 45 -60.05 -50.07 -10.68
CA VAL K 45 -59.12 -51.17 -10.86
C VAL K 45 -59.85 -52.50 -11.10
N SER K 46 -59.27 -53.32 -11.99
CA SER K 46 -59.76 -54.64 -12.35
C SER K 46 -58.60 -55.64 -12.29
N ALA K 47 -58.92 -56.94 -12.24
CA ALA K 47 -57.91 -58.00 -12.16
C ALA K 47 -57.05 -58.02 -13.44
N SER K 48 -55.72 -58.03 -13.25
CA SER K 48 -54.70 -58.01 -14.29
C SER K 48 -54.80 -59.25 -15.19
N SER K 49 -54.67 -59.05 -16.52
CA SER K 49 -54.53 -60.17 -17.45
C SER K 49 -53.06 -60.54 -17.62
N ALA K 50 -52.79 -61.56 -18.45
CA ALA K 50 -51.46 -62.14 -18.64
C ALA K 50 -50.57 -61.24 -19.51
N ASP K 51 -49.26 -61.53 -19.53
CA ASP K 51 -48.29 -61.06 -20.52
C ASP K 51 -48.00 -59.54 -20.47
N GLY K 52 -48.29 -58.90 -19.33
CA GLY K 52 -47.74 -57.58 -19.02
C GLY K 52 -48.58 -56.40 -19.51
N GLY K 53 -48.18 -55.19 -19.08
CA GLY K 53 -48.84 -53.92 -19.39
C GLY K 53 -50.01 -53.57 -18.46
N GLU K 54 -50.22 -54.37 -17.40
CA GLU K 54 -51.44 -54.30 -16.60
C GLU K 54 -51.15 -54.65 -15.13
N PHE K 55 -50.50 -53.73 -14.40
CA PHE K 55 -50.24 -53.95 -12.98
C PHE K 55 -50.01 -52.64 -12.22
N LEU K 56 -50.77 -52.46 -11.12
CA LEU K 56 -50.70 -51.30 -10.27
C LEU K 56 -50.32 -51.69 -8.83
N GLY K 57 -50.76 -52.90 -8.41
CA GLY K 57 -50.62 -53.36 -7.04
C GLY K 57 -51.49 -54.59 -6.79
N VAL K 58 -51.47 -55.07 -5.53
CA VAL K 58 -52.23 -56.25 -5.13
C VAL K 58 -53.32 -55.86 -4.14
N ASN K 59 -54.49 -56.48 -4.30
CA ASN K 59 -55.69 -56.16 -3.53
C ASN K 59 -55.54 -56.69 -2.10
N LEU K 60 -55.75 -55.81 -1.11
CA LEU K 60 -55.48 -56.13 0.30
C LEU K 60 -56.60 -56.91 1.01
N TYR K 61 -57.86 -56.80 0.53
CA TYR K 61 -59.03 -57.45 1.14
C TYR K 61 -60.14 -57.65 0.11
N ASP K 62 -61.11 -58.56 0.37
CA ASP K 62 -62.16 -58.88 -0.60
C ASP K 62 -63.18 -57.74 -0.74
N VAL K 63 -63.50 -57.39 -2.00
CA VAL K 63 -64.40 -56.30 -2.37
C VAL K 63 -65.39 -56.77 -3.45
N ALA K 64 -66.63 -56.25 -3.40
CA ALA K 64 -67.59 -56.35 -4.48
C ALA K 64 -67.35 -55.20 -5.47
N SER K 65 -68.06 -55.25 -6.61
CA SER K 65 -67.95 -54.25 -7.67
C SER K 65 -68.38 -52.88 -7.16
N GLY K 66 -67.62 -51.82 -7.52
CA GLY K 66 -67.94 -50.45 -7.16
C GLY K 66 -67.64 -50.07 -5.71
N GLU K 67 -67.04 -51.00 -4.93
CA GLU K 67 -66.61 -50.72 -3.57
C GLU K 67 -65.21 -50.11 -3.58
N PRO K 68 -64.83 -49.32 -2.53
CA PRO K 68 -63.45 -48.83 -2.39
C PRO K 68 -62.49 -49.93 -1.94
N VAL K 69 -61.39 -50.01 -2.68
CA VAL K 69 -60.40 -51.08 -2.56
C VAL K 69 -59.06 -50.45 -2.15
N ALA K 70 -58.30 -51.16 -1.30
CA ALA K 70 -56.93 -50.81 -0.96
C ALA K 70 -55.96 -51.72 -1.73
N LEU K 71 -54.93 -51.11 -2.33
CA LEU K 71 -53.83 -51.84 -2.96
C LEU K 71 -52.54 -51.65 -2.17
N ALA K 72 -51.75 -52.73 -2.08
CA ALA K 72 -50.33 -52.61 -1.81
C ALA K 72 -49.59 -52.37 -3.14
N GLY K 73 -48.94 -51.18 -3.25
CA GLY K 73 -48.19 -50.80 -4.44
C GLY K 73 -46.73 -51.25 -4.37
N ASP K 74 -45.89 -50.69 -5.26
CA ASP K 74 -44.44 -50.89 -5.18
C ASP K 74 -43.91 -50.27 -3.88
N ASP K 75 -42.73 -50.76 -3.46
CA ASP K 75 -42.14 -50.60 -2.12
C ASP K 75 -42.80 -51.50 -1.07
N CYS K 76 -43.84 -52.27 -1.43
CA CYS K 76 -44.41 -53.24 -0.48
C CYS K 76 -43.75 -54.61 -0.68
N GLU K 77 -43.34 -55.21 0.45
CA GLU K 77 -43.14 -56.66 0.53
C GLU K 77 -44.51 -57.32 0.77
N VAL K 78 -44.82 -58.37 -0.01
CA VAL K 78 -46.17 -58.94 -0.05
C VAL K 78 -46.15 -60.47 -0.11
N ARG K 79 -47.25 -61.07 0.36
CA ARG K 79 -47.52 -62.50 0.26
C ARG K 79 -48.52 -62.75 -0.88
N VAL K 80 -48.09 -63.46 -1.94
CA VAL K 80 -48.89 -63.65 -3.13
C VAL K 80 -48.82 -65.10 -3.61
N GLU K 81 -49.94 -65.58 -4.17
CA GLU K 81 -50.04 -66.93 -4.71
C GLU K 81 -49.47 -66.96 -6.13
N VAL K 82 -48.74 -68.04 -6.44
CA VAL K 82 -48.06 -68.25 -7.71
C VAL K 82 -48.62 -69.50 -8.41
N SER K 83 -48.58 -69.51 -9.75
CA SER K 83 -49.15 -70.61 -10.55
C SER K 83 -48.10 -71.68 -10.90
N GLU K 84 -46.82 -71.42 -10.61
CA GLU K 84 -45.71 -72.31 -10.94
C GLU K 84 -44.66 -72.20 -9.84
N GLN K 85 -43.63 -73.07 -9.89
CA GLN K 85 -42.54 -72.98 -8.93
C GLN K 85 -41.73 -71.71 -9.14
N VAL K 86 -41.57 -70.94 -8.05
CA VAL K 86 -40.74 -69.75 -8.02
C VAL K 86 -39.58 -69.96 -7.03
N THR K 87 -38.40 -69.48 -7.42
CA THR K 87 -37.21 -69.49 -6.60
C THR K 87 -36.89 -68.04 -6.24
N ALA K 88 -36.09 -67.84 -5.17
CA ALA K 88 -35.58 -66.50 -4.85
C ALA K 88 -34.87 -65.91 -6.07
N ASN K 89 -35.08 -64.61 -6.29
CA ASN K 89 -34.53 -63.84 -7.42
C ASN K 89 -35.39 -63.91 -8.70
N ASP K 90 -36.45 -64.73 -8.75
CA ASP K 90 -37.29 -64.76 -9.95
C ASP K 90 -38.13 -63.48 -10.03
N GLU K 91 -38.17 -62.88 -11.23
CA GLU K 91 -39.11 -61.79 -11.48
C GLU K 91 -40.46 -62.39 -11.87
N ILE K 92 -41.52 -61.81 -11.29
CA ILE K 92 -42.87 -62.32 -11.44
C ILE K 92 -43.80 -61.19 -11.88
N LEU K 93 -44.85 -61.59 -12.60
CA LEU K 93 -45.89 -60.69 -13.04
C LEU K 93 -47.22 -61.44 -13.07
N PRO K 94 -48.37 -60.73 -13.24
CA PRO K 94 -49.69 -61.37 -13.31
C PRO K 94 -49.83 -62.45 -14.39
N ASP K 95 -50.52 -63.53 -14.00
CA ASP K 95 -50.77 -64.71 -14.82
C ASP K 95 -52.13 -64.60 -15.52
N GLY K 96 -53.01 -63.70 -15.03
CA GLY K 96 -54.38 -63.61 -15.53
C GLY K 96 -55.37 -64.56 -14.85
N LEU K 97 -54.86 -65.41 -13.94
CA LEU K 97 -55.63 -66.43 -13.23
C LEU K 97 -55.85 -66.07 -11.76
N GLY K 98 -55.64 -64.79 -11.40
CA GLY K 98 -55.71 -64.29 -10.04
C GLY K 98 -54.39 -64.46 -9.25
N THR K 99 -53.35 -64.95 -9.95
CA THR K 99 -52.06 -65.33 -9.38
C THR K 99 -50.93 -64.71 -10.19
N PHE K 100 -49.70 -64.89 -9.71
CA PHE K 100 -48.49 -64.46 -10.40
C PHE K 100 -47.80 -65.67 -11.07
N GLU K 101 -46.97 -65.37 -12.09
CA GLU K 101 -46.11 -66.32 -12.77
C GLU K 101 -44.76 -65.66 -13.06
N THR K 102 -43.75 -66.46 -13.44
CA THR K 102 -42.44 -65.90 -13.76
C THR K 102 -42.50 -65.16 -15.09
N VAL K 103 -41.60 -64.16 -15.23
CA VAL K 103 -41.33 -63.49 -16.49
C VAL K 103 -40.89 -64.51 -17.54
N ALA K 104 -40.01 -65.45 -17.12
CA ALA K 104 -39.49 -66.55 -17.93
C ALA K 104 -40.60 -67.35 -18.61
N THR K 105 -41.71 -67.62 -17.89
CA THR K 105 -42.83 -68.38 -18.40
C THR K 105 -43.68 -67.54 -19.37
N SER K 106 -43.84 -66.25 -19.05
CA SER K 106 -44.72 -65.34 -19.76
C SER K 106 -44.12 -64.93 -21.11
N ALA K 107 -44.91 -64.19 -21.92
CA ALA K 107 -44.45 -63.57 -23.14
C ALA K 107 -43.76 -62.22 -22.86
N ALA K 108 -43.75 -61.77 -21.60
CA ALA K 108 -43.13 -60.51 -21.21
C ALA K 108 -41.61 -60.69 -21.03
N SER K 109 -40.89 -59.55 -20.86
CA SER K 109 -39.43 -59.52 -20.72
C SER K 109 -38.97 -58.82 -19.44
N ALA K 110 -39.90 -58.19 -18.71
CA ALA K 110 -39.65 -57.59 -17.41
C ALA K 110 -40.87 -57.84 -16.50
N GLY K 111 -40.62 -57.98 -15.19
CA GLY K 111 -41.67 -58.25 -14.20
C GLY K 111 -42.01 -57.03 -13.36
N VAL K 112 -42.75 -57.27 -12.27
CA VAL K 112 -43.24 -56.21 -11.39
C VAL K 112 -42.86 -56.48 -9.93
N ALA K 113 -42.63 -57.75 -9.59
CA ALA K 113 -42.21 -58.13 -8.25
C ALA K 113 -41.04 -59.11 -8.34
N ILE K 114 -40.22 -59.12 -7.27
CA ILE K 114 -39.06 -60.00 -7.14
C ILE K 114 -39.33 -60.98 -6.00
N VAL K 115 -39.13 -62.28 -6.26
CA VAL K 115 -39.40 -63.33 -5.30
C VAL K 115 -38.29 -63.36 -4.25
N GLN K 116 -38.69 -63.25 -2.96
CA GLN K 116 -37.78 -63.24 -1.82
C GLN K 116 -37.74 -64.61 -1.12
N GLU K 117 -38.88 -65.32 -1.07
CA GLU K 117 -38.91 -66.70 -0.61
C GLU K 117 -39.70 -67.55 -1.61
N GLY K 118 -39.08 -68.67 -2.03
CA GLY K 118 -39.63 -69.55 -3.05
C GLY K 118 -40.88 -70.30 -2.57
N ALA K 119 -41.68 -70.76 -3.54
CA ALA K 119 -42.89 -71.52 -3.30
C ALA K 119 -43.17 -72.45 -4.49
N ALA K 120 -43.92 -73.52 -4.25
CA ALA K 120 -44.38 -74.40 -5.32
C ALA K 120 -45.60 -73.79 -5.99
N SER K 121 -46.07 -74.42 -7.09
CA SER K 121 -47.31 -74.07 -7.77
C SER K 121 -48.49 -74.09 -6.79
N GLY K 122 -49.29 -73.01 -6.80
CA GLY K 122 -50.49 -72.87 -5.97
C GLY K 122 -50.23 -72.40 -4.54
N GLU K 123 -48.95 -72.15 -4.17
CA GLU K 123 -48.56 -71.77 -2.82
C GLU K 123 -48.26 -70.27 -2.74
N VAL K 124 -48.16 -69.77 -1.49
CA VAL K 124 -47.82 -68.39 -1.17
C VAL K 124 -46.30 -68.21 -1.27
N CYS K 125 -45.87 -67.26 -2.11
CA CYS K 125 -44.50 -66.76 -2.04
C CYS K 125 -44.49 -65.40 -1.32
N GLU K 126 -43.31 -65.04 -0.81
CA GLU K 126 -43.05 -63.68 -0.35
C GLU K 126 -42.23 -62.95 -1.40
N ALA K 127 -42.69 -61.75 -1.77
CA ALA K 127 -42.15 -60.99 -2.88
C ALA K 127 -42.01 -59.51 -2.49
N TYR K 128 -41.26 -58.76 -3.30
CA TYR K 128 -41.16 -57.31 -3.19
C TYR K 128 -41.63 -56.66 -4.50
N ILE K 129 -42.66 -55.81 -4.40
CA ILE K 129 -43.18 -55.11 -5.56
C ILE K 129 -42.25 -53.93 -5.86
N PHE K 130 -41.71 -53.87 -7.07
CA PHE K 130 -40.72 -52.87 -7.43
C PHE K 130 -41.15 -52.01 -8.63
N ALA K 131 -42.20 -52.43 -9.35
CA ALA K 131 -42.65 -51.71 -10.55
C ALA K 131 -44.16 -51.83 -10.72
N VAL K 132 -44.69 -50.85 -11.47
CA VAL K 132 -45.99 -50.93 -12.10
C VAL K 132 -45.80 -51.10 -13.61
N GLN K 133 -46.85 -51.60 -14.29
CA GLN K 133 -46.88 -51.68 -15.75
C GLN K 133 -48.22 -51.16 -16.27
N GLY K 134 -48.14 -50.32 -17.30
CA GLY K 134 -49.32 -49.76 -17.96
C GLY K 134 -49.25 -49.93 -19.47
N THR K 135 -50.06 -49.14 -20.19
CA THR K 135 -50.15 -49.18 -21.64
C THR K 135 -48.99 -48.41 -22.28
N THR K 136 -48.08 -49.16 -22.92
CA THR K 136 -47.00 -48.62 -23.74
C THR K 136 -47.39 -48.55 -25.21
N ALA K 137 -48.47 -49.25 -25.60
CA ALA K 137 -48.76 -49.70 -26.96
C ALA K 137 -47.58 -50.46 -27.54
N ALA L 2 -15.99 -48.13 1.44
CA ALA L 2 -15.26 -46.88 1.05
C ALA L 2 -14.85 -46.10 2.30
N THR L 3 -13.76 -45.29 2.19
CA THR L 3 -13.15 -44.60 3.33
C THR L 3 -12.72 -43.18 2.96
N GLU L 4 -12.70 -42.29 3.96
CA GLU L 4 -12.36 -40.87 3.87
C GLU L 4 -11.09 -40.60 4.68
N THR L 5 -10.09 -39.97 4.04
CA THR L 5 -8.87 -39.53 4.73
C THR L 5 -9.08 -38.10 5.24
N GLN L 6 -8.76 -37.89 6.53
CA GLN L 6 -8.72 -36.55 7.11
C GLN L 6 -7.41 -36.40 7.90
N GLY L 7 -6.36 -35.93 7.21
CA GLY L 7 -5.00 -35.97 7.75
C GLY L 7 -4.44 -37.38 7.74
N GLU L 8 -3.95 -37.84 8.90
CA GLU L 8 -3.39 -39.19 9.06
C GLU L 8 -4.48 -40.24 9.23
N HIS L 9 -5.71 -39.81 9.56
CA HIS L 9 -6.81 -40.69 9.93
C HIS L 9 -7.54 -41.21 8.70
N THR L 10 -8.07 -42.44 8.81
CA THR L 10 -9.13 -42.95 7.93
C THR L 10 -10.44 -43.10 8.72
N PHE L 11 -11.52 -42.64 8.08
CA PHE L 11 -12.87 -42.71 8.59
C PHE L 11 -13.74 -43.48 7.60
N PRO L 12 -14.79 -44.23 8.06
CA PRO L 12 -15.71 -44.89 7.13
C PRO L 12 -16.64 -43.88 6.44
N VAL L 13 -16.89 -44.08 5.14
CA VAL L 13 -17.93 -43.31 4.45
C VAL L 13 -19.29 -43.91 4.81
N GLU L 14 -20.18 -43.06 5.35
CA GLU L 14 -21.57 -43.44 5.65
C GLU L 14 -22.36 -43.64 4.34
N VAL L 15 -22.86 -44.86 4.13
CA VAL L 15 -23.44 -45.30 2.85
C VAL L 15 -24.77 -44.59 2.59
N LEU L 16 -25.52 -44.24 3.64
CA LEU L 16 -26.90 -43.80 3.46
C LEU L 16 -27.00 -42.28 3.56
N ILE L 17 -27.46 -41.64 2.47
CA ILE L 17 -27.65 -40.20 2.40
C ILE L 17 -29.09 -39.85 2.82
N SER L 18 -30.06 -40.54 2.21
CA SER L 18 -31.46 -40.42 2.59
C SER L 18 -32.19 -41.71 2.20
N GLY L 19 -33.39 -41.89 2.78
CA GLY L 19 -34.21 -43.06 2.49
C GLY L 19 -34.60 -43.81 3.76
N GLU L 20 -35.76 -44.49 3.67
CA GLU L 20 -36.31 -45.28 4.76
C GLU L 20 -36.49 -46.74 4.32
N GLU L 21 -36.06 -47.07 3.10
CA GLU L 21 -36.12 -48.43 2.54
C GLU L 21 -34.91 -49.25 3.00
N LEU L 22 -34.83 -49.47 4.32
CA LEU L 22 -33.76 -50.24 4.95
C LEU L 22 -34.31 -51.60 5.40
N ARG L 23 -33.94 -52.66 4.65
CA ARG L 23 -34.56 -53.98 4.78
C ARG L 23 -33.52 -55.03 5.18
N GLY L 24 -33.99 -56.06 5.90
CA GLY L 24 -33.12 -57.08 6.47
C GLY L 24 -33.06 -58.36 5.64
N TYR L 25 -31.84 -58.94 5.54
CA TYR L 25 -31.55 -60.20 4.85
C TYR L 25 -30.51 -60.98 5.64
N THR L 26 -30.22 -62.20 5.19
CA THR L 26 -29.09 -62.98 5.67
C THR L 26 -27.95 -62.87 4.65
N ALA L 27 -26.72 -62.65 5.13
CA ALA L 27 -25.54 -62.64 4.26
C ALA L 27 -25.22 -64.06 3.80
N GLY L 28 -25.09 -64.28 2.48
CA GLY L 28 -24.75 -65.58 1.89
C GLY L 28 -23.24 -65.80 1.71
N GLU L 29 -22.46 -64.77 2.09
CA GLU L 29 -21.01 -64.70 2.08
C GLU L 29 -20.63 -63.46 2.91
N ALA L 30 -19.33 -63.16 3.08
CA ALA L 30 -18.89 -61.94 3.76
C ALA L 30 -19.09 -60.73 2.85
N LEU L 31 -19.77 -59.68 3.36
CA LEU L 31 -20.12 -58.49 2.59
C LEU L 31 -19.56 -57.23 3.24
N SER L 32 -19.24 -56.25 2.38
CA SER L 32 -18.60 -54.99 2.77
C SER L 32 -19.56 -53.83 2.52
N ALA L 33 -19.51 -52.81 3.38
CA ALA L 33 -20.38 -51.64 3.27
C ALA L 33 -20.25 -50.99 1.90
N GLY L 34 -21.40 -50.70 1.26
CA GLY L 34 -21.47 -50.05 -0.04
C GLY L 34 -21.43 -51.02 -1.24
N GLU L 35 -21.36 -52.34 -0.95
CA GLU L 35 -21.34 -53.40 -1.95
C GLU L 35 -22.77 -53.64 -2.48
N PRO L 36 -22.96 -53.78 -3.83
CA PRO L 36 -24.25 -54.24 -4.38
C PRO L 36 -24.47 -55.73 -4.15
N VAL L 37 -25.72 -56.10 -3.84
CA VAL L 37 -26.08 -57.48 -3.50
C VAL L 37 -27.38 -57.89 -4.20
N TYR L 38 -27.59 -59.21 -4.35
CA TYR L 38 -28.77 -59.79 -4.98
C TYR L 38 -29.22 -61.03 -4.20
N LEU L 39 -30.46 -61.46 -4.48
CA LEU L 39 -31.05 -62.65 -3.84
C LEU L 39 -30.44 -63.93 -4.41
N SER L 40 -29.77 -64.68 -3.52
CA SER L 40 -29.09 -65.93 -3.88
C SER L 40 -29.77 -67.15 -3.25
N GLY L 41 -30.56 -66.89 -2.21
CA GLY L 41 -31.41 -67.87 -1.56
C GLY L 41 -32.58 -67.15 -0.91
N ASP L 42 -33.44 -67.92 -0.22
CA ASP L 42 -34.63 -67.38 0.43
C ASP L 42 -34.21 -66.39 1.53
N TYR L 43 -34.53 -65.10 1.32
CA TYR L 43 -34.10 -63.96 2.14
C TYR L 43 -32.58 -63.93 2.36
N GLU L 44 -31.80 -64.46 1.39
CA GLU L 44 -30.35 -64.53 1.46
C GLU L 44 -29.73 -63.71 0.33
N VAL L 45 -28.78 -62.83 0.68
CA VAL L 45 -28.13 -61.96 -0.30
C VAL L 45 -26.62 -62.25 -0.39
N SER L 46 -26.09 -62.22 -1.62
CA SER L 46 -24.66 -62.28 -1.88
C SER L 46 -24.30 -61.24 -2.95
N ALA L 47 -22.99 -60.98 -3.13
CA ALA L 47 -22.50 -59.87 -3.95
C ALA L 47 -22.81 -60.11 -5.44
N SER L 48 -23.40 -59.07 -6.07
CA SER L 48 -23.89 -59.12 -7.45
C SER L 48 -22.76 -59.38 -8.45
N SER L 49 -23.05 -60.19 -9.48
CA SER L 49 -22.17 -60.33 -10.64
C SER L 49 -22.43 -59.18 -11.62
N ALA L 50 -21.81 -59.25 -12.81
CA ALA L 50 -21.85 -58.17 -13.80
C ALA L 50 -23.02 -58.35 -14.76
N ASP L 51 -23.33 -57.32 -15.56
CA ASP L 51 -24.23 -57.35 -16.72
C ASP L 51 -25.71 -57.56 -16.37
N GLY L 52 -26.10 -57.25 -15.13
CA GLY L 52 -27.50 -57.09 -14.75
C GLY L 52 -28.19 -58.41 -14.38
N GLY L 53 -29.48 -58.29 -14.02
CA GLY L 53 -30.31 -59.40 -13.54
C GLY L 53 -30.05 -59.79 -12.08
N GLU L 54 -29.24 -58.98 -11.36
CA GLU L 54 -28.75 -59.30 -10.03
C GLU L 54 -28.53 -58.01 -9.23
N PHE L 55 -29.62 -57.47 -8.66
CA PHE L 55 -29.51 -56.32 -7.76
C PHE L 55 -30.80 -56.16 -6.94
N LEU L 56 -30.64 -56.18 -5.61
CA LEU L 56 -31.73 -55.88 -4.69
C LEU L 56 -31.50 -54.55 -3.96
N GLY L 57 -30.22 -54.25 -3.68
CA GLY L 57 -29.84 -53.05 -2.94
C GLY L 57 -28.35 -53.09 -2.59
N VAL L 58 -27.94 -52.16 -1.72
CA VAL L 58 -26.56 -52.06 -1.28
C VAL L 58 -26.47 -52.34 0.22
N ASN L 59 -25.34 -52.91 0.63
CA ASN L 59 -25.09 -53.37 1.99
C ASN L 59 -24.65 -52.18 2.86
N LEU L 60 -25.21 -52.08 4.09
CA LEU L 60 -25.12 -50.87 4.92
C LEU L 60 -24.01 -50.89 5.96
N TYR L 61 -23.49 -52.09 6.30
CA TYR L 61 -22.35 -52.29 7.20
C TYR L 61 -21.68 -53.63 6.90
N ASP L 62 -20.39 -53.79 7.29
CA ASP L 62 -19.64 -55.02 7.01
C ASP L 62 -20.21 -56.20 7.81
N VAL L 63 -20.33 -57.38 7.17
CA VAL L 63 -20.89 -58.59 7.78
C VAL L 63 -20.05 -59.82 7.42
N ALA L 64 -19.97 -60.79 8.36
CA ALA L 64 -19.52 -62.15 8.06
C ALA L 64 -20.67 -62.92 7.40
N SER L 65 -20.37 -64.14 6.91
CA SER L 65 -21.36 -65.02 6.29
C SER L 65 -22.39 -65.46 7.33
N GLY L 66 -23.66 -65.59 6.90
CA GLY L 66 -24.74 -66.10 7.75
C GLY L 66 -25.29 -65.08 8.76
N GLU L 67 -24.70 -63.88 8.81
CA GLU L 67 -25.13 -62.82 9.73
C GLU L 67 -26.33 -62.06 9.15
N PRO L 68 -27.16 -61.41 10.02
CA PRO L 68 -28.23 -60.52 9.56
C PRO L 68 -27.68 -59.20 9.02
N VAL L 69 -27.98 -58.95 7.73
CA VAL L 69 -27.44 -57.83 6.97
C VAL L 69 -28.57 -56.83 6.71
N ALA L 70 -28.21 -55.52 6.75
CA ALA L 70 -29.12 -54.43 6.42
C ALA L 70 -28.80 -53.90 5.03
N LEU L 71 -29.86 -53.58 4.27
CA LEU L 71 -29.79 -53.33 2.84
C LEU L 71 -30.59 -52.06 2.53
N ALA L 72 -29.99 -51.14 1.74
CA ALA L 72 -30.70 -50.00 1.19
C ALA L 72 -31.22 -50.37 -0.20
N GLY L 73 -32.56 -50.40 -0.34
CA GLY L 73 -33.19 -50.72 -1.61
C GLY L 73 -33.34 -49.48 -2.49
N ASP L 74 -34.29 -49.53 -3.45
CA ASP L 74 -34.74 -48.35 -4.18
C ASP L 74 -35.43 -47.39 -3.19
N ASP L 75 -35.54 -46.10 -3.56
CA ASP L 75 -35.98 -44.99 -2.70
C ASP L 75 -34.91 -44.59 -1.67
N CYS L 76 -33.65 -44.96 -1.92
CA CYS L 76 -32.53 -44.52 -1.10
C CYS L 76 -31.51 -43.78 -1.96
N GLU L 77 -30.93 -42.72 -1.38
CA GLU L 77 -29.72 -42.07 -1.88
C GLU L 77 -28.52 -42.64 -1.13
N VAL L 78 -27.48 -43.04 -1.87
CA VAL L 78 -26.38 -43.81 -1.31
C VAL L 78 -25.02 -43.35 -1.86
N ARG L 79 -24.01 -43.40 -0.96
CA ARG L 79 -22.61 -43.16 -1.28
C ARG L 79 -21.96 -44.48 -1.69
N VAL L 80 -21.74 -44.64 -3.00
CA VAL L 80 -21.22 -45.89 -3.57
C VAL L 80 -19.99 -45.61 -4.44
N GLU L 81 -19.14 -46.64 -4.53
CA GLU L 81 -17.86 -46.58 -5.22
C GLU L 81 -18.04 -47.10 -6.65
N VAL L 82 -17.43 -46.38 -7.61
CA VAL L 82 -17.50 -46.69 -9.03
C VAL L 82 -16.14 -47.14 -9.54
N SER L 83 -16.14 -48.01 -10.57
CA SER L 83 -14.90 -48.50 -11.17
C SER L 83 -14.48 -47.66 -12.38
N GLU L 84 -15.33 -46.70 -12.80
CA GLU L 84 -15.06 -45.84 -13.94
C GLU L 84 -15.56 -44.42 -13.66
N GLN L 85 -15.18 -43.48 -14.54
CA GLN L 85 -15.60 -42.08 -14.44
C GLN L 85 -17.11 -41.99 -14.66
N VAL L 86 -17.85 -41.46 -13.67
CA VAL L 86 -19.30 -41.28 -13.76
C VAL L 86 -19.66 -39.80 -13.62
N THR L 87 -20.72 -39.40 -14.33
CA THR L 87 -21.20 -38.03 -14.42
C THR L 87 -22.67 -38.02 -14.03
N ALA L 88 -23.20 -36.84 -13.65
CA ALA L 88 -24.60 -36.69 -13.31
C ALA L 88 -25.49 -37.22 -14.43
N ASN L 89 -26.57 -37.93 -14.04
CA ASN L 89 -27.55 -38.54 -14.93
C ASN L 89 -27.09 -39.86 -15.56
N ASP L 90 -25.86 -40.33 -15.29
CA ASP L 90 -25.46 -41.68 -15.73
C ASP L 90 -26.31 -42.71 -14.98
N GLU L 91 -26.80 -43.73 -15.71
CA GLU L 91 -27.33 -44.93 -15.05
C GLU L 91 -26.14 -45.84 -14.72
N ILE L 92 -26.20 -46.43 -13.52
CA ILE L 92 -25.19 -47.34 -13.00
C ILE L 92 -25.85 -48.63 -12.50
N LEU L 93 -25.06 -49.71 -12.54
CA LEU L 93 -25.48 -51.01 -12.04
C LEU L 93 -24.23 -51.77 -11.54
N PRO L 94 -24.41 -52.93 -10.86
CA PRO L 94 -23.28 -53.73 -10.36
C PRO L 94 -22.19 -54.09 -11.38
N ASP L 95 -20.95 -54.07 -10.89
CA ASP L 95 -19.74 -54.15 -11.69
C ASP L 95 -19.19 -55.58 -11.68
N GLY L 96 -19.56 -56.34 -10.64
CA GLY L 96 -19.03 -57.68 -10.38
C GLY L 96 -17.79 -57.67 -9.47
N LEU L 97 -17.28 -56.47 -9.17
CA LEU L 97 -16.02 -56.25 -8.46
C LEU L 97 -16.23 -55.62 -7.07
N GLY L 98 -17.49 -55.59 -6.60
CA GLY L 98 -17.88 -54.96 -5.34
C GLY L 98 -18.26 -53.49 -5.51
N THR L 99 -18.27 -53.03 -6.77
CA THR L 99 -18.44 -51.62 -7.17
C THR L 99 -19.61 -51.49 -8.16
N PHE L 100 -19.73 -50.27 -8.72
CA PHE L 100 -20.72 -49.94 -9.75
C PHE L 100 -20.02 -49.48 -11.03
N GLU L 101 -20.65 -49.77 -12.17
CA GLU L 101 -20.23 -49.30 -13.48
C GLU L 101 -21.43 -48.74 -14.23
N THR L 102 -21.16 -48.02 -15.33
CA THR L 102 -22.24 -47.44 -16.12
C THR L 102 -22.91 -48.51 -16.97
N VAL L 103 -24.19 -48.27 -17.25
CA VAL L 103 -25.00 -49.07 -18.17
C VAL L 103 -24.34 -49.07 -19.55
N ALA L 104 -23.81 -47.90 -19.98
CA ALA L 104 -23.09 -47.72 -21.24
C ALA L 104 -21.91 -48.70 -21.38
N THR L 105 -21.19 -48.96 -20.27
CA THR L 105 -20.02 -49.82 -20.23
C THR L 105 -20.41 -51.30 -20.20
N SER L 106 -21.47 -51.64 -19.44
CA SER L 106 -21.93 -53.00 -19.24
C SER L 106 -22.56 -53.57 -20.51
N ALA L 107 -22.85 -54.89 -20.51
CA ALA L 107 -23.62 -55.51 -21.59
C ALA L 107 -25.12 -55.32 -21.38
N ALA L 108 -25.52 -54.80 -20.20
CA ALA L 108 -26.92 -54.52 -19.88
C ALA L 108 -27.38 -53.24 -20.61
N SER L 109 -28.71 -53.05 -20.66
CA SER L 109 -29.35 -51.93 -21.34
C SER L 109 -30.24 -51.09 -20.41
N ALA L 110 -30.32 -51.49 -19.12
CA ALA L 110 -31.04 -50.73 -18.09
C ALA L 110 -30.28 -50.85 -16.76
N GLY L 111 -30.28 -49.76 -15.97
CA GLY L 111 -29.57 -49.69 -14.70
C GLY L 111 -30.50 -49.72 -13.49
N VAL L 112 -29.90 -49.52 -12.30
CA VAL L 112 -30.60 -49.63 -11.03
C VAL L 112 -30.46 -48.36 -10.19
N ALA L 113 -29.40 -47.57 -10.45
CA ALA L 113 -29.19 -46.31 -9.76
C ALA L 113 -28.81 -45.22 -10.75
N ILE L 114 -29.07 -43.96 -10.37
CA ILE L 114 -28.80 -42.77 -11.16
C ILE L 114 -27.78 -41.92 -10.41
N VAL L 115 -26.74 -41.45 -11.12
CA VAL L 115 -25.67 -40.67 -10.51
C VAL L 115 -26.14 -39.23 -10.31
N GLN L 116 -26.12 -38.77 -9.06
CA GLN L 116 -26.49 -37.40 -8.69
C GLN L 116 -25.25 -36.50 -8.60
N GLU L 117 -24.17 -37.05 -8.02
CA GLU L 117 -22.87 -36.41 -7.92
C GLU L 117 -21.87 -37.29 -8.66
N GLY L 118 -21.21 -36.74 -9.70
CA GLY L 118 -20.20 -37.48 -10.44
C GLY L 118 -18.95 -37.75 -9.61
N ALA L 119 -18.13 -38.73 -10.04
CA ALA L 119 -16.90 -39.12 -9.35
C ALA L 119 -15.94 -39.81 -10.33
N ALA L 120 -14.65 -39.89 -9.97
CA ALA L 120 -13.66 -40.60 -10.78
C ALA L 120 -13.64 -42.09 -10.40
N SER L 121 -12.91 -42.90 -11.20
CA SER L 121 -12.69 -44.31 -10.92
C SER L 121 -12.09 -44.50 -9.53
N GLY L 122 -12.73 -45.35 -8.70
CA GLY L 122 -12.31 -45.64 -7.33
C GLY L 122 -12.84 -44.66 -6.27
N GLU L 123 -13.62 -43.66 -6.70
CA GLU L 123 -14.16 -42.63 -5.79
C GLU L 123 -15.63 -42.84 -5.51
N VAL L 124 -16.11 -42.16 -4.46
CA VAL L 124 -17.49 -42.19 -4.00
C VAL L 124 -18.29 -41.20 -4.85
N CYS L 125 -19.37 -41.71 -5.47
CA CYS L 125 -20.42 -40.89 -6.04
C CYS L 125 -21.63 -40.92 -5.10
N GLU L 126 -22.57 -39.98 -5.30
CA GLU L 126 -23.88 -40.06 -4.66
C GLU L 126 -24.89 -40.49 -5.70
N ALA L 127 -25.55 -41.64 -5.45
CA ALA L 127 -26.46 -42.25 -6.41
C ALA L 127 -27.82 -42.46 -5.76
N TYR L 128 -28.88 -42.35 -6.57
CA TYR L 128 -30.23 -42.68 -6.12
C TYR L 128 -30.63 -44.03 -6.71
N ILE L 129 -30.97 -44.99 -5.83
CA ILE L 129 -31.41 -46.31 -6.24
C ILE L 129 -32.89 -46.22 -6.60
N PHE L 130 -33.26 -46.72 -7.79
CA PHE L 130 -34.61 -46.56 -8.30
C PHE L 130 -35.22 -47.87 -8.80
N ALA L 131 -34.40 -48.92 -8.99
CA ALA L 131 -34.87 -50.20 -9.48
C ALA L 131 -34.13 -51.36 -8.81
N VAL L 132 -34.73 -52.56 -8.97
CA VAL L 132 -34.12 -53.83 -8.65
C VAL L 132 -34.07 -54.66 -9.95
N GLN L 133 -33.15 -55.64 -10.00
CA GLN L 133 -33.06 -56.55 -11.12
C GLN L 133 -32.95 -57.98 -10.62
N GLY L 134 -33.74 -58.86 -11.25
CA GLY L 134 -33.72 -60.28 -10.97
C GLY L 134 -33.70 -61.12 -12.24
N THR L 135 -34.02 -62.40 -12.06
CA THR L 135 -34.06 -63.39 -13.14
C THR L 135 -35.30 -63.17 -14.00
N THR L 136 -35.07 -62.75 -15.25
CA THR L 136 -36.08 -62.65 -16.29
C THR L 136 -36.10 -63.93 -17.15
N ALA L 137 -35.02 -64.72 -17.07
CA ALA L 137 -34.56 -65.65 -18.10
C ALA L 137 -34.41 -64.94 -19.46
N ALA M 2 39.08 -51.42 25.59
CA ALA M 2 37.88 -50.67 25.13
C ALA M 2 37.63 -49.47 26.06
N THR M 3 37.42 -48.28 25.44
CA THR M 3 37.32 -47.01 26.16
C THR M 3 36.32 -46.08 25.45
N GLU M 4 35.72 -45.14 26.21
CA GLU M 4 34.63 -44.29 25.73
C GLU M 4 34.98 -42.82 25.96
N THR M 5 34.86 -41.99 24.91
CA THR M 5 35.15 -40.56 24.97
C THR M 5 33.87 -39.76 25.20
N GLN M 6 33.90 -38.89 26.23
CA GLN M 6 32.85 -37.92 26.51
C GLN M 6 33.51 -36.57 26.77
N GLY M 7 33.78 -35.81 25.69
CA GLY M 7 34.55 -34.57 25.76
C GLY M 7 36.04 -34.83 25.92
N GLU M 8 36.63 -34.34 27.03
CA GLU M 8 38.03 -34.57 27.39
C GLU M 8 38.21 -35.89 28.15
N HIS M 9 37.09 -36.43 28.67
CA HIS M 9 37.09 -37.60 29.55
C HIS M 9 37.06 -38.89 28.74
N THR M 10 37.93 -39.84 29.14
CA THR M 10 37.84 -41.22 28.71
C THR M 10 37.38 -42.10 29.87
N PHE M 11 36.32 -42.87 29.60
CA PHE M 11 35.63 -43.73 30.54
C PHE M 11 35.90 -45.21 30.16
N PRO M 12 36.07 -46.13 31.15
CA PRO M 12 36.24 -47.56 30.83
C PRO M 12 34.92 -48.20 30.41
N VAL M 13 34.96 -48.98 29.31
CA VAL M 13 33.73 -49.60 28.81
C VAL M 13 33.32 -50.72 29.77
N GLU M 14 32.05 -50.74 30.17
CA GLU M 14 31.48 -51.86 30.92
C GLU M 14 31.34 -53.06 29.98
N VAL M 15 32.24 -54.06 30.15
CA VAL M 15 32.34 -55.23 29.28
C VAL M 15 31.03 -56.05 29.25
N LEU M 16 30.29 -56.10 30.37
CA LEU M 16 29.13 -56.96 30.50
C LEU M 16 27.82 -56.19 30.33
N ILE M 17 26.98 -56.63 29.37
CA ILE M 17 25.67 -56.07 29.10
C ILE M 17 24.59 -56.83 29.89
N SER M 18 24.61 -58.17 29.77
CA SER M 18 23.73 -59.07 30.49
C SER M 18 24.40 -60.44 30.58
N GLY M 19 23.91 -61.27 31.52
CA GLY M 19 24.41 -62.64 31.67
C GLY M 19 24.92 -62.91 33.08
N GLU M 20 25.07 -64.20 33.39
CA GLU M 20 25.43 -64.68 34.72
C GLU M 20 26.55 -65.72 34.66
N GLU M 21 27.09 -65.96 33.44
CA GLU M 21 28.21 -66.89 33.27
C GLU M 21 29.53 -66.20 33.62
N LEU M 22 29.65 -65.79 34.89
CA LEU M 22 30.81 -65.05 35.36
C LEU M 22 31.74 -66.01 36.11
N ARG M 23 32.59 -66.72 35.34
CA ARG M 23 33.44 -67.78 35.86
C ARG M 23 34.82 -67.23 36.23
N GLY M 24 35.41 -67.79 37.30
CA GLY M 24 36.68 -67.31 37.86
C GLY M 24 37.86 -68.22 37.55
N TYR M 25 39.02 -67.60 37.28
CA TYR M 25 40.26 -68.27 36.87
C TYR M 25 41.47 -67.56 37.48
N THR M 26 42.68 -68.01 37.10
CA THR M 26 43.93 -67.31 37.37
C THR M 26 44.52 -66.80 36.04
N ALA M 27 45.10 -65.59 36.06
CA ALA M 27 45.72 -65.00 34.86
C ALA M 27 47.13 -65.56 34.65
N GLY M 28 47.38 -66.11 33.44
CA GLY M 28 48.69 -66.63 33.04
C GLY M 28 49.63 -65.55 32.50
N GLU M 29 49.07 -64.36 32.21
CA GLU M 29 49.78 -63.17 31.75
C GLU M 29 48.97 -61.95 32.18
N ALA M 30 49.47 -60.74 31.87
CA ALA M 30 48.71 -59.51 32.08
C ALA M 30 47.55 -59.44 31.07
N LEU M 31 46.32 -59.26 31.60
CA LEU M 31 45.10 -59.27 30.80
C LEU M 31 44.32 -57.97 30.99
N SER M 32 43.65 -57.52 29.92
CA SER M 32 42.96 -56.24 29.89
C SER M 32 41.46 -56.48 29.70
N ALA M 33 40.64 -55.53 30.18
CA ALA M 33 39.19 -55.62 30.07
C ALA M 33 38.77 -55.73 28.60
N GLY M 34 37.95 -56.75 28.29
CA GLY M 34 37.43 -57.00 26.95
C GLY M 34 38.29 -57.95 26.10
N GLU M 35 39.43 -58.38 26.66
CA GLU M 35 40.39 -59.26 25.99
C GLU M 35 39.82 -60.68 25.92
N PRO M 36 39.83 -61.34 24.73
CA PRO M 36 39.50 -62.77 24.64
C PRO M 36 40.61 -63.64 25.23
N VAL M 37 40.21 -64.73 25.89
CA VAL M 37 41.15 -65.60 26.58
C VAL M 37 40.76 -67.07 26.38
N TYR M 38 41.75 -67.94 26.63
CA TYR M 38 41.65 -69.39 26.56
C TYR M 38 42.41 -70.02 27.72
N LEU M 39 42.18 -71.33 27.96
CA LEU M 39 42.89 -72.08 28.99
C LEU M 39 44.34 -72.35 28.56
N SER M 40 45.28 -71.82 29.35
CA SER M 40 46.71 -71.98 29.11
C SER M 40 47.33 -73.03 30.04
N GLY M 41 46.72 -73.19 31.24
CA GLY M 41 47.06 -74.22 32.22
C GLY M 41 45.85 -74.56 33.09
N ASP M 42 46.06 -75.35 34.15
CA ASP M 42 44.97 -75.78 35.03
C ASP M 42 44.31 -74.57 35.72
N TYR M 43 43.05 -74.28 35.32
CA TYR M 43 42.27 -73.09 35.71
C TYR M 43 43.04 -71.77 35.48
N GLU M 44 43.97 -71.79 34.52
CA GLU M 44 44.80 -70.64 34.15
C GLU M 44 44.43 -70.20 32.73
N VAL M 45 44.27 -68.88 32.54
CA VAL M 45 43.86 -68.34 31.26
C VAL M 45 44.86 -67.28 30.77
N SER M 46 45.09 -67.29 29.44
CA SER M 46 46.00 -66.40 28.74
C SER M 46 45.29 -65.83 27.51
N ALA M 47 45.89 -64.83 26.85
CA ALA M 47 45.27 -64.18 25.70
C ALA M 47 45.16 -65.16 24.52
N SER M 48 43.97 -65.21 23.89
CA SER M 48 43.68 -66.05 22.74
C SER M 48 44.56 -65.67 21.54
N SER M 49 45.00 -66.68 20.77
CA SER M 49 45.61 -66.45 19.46
C SER M 49 44.54 -66.56 18.35
N ALA M 50 44.96 -66.33 17.10
CA ALA M 50 44.10 -66.29 15.93
C ALA M 50 43.65 -67.70 15.51
N ASP M 51 42.61 -67.77 14.66
CA ASP M 51 42.22 -68.94 13.87
C ASP M 51 41.65 -70.08 14.73
N GLY M 52 41.16 -69.75 15.94
CA GLY M 52 40.28 -70.64 16.72
C GLY M 52 41.02 -71.67 17.58
N GLY M 53 40.23 -72.48 18.31
CA GLY M 53 40.72 -73.51 19.22
C GLY M 53 41.18 -72.96 20.57
N GLU M 54 40.93 -71.66 20.82
CA GLU M 54 41.45 -70.95 21.98
C GLU M 54 40.46 -69.86 22.42
N PHE M 55 39.35 -70.27 23.04
CA PHE M 55 38.38 -69.31 23.57
C PHE M 55 37.52 -69.92 24.68
N LEU M 56 37.55 -69.27 25.85
CA LEU M 56 36.68 -69.62 26.97
C LEU M 56 35.78 -68.45 27.38
N GLY M 57 36.25 -67.22 27.14
CA GLY M 57 35.48 -66.03 27.51
C GLY M 57 36.26 -64.75 27.27
N VAL M 58 35.68 -63.64 27.75
CA VAL M 58 36.33 -62.34 27.73
C VAL M 58 36.65 -61.91 29.16
N ASN M 59 37.80 -61.28 29.32
CA ASN M 59 38.28 -60.79 30.61
C ASN M 59 37.49 -59.53 31.00
N LEU M 60 36.96 -59.50 32.24
CA LEU M 60 35.98 -58.52 32.70
C LEU M 60 36.63 -57.25 33.29
N TYR M 61 37.88 -57.37 33.78
CA TYR M 61 38.61 -56.26 34.39
C TYR M 61 40.13 -56.50 34.24
N ASP M 62 40.92 -55.40 34.20
CA ASP M 62 42.37 -55.48 34.01
C ASP M 62 43.05 -56.18 35.19
N VAL M 63 43.98 -57.11 34.90
CA VAL M 63 44.73 -57.87 35.91
C VAL M 63 46.21 -58.04 35.51
N ALA M 64 47.07 -58.16 36.53
CA ALA M 64 48.46 -58.62 36.38
C ALA M 64 48.49 -60.14 36.38
N SER M 65 49.62 -60.72 35.93
CA SER M 65 49.85 -62.16 35.93
C SER M 65 49.73 -62.73 37.36
N GLY M 66 49.06 -63.88 37.49
CA GLY M 66 48.92 -64.59 38.76
C GLY M 66 47.74 -64.10 39.62
N GLU M 67 47.05 -63.03 39.19
CA GLU M 67 45.90 -62.52 39.91
C GLU M 67 44.65 -63.32 39.53
N PRO M 68 43.62 -63.42 40.41
CA PRO M 68 42.34 -64.02 40.05
C PRO M 68 41.53 -63.13 39.09
N VAL M 69 41.05 -63.77 38.01
CA VAL M 69 40.44 -63.11 36.87
C VAL M 69 39.00 -63.63 36.72
N ALA M 70 38.09 -62.73 36.31
CA ALA M 70 36.71 -63.07 36.01
C ALA M 70 36.48 -63.03 34.49
N LEU M 71 35.81 -64.07 33.97
CA LEU M 71 35.44 -64.16 32.56
C LEU M 71 33.92 -64.07 32.42
N ALA M 72 33.47 -63.30 31.41
CA ALA M 72 32.16 -63.54 30.83
C ALA M 72 32.28 -64.74 29.88
N GLY M 73 31.57 -65.83 30.23
CA GLY M 73 31.50 -67.00 29.38
C GLY M 73 30.42 -66.87 28.31
N ASP M 74 30.15 -67.98 27.63
CA ASP M 74 28.97 -68.17 26.80
C ASP M 74 27.70 -67.81 27.59
N ASP M 75 26.64 -67.42 26.85
CA ASP M 75 25.39 -66.86 27.35
C ASP M 75 25.57 -65.52 28.11
N CYS M 76 26.60 -64.75 27.73
CA CYS M 76 26.71 -63.34 28.10
C CYS M 76 26.63 -62.46 26.84
N GLU M 77 25.96 -61.31 26.99
CA GLU M 77 26.04 -60.19 26.07
C GLU M 77 27.19 -59.27 26.53
N VAL M 78 28.14 -59.00 25.62
CA VAL M 78 29.40 -58.33 25.96
C VAL M 78 29.72 -57.22 24.96
N ARG M 79 30.44 -56.20 25.47
CA ARG M 79 30.97 -55.11 24.66
C ARG M 79 32.44 -55.39 24.37
N VAL M 80 32.76 -55.58 23.07
CA VAL M 80 34.10 -56.01 22.66
C VAL M 80 34.59 -55.15 21.50
N GLU M 81 35.90 -54.84 21.52
CA GLU M 81 36.56 -54.11 20.44
C GLU M 81 36.84 -55.08 19.28
N VAL M 82 36.49 -54.65 18.05
CA VAL M 82 36.68 -55.45 16.84
C VAL M 82 37.78 -54.83 15.96
N SER M 83 38.58 -55.70 15.33
CA SER M 83 39.71 -55.30 14.48
C SER M 83 39.27 -54.97 13.05
N GLU M 84 38.01 -55.32 12.69
CA GLU M 84 37.47 -55.03 11.37
C GLU M 84 36.01 -54.58 11.50
N GLN M 85 35.42 -54.22 10.35
CA GLN M 85 34.02 -53.77 10.28
C GLN M 85 33.09 -54.98 10.44
N VAL M 86 32.14 -54.87 11.39
CA VAL M 86 31.19 -55.94 11.68
C VAL M 86 29.76 -55.41 11.52
N THR M 87 28.90 -56.29 10.98
CA THR M 87 27.47 -56.04 10.87
C THR M 87 26.75 -56.99 11.84
N ALA M 88 25.45 -56.72 12.08
CA ALA M 88 24.62 -57.64 12.86
C ALA M 88 24.57 -59.00 12.16
N ASN M 89 24.59 -60.09 12.96
CA ASN M 89 24.55 -61.48 12.52
C ASN M 89 25.92 -62.01 12.05
N ASP M 90 26.99 -61.20 12.08
CA ASP M 90 28.32 -61.73 11.80
C ASP M 90 28.77 -62.57 13.00
N GLU M 91 29.31 -63.76 12.72
CA GLU M 91 30.01 -64.53 13.73
C GLU M 91 31.44 -64.01 13.87
N ILE M 92 31.88 -63.86 15.12
CA ILE M 92 33.20 -63.33 15.45
C ILE M 92 33.95 -64.31 16.37
N LEU M 93 35.28 -64.26 16.25
CA LEU M 93 36.18 -64.99 17.13
C LEU M 93 37.48 -64.18 17.32
N PRO M 94 38.36 -64.56 18.29
CA PRO M 94 39.61 -63.81 18.55
C PRO M 94 40.55 -63.69 17.35
N ASP M 95 41.07 -62.47 17.17
CA ASP M 95 42.03 -62.09 16.13
C ASP M 95 43.47 -62.35 16.57
N GLY M 96 43.70 -62.58 17.88
CA GLY M 96 45.03 -62.74 18.43
C GLY M 96 45.69 -61.43 18.87
N LEU M 97 45.02 -60.29 18.59
CA LEU M 97 45.54 -58.95 18.83
C LEU M 97 44.87 -58.29 20.06
N GLY M 98 44.22 -59.10 20.92
CA GLY M 98 43.46 -58.63 22.07
C GLY M 98 42.03 -58.16 21.70
N THR M 99 41.59 -58.52 20.50
CA THR M 99 40.40 -58.01 19.83
C THR M 99 39.77 -59.13 18.98
N PHE M 100 38.52 -58.92 18.52
CA PHE M 100 37.76 -59.92 17.77
C PHE M 100 37.73 -59.56 16.28
N GLU M 101 37.70 -60.59 15.43
CA GLU M 101 37.52 -60.46 13.98
C GLU M 101 36.40 -61.39 13.51
N THR M 102 35.99 -61.25 12.24
CA THR M 102 34.92 -62.10 11.70
C THR M 102 35.48 -63.47 11.32
N VAL M 103 34.60 -64.49 11.45
CA VAL M 103 34.89 -65.86 11.03
C VAL M 103 35.27 -65.88 9.55
N ALA M 104 34.60 -65.03 8.75
CA ALA M 104 34.85 -64.87 7.31
C ALA M 104 36.30 -64.43 7.01
N THR M 105 36.91 -63.64 7.91
CA THR M 105 38.27 -63.12 7.74
C THR M 105 39.30 -64.12 8.25
N SER M 106 38.98 -64.79 9.37
CA SER M 106 39.86 -65.76 10.01
C SER M 106 40.00 -67.02 9.15
N ALA M 107 40.99 -67.88 9.46
CA ALA M 107 41.09 -69.19 8.83
C ALA M 107 40.07 -70.19 9.37
N ALA M 108 39.41 -69.86 10.50
CA ALA M 108 38.44 -70.73 11.17
C ALA M 108 37.08 -70.70 10.45
N SER M 109 36.30 -71.77 10.62
CA SER M 109 35.02 -71.97 9.94
C SER M 109 33.80 -71.73 10.84
N ALA M 110 34.03 -71.50 12.15
CA ALA M 110 32.95 -71.25 13.11
C ALA M 110 33.42 -70.26 14.19
N GLY M 111 32.49 -69.43 14.70
CA GLY M 111 32.79 -68.39 15.68
C GLY M 111 32.39 -68.78 17.10
N VAL M 112 32.50 -67.78 18.02
CA VAL M 112 32.23 -67.96 19.43
C VAL M 112 31.20 -66.93 19.93
N ALA M 113 31.09 -65.81 19.20
CA ALA M 113 30.13 -64.77 19.54
C ALA M 113 29.42 -64.28 18.27
N ILE M 114 28.19 -63.77 18.45
CA ILE M 114 27.35 -63.26 17.38
C ILE M 114 27.16 -61.75 17.58
N VAL M 115 27.42 -60.96 16.52
CA VAL M 115 27.35 -59.51 16.60
C VAL M 115 25.89 -59.06 16.58
N GLN M 116 25.51 -58.28 17.61
CA GLN M 116 24.17 -57.73 17.79
C GLN M 116 24.11 -56.27 17.32
N GLU M 117 25.19 -55.52 17.56
CA GLU M 117 25.38 -54.15 17.10
C GLU M 117 26.61 -54.11 16.19
N GLY M 118 26.42 -53.65 14.95
CA GLY M 118 27.53 -53.40 14.02
C GLY M 118 28.45 -52.28 14.50
N ALA M 119 29.71 -52.31 14.03
CA ALA M 119 30.76 -51.38 14.42
C ALA M 119 31.80 -51.28 13.30
N ALA M 120 32.63 -50.23 13.34
CA ALA M 120 33.79 -50.09 12.45
C ALA M 120 35.04 -50.65 13.13
N SER M 121 36.15 -50.76 12.38
CA SER M 121 37.44 -51.25 12.87
C SER M 121 37.94 -50.37 14.02
N GLY M 122 38.22 -50.99 15.19
CA GLY M 122 38.73 -50.31 16.37
C GLY M 122 37.64 -49.81 17.33
N GLU M 123 36.36 -50.11 17.02
CA GLU M 123 35.22 -49.68 17.82
C GLU M 123 34.66 -50.86 18.62
N VAL M 124 33.78 -50.53 19.57
CA VAL M 124 33.04 -51.47 20.39
C VAL M 124 31.78 -51.91 19.63
N CYS M 125 31.73 -53.20 19.29
CA CYS M 125 30.48 -53.85 18.93
C CYS M 125 29.86 -54.44 20.20
N GLU M 126 28.56 -54.80 20.11
CA GLU M 126 27.94 -55.62 21.12
C GLU M 126 27.74 -57.03 20.55
N ALA M 127 28.22 -58.04 21.29
CA ALA M 127 28.19 -59.41 20.83
C ALA M 127 27.63 -60.32 21.92
N TYR M 128 26.98 -61.41 21.50
CA TYR M 128 26.51 -62.44 22.41
C TYR M 128 27.41 -63.66 22.29
N ILE M 129 28.03 -64.10 23.40
CA ILE M 129 28.89 -65.27 23.41
C ILE M 129 28.00 -66.52 23.49
N PHE M 130 28.28 -67.52 22.64
CA PHE M 130 27.40 -68.67 22.51
C PHE M 130 28.18 -70.00 22.51
N ALA M 131 29.50 -69.94 22.27
CA ALA M 131 30.32 -71.14 22.15
C ALA M 131 31.69 -70.94 22.80
N VAL M 132 32.33 -72.09 23.04
CA VAL M 132 33.69 -72.23 23.53
C VAL M 132 34.48 -72.95 22.45
N GLN M 133 35.78 -72.64 22.35
CA GLN M 133 36.67 -73.37 21.46
C GLN M 133 37.93 -73.81 22.23
N GLY M 134 38.25 -75.11 22.09
CA GLY M 134 39.43 -75.72 22.68
C GLY M 134 40.14 -76.63 21.67
N THR M 135 41.05 -77.49 22.18
CA THR M 135 41.93 -78.32 21.36
C THR M 135 41.18 -79.56 20.84
N THR M 136 40.93 -79.57 19.52
CA THR M 136 40.36 -80.71 18.81
C THR M 136 41.50 -81.56 18.22
N ALA M 137 42.70 -80.98 18.12
CA ALA M 137 43.80 -81.43 17.27
C ALA M 137 43.33 -81.54 15.82
N THR N 2 19.04 10.81 1.80
CA THR N 2 20.03 11.68 2.42
C THR N 2 21.01 10.84 3.23
N ASP N 3 20.55 9.78 3.91
CA ASP N 3 21.39 8.94 4.74
C ASP N 3 22.54 8.36 3.90
N THR N 4 23.78 8.46 4.41
CA THR N 4 24.98 7.97 3.72
C THR N 4 25.55 6.75 4.44
N ILE N 5 25.72 5.65 3.70
CA ILE N 5 26.17 4.36 4.24
C ILE N 5 27.34 3.83 3.40
N VAL N 6 28.27 3.15 4.09
CA VAL N 6 29.45 2.53 3.49
C VAL N 6 29.16 1.04 3.29
N ASN N 7 29.39 0.53 2.08
CA ASN N 7 29.11 -0.85 1.72
C ASN N 7 30.40 -1.64 1.53
N VAL N 8 30.66 -2.62 2.39
CA VAL N 8 31.67 -3.63 2.15
C VAL N 8 31.04 -4.69 1.26
N GLN N 9 31.70 -5.08 0.16
CA GLN N 9 31.01 -5.62 -1.01
C GLN N 9 30.95 -7.15 -1.08
N GLY N 10 31.00 -7.85 0.05
CA GLY N 10 30.82 -9.30 0.03
C GLY N 10 31.35 -10.01 1.26
N SER N 11 31.00 -11.29 1.41
CA SER N 11 31.60 -12.16 2.39
C SER N 11 32.46 -13.20 1.66
N PHE N 12 33.71 -13.36 2.09
CA PHE N 12 34.75 -14.10 1.36
C PHE N 12 34.53 -15.61 1.41
N PHE N 13 34.89 -16.30 0.32
CA PHE N 13 34.89 -17.76 0.29
C PHE N 13 36.13 -18.28 -0.44
N SER N 14 36.74 -19.38 0.05
CA SER N 14 37.77 -20.11 -0.66
C SER N 14 37.82 -21.57 -0.24
N ALA N 15 38.13 -22.44 -1.22
CA ALA N 15 38.53 -23.81 -0.98
C ALA N 15 39.87 -24.06 -1.66
N SER N 16 40.76 -24.83 -1.01
CA SER N 16 42.08 -25.10 -1.54
C SER N 16 42.58 -26.47 -1.12
N ALA N 17 43.49 -27.04 -1.93
CA ALA N 17 44.15 -28.31 -1.65
C ALA N 17 45.58 -28.28 -2.19
N SER N 18 46.50 -28.88 -1.43
CA SER N 18 47.91 -28.96 -1.78
C SER N 18 48.26 -30.38 -2.21
N GLY N 19 48.94 -30.50 -3.34
CA GLY N 19 49.43 -31.77 -3.85
C GLY N 19 48.35 -32.82 -4.09
N VAL N 20 47.21 -32.42 -4.66
CA VAL N 20 46.14 -33.35 -5.03
C VAL N 20 46.61 -34.23 -6.18
N ALA N 21 46.38 -35.55 -6.10
CA ALA N 21 47.01 -36.56 -6.96
C ALA N 21 46.49 -36.51 -8.40
N ASP N 22 47.09 -37.32 -9.30
CA ASP N 22 47.01 -37.24 -10.76
C ASP N 22 45.62 -37.51 -11.35
N THR N 23 44.65 -37.99 -10.56
CA THR N 23 43.25 -38.07 -10.98
C THR N 23 42.27 -37.69 -9.87
N GLU N 24 42.77 -37.18 -8.73
CA GLU N 24 41.95 -36.78 -7.60
C GLU N 24 41.42 -35.36 -7.80
N SER N 25 40.60 -34.86 -6.85
CA SER N 25 39.82 -33.66 -7.09
C SER N 25 39.60 -32.82 -5.84
N LEU N 26 39.47 -31.49 -6.03
CA LEU N 26 38.98 -30.55 -5.03
C LEU N 26 37.47 -30.44 -5.19
N LEU N 27 36.73 -30.78 -4.12
CA LEU N 27 35.29 -30.62 -4.12
C LEU N 27 34.93 -29.33 -3.38
N ILE N 28 34.41 -28.35 -4.13
CA ILE N 28 33.90 -27.11 -3.57
C ILE N 28 32.44 -27.37 -3.18
N ASP N 29 32.21 -27.41 -1.87
CA ASP N 29 30.93 -27.76 -1.29
C ASP N 29 30.31 -26.51 -0.66
N PRO N 30 29.17 -25.99 -1.17
CA PRO N 30 28.52 -24.81 -0.59
C PRO N 30 28.06 -24.94 0.86
N GLN N 31 28.04 -26.18 1.38
CA GLN N 31 27.69 -26.44 2.77
C GLN N 31 28.70 -25.80 3.72
N ASP N 32 29.91 -25.52 3.24
CA ASP N 32 30.97 -24.93 4.05
C ASP N 32 30.80 -23.42 4.19
N ALA N 33 29.95 -22.81 3.36
CA ALA N 33 29.65 -21.38 3.42
C ALA N 33 28.58 -21.11 4.48
N LYS N 34 28.69 -19.99 5.21
CA LYS N 34 27.75 -19.70 6.29
C LYS N 34 26.36 -19.30 5.78
N PHE N 35 26.30 -18.80 4.54
CA PHE N 35 25.07 -18.43 3.86
C PHE N 35 24.55 -19.55 2.95
N GLY N 36 25.28 -20.66 2.83
CA GLY N 36 24.79 -21.85 2.14
C GLY N 36 24.96 -21.85 0.61
N ALA N 37 25.30 -20.69 0.02
CA ALA N 37 25.53 -20.57 -1.41
C ALA N 37 26.82 -19.83 -1.70
N ILE N 38 27.43 -20.11 -2.86
CA ILE N 38 28.73 -19.58 -3.25
C ILE N 38 28.71 -19.16 -4.72
N GLU N 39 29.56 -18.19 -5.05
CA GLU N 39 29.83 -17.73 -6.40
C GLU N 39 31.34 -17.66 -6.57
N ILE N 40 31.92 -18.69 -7.20
CA ILE N 40 33.35 -18.83 -7.41
C ILE N 40 33.75 -17.93 -8.58
N HIS N 41 34.74 -17.06 -8.34
CA HIS N 41 35.26 -16.15 -9.34
C HIS N 41 36.59 -16.65 -9.90
N ASN N 42 37.47 -17.11 -9.00
CA ASN N 42 38.85 -17.45 -9.35
C ASN N 42 39.07 -18.95 -9.19
N ILE N 43 39.74 -19.55 -10.18
CA ILE N 43 40.34 -20.88 -10.04
C ILE N 43 41.80 -20.76 -10.44
N ALA N 44 42.70 -20.86 -9.46
CA ALA N 44 44.14 -20.90 -9.69
C ALA N 44 44.60 -22.35 -9.65
N HIS N 45 45.26 -22.81 -10.72
CA HIS N 45 45.58 -24.23 -10.91
C HIS N 45 47.07 -24.42 -11.19
N GLY N 46 47.72 -25.35 -10.47
CA GLY N 46 49.15 -25.58 -10.57
C GLY N 46 49.56 -26.52 -11.70
N GLY N 47 48.56 -26.92 -12.50
CA GLY N 47 48.68 -27.76 -13.67
C GLY N 47 47.31 -27.90 -14.34
N SER N 48 47.16 -28.78 -15.33
CA SER N 48 45.92 -28.89 -16.07
C SER N 48 44.79 -29.48 -15.22
N VAL N 49 43.57 -28.94 -15.38
CA VAL N 49 42.38 -29.34 -14.63
C VAL N 49 41.15 -29.34 -15.54
N ASP N 50 40.19 -30.20 -15.21
CA ASP N 50 38.82 -30.12 -15.68
C ASP N 50 37.94 -29.57 -14.56
N VAL N 51 37.08 -28.60 -14.89
CA VAL N 51 36.07 -28.10 -13.96
C VAL N 51 34.77 -28.81 -14.27
N GLU N 52 34.09 -29.33 -13.24
CA GLU N 52 32.87 -30.10 -13.40
C GLU N 52 31.83 -29.61 -12.39
N LEU N 53 30.59 -29.39 -12.86
CA LEU N 53 29.48 -28.90 -12.05
C LEU N 53 28.50 -30.05 -11.85
N LEU N 54 28.17 -30.35 -10.58
CA LEU N 54 27.39 -31.53 -10.24
C LEU N 54 26.16 -31.17 -9.41
N THR N 55 25.10 -31.97 -9.58
CA THR N 55 23.97 -32.00 -8.68
C THR N 55 23.99 -33.32 -7.91
N SER N 56 23.68 -33.27 -6.61
CA SER N 56 23.55 -34.48 -5.80
C SER N 56 22.08 -34.91 -5.68
N SER N 57 21.87 -36.24 -5.61
CA SER N 57 20.58 -36.84 -5.34
C SER N 57 20.33 -36.99 -3.84
N ASP N 58 21.26 -36.51 -3.01
CA ASP N 58 21.13 -36.46 -1.55
C ASP N 58 21.27 -35.02 -1.09
N ASP N 59 20.57 -34.65 0.00
CA ASP N 59 20.51 -33.27 0.45
C ASP N 59 21.85 -32.78 1.04
N THR N 60 22.75 -33.71 1.41
CA THR N 60 23.88 -33.44 2.28
C THR N 60 25.19 -34.06 1.77
N GLU N 61 25.14 -35.28 1.21
CA GLU N 61 26.30 -35.97 0.64
C GLU N 61 26.27 -35.84 -0.89
N LEU N 62 27.42 -36.06 -1.55
CA LEU N 62 27.46 -36.06 -3.00
C LEU N 62 27.23 -37.47 -3.55
N VAL N 63 26.08 -37.66 -4.20
CA VAL N 63 25.74 -38.82 -5.01
C VAL N 63 25.22 -38.32 -6.36
N GLU N 64 25.99 -38.51 -7.44
CA GLU N 64 25.82 -37.76 -8.68
C GLU N 64 24.46 -38.00 -9.32
N ASP N 65 23.68 -36.93 -9.45
CA ASP N 65 22.45 -36.89 -10.22
C ASP N 65 22.76 -36.43 -11.63
N ALA N 66 23.44 -35.28 -11.75
CA ALA N 66 23.80 -34.65 -13.00
C ALA N 66 25.25 -34.19 -12.91
N ALA N 67 25.96 -34.22 -14.04
CA ALA N 67 27.33 -33.74 -14.13
C ALA N 67 27.62 -33.13 -15.50
N VAL N 68 28.23 -31.95 -15.54
CA VAL N 68 28.63 -31.28 -16.77
C VAL N 68 30.08 -30.80 -16.60
N THR N 69 30.97 -31.09 -17.57
CA THR N 69 32.29 -30.47 -17.55
C THR N 69 32.18 -29.08 -18.15
N LEU N 70 32.51 -28.05 -17.35
CA LEU N 70 32.34 -26.67 -17.74
C LEU N 70 33.40 -26.29 -18.75
N ASP N 71 34.67 -26.55 -18.42
CA ASP N 71 35.81 -26.22 -19.26
C ASP N 71 37.01 -27.08 -18.84
N SER N 72 38.01 -27.14 -19.71
CA SER N 72 39.32 -27.70 -19.42
C SER N 72 40.37 -26.59 -19.45
N PHE N 73 41.11 -26.43 -18.35
CA PHE N 73 42.21 -25.49 -18.29
C PHE N 73 43.52 -26.26 -18.41
N THR N 74 44.49 -25.69 -19.15
CA THR N 74 45.77 -26.33 -19.41
C THR N 74 46.91 -25.49 -18.85
N GLY N 75 48.01 -26.14 -18.46
CA GLY N 75 49.16 -25.51 -17.86
C GLY N 75 48.87 -24.98 -16.47
N GLU N 76 49.79 -24.16 -15.94
CA GLU N 76 49.66 -23.48 -14.65
C GLU N 76 49.19 -22.05 -14.89
N GLY N 77 48.22 -21.58 -14.09
CA GLY N 77 47.73 -20.21 -14.23
C GLY N 77 46.51 -19.89 -13.37
N ILE N 78 45.75 -18.87 -13.79
CA ILE N 78 44.50 -18.47 -13.14
C ILE N 78 43.45 -18.14 -14.17
N SER N 79 42.22 -18.59 -13.91
CA SER N 79 41.01 -18.08 -14.53
C SER N 79 40.30 -17.19 -13.50
N GLN N 80 39.96 -15.95 -13.88
CA GLN N 80 39.37 -14.99 -12.96
C GLN N 80 38.12 -14.33 -13.59
N GLY N 81 37.25 -13.78 -12.75
CA GLY N 81 36.05 -13.09 -13.19
C GLY N 81 34.92 -14.03 -13.64
N ASN N 82 35.00 -15.31 -13.25
CA ASN N 82 33.94 -16.28 -13.44
C ASN N 82 32.79 -15.99 -12.47
N GLN N 83 31.67 -16.70 -12.61
CA GLN N 83 30.55 -16.61 -11.69
C GLN N 83 29.95 -18.02 -11.47
N ILE N 84 30.81 -19.01 -11.22
CA ILE N 84 30.34 -20.39 -11.06
C ILE N 84 29.59 -20.49 -9.73
N GLU N 85 28.31 -20.87 -9.82
CA GLU N 85 27.37 -20.69 -8.74
C GLU N 85 26.92 -22.05 -8.21
N ALA N 86 26.88 -22.22 -6.89
CA ALA N 86 26.42 -23.45 -6.27
C ALA N 86 25.80 -23.17 -4.89
N SER N 87 24.87 -24.04 -4.45
CA SER N 87 24.26 -23.92 -3.12
C SER N 87 23.85 -25.28 -2.55
N ASP N 88 23.65 -25.30 -1.22
CA ASP N 88 23.27 -26.49 -0.46
C ASP N 88 21.83 -26.91 -0.77
N ASN N 89 20.87 -25.97 -0.73
CA ASN N 89 19.46 -26.33 -0.88
C ASN N 89 19.15 -26.80 -2.31
N THR N 90 19.96 -26.39 -3.29
CA THR N 90 19.87 -26.87 -4.66
C THR N 90 20.75 -28.10 -4.87
N ASN N 91 21.50 -28.51 -3.84
CA ASN N 91 22.35 -29.70 -3.83
C ASN N 91 23.43 -29.67 -4.92
N THR N 92 24.03 -28.49 -5.14
CA THR N 92 25.00 -28.28 -6.21
C THR N 92 26.42 -28.28 -5.65
N TYR N 93 27.33 -28.98 -6.33
CA TYR N 93 28.75 -29.08 -5.97
C TYR N 93 29.60 -28.75 -7.19
N ILE N 94 30.83 -28.24 -6.98
CA ILE N 94 31.80 -28.05 -8.06
C ILE N 94 32.98 -28.96 -7.77
N ARG N 95 33.41 -29.74 -8.77
CA ARG N 95 34.57 -30.61 -8.67
C ARG N 95 35.65 -30.14 -9.64
N ILE N 96 36.84 -29.82 -9.11
CA ILE N 96 38.01 -29.53 -9.93
C ILE N 96 38.87 -30.78 -9.96
N THR N 97 39.07 -31.38 -11.13
CA THR N 97 39.77 -32.65 -11.25
C THR N 97 41.14 -32.44 -11.88
N ASN N 98 42.20 -32.96 -11.24
CA ASN N 98 43.55 -32.86 -11.75
C ASN N 98 43.71 -33.76 -12.98
N THR N 99 44.28 -33.25 -14.07
CA THR N 99 44.57 -34.02 -15.28
C THR N 99 46.05 -33.97 -15.66
N SER N 100 46.88 -33.38 -14.78
CA SER N 100 48.33 -33.40 -14.92
C SER N 100 48.85 -34.79 -14.60
N GLY N 101 50.03 -35.15 -15.11
CA GLY N 101 50.65 -36.43 -14.82
C GLY N 101 51.40 -36.44 -13.51
N GLY N 102 50.86 -35.76 -12.50
CA GLY N 102 51.50 -35.55 -11.21
C GLY N 102 50.69 -34.61 -10.32
N ALA N 103 51.14 -34.39 -9.08
CA ALA N 103 50.42 -33.63 -8.07
C ALA N 103 50.40 -32.14 -8.41
N ILE N 104 49.29 -31.46 -8.09
CA ILE N 104 49.13 -30.01 -8.30
C ILE N 104 48.49 -29.35 -7.08
N ASP N 105 48.61 -28.02 -7.00
CA ASP N 105 47.93 -27.19 -6.02
C ASP N 105 46.76 -26.46 -6.67
N ILE N 106 45.57 -26.47 -6.03
CA ILE N 106 44.38 -25.81 -6.54
C ILE N 106 43.87 -24.84 -5.48
N ILE N 107 43.61 -23.58 -5.88
CA ILE N 107 43.06 -22.56 -4.99
C ILE N 107 41.87 -21.90 -5.68
N ALA N 108 40.66 -22.15 -5.20
CA ALA N 108 39.45 -21.52 -5.74
C ALA N 108 38.95 -20.45 -4.78
N THR N 109 38.57 -19.28 -5.29
CA THR N 109 38.05 -18.20 -4.45
C THR N 109 36.82 -17.57 -5.09
N GLY N 110 36.01 -16.94 -4.22
CA GLY N 110 34.81 -16.23 -4.63
C GLY N 110 34.14 -15.59 -3.43
N ARG N 111 32.82 -15.41 -3.51
CA ARG N 111 32.08 -14.87 -2.39
C ARG N 111 30.84 -15.70 -2.09
N GLU N 112 30.39 -15.65 -0.83
CA GLU N 112 29.14 -16.24 -0.41
C GLU N 112 27.99 -15.42 -0.97
N VAL N 113 26.85 -16.09 -1.18
CA VAL N 113 25.60 -15.58 -1.72
C VAL N 113 24.49 -16.13 -0.83
N SER N 114 23.34 -15.44 -0.69
CA SER N 114 22.27 -15.91 0.17
C SER N 114 21.62 -17.15 -0.44
N GLN N 115 21.17 -18.07 0.41
CA GLN N 115 20.51 -19.30 -0.01
C GLN N 115 19.14 -18.98 -0.59
N THR O 2 28.56 7.65 7.88
CA THR O 2 29.48 7.03 8.81
C THR O 2 29.13 5.56 8.98
N ASP O 3 27.83 5.22 9.14
CA ASP O 3 27.37 3.85 9.34
C ASP O 3 27.88 2.92 8.23
N THR O 4 28.49 1.79 8.62
CA THR O 4 29.08 0.80 7.71
C THR O 4 28.30 -0.50 7.73
N ILE O 5 27.90 -0.99 6.55
CA ILE O 5 27.08 -2.16 6.35
C ILE O 5 27.84 -3.15 5.44
N VAL O 6 27.62 -4.46 5.63
CA VAL O 6 28.18 -5.53 4.79
C VAL O 6 27.09 -6.04 3.84
N ASN O 7 27.40 -6.11 2.54
CA ASN O 7 26.46 -6.52 1.51
C ASN O 7 26.69 -7.96 1.09
N VAL O 8 25.73 -8.85 1.39
CA VAL O 8 25.72 -10.21 0.85
C VAL O 8 24.73 -10.23 -0.31
N GLN O 9 25.18 -10.70 -1.49
CA GLN O 9 24.42 -10.54 -2.71
C GLN O 9 23.33 -11.60 -2.86
N GLY O 10 22.21 -11.17 -3.44
CA GLY O 10 21.23 -12.00 -4.09
C GLY O 10 20.50 -12.95 -3.16
N SER O 11 19.65 -13.77 -3.76
CA SER O 11 19.29 -15.07 -3.23
C SER O 11 19.43 -16.07 -4.37
N PHE O 12 20.02 -17.23 -4.07
CA PHE O 12 20.46 -18.19 -5.07
C PHE O 12 19.27 -18.83 -5.77
N PHE O 13 19.37 -18.98 -7.09
CA PHE O 13 18.35 -19.69 -7.85
C PHE O 13 18.99 -20.69 -8.81
N SER O 14 18.45 -21.91 -8.87
CA SER O 14 18.89 -22.92 -9.81
C SER O 14 17.77 -23.88 -10.19
N ALA O 15 17.79 -24.29 -11.46
CA ALA O 15 17.00 -25.40 -11.96
C ALA O 15 17.94 -26.41 -12.58
N SER O 16 17.58 -27.71 -12.48
CA SER O 16 18.42 -28.76 -13.03
C SER O 16 17.59 -29.94 -13.49
N ALA O 17 18.13 -30.68 -14.48
CA ALA O 17 17.59 -31.94 -14.94
C ALA O 17 18.73 -32.89 -15.25
N SER O 18 18.56 -34.17 -14.87
CA SER O 18 19.47 -35.23 -15.23
C SER O 18 18.83 -36.12 -16.29
N GLY O 19 19.58 -36.40 -17.36
CA GLY O 19 19.15 -37.28 -18.43
C GLY O 19 17.84 -36.87 -19.08
N VAL O 20 17.70 -35.59 -19.44
CA VAL O 20 16.56 -35.12 -20.21
C VAL O 20 16.67 -35.70 -21.63
N ALA O 21 15.56 -36.25 -22.15
CA ALA O 21 15.56 -37.09 -23.35
C ALA O 21 15.88 -36.29 -24.61
N ASP O 22 16.09 -36.99 -25.73
CA ASP O 22 16.75 -36.56 -26.97
C ASP O 22 16.15 -35.32 -27.63
N THR O 23 14.91 -34.98 -27.28
CA THR O 23 14.13 -33.88 -27.85
C THR O 23 13.25 -33.18 -26.80
N GLU O 24 13.46 -33.49 -25.51
CA GLU O 24 12.69 -32.94 -24.39
C GLU O 24 13.35 -31.67 -23.85
N SER O 25 12.81 -31.10 -22.78
CA SER O 25 13.21 -29.78 -22.30
C SER O 25 13.15 -29.61 -20.79
N LEU O 26 13.96 -28.68 -20.27
CA LEU O 26 13.89 -28.18 -18.90
C LEU O 26 13.16 -26.85 -18.91
N LEU O 27 12.07 -26.76 -18.13
CA LEU O 27 11.30 -25.53 -18.05
C LEU O 27 11.64 -24.81 -16.75
N ILE O 28 12.33 -23.68 -16.89
CA ILE O 28 12.65 -22.80 -15.79
C ILE O 28 11.45 -21.91 -15.54
N ASP O 29 10.85 -22.02 -14.35
CA ASP O 29 9.64 -21.33 -13.97
C ASP O 29 9.95 -20.35 -12.84
N PRO O 30 9.72 -19.02 -12.99
CA PRO O 30 9.96 -18.07 -11.93
C PRO O 30 9.10 -18.25 -10.67
N GLN O 31 8.02 -19.03 -10.78
CA GLN O 31 7.15 -19.33 -9.64
C GLN O 31 7.88 -20.13 -8.57
N ASP O 32 9.04 -20.74 -8.91
CA ASP O 32 9.83 -21.53 -7.98
C ASP O 32 10.69 -20.62 -7.11
N ALA O 33 10.87 -19.35 -7.50
CA ALA O 33 11.66 -18.39 -6.74
C ALA O 33 10.76 -17.71 -5.71
N LYS O 34 11.27 -17.44 -4.50
CA LYS O 34 10.44 -16.90 -3.42
C LYS O 34 10.09 -15.42 -3.65
N PHE O 35 10.95 -14.70 -4.40
CA PHE O 35 10.70 -13.31 -4.80
C PHE O 35 9.96 -13.21 -6.14
N GLY O 36 9.78 -14.31 -6.87
CA GLY O 36 8.90 -14.36 -8.01
C GLY O 36 9.52 -13.96 -9.36
N ALA O 37 10.75 -13.43 -9.36
CA ALA O 37 11.48 -13.19 -10.59
C ALA O 37 12.90 -13.75 -10.51
N ILE O 38 13.45 -14.14 -11.67
CA ILE O 38 14.75 -14.79 -11.77
C ILE O 38 15.57 -14.13 -12.87
N GLU O 39 16.90 -14.12 -12.66
CA GLU O 39 17.88 -13.70 -13.64
C GLU O 39 18.89 -14.83 -13.77
N ILE O 40 18.85 -15.58 -14.87
CA ILE O 40 19.73 -16.71 -15.12
C ILE O 40 21.05 -16.18 -15.69
N HIS O 41 22.16 -16.61 -15.06
CA HIS O 41 23.50 -16.21 -15.45
C HIS O 41 24.22 -17.36 -16.16
N ASN O 42 24.13 -18.57 -15.58
CA ASN O 42 24.88 -19.73 -16.05
C ASN O 42 23.93 -20.75 -16.64
N ILE O 43 24.23 -21.24 -17.85
CA ILE O 43 23.62 -22.44 -18.39
C ILE O 43 24.74 -23.44 -18.70
N ALA O 44 24.77 -24.54 -17.94
CA ALA O 44 25.68 -25.65 -18.19
C ALA O 44 24.90 -26.75 -18.87
N HIS O 45 25.44 -27.29 -19.98
CA HIS O 45 24.73 -28.22 -20.84
C HIS O 45 25.62 -29.40 -21.22
N GLY O 46 25.14 -30.64 -21.02
CA GLY O 46 25.91 -31.85 -21.24
C GLY O 46 25.97 -32.30 -22.71
N GLY O 47 25.52 -31.43 -23.60
CA GLY O 47 25.37 -31.67 -25.04
C GLY O 47 24.63 -30.48 -25.66
N SER O 48 24.33 -30.52 -26.96
CA SER O 48 23.79 -29.36 -27.65
C SER O 48 22.36 -29.04 -27.23
N VAL O 49 22.03 -27.73 -27.12
CA VAL O 49 20.75 -27.24 -26.63
C VAL O 49 20.31 -25.98 -27.37
N ASP O 50 18.98 -25.78 -27.46
CA ASP O 50 18.36 -24.50 -27.80
C ASP O 50 17.82 -23.84 -26.53
N VAL O 51 18.03 -22.52 -26.39
CA VAL O 51 17.46 -21.74 -25.32
C VAL O 51 16.29 -20.95 -25.90
N GLU O 52 15.12 -21.03 -25.26
CA GLU O 52 13.89 -20.42 -25.76
C GLU O 52 13.25 -19.61 -24.64
N LEU O 53 12.83 -18.38 -24.96
CA LEU O 53 12.17 -17.48 -24.02
C LEU O 53 10.71 -17.34 -24.42
N LEU O 54 9.80 -17.60 -23.47
CA LEU O 54 8.37 -17.71 -23.76
C LEU O 54 7.57 -16.82 -22.80
N THR O 55 6.48 -16.23 -23.30
CA THR O 55 5.44 -15.63 -22.48
C THR O 55 4.23 -16.56 -22.52
N SER O 56 3.61 -16.80 -21.35
CA SER O 56 2.38 -17.58 -21.26
C SER O 56 1.15 -16.69 -21.29
N SER O 57 0.02 -17.27 -21.74
CA SER O 57 -1.29 -16.63 -21.72
C SER O 57 -2.10 -17.03 -20.49
N ASP O 58 -1.50 -17.80 -19.56
CA ASP O 58 -2.12 -18.20 -18.30
C ASP O 58 -1.21 -17.77 -17.15
N ASP O 59 -1.80 -17.44 -16.00
CA ASP O 59 -1.10 -16.83 -14.88
C ASP O 59 -0.17 -17.81 -14.15
N THR O 60 -0.33 -19.13 -14.38
CA THR O 60 0.24 -20.20 -13.56
C THR O 60 0.84 -21.35 -14.36
N GLU O 61 0.36 -21.60 -15.59
CA GLU O 61 0.85 -22.68 -16.44
C GLU O 61 1.37 -22.12 -17.77
N LEU O 62 2.26 -22.84 -18.45
CA LEU O 62 2.75 -22.41 -19.75
C LEU O 62 1.74 -22.77 -20.83
N VAL O 63 1.16 -21.72 -21.45
CA VAL O 63 0.33 -21.80 -22.64
C VAL O 63 0.88 -20.74 -23.60
N GLU O 64 1.66 -21.15 -24.61
CA GLU O 64 2.56 -20.27 -25.35
C GLU O 64 1.82 -19.12 -26.02
N ASP O 65 2.33 -17.89 -25.83
CA ASP O 65 1.85 -16.68 -26.48
C ASP O 65 2.91 -16.18 -27.45
N ALA O 66 4.00 -15.63 -26.92
CA ALA O 66 5.18 -15.21 -27.67
C ALA O 66 6.32 -16.18 -27.37
N ALA O 67 7.10 -16.55 -28.40
CA ALA O 67 8.28 -17.41 -28.22
C ALA O 67 9.43 -16.96 -29.11
N VAL O 68 10.65 -16.91 -28.54
CA VAL O 68 11.87 -16.55 -29.26
C VAL O 68 12.98 -17.53 -28.88
N THR O 69 13.66 -18.11 -29.87
CA THR O 69 14.87 -18.89 -29.61
C THR O 69 16.04 -17.93 -29.48
N LEU O 70 16.60 -17.83 -28.28
CA LEU O 70 17.63 -16.85 -27.96
C LEU O 70 18.92 -17.23 -28.70
N ASP O 71 19.37 -18.48 -28.53
CA ASP O 71 20.60 -18.98 -29.12
C ASP O 71 20.60 -20.51 -29.07
N SER O 72 21.51 -21.13 -29.84
CA SER O 72 21.78 -22.56 -29.81
C SER O 72 23.22 -22.80 -29.36
N PHE O 73 23.42 -23.61 -28.31
CA PHE O 73 24.76 -23.95 -27.87
C PHE O 73 25.13 -25.35 -28.38
N THR O 74 26.26 -25.48 -29.09
CA THR O 74 26.79 -26.75 -29.56
C THR O 74 27.70 -27.37 -28.51
N GLY O 75 27.81 -28.71 -28.50
CA GLY O 75 28.74 -29.44 -27.67
C GLY O 75 28.38 -29.40 -26.18
N GLU O 76 29.34 -29.78 -25.34
CA GLU O 76 29.22 -29.73 -23.89
C GLU O 76 30.00 -28.54 -23.35
N GLY O 77 29.42 -27.80 -22.40
CA GLY O 77 30.13 -26.69 -21.78
C GLY O 77 29.26 -25.77 -20.93
N ILE O 78 29.74 -24.52 -20.79
CA ILE O 78 29.17 -23.49 -19.93
C ILE O 78 28.94 -22.23 -20.75
N SER O 79 27.78 -21.59 -20.55
CA SER O 79 27.56 -20.22 -20.93
C SER O 79 27.41 -19.42 -19.64
N GLN O 80 28.25 -18.37 -19.43
CA GLN O 80 28.24 -17.62 -18.19
C GLN O 80 28.16 -16.11 -18.45
N GLY O 81 27.68 -15.37 -17.46
CA GLY O 81 27.52 -13.93 -17.54
C GLY O 81 26.30 -13.50 -18.34
N ASN O 82 25.35 -14.40 -18.57
CA ASN O 82 24.07 -14.08 -19.18
C ASN O 82 23.23 -13.27 -18.19
N GLN O 83 22.13 -12.69 -18.69
CA GLN O 83 21.11 -12.09 -17.85
C GLN O 83 19.72 -12.43 -18.40
N ILE O 84 19.42 -13.71 -18.65
CA ILE O 84 18.09 -14.07 -19.13
C ILE O 84 17.12 -13.90 -17.97
N GLU O 85 16.07 -13.07 -18.16
CA GLU O 85 15.20 -12.69 -17.05
C GLU O 85 13.77 -13.14 -17.31
N ALA O 86 13.08 -13.58 -16.24
CA ALA O 86 11.69 -14.02 -16.28
C ALA O 86 11.01 -13.80 -14.93
N SER O 87 9.67 -13.61 -14.92
CA SER O 87 8.92 -13.41 -13.69
C SER O 87 7.53 -14.02 -13.75
N ASP O 88 6.94 -14.23 -12.56
CA ASP O 88 5.63 -14.84 -12.42
C ASP O 88 4.50 -13.94 -12.91
N ASN O 89 4.39 -12.69 -12.45
CA ASN O 89 3.21 -11.89 -12.80
C ASN O 89 3.26 -11.38 -14.25
N THR O 90 4.40 -11.52 -14.93
CA THR O 90 4.50 -11.33 -16.37
C THR O 90 4.37 -12.65 -17.12
N ASN O 91 4.29 -13.77 -16.38
CA ASN O 91 4.09 -15.11 -16.91
C ASN O 91 5.17 -15.50 -17.91
N THR O 92 6.43 -15.13 -17.63
CA THR O 92 7.57 -15.39 -18.49
C THR O 92 8.21 -16.73 -18.10
N TYR O 93 8.77 -17.44 -19.09
CA TYR O 93 9.33 -18.78 -18.95
C TYR O 93 10.59 -18.92 -19.80
N ILE O 94 11.56 -19.73 -19.33
CA ILE O 94 12.74 -20.08 -20.13
C ILE O 94 12.76 -21.60 -20.31
N ARG O 95 12.86 -22.05 -21.55
CA ARG O 95 12.92 -23.47 -21.89
C ARG O 95 14.28 -23.80 -22.49
N ILE O 96 14.97 -24.81 -21.93
CA ILE O 96 16.19 -25.34 -22.52
C ILE O 96 15.81 -26.66 -23.19
N THR O 97 15.98 -26.77 -24.52
CA THR O 97 15.58 -27.96 -25.27
C THR O 97 16.82 -28.73 -25.72
N ASN O 98 16.87 -30.04 -25.41
CA ASN O 98 17.95 -30.92 -25.81
C ASN O 98 17.86 -31.19 -27.31
N THR O 99 18.97 -30.98 -28.06
CA THR O 99 19.03 -31.20 -29.50
C THR O 99 20.09 -32.23 -29.87
N SER O 100 20.75 -32.87 -28.89
CA SER O 100 21.93 -33.68 -29.09
C SER O 100 21.63 -35.05 -29.70
N GLY O 101 20.40 -35.54 -29.58
CA GLY O 101 20.06 -36.86 -30.11
C GLY O 101 20.26 -37.98 -29.11
N GLY O 102 20.65 -37.64 -27.88
CA GLY O 102 20.80 -38.55 -26.74
C GLY O 102 20.51 -37.85 -25.42
N ALA O 103 20.56 -38.56 -24.30
CA ALA O 103 20.24 -37.99 -23.00
C ALA O 103 21.35 -37.07 -22.50
N ILE O 104 21.00 -35.91 -21.93
CA ILE O 104 21.96 -34.94 -21.41
C ILE O 104 21.53 -34.39 -20.04
N ASP O 105 22.49 -33.78 -19.34
CA ASP O 105 22.29 -33.10 -18.06
C ASP O 105 22.31 -31.60 -18.30
N ILE O 106 21.39 -30.85 -17.65
CA ILE O 106 21.28 -29.40 -17.79
C ILE O 106 21.21 -28.78 -16.40
N ILE O 107 22.06 -27.76 -16.15
CA ILE O 107 22.03 -27.01 -14.91
C ILE O 107 22.02 -25.52 -15.23
N ALA O 108 20.96 -24.82 -14.79
CA ALA O 108 20.87 -23.37 -14.91
C ALA O 108 21.03 -22.76 -13.53
N THR O 109 21.82 -21.68 -13.41
CA THR O 109 21.95 -20.95 -12.16
C THR O 109 21.84 -19.44 -12.40
N GLY O 110 21.45 -18.74 -11.33
CA GLY O 110 21.30 -17.30 -11.33
C GLY O 110 20.90 -16.80 -9.95
N ARG O 111 20.16 -15.71 -9.91
CA ARG O 111 19.66 -15.20 -8.65
C ARG O 111 18.22 -14.73 -8.78
N GLU O 112 17.55 -14.64 -7.63
CA GLU O 112 16.21 -14.11 -7.53
C GLU O 112 16.29 -12.60 -7.63
N VAL O 113 15.22 -11.99 -8.16
CA VAL O 113 15.05 -10.55 -8.36
C VAL O 113 13.63 -10.22 -7.88
N SER O 114 13.38 -8.98 -7.47
CA SER O 114 12.05 -8.60 -7.04
C SER O 114 11.08 -8.56 -8.22
N GLN O 115 9.82 -8.93 -7.95
CA GLN O 115 8.72 -8.93 -8.89
C GLN O 115 8.31 -7.51 -9.22
N THR P 2 29.54 -3.56 11.07
CA THR P 2 29.29 -4.89 11.58
C THR P 2 27.95 -5.35 11.03
N ASP P 3 26.94 -4.45 10.99
CA ASP P 3 25.59 -4.79 10.56
C ASP P 3 25.63 -5.40 9.15
N THR P 4 25.07 -6.61 8.98
CA THR P 4 25.10 -7.37 7.74
C THR P 4 23.71 -7.42 7.11
N ILE P 5 23.61 -7.11 5.81
CA ILE P 5 22.37 -7.04 5.06
C ILE P 5 22.48 -7.83 3.76
N VAL P 6 21.37 -8.48 3.37
CA VAL P 6 21.22 -9.19 2.11
C VAL P 6 20.60 -8.23 1.09
N ASN P 7 21.20 -8.16 -0.10
CA ASN P 7 20.72 -7.34 -1.20
C ASN P 7 20.03 -8.22 -2.24
N VAL P 8 18.73 -8.04 -2.43
CA VAL P 8 18.03 -8.61 -3.58
C VAL P 8 17.82 -7.49 -4.58
N GLN P 9 18.04 -7.75 -5.88
CA GLN P 9 18.00 -6.71 -6.89
C GLN P 9 16.56 -6.23 -7.13
N GLY P 10 16.43 -4.93 -7.42
CA GLY P 10 15.18 -4.23 -7.57
C GLY P 10 14.39 -4.67 -8.80
N SER P 11 13.13 -4.23 -8.88
CA SER P 11 12.08 -4.91 -9.62
C SER P 11 12.44 -5.21 -11.06
N PHE P 12 12.18 -6.46 -11.46
CA PHE P 12 12.17 -6.91 -12.84
C PHE P 12 11.21 -6.07 -13.66
N PHE P 13 11.54 -5.83 -14.93
CA PHE P 13 10.66 -5.16 -15.88
C PHE P 13 10.60 -5.93 -17.19
N SER P 14 9.41 -6.02 -17.82
CA SER P 14 9.27 -6.61 -19.14
C SER P 14 8.10 -6.02 -19.92
N ALA P 15 8.30 -5.92 -21.24
CA ALA P 15 7.24 -5.68 -22.21
C ALA P 15 7.36 -6.74 -23.30
N SER P 16 6.22 -7.22 -23.81
CA SER P 16 6.22 -8.26 -24.82
C SER P 16 5.03 -8.13 -25.76
N ALA P 17 5.19 -8.64 -26.99
CA ALA P 17 4.13 -8.73 -27.98
C ALA P 17 4.29 -10.00 -28.82
N SER P 18 3.17 -10.67 -29.09
CA SER P 18 3.12 -11.82 -29.96
C SER P 18 2.53 -11.41 -31.30
N GLY P 19 3.12 -11.89 -32.40
CA GLY P 19 2.60 -11.67 -33.73
C GLY P 19 2.44 -10.20 -34.12
N VAL P 20 3.45 -9.37 -33.82
CA VAL P 20 3.47 -7.98 -34.27
C VAL P 20 3.73 -7.95 -35.77
N ALA P 21 2.92 -7.19 -36.53
CA ALA P 21 2.90 -7.19 -38.00
C ALA P 21 4.18 -6.60 -38.59
N ASP P 22 4.32 -6.66 -39.93
CA ASP P 22 5.53 -6.48 -40.72
C ASP P 22 6.16 -5.09 -40.66
N THR P 23 5.42 -4.10 -40.12
CA THR P 23 5.81 -2.70 -40.06
C THR P 23 5.34 -2.05 -38.76
N GLU P 24 4.78 -2.85 -37.84
CA GLU P 24 4.28 -2.42 -36.54
C GLU P 24 5.39 -2.51 -35.50
N SER P 25 5.08 -2.13 -34.25
CA SER P 25 6.09 -1.99 -33.22
C SER P 25 5.60 -2.35 -31.82
N LEU P 26 6.53 -2.82 -30.98
CA LEU P 26 6.38 -2.85 -29.55
C LEU P 26 6.88 -1.53 -28.98
N LEU P 27 6.04 -0.86 -28.20
CA LEU P 27 6.38 0.39 -27.56
C LEU P 27 6.58 0.14 -26.07
N ILE P 28 7.82 0.30 -25.60
CA ILE P 28 8.18 0.12 -24.20
C ILE P 28 8.02 1.45 -23.50
N ASP P 29 7.06 1.51 -22.57
CA ASP P 29 6.65 2.74 -21.91
C ASP P 29 6.98 2.64 -20.42
N PRO P 30 7.86 3.52 -19.87
CA PRO P 30 8.16 3.52 -18.44
C PRO P 30 7.00 3.80 -17.48
N GLN P 31 5.83 4.19 -18.01
CA GLN P 31 4.63 4.35 -17.20
C GLN P 31 4.19 3.02 -16.60
N ASP P 32 4.57 1.91 -17.24
CA ASP P 32 4.18 0.57 -16.84
C ASP P 32 4.99 0.08 -15.64
N ALA P 33 6.14 0.69 -15.38
CA ALA P 33 6.99 0.39 -14.22
C ALA P 33 6.47 1.13 -12.99
N LYS P 34 6.59 0.54 -11.79
CA LYS P 34 6.11 1.17 -10.57
C LYS P 34 7.03 2.30 -10.10
N PHE P 35 8.34 2.17 -10.37
CA PHE P 35 9.32 3.19 -10.03
C PHE P 35 9.41 4.26 -11.12
N GLY P 36 8.72 4.07 -12.25
CA GLY P 36 8.56 5.14 -13.23
C GLY P 36 9.65 5.19 -14.30
N ALA P 37 10.74 4.46 -14.08
CA ALA P 37 11.92 4.46 -14.94
C ALA P 37 12.42 3.05 -15.14
N ILE P 38 12.99 2.77 -16.31
CA ILE P 38 13.37 1.43 -16.72
C ILE P 38 14.74 1.43 -17.37
N GLU P 39 15.41 0.29 -17.24
CA GLU P 39 16.66 -0.01 -17.91
C GLU P 39 16.45 -1.34 -18.62
N ILE P 40 16.55 -1.34 -19.97
CA ILE P 40 16.35 -2.53 -20.78
C ILE P 40 17.71 -3.18 -21.04
N HIS P 41 17.84 -4.43 -20.57
CA HIS P 41 19.05 -5.21 -20.76
C HIS P 41 18.92 -6.11 -21.98
N ASN P 42 17.74 -6.74 -22.13
CA ASN P 42 17.51 -7.78 -23.11
C ASN P 42 16.46 -7.36 -24.13
N ILE P 43 16.76 -7.60 -25.41
CA ILE P 43 15.78 -7.53 -26.49
C ILE P 43 15.84 -8.87 -27.24
N ALA P 44 14.75 -9.64 -27.15
CA ALA P 44 14.62 -10.90 -27.85
C ALA P 44 13.64 -10.73 -29.01
N HIS P 45 14.07 -11.09 -30.22
CA HIS P 45 13.34 -10.80 -31.44
C HIS P 45 13.23 -12.04 -32.31
N GLY P 46 12.02 -12.36 -32.79
CA GLY P 46 11.75 -13.55 -33.60
C GLY P 46 11.99 -13.34 -35.09
N GLY P 47 12.68 -12.26 -35.42
CA GLY P 47 12.98 -11.77 -36.77
C GLY P 47 13.67 -10.41 -36.67
N SER P 48 13.95 -9.74 -37.80
CA SER P 48 14.72 -8.51 -37.79
C SER P 48 13.92 -7.35 -37.22
N VAL P 49 14.59 -6.48 -36.43
CA VAL P 49 13.97 -5.33 -35.77
C VAL P 49 14.88 -4.11 -35.82
N ASP P 50 14.25 -2.92 -35.89
CA ASP P 50 14.92 -1.65 -35.66
C ASP P 50 14.56 -1.14 -34.26
N VAL P 51 15.57 -0.70 -33.50
CA VAL P 51 15.38 -0.17 -32.15
C VAL P 51 15.48 1.35 -32.24
N GLU P 52 14.52 2.06 -31.64
CA GLU P 52 14.39 3.50 -31.75
C GLU P 52 14.11 4.11 -30.39
N LEU P 53 14.82 5.19 -30.03
CA LEU P 53 14.66 5.86 -28.75
C LEU P 53 14.02 7.23 -28.98
N LEU P 54 12.89 7.48 -28.30
CA LEU P 54 12.05 8.63 -28.59
C LEU P 54 11.84 9.47 -27.34
N THR P 55 11.77 10.80 -27.53
CA THR P 55 11.26 11.71 -26.52
C THR P 55 9.90 12.24 -26.97
N SER P 56 8.94 12.29 -26.04
CA SER P 56 7.61 12.82 -26.33
C SER P 56 7.52 14.30 -25.95
N SER P 57 6.66 15.04 -26.67
CA SER P 57 6.26 16.40 -26.34
C SER P 57 5.09 16.43 -25.37
N ASP P 58 4.51 15.28 -25.01
CA ASP P 58 3.41 15.14 -24.07
C ASP P 58 3.81 14.21 -22.94
N ASP P 59 3.35 14.50 -21.71
CA ASP P 59 3.81 13.88 -20.48
C ASP P 59 3.37 12.41 -20.36
N THR P 60 2.28 12.04 -21.07
CA THR P 60 1.52 10.83 -20.85
C THR P 60 1.38 9.95 -22.09
N GLU P 61 1.36 10.57 -23.29
CA GLU P 61 1.26 9.85 -24.56
C GLU P 61 2.50 10.14 -25.40
N LEU P 62 2.87 9.23 -26.31
CA LEU P 62 3.95 9.49 -27.24
C LEU P 62 3.45 10.40 -28.36
N VAL P 63 3.95 11.65 -28.36
CA VAL P 63 3.84 12.59 -29.46
C VAL P 63 5.26 13.04 -29.82
N GLU P 64 5.86 12.47 -30.87
CA GLU P 64 7.29 12.45 -31.09
C GLU P 64 7.88 13.86 -31.17
N ASP P 65 8.96 14.09 -30.43
CA ASP P 65 9.73 15.32 -30.41
C ASP P 65 11.13 15.04 -30.94
N ALA P 66 11.78 14.01 -30.40
CA ALA P 66 13.13 13.58 -30.78
C ALA P 66 13.11 12.08 -31.03
N ALA P 67 13.82 11.62 -32.07
CA ALA P 67 13.90 10.19 -32.37
C ALA P 67 15.27 9.81 -32.93
N VAL P 68 15.89 8.77 -32.36
CA VAL P 68 17.16 8.22 -32.83
C VAL P 68 16.99 6.72 -33.06
N THR P 69 17.36 6.21 -34.25
CA THR P 69 17.44 4.78 -34.48
C THR P 69 18.75 4.26 -33.89
N LEU P 70 18.67 3.49 -32.80
CA LEU P 70 19.83 3.04 -32.06
C LEU P 70 20.62 2.04 -32.89
N ASP P 71 19.93 0.99 -33.38
CA ASP P 71 20.54 -0.10 -34.13
C ASP P 71 19.47 -0.89 -34.88
N SER P 72 19.92 -1.72 -35.82
CA SER P 72 19.11 -2.72 -36.50
C SER P 72 19.66 -4.12 -36.21
N PHE P 73 18.82 -5.03 -35.72
CA PHE P 73 19.19 -6.41 -35.49
C PHE P 73 18.63 -7.28 -36.61
N THR P 74 19.44 -8.22 -37.13
CA THR P 74 19.09 -9.06 -38.28
C THR P 74 18.79 -10.49 -37.84
N GLY P 75 17.71 -11.07 -38.38
CA GLY P 75 17.30 -12.44 -38.09
C GLY P 75 16.74 -12.60 -36.68
N GLU P 76 16.56 -13.85 -36.24
CA GLU P 76 16.09 -14.20 -34.91
C GLU P 76 17.26 -14.20 -33.94
N GLY P 77 17.04 -13.75 -32.70
CA GLY P 77 18.06 -13.83 -31.67
C GLY P 77 17.80 -13.02 -30.40
N ILE P 78 18.87 -12.82 -29.62
CA ILE P 78 18.92 -12.09 -28.37
C ILE P 78 19.99 -11.02 -28.44
N SER P 79 19.68 -9.82 -27.93
CA SER P 79 20.67 -8.83 -27.56
C SER P 79 20.63 -8.68 -26.03
N GLN P 80 21.78 -8.88 -25.36
CA GLN P 80 21.83 -8.83 -23.90
C GLN P 80 23.01 -7.98 -23.42
N GLY P 81 22.94 -7.49 -22.18
CA GLY P 81 23.99 -6.67 -21.59
C GLY P 81 23.90 -5.20 -21.96
N ASN P 82 22.75 -4.77 -22.51
CA ASN P 82 22.46 -3.38 -22.81
C ASN P 82 22.15 -2.62 -21.53
N GLN P 83 22.24 -1.28 -21.59
CA GLN P 83 21.68 -0.39 -20.58
C GLN P 83 20.87 0.70 -21.29
N ILE P 84 19.91 0.32 -22.13
CA ILE P 84 19.01 1.28 -22.76
C ILE P 84 18.10 1.83 -21.66
N GLU P 85 17.99 3.15 -21.56
CA GLU P 85 17.44 3.81 -20.38
C GLU P 85 16.26 4.71 -20.79
N ALA P 86 15.15 4.58 -20.06
CA ALA P 86 13.95 5.36 -20.33
C ALA P 86 13.24 5.73 -19.04
N SER P 87 12.59 6.90 -19.03
CA SER P 87 11.91 7.47 -17.87
C SER P 87 10.61 8.12 -18.30
N ASP P 88 9.63 8.10 -17.40
CA ASP P 88 8.36 8.76 -17.66
C ASP P 88 8.50 10.27 -17.46
N ASN P 89 9.25 10.69 -16.43
CA ASN P 89 9.34 12.11 -16.09
C ASN P 89 10.25 12.85 -17.06
N THR P 90 11.13 12.12 -17.75
CA THR P 90 11.93 12.67 -18.84
C THR P 90 11.30 12.37 -20.20
N ASN P 91 10.10 11.75 -20.19
CA ASN P 91 9.26 11.47 -21.35
C ASN P 91 9.99 10.68 -22.45
N THR P 92 10.79 9.67 -22.06
CA THR P 92 11.48 8.83 -23.04
C THR P 92 10.79 7.47 -23.19
N TYR P 93 10.74 7.00 -24.45
CA TYR P 93 10.11 5.75 -24.86
C TYR P 93 11.09 4.96 -25.74
N ILE P 94 10.95 3.63 -25.77
CA ILE P 94 11.73 2.78 -26.66
C ILE P 94 10.78 2.05 -27.59
N ARG P 95 11.03 2.14 -28.91
CA ARG P 95 10.23 1.43 -29.90
C ARG P 95 11.08 0.35 -30.54
N ILE P 96 10.59 -0.90 -30.48
CA ILE P 96 11.15 -2.00 -31.26
C ILE P 96 10.23 -2.20 -32.46
N THR P 97 10.72 -1.94 -33.68
CA THR P 97 9.90 -2.03 -34.89
C THR P 97 10.26 -3.29 -35.65
N ASN P 98 9.25 -4.08 -36.05
CA ASN P 98 9.46 -5.29 -36.83
C ASN P 98 9.77 -4.89 -38.27
N THR P 99 10.80 -5.49 -38.89
CA THR P 99 11.16 -5.24 -40.28
C THR P 99 11.30 -6.52 -41.08
N SER P 100 10.88 -7.66 -40.52
CA SER P 100 10.75 -8.92 -41.23
C SER P 100 9.58 -8.83 -42.21
N GLY P 101 9.57 -9.67 -43.25
CA GLY P 101 8.49 -9.70 -44.22
C GLY P 101 7.23 -10.39 -43.75
N GLY P 102 6.96 -10.36 -42.45
CA GLY P 102 5.88 -11.09 -41.80
C GLY P 102 5.85 -10.88 -40.29
N ALA P 103 4.94 -11.52 -39.58
CA ALA P 103 4.73 -11.31 -38.15
C ALA P 103 5.83 -11.96 -37.30
N ILE P 104 6.20 -11.32 -36.17
CA ILE P 104 7.22 -11.83 -35.25
C ILE P 104 6.77 -11.70 -33.79
N ASP P 105 7.52 -12.34 -32.88
CA ASP P 105 7.37 -12.20 -31.44
C ASP P 105 8.54 -11.42 -30.84
N ILE P 106 8.25 -10.41 -29.99
CA ILE P 106 9.25 -9.59 -29.34
C ILE P 106 9.07 -9.65 -27.82
N ILE P 107 10.16 -9.92 -27.09
CA ILE P 107 10.19 -9.88 -25.63
C ILE P 107 11.36 -8.99 -25.21
N ALA P 108 11.09 -7.95 -24.41
CA ALA P 108 12.13 -7.10 -23.86
C ALA P 108 12.12 -7.19 -22.35
N THR P 109 13.30 -7.23 -21.70
CA THR P 109 13.39 -7.31 -20.26
C THR P 109 14.53 -6.47 -19.70
N GLY P 110 14.43 -6.18 -18.42
CA GLY P 110 15.47 -5.50 -17.66
C GLY P 110 14.99 -5.25 -16.24
N ARG P 111 15.27 -4.05 -15.72
CA ARG P 111 14.84 -3.73 -14.38
C ARG P 111 14.35 -2.29 -14.28
N GLU P 112 13.56 -2.04 -13.22
CA GLU P 112 13.12 -0.72 -12.85
C GLU P 112 14.26 -0.01 -12.12
N VAL P 113 14.39 1.30 -12.37
CA VAL P 113 15.35 2.20 -11.74
C VAL P 113 14.53 3.30 -11.09
N SER P 114 15.05 3.97 -10.03
CA SER P 114 14.28 5.08 -9.48
C SER P 114 14.19 6.19 -10.51
N GLN P 115 13.00 6.72 -10.69
CA GLN P 115 12.79 7.96 -11.42
C GLN P 115 13.50 9.08 -10.68
N THR Q 2 21.09 -11.83 7.87
CA THR Q 2 19.71 -12.24 7.95
C THR Q 2 18.80 -11.16 7.37
N ASP Q 3 18.97 -9.89 7.78
CA ASP Q 3 18.07 -8.80 7.41
C ASP Q 3 18.12 -8.55 5.91
N THR Q 4 16.99 -8.71 5.21
CA THR Q 4 16.93 -8.75 3.74
C THR Q 4 16.21 -7.55 3.16
N ILE Q 5 16.93 -6.75 2.34
CA ILE Q 5 16.49 -5.51 1.75
C ILE Q 5 16.54 -5.64 0.22
N VAL Q 6 15.64 -4.95 -0.49
CA VAL Q 6 15.60 -4.90 -1.95
C VAL Q 6 16.25 -3.59 -2.41
N ASN Q 7 17.16 -3.65 -3.40
CA ASN Q 7 17.89 -2.49 -3.89
C ASN Q 7 17.45 -2.06 -5.28
N VAL Q 8 16.91 -0.84 -5.40
CA VAL Q 8 16.64 -0.22 -6.70
C VAL Q 8 17.93 0.50 -7.13
N GLN Q 9 18.39 0.25 -8.37
CA GLN Q 9 19.80 0.31 -8.75
C GLN Q 9 20.38 1.72 -8.94
N GLY Q 10 19.57 2.78 -8.89
CA GLY Q 10 20.02 4.14 -9.10
C GLY Q 10 18.87 5.16 -9.17
N SER Q 11 19.20 6.46 -9.29
CA SER Q 11 18.25 7.50 -9.64
C SER Q 11 18.56 8.02 -11.04
N PHE Q 12 17.54 8.06 -11.90
CA PHE Q 12 17.69 8.30 -13.33
C PHE Q 12 18.04 9.76 -13.65
N PHE Q 13 18.80 9.99 -14.73
CA PHE Q 13 19.08 11.31 -15.27
C PHE Q 13 19.01 11.31 -16.80
N SER Q 14 18.44 12.39 -17.39
CA SER Q 14 18.48 12.56 -18.84
C SER Q 14 18.45 14.03 -19.25
N ALA Q 15 19.14 14.32 -20.36
CA ALA Q 15 19.02 15.56 -21.10
C ALA Q 15 18.72 15.21 -22.55
N SER Q 16 17.84 15.99 -23.19
CA SER Q 16 17.46 15.77 -24.57
C SER Q 16 17.23 17.08 -25.30
N ALA Q 17 17.51 17.08 -26.61
CA ALA Q 17 17.22 18.18 -27.50
C ALA Q 17 16.79 17.64 -28.86
N SER Q 18 15.74 18.24 -29.43
CA SER Q 18 15.26 17.96 -30.76
C SER Q 18 15.66 19.09 -31.70
N GLY Q 19 16.11 18.76 -32.90
CA GLY Q 19 16.45 19.74 -33.93
C GLY Q 19 17.51 20.74 -33.51
N VAL Q 20 18.55 20.29 -32.80
CA VAL Q 20 19.70 21.12 -32.48
C VAL Q 20 20.50 21.39 -33.76
N ALA Q 21 20.76 22.67 -34.07
CA ALA Q 21 21.23 23.14 -35.37
C ALA Q 21 22.67 22.72 -35.67
N ASP Q 22 23.21 23.12 -36.84
CA ASP Q 22 24.34 22.51 -37.53
C ASP Q 22 25.68 22.67 -36.82
N THR Q 23 25.72 23.55 -35.81
CA THR Q 23 26.91 23.89 -35.04
C THR Q 23 26.57 24.20 -33.58
N GLU Q 24 25.32 23.92 -33.18
CA GLU Q 24 24.83 24.15 -31.82
C GLU Q 24 25.10 22.93 -30.94
N SER Q 25 24.76 23.04 -29.65
CA SER Q 25 25.10 22.03 -28.67
C SER Q 25 24.01 21.81 -27.64
N LEU Q 26 24.02 20.61 -27.05
CA LEU Q 26 23.31 20.30 -25.83
C LEU Q 26 24.29 20.47 -24.66
N LEU Q 27 23.94 21.31 -23.70
CA LEU Q 27 24.71 21.45 -22.48
C LEU Q 27 24.08 20.59 -21.40
N ILE Q 28 24.79 19.55 -20.97
CA ILE Q 28 24.37 18.69 -19.87
C ILE Q 28 24.94 19.29 -18.59
N ASP Q 29 24.05 19.81 -17.74
CA ASP Q 29 24.38 20.63 -16.59
C ASP Q 29 24.03 19.86 -15.33
N PRO Q 30 25.00 19.50 -14.45
CA PRO Q 30 24.71 18.77 -13.21
C PRO Q 30 23.81 19.50 -12.21
N GLN Q 31 23.63 20.81 -12.38
CA GLN Q 31 22.74 21.60 -11.54
C GLN Q 31 21.28 21.20 -11.72
N ASP Q 32 20.98 20.42 -12.77
CA ASP Q 32 19.64 19.92 -13.06
C ASP Q 32 19.35 18.64 -12.28
N ALA Q 33 20.40 17.96 -11.80
CA ALA Q 33 20.27 16.74 -11.00
C ALA Q 33 19.96 17.11 -9.55
N LYS Q 34 19.15 16.29 -8.84
CA LYS Q 34 18.78 16.61 -7.47
C LYS Q 34 19.87 16.26 -6.46
N PHE Q 35 20.71 15.26 -6.78
CA PHE Q 35 21.86 14.86 -5.97
C PHE Q 35 23.12 15.63 -6.34
N GLY Q 36 23.07 16.47 -7.39
CA GLY Q 36 24.12 17.43 -7.68
C GLY Q 36 25.20 16.94 -8.65
N ALA Q 37 25.33 15.62 -8.82
CA ALA Q 37 26.31 15.04 -9.75
C ALA Q 37 25.64 14.04 -10.68
N ILE Q 38 26.22 13.89 -11.88
CA ILE Q 38 25.68 13.05 -12.95
C ILE Q 38 26.77 12.13 -13.49
N GLU Q 39 26.31 11.00 -14.04
CA GLU Q 39 27.13 10.03 -14.72
C GLU Q 39 26.39 9.61 -15.98
N ILE Q 40 26.80 10.14 -17.15
CA ILE Q 40 26.19 9.81 -18.43
C ILE Q 40 26.70 8.45 -18.90
N HIS Q 41 25.77 7.52 -19.13
CA HIS Q 41 26.08 6.22 -19.67
C HIS Q 41 25.85 6.19 -21.18
N ASN Q 42 24.71 6.74 -21.63
CA ASN Q 42 24.29 6.62 -23.01
C ASN Q 42 24.27 7.99 -23.68
N ILE Q 43 24.84 8.08 -24.88
CA ILE Q 43 24.61 9.18 -25.79
C ILE Q 43 24.04 8.60 -27.08
N ALA Q 44 22.78 8.92 -27.37
CA ALA Q 44 22.15 8.59 -28.63
C ALA Q 44 22.12 9.85 -29.49
N HIS Q 45 22.62 9.74 -30.72
CA HIS Q 45 22.88 10.88 -31.59
C HIS Q 45 22.27 10.63 -32.96
N GLY Q 46 21.39 11.53 -33.42
CA GLY Q 46 20.72 11.43 -34.71
C GLY Q 46 21.59 11.84 -35.89
N GLY Q 47 22.89 11.93 -35.65
CA GLY Q 47 23.92 12.32 -36.61
C GLY Q 47 25.27 12.44 -35.92
N SER Q 48 26.26 13.03 -36.61
CA SER Q 48 27.61 13.15 -36.08
C SER Q 48 27.69 14.18 -34.96
N VAL Q 49 28.47 13.90 -33.90
CA VAL Q 49 28.64 14.77 -32.74
C VAL Q 49 30.06 14.73 -32.20
N ASP Q 50 30.50 15.84 -31.59
CA ASP Q 50 31.68 15.93 -30.75
C ASP Q 50 31.24 16.03 -29.29
N VAL Q 51 31.88 15.25 -28.42
CA VAL Q 51 31.60 15.26 -26.98
C VAL Q 51 32.72 16.02 -26.28
N GLU Q 52 32.37 17.00 -25.45
CA GLU Q 52 33.35 17.89 -24.83
C GLU Q 52 33.07 18.00 -23.34
N LEU Q 53 34.13 17.88 -22.52
CA LEU Q 53 34.03 18.00 -21.07
C LEU Q 53 34.69 19.30 -20.64
N LEU Q 54 33.98 20.10 -19.82
CA LEU Q 54 34.42 21.46 -19.50
C LEU Q 54 34.38 21.70 -17.99
N THR Q 55 35.40 22.40 -17.47
CA THR Q 55 35.36 23.02 -16.15
C THR Q 55 35.03 24.49 -16.31
N SER Q 56 34.12 25.01 -15.47
CA SER Q 56 33.79 26.43 -15.44
C SER Q 56 34.58 27.14 -14.34
N SER Q 57 34.92 28.41 -14.59
CA SER Q 57 35.57 29.28 -13.63
C SER Q 57 34.52 30.00 -12.77
N ASP Q 58 33.23 29.75 -13.04
CA ASP Q 58 32.13 30.31 -12.27
C ASP Q 58 31.39 29.15 -11.61
N ASP Q 59 30.89 29.37 -10.39
CA ASP Q 59 30.29 28.34 -9.56
C ASP Q 59 28.94 27.84 -10.10
N THR Q 60 28.23 28.65 -10.91
CA THR Q 60 26.87 28.36 -11.37
C THR Q 60 26.64 28.60 -12.87
N GLU Q 61 27.42 29.50 -13.51
CA GLU Q 61 27.36 29.72 -14.95
C GLU Q 61 28.49 28.94 -15.63
N LEU Q 62 28.49 28.90 -16.97
CA LEU Q 62 29.58 28.33 -17.75
C LEU Q 62 30.47 29.44 -18.27
N VAL Q 63 31.72 29.47 -17.80
CA VAL Q 63 32.78 30.37 -18.22
C VAL Q 63 34.06 29.52 -18.33
N GLU Q 64 34.39 29.08 -19.54
CA GLU Q 64 35.31 27.96 -19.79
C GLU Q 64 36.68 28.19 -19.17
N ASP Q 65 37.06 27.34 -18.20
CA ASP Q 65 38.39 27.30 -17.61
C ASP Q 65 39.23 26.27 -18.34
N ALA Q 66 38.73 25.02 -18.38
CA ALA Q 66 39.38 23.88 -19.02
C ALA Q 66 38.39 23.20 -19.95
N ALA Q 67 38.86 22.66 -21.08
CA ALA Q 67 38.01 21.92 -22.00
C ALA Q 67 38.79 20.82 -22.71
N VAL Q 68 38.18 19.63 -22.84
CA VAL Q 68 38.76 18.49 -23.55
C VAL Q 68 37.67 17.83 -24.41
N THR Q 69 37.95 17.63 -25.71
CA THR Q 69 37.07 16.83 -26.55
C THR Q 69 37.35 15.37 -26.28
N LEU Q 70 36.35 14.66 -25.73
CA LEU Q 70 36.48 13.27 -25.32
C LEU Q 70 36.57 12.37 -26.55
N ASP Q 71 35.60 12.50 -27.47
CA ASP Q 71 35.56 11.70 -28.69
C ASP Q 71 34.64 12.36 -29.72
N SER Q 72 34.78 11.92 -30.98
CA SER Q 72 33.88 12.27 -32.09
C SER Q 72 33.10 11.04 -32.52
N PHE Q 73 31.77 11.10 -32.53
CA PHE Q 73 30.93 10.02 -32.99
C PHE Q 73 30.42 10.35 -34.40
N THR Q 74 30.54 9.38 -35.32
CA THR Q 74 30.20 9.56 -36.73
C THR Q 74 28.89 8.85 -37.07
N GLY Q 75 28.01 9.54 -37.82
CA GLY Q 75 26.72 9.00 -38.24
C GLY Q 75 25.71 8.90 -37.11
N GLU Q 76 24.51 8.39 -37.41
CA GLU Q 76 23.46 8.15 -36.43
C GLU Q 76 23.78 6.89 -35.65
N GLY Q 77 23.56 6.90 -34.33
CA GLY Q 77 23.74 5.71 -33.51
C GLY Q 77 23.68 5.95 -32.00
N ILE Q 78 24.20 4.99 -31.23
CA ILE Q 78 24.28 5.08 -29.78
C ILE Q 78 25.67 4.65 -29.29
N SER Q 79 26.19 5.41 -28.33
CA SER Q 79 27.28 5.00 -27.48
C SER Q 79 26.72 4.68 -26.10
N GLN Q 80 26.95 3.46 -25.59
CA GLN Q 80 26.39 2.99 -24.32
C GLN Q 80 27.48 2.43 -23.42
N GLY Q 81 27.25 2.47 -22.10
CA GLY Q 81 28.18 1.94 -21.11
C GLY Q 81 29.33 2.88 -20.79
N ASN Q 82 29.17 4.18 -21.10
CA ASN Q 82 30.12 5.21 -20.71
C ASN Q 82 29.99 5.52 -19.23
N GLN Q 83 30.93 6.30 -18.69
CA GLN Q 83 30.84 6.85 -17.35
C GLN Q 83 31.30 8.32 -17.36
N ILE Q 84 30.78 9.15 -18.28
CA ILE Q 84 31.17 10.56 -18.32
C ILE Q 84 30.57 11.26 -17.11
N GLU Q 85 31.40 11.94 -16.33
CA GLU Q 85 31.07 12.32 -14.96
C GLU Q 85 31.17 13.83 -14.79
N ALA Q 86 30.18 14.43 -14.09
CA ALA Q 86 30.17 15.87 -13.85
C ALA Q 86 29.40 16.21 -12.57
N SER Q 87 29.74 17.34 -11.92
CA SER Q 87 29.04 17.82 -10.72
C SER Q 87 29.05 19.35 -10.65
N ASP Q 88 28.14 19.90 -9.85
CA ASP Q 88 28.05 21.34 -9.64
C ASP Q 88 29.26 21.86 -8.86
N ASN Q 89 29.63 21.22 -7.74
CA ASN Q 89 30.66 21.78 -6.87
C ASN Q 89 32.04 21.74 -7.52
N THR Q 90 32.26 20.79 -8.45
CA THR Q 90 33.48 20.73 -9.22
C THR Q 90 33.37 21.58 -10.50
N ASN Q 91 32.19 22.17 -10.73
CA ASN Q 91 31.93 23.09 -11.83
C ASN Q 91 32.20 22.42 -13.18
N THR Q 92 31.72 21.16 -13.34
CA THR Q 92 31.97 20.38 -14.54
C THR Q 92 30.71 20.31 -15.40
N TYR Q 93 30.86 20.49 -16.73
CA TYR Q 93 29.76 20.41 -17.68
C TYR Q 93 30.13 19.47 -18.83
N ILE Q 94 29.14 18.81 -19.45
CA ILE Q 94 29.34 18.04 -20.68
C ILE Q 94 28.61 18.75 -21.81
N ARG Q 95 29.29 18.97 -22.95
CA ARG Q 95 28.71 19.59 -24.13
C ARG Q 95 28.73 18.59 -25.28
N ILE Q 96 27.56 18.32 -25.89
CA ILE Q 96 27.46 17.51 -27.08
C ILE Q 96 27.18 18.43 -28.27
N THR Q 97 28.15 18.57 -29.18
CA THR Q 97 28.09 19.53 -30.28
C THR Q 97 27.79 18.82 -31.60
N ASN Q 98 26.79 19.30 -32.34
CA ASN Q 98 26.41 18.76 -33.63
C ASN Q 98 27.46 19.16 -34.67
N THR Q 99 27.95 18.20 -35.46
CA THR Q 99 28.93 18.42 -36.53
C THR Q 99 28.39 18.04 -37.90
N SER Q 100 27.11 17.67 -37.96
CA SER Q 100 26.44 17.23 -39.19
C SER Q 100 26.05 18.44 -40.04
N GLY Q 101 25.78 18.24 -41.33
CA GLY Q 101 25.45 19.31 -42.25
C GLY Q 101 24.01 19.80 -42.14
N GLY Q 102 23.40 19.64 -40.97
CA GLY Q 102 22.03 20.02 -40.66
C GLY Q 102 21.65 19.66 -39.23
N ALA Q 103 20.39 19.94 -38.85
CA ALA Q 103 19.90 19.74 -37.50
C ALA Q 103 19.78 18.26 -37.17
N ILE Q 104 19.93 17.89 -35.88
CA ILE Q 104 19.83 16.53 -35.38
C ILE Q 104 19.08 16.49 -34.05
N ASP Q 105 18.74 15.28 -33.59
CA ASP Q 105 18.20 15.01 -32.26
C ASP Q 105 19.28 14.35 -31.39
N ILE Q 106 19.42 14.80 -30.13
CA ILE Q 106 20.38 14.24 -29.18
C ILE Q 106 19.63 13.80 -27.92
N ILE Q 107 19.84 12.56 -27.48
CA ILE Q 107 19.32 12.06 -26.21
C ILE Q 107 20.49 11.51 -25.40
N ALA Q 108 20.71 12.07 -24.21
CA ALA Q 108 21.73 11.58 -23.28
C ALA Q 108 21.05 11.07 -22.01
N THR Q 109 21.48 9.89 -21.53
CA THR Q 109 20.94 9.32 -20.31
C THR Q 109 22.06 8.80 -19.41
N GLY Q 110 21.72 8.66 -18.13
CA GLY Q 110 22.65 8.22 -17.12
C GLY Q 110 21.95 8.12 -15.76
N ARG Q 111 22.73 8.23 -14.70
CA ARG Q 111 22.15 8.28 -13.37
C ARG Q 111 22.81 9.38 -12.54
N GLU Q 112 22.14 9.74 -11.46
CA GLU Q 112 22.64 10.73 -10.53
C GLU Q 112 23.59 10.04 -9.57
N VAL Q 113 24.58 10.82 -9.11
CA VAL Q 113 25.62 10.43 -8.17
C VAL Q 113 25.63 11.50 -7.08
N SER Q 114 26.03 11.15 -5.85
CA SER Q 114 26.04 12.13 -4.77
C SER Q 114 27.12 13.17 -5.01
N GLN Q 115 26.77 14.44 -4.76
CA GLN Q 115 27.72 15.55 -4.82
C GLN Q 115 28.77 15.40 -3.74
N THR R 2 11.59 -7.66 2.47
CA THR R 2 10.50 -6.92 1.88
C THR R 2 10.86 -5.44 1.80
N ASP R 3 11.58 -4.91 2.80
CA ASP R 3 11.92 -3.48 2.86
C ASP R 3 12.70 -3.07 1.63
N THR R 4 12.26 -2.01 0.92
CA THR R 4 12.85 -1.59 -0.35
C THR R 4 13.57 -0.25 -0.21
N ILE R 5 14.86 -0.21 -0.61
CA ILE R 5 15.74 0.97 -0.53
C ILE R 5 16.19 1.33 -1.95
N VAL R 6 16.29 2.63 -2.24
CA VAL R 6 16.89 3.14 -3.48
C VAL R 6 18.36 3.47 -3.21
N ASN R 7 19.25 3.00 -4.08
CA ASN R 7 20.69 3.21 -3.95
C ASN R 7 21.14 4.33 -4.88
N VAL R 8 21.59 5.46 -4.32
CA VAL R 8 22.30 6.46 -5.10
C VAL R 8 23.79 6.19 -4.93
N GLN R 9 24.52 6.08 -6.04
CA GLN R 9 25.90 5.63 -5.99
C GLN R 9 26.86 6.77 -5.65
N GLY R 10 27.90 6.42 -4.90
CA GLY R 10 29.14 7.16 -4.78
C GLY R 10 29.02 8.51 -4.10
N SER R 11 30.18 9.13 -3.90
CA SER R 11 30.31 10.56 -3.78
C SER R 11 31.28 11.02 -4.87
N PHE R 12 30.98 12.13 -5.52
CA PHE R 12 31.71 12.54 -6.71
C PHE R 12 33.11 13.01 -6.34
N PHE R 13 34.09 12.72 -7.22
CA PHE R 13 35.42 13.28 -7.07
C PHE R 13 35.96 13.77 -8.40
N SER R 14 36.57 14.97 -8.40
CA SER R 14 37.29 15.47 -9.56
C SER R 14 38.43 16.41 -9.16
N ALA R 15 39.54 16.30 -9.88
CA ALA R 15 40.57 17.32 -9.91
C ALA R 15 40.75 17.75 -11.36
N SER R 16 41.03 19.05 -11.57
CA SER R 16 41.26 19.55 -12.92
C SER R 16 42.25 20.70 -12.92
N ALA R 17 42.87 20.94 -14.08
CA ALA R 17 43.76 22.07 -14.31
C ALA R 17 43.66 22.53 -15.76
N SER R 18 43.80 23.84 -15.97
CA SER R 18 43.83 24.45 -17.29
C SER R 18 45.21 25.00 -17.58
N GLY R 19 45.66 24.84 -18.83
CA GLY R 19 46.94 25.35 -19.28
C GLY R 19 48.12 24.90 -18.44
N VAL R 20 48.16 23.62 -18.04
CA VAL R 20 49.31 23.07 -17.32
C VAL R 20 50.47 22.92 -18.30
N ALA R 21 51.64 23.47 -17.94
CA ALA R 21 52.76 23.70 -18.84
C ALA R 21 53.47 22.41 -19.25
N ASP R 22 54.44 22.52 -20.16
CA ASP R 22 55.01 21.48 -21.02
C ASP R 22 55.59 20.27 -20.30
N THR R 23 55.89 20.39 -18.99
CA THR R 23 56.52 19.35 -18.18
C THR R 23 55.97 19.37 -16.75
N GLU R 24 54.92 20.14 -16.51
CA GLU R 24 54.27 20.28 -15.21
C GLU R 24 53.22 19.19 -15.03
N SER R 25 52.50 19.18 -13.89
CA SER R 25 51.61 18.08 -13.57
C SER R 25 50.38 18.50 -12.77
N LEU R 26 49.34 17.67 -12.86
CA LEU R 26 48.20 17.70 -11.95
C LEU R 26 48.44 16.65 -10.88
N LEU R 27 48.43 17.07 -9.62
CA LEU R 27 48.53 16.14 -8.52
C LEU R 27 47.14 15.87 -7.94
N ILE R 28 46.68 14.64 -8.14
CA ILE R 28 45.40 14.19 -7.62
C ILE R 28 45.67 13.65 -6.22
N ASP R 29 45.08 14.31 -5.22
CA ASP R 29 45.43 14.14 -3.82
C ASP R 29 44.20 13.67 -3.05
N PRO R 30 44.19 12.44 -2.47
CA PRO R 30 43.06 11.98 -1.67
C PRO R 30 42.71 12.79 -0.43
N GLN R 31 43.57 13.73 -0.04
CA GLN R 31 43.31 14.60 1.10
C GLN R 31 42.12 15.53 0.80
N ASP R 32 41.77 15.67 -0.48
CA ASP R 32 40.68 16.54 -0.92
C ASP R 32 39.33 15.81 -0.86
N ALA R 33 39.34 14.48 -0.72
CA ALA R 33 38.11 13.70 -0.57
C ALA R 33 37.70 13.66 0.91
N LYS R 34 36.39 13.84 1.18
CA LYS R 34 35.89 13.87 2.56
C LYS R 34 35.90 12.49 3.21
N PHE R 35 35.90 11.42 2.39
CA PHE R 35 36.02 10.04 2.86
C PHE R 35 37.47 9.56 2.88
N GLY R 36 38.41 10.38 2.40
CA GLY R 36 39.83 10.11 2.55
C GLY R 36 40.47 9.28 1.44
N ALA R 37 39.67 8.59 0.62
CA ALA R 37 40.18 7.75 -0.45
C ALA R 37 39.42 8.01 -1.76
N ILE R 38 40.07 7.70 -2.90
CA ILE R 38 39.53 7.97 -4.23
C ILE R 38 39.80 6.80 -5.17
N GLU R 39 38.85 6.57 -6.09
CA GLU R 39 39.00 5.68 -7.23
C GLU R 39 38.71 6.51 -8.48
N ILE R 40 39.72 6.62 -9.36
CA ILE R 40 39.65 7.45 -10.56
C ILE R 40 39.24 6.60 -11.75
N HIS R 41 38.16 7.02 -12.42
CA HIS R 41 37.65 6.31 -13.58
C HIS R 41 38.11 6.98 -14.88
N ASN R 42 38.03 8.31 -14.93
CA ASN R 42 38.17 9.06 -16.17
C ASN R 42 39.37 9.99 -16.09
N ILE R 43 40.26 9.92 -17.09
CA ILE R 43 41.31 10.91 -17.29
C ILE R 43 41.13 11.49 -18.69
N ALA R 44 40.64 12.73 -18.75
CA ALA R 44 40.51 13.49 -19.99
C ALA R 44 41.74 14.37 -20.14
N HIS R 45 42.45 14.21 -21.27
CA HIS R 45 43.75 14.83 -21.47
C HIS R 45 43.78 15.63 -22.78
N GLY R 46 44.16 16.91 -22.71
CA GLY R 46 44.13 17.81 -23.85
C GLY R 46 45.38 17.72 -24.71
N GLY R 47 46.07 16.58 -24.61
CA GLY R 47 47.34 16.29 -25.26
C GLY R 47 47.97 15.04 -24.62
N SER R 48 49.24 14.76 -24.93
CA SER R 48 49.89 13.57 -24.42
C SER R 48 50.25 13.74 -22.95
N VAL R 49 50.00 12.70 -22.14
CA VAL R 49 50.25 12.69 -20.69
C VAL R 49 50.82 11.34 -20.25
N ASP R 50 51.68 11.40 -19.23
CA ASP R 50 52.10 10.22 -18.47
C ASP R 50 51.28 10.17 -17.18
N VAL R 51 50.77 8.98 -16.83
CA VAL R 51 50.10 8.75 -15.56
C VAL R 51 51.10 8.08 -14.62
N GLU R 52 51.26 8.63 -13.42
CA GLU R 52 52.24 8.16 -12.45
C GLU R 52 51.57 8.02 -11.09
N LEU R 53 51.84 6.91 -10.38
CA LEU R 53 51.26 6.61 -9.09
C LEU R 53 52.37 6.63 -8.03
N LEU R 54 52.18 7.38 -6.95
CA LEU R 54 53.24 7.65 -5.99
C LEU R 54 52.78 7.35 -4.57
N THR R 55 53.65 6.71 -3.79
CA THR R 55 53.55 6.70 -2.33
C THR R 55 54.44 7.82 -1.79
N SER R 56 53.97 8.52 -0.76
CA SER R 56 54.75 9.54 -0.08
C SER R 56 55.27 9.01 1.24
N SER R 57 56.50 9.42 1.60
CA SER R 57 57.10 9.15 2.90
C SER R 57 56.65 10.15 3.95
N ASP R 58 55.87 11.17 3.57
CA ASP R 58 55.25 12.12 4.50
C ASP R 58 53.73 12.02 4.42
N ASP R 59 53.06 12.30 5.54
CA ASP R 59 51.63 12.06 5.70
C ASP R 59 50.81 13.08 4.90
N THR R 60 51.34 14.30 4.72
CA THR R 60 50.55 15.46 4.30
C THR R 60 51.06 16.06 2.97
N GLU R 61 52.34 15.86 2.65
CA GLU R 61 52.96 16.39 1.43
C GLU R 61 53.58 15.25 0.62
N LEU R 62 53.78 15.45 -0.69
CA LEU R 62 54.43 14.45 -1.52
C LEU R 62 55.95 14.54 -1.41
N VAL R 63 56.54 13.56 -0.70
CA VAL R 63 57.97 13.27 -0.66
C VAL R 63 58.15 11.83 -1.14
N GLU R 64 58.51 11.65 -2.42
CA GLU R 64 58.37 10.39 -3.15
C GLU R 64 59.12 9.25 -2.47
N ASP R 65 58.39 8.17 -2.16
CA ASP R 65 58.93 6.92 -1.65
C ASP R 65 59.00 5.90 -2.78
N ALA R 66 57.84 5.60 -3.38
CA ALA R 66 57.71 4.70 -4.52
C ALA R 66 57.00 5.44 -5.65
N ALA R 67 57.42 5.18 -6.90
CA ALA R 67 56.80 5.77 -8.08
C ALA R 67 56.76 4.79 -9.24
N VAL R 68 55.60 4.66 -9.90
CA VAL R 68 55.44 3.83 -11.09
C VAL R 68 54.67 4.61 -12.14
N THR R 69 55.14 4.59 -13.40
CA THR R 69 54.42 5.16 -14.52
C THR R 69 53.46 4.10 -15.07
N LEU R 70 52.15 4.34 -14.93
CA LEU R 70 51.14 3.35 -15.21
C LEU R 70 50.97 3.18 -16.73
N ASP R 71 50.86 4.29 -17.46
CA ASP R 71 50.73 4.30 -18.92
C ASP R 71 51.05 5.69 -19.46
N SER R 72 51.32 5.76 -20.77
CA SER R 72 51.48 7.01 -21.51
C SER R 72 50.34 7.13 -22.53
N PHE R 73 49.51 8.17 -22.39
CA PHE R 73 48.45 8.47 -23.36
C PHE R 73 48.97 9.48 -24.39
N THR R 74 48.46 9.41 -25.63
CA THR R 74 48.88 10.29 -26.72
C THR R 74 47.68 11.04 -27.33
N GLY R 75 47.92 12.26 -27.79
CA GLY R 75 46.90 13.09 -28.42
C GLY R 75 45.84 13.56 -27.44
N GLU R 76 44.86 14.34 -27.93
CA GLU R 76 43.72 14.75 -27.13
C GLU R 76 42.75 13.59 -27.06
N GLY R 77 42.22 13.26 -25.87
CA GLY R 77 41.33 12.14 -25.74
C GLY R 77 40.84 11.85 -24.32
N ILE R 78 40.24 10.66 -24.15
CA ILE R 78 39.63 10.19 -22.92
C ILE R 78 40.05 8.75 -22.63
N SER R 79 40.46 8.48 -21.38
CA SER R 79 40.58 7.14 -20.85
C SER R 79 39.52 6.97 -19.76
N GLN R 80 38.63 5.97 -19.92
CA GLN R 80 37.47 5.83 -19.04
C GLN R 80 37.33 4.40 -18.54
N GLY R 81 36.64 4.23 -17.40
CA GLY R 81 36.40 2.93 -16.79
C GLY R 81 37.60 2.37 -16.05
N ASN R 82 38.60 3.21 -15.75
CA ASN R 82 39.76 2.85 -14.94
C ASN R 82 39.35 2.63 -13.49
N GLN R 83 40.25 2.07 -12.68
CA GLN R 83 40.09 1.98 -11.23
C GLN R 83 41.40 2.37 -10.52
N ILE R 84 42.11 3.40 -11.01
CA ILE R 84 43.31 3.90 -10.34
C ILE R 84 42.91 4.42 -8.97
N GLU R 85 43.72 4.16 -7.94
CA GLU R 85 43.23 4.17 -6.57
C GLU R 85 44.25 4.81 -5.63
N ALA R 86 43.78 5.62 -4.66
CA ALA R 86 44.66 6.34 -3.74
C ALA R 86 43.94 6.71 -2.44
N SER R 87 44.69 6.78 -1.32
CA SER R 87 44.14 7.21 -0.03
C SER R 87 45.16 7.98 0.80
N ASP R 88 44.67 8.73 1.81
CA ASP R 88 45.52 9.59 2.64
C ASP R 88 46.29 8.77 3.67
N ASN R 89 45.65 7.80 4.35
CA ASN R 89 46.36 7.03 5.37
C ASN R 89 47.37 6.06 4.75
N THR R 90 47.24 5.74 3.45
CA THR R 90 48.27 5.00 2.72
C THR R 90 49.21 5.94 1.96
N ASN R 91 49.04 7.25 2.14
CA ASN R 91 49.85 8.31 1.55
C ASN R 91 50.07 8.09 0.05
N THR R 92 48.98 7.90 -0.70
CA THR R 92 49.05 7.65 -2.13
C THR R 92 48.60 8.90 -2.90
N TYR R 93 49.37 9.26 -3.95
CA TYR R 93 49.09 10.38 -4.83
C TYR R 93 49.12 9.91 -6.28
N ILE R 94 48.31 10.50 -7.16
CA ILE R 94 48.38 10.24 -8.59
C ILE R 94 48.87 11.52 -9.27
N ARG R 95 49.93 11.41 -10.08
CA ARG R 95 50.45 12.53 -10.85
C ARG R 95 50.18 12.32 -12.33
N ILE R 96 49.52 13.31 -12.96
CA ILE R 96 49.37 13.34 -14.41
C ILE R 96 50.35 14.38 -14.95
N THR R 97 51.37 13.94 -15.71
CA THR R 97 52.43 14.82 -16.20
C THR R 97 52.24 15.10 -17.68
N ASN R 98 52.24 16.38 -18.05
CA ASN R 98 52.11 16.79 -19.43
C ASN R 98 53.39 16.46 -20.19
N THR R 99 53.27 15.85 -21.38
CA THR R 99 54.41 15.54 -22.24
C THR R 99 54.23 16.12 -23.65
N SER R 100 53.28 17.05 -23.83
CA SER R 100 52.85 17.53 -25.13
C SER R 100 53.82 18.52 -25.77
N GLY R 101 54.75 19.07 -24.99
CA GLY R 101 55.64 20.13 -25.45
C GLY R 101 54.98 21.49 -25.52
N GLY R 102 53.74 21.60 -25.03
CA GLY R 102 52.96 22.82 -24.92
C GLY R 102 51.85 22.66 -23.89
N ALA R 103 51.19 23.74 -23.50
CA ALA R 103 50.22 23.76 -22.42
C ALA R 103 48.96 22.98 -22.79
N ILE R 104 48.36 22.25 -21.82
CA ILE R 104 47.17 21.44 -22.02
C ILE R 104 46.19 21.58 -20.87
N ASP R 105 44.96 21.10 -21.07
CA ASP R 105 43.94 20.98 -20.03
C ASP R 105 43.79 19.52 -19.61
N ILE R 106 43.65 19.27 -18.30
CA ILE R 106 43.49 17.92 -17.76
C ILE R 106 42.27 17.92 -16.83
N ILE R 107 41.38 16.93 -17.00
CA ILE R 107 40.28 16.70 -16.09
C ILE R 107 40.28 15.22 -15.68
N ALA R 108 40.39 14.98 -14.37
CA ALA R 108 40.24 13.65 -13.82
C ALA R 108 38.92 13.58 -13.04
N THR R 109 38.16 12.47 -13.20
CA THR R 109 36.99 12.25 -12.38
C THR R 109 36.93 10.81 -11.90
N GLY R 110 36.18 10.60 -10.83
CA GLY R 110 36.03 9.32 -10.17
C GLY R 110 35.06 9.45 -9.01
N ARG R 111 35.23 8.59 -8.01
CA ARG R 111 34.39 8.67 -6.81
C ARG R 111 35.22 8.41 -5.56
N GLU R 112 34.73 8.95 -4.44
CA GLU R 112 35.33 8.72 -3.14
C GLU R 112 35.05 7.29 -2.69
N VAL R 113 36.05 6.70 -2.02
CA VAL R 113 35.98 5.38 -1.40
C VAL R 113 36.30 5.57 0.07
N SER R 114 35.80 4.67 0.93
CA SER R 114 36.08 4.74 2.36
C SER R 114 37.56 4.45 2.61
N GLN R 115 38.12 5.14 3.61
CA GLN R 115 39.50 4.99 4.04
C GLN R 115 39.69 3.67 4.76
N THR S 2 10.91 3.35 -0.95
CA THR S 2 10.87 4.78 -0.93
C THR S 2 12.13 5.34 -0.28
N ASP S 3 12.56 4.78 0.86
CA ASP S 3 13.75 5.23 1.58
C ASP S 3 14.95 5.26 0.64
N THR S 4 15.72 6.36 0.62
CA THR S 4 16.83 6.55 -0.32
C THR S 4 18.16 6.69 0.42
N ILE S 5 19.14 5.82 0.09
CA ILE S 5 20.43 5.75 0.75
C ILE S 5 21.54 6.06 -0.26
N VAL S 6 22.56 6.82 0.17
CA VAL S 6 23.78 7.05 -0.60
C VAL S 6 24.78 5.93 -0.27
N ASN S 7 25.29 5.27 -1.32
CA ASN S 7 26.23 4.15 -1.21
C ASN S 7 27.66 4.62 -1.46
N VAL S 8 28.54 4.48 -0.45
CA VAL S 8 29.97 4.70 -0.62
C VAL S 8 30.68 3.35 -0.55
N GLN S 9 31.68 3.13 -1.41
CA GLN S 9 32.35 1.84 -1.52
C GLN S 9 33.20 1.56 -0.29
N GLY S 10 33.29 0.27 0.06
CA GLY S 10 33.95 -0.24 1.26
C GLY S 10 35.46 -0.04 1.22
N SER S 11 36.10 -0.23 2.37
CA SER S 11 37.41 0.34 2.66
C SER S 11 38.44 0.00 1.60
N PHE S 12 39.16 1.03 1.19
CA PHE S 12 40.36 0.98 0.39
C PHE S 12 41.42 0.10 1.07
N PHE S 13 42.19 -0.63 0.27
CA PHE S 13 43.34 -1.39 0.73
C PHE S 13 44.52 -1.17 -0.19
N SER S 14 45.73 -1.05 0.38
CA SER S 14 46.96 -0.97 -0.42
C SER S 14 48.15 -1.59 0.30
N ALA S 15 49.02 -2.22 -0.49
CA ALA S 15 50.34 -2.66 -0.07
C ALA S 15 51.35 -2.09 -1.04
N SER S 16 52.50 -1.63 -0.51
CA SER S 16 53.53 -1.04 -1.34
C SER S 16 54.92 -1.31 -0.79
N ALA S 17 55.91 -1.28 -1.70
CA ALA S 17 57.33 -1.30 -1.37
C ALA S 17 58.10 -0.47 -2.37
N SER S 18 59.10 0.28 -1.87
CA SER S 18 60.06 0.99 -2.69
C SER S 18 61.39 0.26 -2.68
N GLY S 19 62.01 0.11 -3.85
CA GLY S 19 63.32 -0.50 -4.00
C GLY S 19 63.39 -1.95 -3.52
N VAL S 20 62.41 -2.77 -3.88
CA VAL S 20 62.44 -4.20 -3.59
C VAL S 20 63.45 -4.87 -4.52
N ALA S 21 64.40 -5.64 -3.95
CA ALA S 21 65.60 -6.13 -4.61
C ALA S 21 65.31 -7.21 -5.66
N ASP S 22 66.36 -7.71 -6.34
CA ASP S 22 66.30 -8.40 -7.64
C ASP S 22 65.57 -9.75 -7.61
N THR S 23 65.32 -10.28 -6.42
CA THR S 23 64.67 -11.57 -6.20
C THR S 23 63.80 -11.55 -4.94
N GLU S 24 63.62 -10.35 -4.36
CA GLU S 24 62.79 -10.14 -3.18
C GLU S 24 61.33 -9.93 -3.60
N SER S 25 60.43 -9.76 -2.62
CA SER S 25 59.00 -9.77 -2.89
C SER S 25 58.20 -8.88 -1.95
N LEU S 26 57.04 -8.41 -2.44
CA LEU S 26 56.00 -7.78 -1.66
C LEU S 26 55.01 -8.85 -1.21
N LEU S 27 54.97 -9.11 0.11
CA LEU S 27 54.03 -10.06 0.68
C LEU S 27 52.76 -9.34 1.11
N ILE S 28 51.72 -9.42 0.27
CA ILE S 28 50.42 -8.83 0.55
C ILE S 28 49.65 -9.78 1.46
N ASP S 29 49.37 -9.32 2.67
CA ASP S 29 48.84 -10.11 3.76
C ASP S 29 47.47 -9.56 4.18
N PRO S 30 46.37 -10.34 4.05
CA PRO S 30 45.06 -9.88 4.52
C PRO S 30 44.91 -9.57 6.00
N GLN S 31 45.88 -9.96 6.83
CA GLN S 31 45.90 -9.60 8.25
C GLN S 31 45.94 -8.09 8.44
N ASP S 32 46.46 -7.35 7.44
CA ASP S 32 46.64 -5.90 7.50
C ASP S 32 45.34 -5.16 7.20
N ALA S 33 44.33 -5.85 6.65
CA ALA S 33 43.01 -5.29 6.39
C ALA S 33 42.16 -5.39 7.66
N LYS S 34 41.23 -4.45 7.87
CA LYS S 34 40.42 -4.43 9.10
C LYS S 34 39.25 -5.40 9.03
N PHE S 35 38.75 -5.67 7.81
CA PHE S 35 37.70 -6.65 7.56
C PHE S 35 38.28 -8.05 7.28
N GLY S 36 39.60 -8.18 7.23
CA GLY S 36 40.26 -9.49 7.21
C GLY S 36 40.41 -10.13 5.84
N ALA S 37 39.70 -9.65 4.82
CA ALA S 37 39.84 -10.15 3.45
C ALA S 37 40.09 -8.99 2.48
N ILE S 38 40.82 -9.28 1.39
CA ILE S 38 41.20 -8.29 0.39
C ILE S 38 40.91 -8.80 -1.02
N GLU S 39 40.61 -7.84 -1.90
CA GLU S 39 40.42 -8.07 -3.32
C GLU S 39 41.30 -7.05 -4.04
N ILE S 40 42.42 -7.53 -4.60
CA ILE S 40 43.39 -6.67 -5.28
C ILE S 40 42.90 -6.44 -6.71
N HIS S 41 42.66 -5.18 -7.05
CA HIS S 41 42.27 -4.80 -8.40
C HIS S 41 43.51 -4.44 -9.22
N ASN S 42 44.43 -3.68 -8.61
CA ASN S 42 45.54 -3.05 -9.31
C ASN S 42 46.87 -3.58 -8.80
N ILE S 43 47.79 -3.84 -9.73
CA ILE S 43 49.20 -4.07 -9.44
C ILE S 43 50.02 -3.18 -10.36
N ALA S 44 50.60 -2.12 -9.81
CA ALA S 44 51.54 -1.26 -10.51
C ALA S 44 52.95 -1.75 -10.20
N HIS S 45 53.74 -2.04 -11.24
CA HIS S 45 55.05 -2.66 -11.12
C HIS S 45 56.10 -1.88 -11.90
N GLY S 46 57.23 -1.55 -11.26
CA GLY S 46 58.29 -0.75 -11.85
C GLY S 46 59.25 -1.52 -12.75
N GLY S 47 58.95 -2.80 -12.99
CA GLY S 47 59.74 -3.72 -13.79
C GLY S 47 59.03 -5.08 -13.84
N SER S 48 59.71 -6.13 -14.33
CA SER S 48 59.07 -7.43 -14.48
C SER S 48 58.86 -8.10 -13.14
N VAL S 49 57.70 -8.77 -12.96
CA VAL S 49 57.31 -9.44 -11.72
C VAL S 49 56.59 -10.75 -12.01
N ASP S 50 56.70 -11.71 -11.06
CA ASP S 50 55.84 -12.87 -10.97
C ASP S 50 54.85 -12.67 -9.84
N VAL S 51 53.58 -13.01 -10.09
CA VAL S 51 52.53 -12.97 -9.09
C VAL S 51 52.25 -14.40 -8.65
N GLU S 52 52.20 -14.63 -7.32
CA GLU S 52 52.03 -15.95 -6.76
C GLU S 52 50.99 -15.91 -5.64
N LEU S 53 50.06 -16.87 -5.66
CA LEU S 53 49.01 -16.98 -4.65
C LEU S 53 49.35 -18.16 -3.75
N LEU S 54 49.41 -17.91 -2.44
CA LEU S 54 49.87 -18.91 -1.48
C LEU S 54 48.83 -19.14 -0.40
N THR S 55 48.69 -20.39 0.04
CA THR S 55 47.96 -20.73 1.26
C THR S 55 48.97 -21.18 2.31
N SER S 56 48.84 -20.64 3.53
CA SER S 56 49.70 -21.02 4.64
C SER S 56 49.13 -22.21 5.40
N SER S 57 50.04 -23.01 5.97
CA SER S 57 49.71 -24.08 6.90
C SER S 57 49.55 -23.57 8.33
N ASP S 58 49.80 -22.25 8.54
CA ASP S 58 49.72 -21.60 9.84
C ASP S 58 48.75 -20.42 9.76
N ASP S 59 48.10 -20.08 10.88
CA ASP S 59 46.99 -19.13 10.91
C ASP S 59 47.46 -17.68 10.72
N THR S 60 48.70 -17.34 11.13
CA THR S 60 49.13 -15.96 11.25
C THR S 60 50.52 -15.69 10.63
N GLU S 61 51.29 -16.73 10.29
CA GLU S 61 52.53 -16.59 9.54
C GLU S 61 52.46 -17.41 8.25
N LEU S 62 53.20 -17.01 7.21
CA LEU S 62 53.25 -17.78 5.97
C LEU S 62 54.25 -18.93 6.08
N VAL S 63 53.73 -20.15 6.13
CA VAL S 63 54.48 -21.40 5.96
C VAL S 63 53.78 -22.18 4.84
N GLU S 64 54.37 -22.18 3.63
CA GLU S 64 53.70 -22.52 2.38
C GLU S 64 53.11 -23.93 2.39
N ASP S 65 51.78 -24.02 2.20
CA ASP S 65 51.05 -25.26 1.99
C ASP S 65 50.81 -25.46 0.50
N ALA S 66 50.22 -24.46 -0.15
CA ALA S 66 49.94 -24.43 -1.57
C ALA S 66 50.51 -23.15 -2.18
N ALA S 67 51.04 -23.24 -3.41
CA ALA S 67 51.56 -22.08 -4.14
C ALA S 67 51.31 -22.21 -5.64
N VAL S 68 50.67 -21.20 -6.24
CA VAL S 68 50.38 -21.16 -7.66
C VAL S 68 50.85 -19.83 -8.23
N THR S 69 51.66 -19.85 -9.31
CA THR S 69 52.05 -18.62 -9.99
C THR S 69 50.93 -18.20 -10.93
N LEU S 70 50.31 -17.05 -10.63
CA LEU S 70 49.12 -16.58 -11.31
C LEU S 70 49.48 -16.09 -12.72
N ASP S 71 50.52 -15.25 -12.83
CA ASP S 71 50.92 -14.64 -14.08
C ASP S 71 52.32 -14.06 -13.95
N SER S 72 52.96 -13.77 -15.10
CA SER S 72 54.19 -12.99 -15.19
C SER S 72 53.93 -11.70 -15.95
N PHE S 73 54.22 -10.56 -15.32
CA PHE S 73 54.12 -9.26 -15.96
C PHE S 73 55.53 -8.79 -16.32
N THR S 74 55.70 -8.21 -17.53
CA THR S 74 56.99 -7.73 -17.99
C THR S 74 56.93 -6.23 -18.32
N GLY S 75 58.07 -5.55 -18.18
CA GLY S 75 58.16 -4.10 -18.32
C GLY S 75 57.57 -3.36 -17.13
N GLU S 76 57.49 -2.03 -17.24
CA GLU S 76 56.88 -1.16 -16.25
C GLU S 76 55.45 -0.87 -16.69
N GLY S 77 54.47 -0.97 -15.76
CA GLY S 77 53.08 -0.71 -16.12
C GLY S 77 52.07 -1.08 -15.05
N ILE S 78 50.80 -1.14 -15.48
CA ILE S 78 49.63 -1.37 -14.64
C ILE S 78 48.91 -2.63 -15.11
N SER S 79 48.63 -3.54 -14.18
CA SER S 79 47.58 -4.53 -14.35
C SER S 79 46.40 -4.08 -13.51
N GLN S 80 45.21 -3.93 -14.12
CA GLN S 80 44.03 -3.42 -13.42
C GLN S 80 42.78 -4.22 -13.77
N GLY S 81 41.75 -4.12 -12.93
CA GLY S 81 40.49 -4.80 -13.12
C GLY S 81 40.51 -6.27 -12.72
N ASN S 82 41.55 -6.68 -11.99
CA ASN S 82 41.69 -8.00 -11.41
C ASN S 82 40.70 -8.20 -10.27
N GLN S 83 40.48 -9.46 -9.86
CA GLN S 83 39.83 -9.79 -8.62
C GLN S 83 40.68 -10.82 -7.85
N ILE S 84 41.99 -10.55 -7.69
CA ILE S 84 42.85 -11.46 -6.94
C ILE S 84 42.42 -11.40 -5.48
N GLU S 85 42.00 -12.55 -4.92
CA GLU S 85 41.25 -12.60 -3.68
C GLU S 85 42.01 -13.37 -2.61
N ALA S 86 42.10 -12.81 -1.41
CA ALA S 86 42.79 -13.44 -0.29
C ALA S 86 42.15 -13.06 1.04
N SER S 87 42.21 -13.96 2.04
CA SER S 87 41.71 -13.67 3.38
C SER S 87 42.56 -14.35 4.44
N ASP S 88 42.49 -13.80 5.65
CA ASP S 88 43.25 -14.30 6.79
C ASP S 88 42.76 -15.67 7.24
N ASN S 89 41.43 -15.86 7.29
CA ASN S 89 40.84 -17.09 7.83
C ASN S 89 41.00 -18.27 6.87
N THR S 90 41.14 -18.00 5.57
CA THR S 90 41.48 -18.99 4.57
C THR S 90 43.00 -19.13 4.44
N ASN S 91 43.76 -18.34 5.22
CA ASN S 91 45.22 -18.36 5.31
C ASN S 91 45.88 -18.08 3.97
N THR S 92 45.29 -17.14 3.20
CA THR S 92 45.73 -16.85 1.84
C THR S 92 46.59 -15.59 1.81
N TYR S 93 47.75 -15.68 1.13
CA TYR S 93 48.70 -14.59 0.96
C TYR S 93 48.96 -14.40 -0.53
N ILE S 94 49.16 -13.14 -0.98
CA ILE S 94 49.56 -12.85 -2.35
C ILE S 94 51.01 -12.35 -2.31
N ARG S 95 51.87 -12.94 -3.14
CA ARG S 95 53.27 -12.55 -3.23
C ARG S 95 53.55 -11.99 -4.63
N ILE S 96 54.20 -10.82 -4.68
CA ILE S 96 54.70 -10.26 -5.94
C ILE S 96 56.23 -10.32 -5.88
N THR S 97 56.87 -11.09 -6.77
CA THR S 97 58.31 -11.29 -6.78
C THR S 97 58.95 -10.50 -7.92
N ASN S 98 60.00 -9.71 -7.63
CA ASN S 98 60.73 -8.95 -8.63
C ASN S 98 61.60 -9.90 -9.46
N THR S 99 61.57 -9.76 -10.81
CA THR S 99 62.39 -10.55 -11.72
C THR S 99 63.24 -9.65 -12.64
N SER S 100 63.29 -8.34 -12.36
CA SER S 100 64.12 -7.38 -13.08
C SER S 100 65.59 -7.55 -12.70
N GLY S 101 66.51 -7.04 -13.51
CA GLY S 101 67.93 -7.05 -13.19
C GLY S 101 68.35 -5.94 -12.24
N GLY S 102 67.49 -5.62 -11.29
CA GLY S 102 67.70 -4.56 -10.31
C GLY S 102 66.47 -4.27 -9.45
N ALA S 103 66.53 -3.23 -8.62
CA ALA S 103 65.47 -2.89 -7.69
C ALA S 103 64.31 -2.21 -8.40
N ILE S 104 63.06 -2.46 -7.94
CA ILE S 104 61.85 -1.86 -8.49
C ILE S 104 60.93 -1.36 -7.38
N ASP S 105 59.90 -0.59 -7.77
CA ASP S 105 58.82 -0.14 -6.90
C ASP S 105 57.54 -0.92 -7.25
N ILE S 106 56.76 -1.32 -6.24
CA ILE S 106 55.51 -2.06 -6.44
C ILE S 106 54.40 -1.43 -5.59
N ILE S 107 53.23 -1.18 -6.21
CA ILE S 107 52.06 -0.67 -5.50
C ILE S 107 50.85 -1.51 -5.90
N ALA S 108 50.29 -2.25 -4.94
CA ALA S 108 49.07 -3.00 -5.12
C ALA S 108 47.92 -2.27 -4.42
N THR S 109 46.77 -2.14 -5.10
CA THR S 109 45.59 -1.53 -4.50
C THR S 109 44.32 -2.30 -4.82
N GLY S 110 43.34 -2.13 -3.96
CA GLY S 110 42.04 -2.76 -4.09
C GLY S 110 41.14 -2.36 -2.93
N ARG S 111 40.28 -3.29 -2.51
CA ARG S 111 39.39 -3.02 -1.41
C ARG S 111 39.27 -4.23 -0.49
N GLU S 112 38.77 -3.97 0.72
CA GLU S 112 38.49 -5.00 1.72
C GLU S 112 37.14 -5.63 1.42
N VAL S 113 37.02 -6.91 1.80
CA VAL S 113 35.82 -7.73 1.74
C VAL S 113 35.61 -8.28 3.14
N SER S 114 34.37 -8.58 3.56
CA SER S 114 34.18 -9.17 4.88
C SER S 114 34.71 -10.60 4.90
N GLN S 115 35.39 -10.93 5.99
CA GLN S 115 35.97 -12.25 6.24
C GLN S 115 34.88 -13.31 6.35
N PHE T 101 1.00 57.32 -11.49
CA PHE T 101 1.85 57.94 -10.40
C PHE T 101 1.12 57.87 -9.04
N ALA T 102 1.87 57.99 -7.93
CA ALA T 102 1.30 58.13 -6.58
C ALA T 102 0.17 57.10 -6.40
N ALA T 103 -1.07 57.59 -6.27
CA ALA T 103 -2.28 56.81 -6.53
C ALA T 103 -3.40 57.76 -6.96
N SER T 104 -3.90 57.55 -8.19
CA SER T 104 -4.93 58.39 -8.78
C SER T 104 -6.01 57.49 -9.38
N ASP T 105 -7.22 58.05 -9.56
CA ASP T 105 -8.34 57.27 -10.04
C ASP T 105 -8.15 56.76 -11.47
N PRO T 106 -7.50 57.50 -12.42
CA PRO T 106 -7.21 56.96 -13.77
C PRO T 106 -6.46 55.62 -13.85
N GLU T 107 -5.70 55.28 -12.81
CA GLU T 107 -4.94 54.03 -12.75
C GLU T 107 -5.82 52.88 -12.22
N TYR T 108 -6.52 53.13 -11.10
CA TYR T 108 -7.19 52.11 -10.31
C TYR T 108 -8.72 52.17 -10.49
N VAL T 109 -9.18 52.64 -11.67
CA VAL T 109 -10.58 52.94 -12.02
C VAL T 109 -11.51 51.71 -11.94
N ASP T 110 -10.93 50.50 -12.03
CA ASP T 110 -11.69 49.26 -11.89
C ASP T 110 -11.07 48.38 -10.79
N THR T 111 -9.96 48.87 -10.18
CA THR T 111 -9.11 48.09 -9.27
C THR T 111 -9.50 48.32 -7.80
N LEU T 112 -9.73 49.60 -7.44
CA LEU T 112 -10.00 50.01 -6.06
C LEU T 112 -11.44 50.48 -5.83
N PHE T 113 -12.15 50.77 -6.93
CA PHE T 113 -13.55 51.15 -6.90
C PHE T 113 -14.16 50.84 -8.27
N ARG T 114 -15.50 50.87 -8.34
CA ARG T 114 -16.22 50.81 -9.60
C ARG T 114 -16.71 52.22 -9.95
N GLU T 115 -16.61 52.54 -11.26
CA GLU T 115 -17.38 53.61 -11.89
C GLU T 115 -18.83 53.51 -11.40
N GLN T 116 -19.45 54.66 -11.06
CA GLN T 116 -20.83 54.63 -10.64
C GLN T 116 -21.74 54.23 -11.81
N LEU T 117 -22.74 53.40 -11.52
CA LEU T 117 -23.91 53.31 -12.36
C LEU T 117 -25.07 53.97 -11.62
N LEU T 118 -25.70 54.97 -12.24
CA LEU T 118 -26.71 55.75 -11.53
C LEU T 118 -27.96 54.90 -11.29
N GLU T 119 -28.53 55.00 -10.07
CA GLU T 119 -29.66 54.19 -9.64
C GLU T 119 -30.94 54.58 -10.38
N VAL T 120 -30.91 55.73 -11.08
CA VAL T 120 -32.01 56.25 -11.88
C VAL T 120 -31.71 55.90 -13.35
N VAL T 121 -32.69 55.26 -14.00
CA VAL T 121 -32.64 55.02 -15.43
C VAL T 121 -33.41 56.15 -16.12
N MET T 122 -32.72 56.86 -17.03
CA MET T 122 -33.31 57.97 -17.75
C MET T 122 -34.20 57.44 -18.87
N GLU T 123 -35.30 58.15 -19.10
CA GLU T 123 -36.41 57.68 -19.92
C GLU T 123 -36.04 57.65 -21.41
N GLY T 124 -36.72 56.77 -22.15
CA GLY T 124 -36.74 56.84 -23.60
C GLY T 124 -37.57 58.03 -24.08
N ARG T 125 -37.93 58.00 -25.36
CA ARG T 125 -39.00 58.86 -25.86
C ARG T 125 -40.29 58.51 -25.11
N GLU T 126 -40.85 59.54 -24.45
CA GLU T 126 -42.14 59.44 -23.78
C GLU T 126 -43.20 60.07 -24.68
N LEU T 127 -44.25 59.30 -24.98
CA LEU T 127 -45.37 59.83 -25.76
C LEU T 127 -46.38 60.48 -24.81
N ARG T 128 -47.10 61.49 -25.33
CA ARG T 128 -47.92 62.40 -24.52
C ARG T 128 -49.20 61.70 -24.04
N LYS T 129 -49.32 61.54 -22.70
CA LYS T 129 -50.48 60.95 -22.06
C LYS T 129 -51.56 62.01 -21.82
N VAL T 130 -52.69 61.94 -22.55
CA VAL T 130 -53.73 62.98 -22.45
C VAL T 130 -55.13 62.40 -22.18
N ALA T 131 -55.42 61.16 -22.65
CA ALA T 131 -56.77 60.63 -22.81
C ALA T 131 -57.64 60.74 -21.56
N ARG T 132 -57.04 60.55 -20.36
CA ARG T 132 -57.77 60.56 -19.10
C ARG T 132 -58.32 61.94 -18.74
N GLU T 133 -57.68 62.99 -19.28
CA GLU T 133 -58.10 64.38 -19.09
C GLU T 133 -58.92 64.87 -20.29
N ALA T 134 -58.53 64.38 -21.47
CA ALA T 134 -59.02 64.82 -22.78
C ALA T 134 -60.33 64.12 -23.19
N SER T 135 -60.87 63.25 -22.33
CA SER T 135 -62.11 62.52 -22.57
C SER T 135 -62.80 62.26 -21.23
N ASN T 136 -64.09 61.88 -21.27
CA ASN T 136 -64.76 61.34 -20.10
C ASN T 136 -64.35 59.88 -19.92
N VAL T 137 -63.97 59.49 -18.69
CA VAL T 137 -63.50 58.13 -18.43
C VAL T 137 -64.61 57.33 -17.73
N ILE T 138 -65.00 56.21 -18.37
CA ILE T 138 -66.00 55.29 -17.86
C ILE T 138 -65.29 54.02 -17.35
N ASN T 139 -65.39 53.79 -16.03
CA ASN T 139 -65.02 52.52 -15.43
C ASN T 139 -66.17 51.52 -15.61
N ALA T 140 -66.10 50.71 -16.67
CA ALA T 140 -67.17 49.76 -17.02
C ALA T 140 -67.10 48.53 -16.12
N ASN T 141 -68.27 47.91 -15.86
CA ASN T 141 -68.39 46.63 -15.17
C ASN T 141 -68.26 45.45 -16.15
N THR T 142 -68.38 45.73 -17.45
CA THR T 142 -68.44 44.70 -18.48
C THR T 142 -67.60 45.14 -19.68
N ARG T 143 -66.98 44.15 -20.34
CA ARG T 143 -66.12 44.34 -21.50
C ARG T 143 -66.91 44.85 -22.71
N VAL T 144 -68.16 44.38 -22.84
CA VAL T 144 -69.10 44.85 -23.84
C VAL T 144 -70.26 45.52 -23.09
N GLY T 145 -70.79 46.59 -23.68
CA GLY T 145 -71.95 47.26 -23.13
C GLY T 145 -72.45 48.30 -24.11
N ASP T 146 -73.39 49.15 -23.66
CA ASP T 146 -73.84 50.28 -24.45
C ASP T 146 -74.14 51.45 -23.51
N VAL T 147 -73.85 52.69 -23.95
CA VAL T 147 -74.24 53.88 -23.20
C VAL T 147 -75.53 54.44 -23.81
N PRO T 148 -76.57 54.75 -22.99
CA PRO T 148 -77.75 55.47 -23.50
C PRO T 148 -77.36 56.87 -23.97
N ILE T 149 -77.95 57.25 -25.11
CA ILE T 149 -77.84 58.59 -25.68
C ILE T 149 -79.25 59.19 -25.71
N ALA T 150 -79.37 60.45 -25.25
CA ALA T 150 -80.62 61.19 -25.30
C ALA T 150 -80.78 61.93 -26.63
N SER T 151 -82.04 62.10 -27.06
CA SER T 151 -82.41 62.94 -28.17
C SER T 151 -82.00 64.38 -27.87
N ASP T 152 -81.70 65.15 -28.93
CA ASP T 152 -81.34 66.56 -28.81
C ASP T 152 -82.44 67.30 -28.05
N GLU T 153 -82.05 68.40 -27.38
CA GLU T 153 -83.00 69.22 -26.67
C GLU T 153 -83.88 69.98 -27.67
N GLU T 154 -85.16 70.14 -27.30
CA GLU T 154 -86.11 70.96 -28.04
C GLU T 154 -86.58 72.13 -27.18
N PHE T 155 -87.60 72.83 -27.67
CA PHE T 155 -88.15 74.02 -27.03
C PHE T 155 -89.57 73.70 -26.56
N ALA T 156 -89.88 74.13 -25.33
CA ALA T 156 -91.23 74.08 -24.80
C ALA T 156 -92.18 74.86 -25.71
N ARG T 157 -93.48 74.54 -25.62
CA ARG T 157 -94.46 74.96 -26.61
C ARG T 157 -95.28 76.13 -26.07
N PRO T 158 -95.47 77.25 -26.84
CA PRO T 158 -96.51 78.24 -26.54
C PRO T 158 -97.87 77.57 -26.40
N THR T 159 -98.50 77.76 -25.23
CA THR T 159 -99.68 77.02 -24.80
C THR T 159 -100.75 78.00 -24.30
N GLY T 160 -102.02 77.75 -24.67
CA GLY T 160 -103.16 78.50 -24.15
C GLY T 160 -103.42 78.17 -22.68
N GLN T 161 -104.21 79.03 -22.02
CA GLN T 161 -104.54 78.78 -20.61
C GLN T 161 -105.64 77.72 -20.51
N GLY T 162 -105.41 76.71 -19.67
CA GLY T 162 -106.34 75.59 -19.52
C GLY T 162 -106.23 74.56 -20.65
N ALA T 163 -105.26 74.75 -21.56
CA ALA T 163 -105.03 73.86 -22.69
C ALA T 163 -104.11 72.71 -22.25
N GLU T 164 -104.27 71.54 -22.90
CA GLU T 164 -103.47 70.34 -22.65
C GLU T 164 -101.99 70.62 -22.89
N ILE T 165 -101.17 70.30 -21.89
CA ILE T 165 -99.72 70.18 -22.06
C ILE T 165 -99.47 68.94 -22.93
N ARG T 166 -98.78 69.16 -24.05
CA ARG T 166 -98.49 68.12 -25.04
C ARG T 166 -97.16 67.44 -24.74
N ASP T 167 -97.01 66.23 -25.28
CA ASP T 167 -95.82 65.42 -25.09
C ASP T 167 -94.82 65.63 -26.24
N ASP T 168 -93.62 66.05 -25.85
CA ASP T 168 -92.40 65.77 -26.58
C ASP T 168 -91.40 65.19 -25.59
N GLY T 169 -91.51 63.88 -25.35
CA GLY T 169 -90.63 63.20 -24.40
C GLY T 169 -89.22 63.00 -24.96
N GLU T 170 -88.28 62.72 -24.06
CA GLU T 170 -86.94 62.31 -24.45
C GLU T 170 -87.03 60.94 -25.14
N THR T 171 -86.64 60.88 -26.41
CA THR T 171 -86.43 59.60 -27.09
C THR T 171 -84.95 59.24 -27.01
N TYR T 172 -84.68 57.92 -27.04
CA TYR T 172 -83.35 57.43 -26.70
C TYR T 172 -82.83 56.47 -27.77
N THR T 173 -81.50 56.44 -27.89
CA THR T 173 -80.75 55.44 -28.63
C THR T 173 -79.51 55.06 -27.80
N THR T 174 -78.59 54.30 -28.40
CA THR T 174 -77.43 53.83 -27.65
C THR T 174 -76.22 53.68 -28.58
N VAL T 175 -75.01 53.86 -28.01
CA VAL T 175 -73.78 53.47 -28.68
C VAL T 175 -73.10 52.34 -27.93
N ALA T 176 -72.65 51.33 -28.70
CA ALA T 176 -71.99 50.14 -28.18
C ALA T 176 -70.53 50.42 -27.84
N TRP T 177 -70.05 49.82 -26.73
CA TRP T 177 -68.62 49.65 -26.50
C TRP T 177 -68.25 48.17 -26.57
N ASN T 178 -67.04 47.93 -27.09
CA ASN T 178 -66.44 46.61 -27.15
C ASN T 178 -64.97 46.79 -26.78
N ALA T 179 -64.66 46.62 -25.49
CA ALA T 179 -63.33 46.92 -24.96
C ALA T 179 -62.34 45.83 -25.38
N THR T 180 -61.29 46.26 -26.10
CA THR T 180 -60.19 45.41 -26.54
C THR T 180 -59.18 45.29 -25.40
N LYS T 181 -58.68 44.07 -25.17
CA LYS T 181 -57.62 43.83 -24.21
C LYS T 181 -56.28 44.33 -24.78
N LEU T 182 -55.68 45.29 -24.07
CA LEU T 182 -54.31 45.71 -24.36
C LEU T 182 -53.39 45.12 -23.30
N THR T 183 -52.34 44.43 -23.77
CA THR T 183 -51.42 43.75 -22.87
C THR T 183 -49.97 44.02 -23.27
N GLU T 184 -49.13 44.16 -22.23
CA GLU T 184 -47.69 44.10 -22.38
C GLU T 184 -47.09 43.34 -21.19
N GLY T 185 -46.11 42.49 -21.52
CA GLY T 185 -45.33 41.82 -20.50
C GLY T 185 -43.84 42.12 -20.62
N SER T 186 -43.11 41.74 -19.56
CA SER T 186 -41.67 41.73 -19.53
C SER T 186 -41.19 40.57 -18.68
N ARG T 187 -40.09 39.93 -19.09
CA ARG T 187 -39.44 38.91 -18.31
C ARG T 187 -38.02 39.33 -17.95
N VAL T 188 -37.59 38.90 -16.76
CA VAL T 188 -36.31 39.22 -16.15
C VAL T 188 -35.83 37.91 -15.49
N THR T 189 -34.53 37.56 -15.61
CA THR T 189 -34.02 36.41 -14.88
C THR T 189 -33.92 36.78 -13.38
N ASP T 190 -33.96 35.78 -12.48
CA ASP T 190 -33.78 36.02 -11.05
C ASP T 190 -32.43 36.72 -10.78
N GLU T 191 -31.38 36.27 -11.48
CA GLU T 191 -30.02 36.81 -11.38
C GLU T 191 -29.99 38.29 -11.75
N MET T 192 -30.74 38.65 -12.79
CA MET T 192 -30.85 40.03 -13.27
C MET T 192 -31.66 40.88 -12.28
N ARG T 193 -32.77 40.33 -11.76
CA ARG T 193 -33.61 41.01 -10.79
C ARG T 193 -32.84 41.35 -9.51
N ASP T 194 -31.96 40.43 -9.07
CA ASP T 194 -31.14 40.62 -7.89
C ASP T 194 -29.97 41.59 -8.11
N GLN T 195 -29.29 41.49 -9.28
CA GLN T 195 -28.04 42.21 -9.47
C GLN T 195 -28.22 43.69 -9.83
N ALA T 196 -29.39 44.06 -10.39
CA ALA T 196 -29.66 45.42 -10.85
C ALA T 196 -29.51 46.44 -9.72
N MET T 197 -28.86 47.58 -10.03
CA MET T 197 -28.75 48.73 -9.13
C MET T 197 -30.11 49.44 -9.06
N VAL T 198 -30.72 49.59 -10.24
CA VAL T 198 -32.09 50.04 -10.48
C VAL T 198 -33.04 48.98 -9.92
N ASP T 199 -34.20 49.40 -9.38
CA ASP T 199 -35.26 48.45 -9.12
C ASP T 199 -35.90 48.05 -10.46
N LEU T 200 -35.51 46.86 -10.96
CA LEU T 200 -35.93 46.38 -12.27
C LEU T 200 -37.41 46.01 -12.34
N ILE T 201 -37.97 45.53 -11.22
CA ILE T 201 -39.37 45.16 -11.17
C ILE T 201 -40.24 46.43 -11.19
N GLU T 202 -39.84 47.43 -10.40
CA GLU T 202 -40.49 48.73 -10.38
C GLU T 202 -40.47 49.38 -11.77
N ARG T 203 -39.32 49.28 -12.47
CA ARG T 203 -39.16 49.85 -13.80
C ARG T 203 -40.06 49.15 -14.82
N ASN T 204 -40.13 47.81 -14.72
CA ASN T 204 -40.95 47.04 -15.63
C ASN T 204 -42.44 47.31 -15.37
N ILE T 205 -42.80 47.55 -14.10
CA ILE T 205 -44.13 48.02 -13.72
C ILE T 205 -44.41 49.40 -14.36
N GLN T 206 -43.39 50.30 -14.36
CA GLN T 206 -43.50 51.60 -15.02
C GLN T 206 -43.67 51.45 -16.55
N ARG T 207 -42.81 50.62 -17.19
CA ARG T 207 -42.82 50.38 -18.63
C ARG T 207 -44.18 49.81 -19.08
N VAL T 208 -44.66 48.79 -18.37
CA VAL T 208 -45.94 48.16 -18.63
C VAL T 208 -47.08 49.19 -18.50
N GLY T 209 -47.09 49.94 -17.37
CA GLY T 209 -48.05 51.02 -17.14
C GLY T 209 -48.05 52.07 -18.25
N ALA T 210 -46.84 52.54 -18.62
CA ALA T 210 -46.62 53.53 -19.67
C ALA T 210 -47.13 53.04 -21.03
N SER T 211 -46.81 51.77 -21.37
CA SER T 211 -47.18 51.13 -22.63
C SER T 211 -48.70 50.94 -22.75
N LEU T 212 -49.36 50.62 -21.61
CA LEU T 212 -50.81 50.52 -21.54
C LEU T 212 -51.48 51.89 -21.75
N GLU T 213 -50.95 52.92 -21.07
CA GLU T 213 -51.42 54.29 -21.21
C GLU T 213 -51.31 54.77 -22.66
N ASN T 214 -50.18 54.45 -23.32
CA ASN T 214 -49.98 54.76 -24.73
C ASN T 214 -51.05 54.06 -25.59
N GLY T 215 -51.36 52.80 -25.25
CA GLY T 215 -52.46 52.05 -25.85
C GLY T 215 -53.81 52.77 -25.75
N ILE T 216 -54.17 53.22 -24.53
CA ILE T 216 -55.39 53.99 -24.25
C ILE T 216 -55.42 55.24 -25.14
N ASN T 217 -54.27 55.93 -25.18
CA ASN T 217 -54.10 57.15 -25.97
C ASN T 217 -54.24 56.86 -27.46
N ARG T 218 -53.69 55.72 -27.95
CA ARG T 218 -53.85 55.30 -29.33
C ARG T 218 -55.33 55.06 -29.67
N VAL T 219 -56.04 54.31 -28.81
CA VAL T 219 -57.45 53.99 -28.99
C VAL T 219 -58.27 55.27 -29.08
N PHE T 220 -58.05 56.16 -28.10
CA PHE T 220 -58.69 57.47 -28.02
C PHE T 220 -58.48 58.28 -29.30
N LEU T 221 -57.20 58.44 -29.70
CA LEU T 221 -56.84 59.31 -30.82
C LEU T 221 -57.40 58.76 -32.14
N THR T 222 -57.33 57.42 -32.30
CA THR T 222 -57.86 56.74 -33.48
C THR T 222 -59.36 56.95 -33.61
N GLU T 223 -60.10 56.80 -32.50
CA GLU T 223 -61.55 57.01 -32.48
C GLU T 223 -61.88 58.46 -32.82
N LEU T 224 -61.20 59.37 -32.11
CA LEU T 224 -61.41 60.81 -32.20
C LEU T 224 -61.25 61.31 -33.64
N VAL T 225 -60.19 60.87 -34.32
CA VAL T 225 -59.85 61.31 -35.67
C VAL T 225 -60.79 60.64 -36.69
N ASP T 226 -60.99 59.31 -36.59
CA ASP T 226 -61.74 58.54 -37.57
C ASP T 226 -63.24 58.91 -37.59
N ASN T 227 -63.85 59.16 -36.41
CA ASN T 227 -65.30 59.17 -36.27
C ASN T 227 -65.91 60.57 -36.08
N ALA T 228 -65.08 61.64 -36.11
CA ALA T 228 -65.55 63.02 -36.11
C ALA T 228 -66.47 63.26 -37.31
N GLN T 229 -67.67 63.84 -37.06
CA GLN T 229 -68.65 64.03 -38.13
C GLN T 229 -68.33 65.24 -39.01
N ASN T 230 -67.62 66.24 -38.46
CA ASN T 230 -67.31 67.47 -39.17
C ASN T 230 -65.86 67.47 -39.64
N ASN T 231 -65.54 68.41 -40.54
CA ASN T 231 -64.23 68.52 -41.15
C ASN T 231 -64.05 69.92 -41.76
N HIS T 232 -62.91 70.54 -41.47
CA HIS T 232 -62.48 71.73 -42.19
C HIS T 232 -61.32 71.38 -43.12
N ASP T 233 -61.60 71.40 -44.43
CA ASP T 233 -60.61 71.19 -45.48
C ASP T 233 -59.89 72.51 -45.75
N THR T 234 -58.59 72.58 -45.44
CA THR T 234 -57.79 73.79 -45.62
C THR T 234 -57.34 73.97 -47.08
N ALA T 235 -57.36 72.87 -47.87
CA ALA T 235 -56.91 72.84 -49.26
C ALA T 235 -55.55 73.51 -49.43
N GLY T 236 -54.62 73.25 -48.50
CA GLY T 236 -53.26 73.79 -48.54
C GLY T 236 -53.15 75.31 -48.33
N SER T 237 -54.15 75.95 -47.69
CA SER T 237 -54.18 77.40 -47.54
C SER T 237 -54.77 77.81 -46.19
N ASN T 238 -54.35 79.00 -45.66
CA ASN T 238 -54.81 79.61 -44.42
C ASN T 238 -54.70 78.67 -43.21
N GLN T 239 -53.64 77.84 -43.18
CA GLN T 239 -53.44 76.80 -42.20
C GLN T 239 -52.94 77.43 -40.91
N GLY T 240 -53.08 76.70 -39.79
CA GLY T 240 -52.83 77.24 -38.46
C GLY T 240 -54.12 77.81 -37.85
N TYR T 241 -54.14 79.13 -37.64
CA TYR T 241 -55.21 79.73 -36.84
C TYR T 241 -56.55 79.85 -37.58
N GLN T 242 -56.54 80.26 -38.87
CA GLN T 242 -57.79 80.37 -39.63
C GLN T 242 -58.50 79.02 -39.72
N ALA T 243 -57.71 77.94 -39.78
CA ALA T 243 -58.19 76.57 -39.78
C ALA T 243 -58.78 76.15 -38.42
N LEU T 244 -58.12 76.50 -37.31
CA LEU T 244 -58.64 76.22 -35.96
C LEU T 244 -59.96 76.95 -35.74
N ASN T 245 -59.97 78.23 -36.16
CA ASN T 245 -61.13 79.10 -36.11
C ASN T 245 -62.32 78.48 -36.87
N SER T 246 -62.05 78.08 -38.12
CA SER T 246 -63.04 77.44 -39.00
C SER T 246 -63.54 76.10 -38.45
N ALA T 247 -62.66 75.35 -37.77
CA ALA T 247 -63.01 74.06 -37.16
C ALA T 247 -63.89 74.23 -35.92
N VAL T 248 -63.58 75.24 -35.09
CA VAL T 248 -64.47 75.67 -34.01
C VAL T 248 -65.81 76.08 -34.64
N GLY T 249 -65.73 76.85 -35.74
CA GLY T 249 -66.87 77.29 -36.54
C GLY T 249 -67.82 76.15 -36.93
N GLU T 250 -67.25 75.00 -37.36
CA GLU T 250 -68.01 73.83 -37.81
C GLU T 250 -68.77 73.14 -36.64
N VAL T 251 -68.10 72.97 -35.49
CA VAL T 251 -68.71 72.38 -34.30
C VAL T 251 -69.83 73.28 -33.77
N ASP T 252 -69.54 74.59 -33.70
CA ASP T 252 -70.39 75.62 -33.13
C ASP T 252 -71.64 75.85 -34.00
N LYS T 253 -71.45 75.80 -35.33
CA LYS T 253 -72.45 75.91 -36.39
C LYS T 253 -73.51 74.79 -36.27
N ASP T 254 -73.06 73.59 -35.85
CA ASP T 254 -73.93 72.46 -35.54
C ASP T 254 -74.36 72.45 -34.06
N ASP T 255 -74.25 73.62 -33.38
CA ASP T 255 -74.77 73.93 -32.05
C ASP T 255 -74.16 73.07 -30.91
N PHE T 256 -72.91 72.60 -31.10
CA PHE T 256 -72.11 72.00 -30.02
C PHE T 256 -71.06 72.99 -29.54
N ARG T 257 -70.75 72.94 -28.24
CA ARG T 257 -69.73 73.79 -27.63
C ARG T 257 -68.42 73.01 -27.60
N PRO T 258 -67.42 73.31 -28.49
CA PRO T 258 -66.11 72.66 -28.37
C PRO T 258 -65.34 73.31 -27.22
N ASP T 259 -64.53 72.50 -26.52
CA ASP T 259 -63.80 72.98 -25.35
C ASP T 259 -62.36 72.50 -25.36
N THR T 260 -62.03 71.63 -26.32
CA THR T 260 -60.74 70.95 -26.36
C THR T 260 -60.26 70.89 -27.80
N TYR T 261 -58.95 70.99 -27.99
CA TYR T 261 -58.35 70.60 -29.25
C TYR T 261 -57.19 69.63 -29.02
N VAL T 262 -57.20 68.58 -29.86
CA VAL T 262 -56.13 67.62 -29.97
C VAL T 262 -55.33 67.99 -31.22
N THR T 263 -53.99 67.97 -31.11
CA THR T 263 -53.13 68.51 -32.16
C THR T 263 -51.97 67.58 -32.46
N HIS T 264 -51.58 67.51 -33.75
CA HIS T 264 -50.38 66.84 -34.25
C HIS T 264 -49.18 67.80 -34.17
N PRO T 265 -47.92 67.32 -33.96
CA PRO T 265 -46.73 68.18 -33.96
C PRO T 265 -46.53 69.15 -35.14
N ASP T 266 -46.97 68.71 -36.33
CA ASP T 266 -46.85 69.52 -37.55
C ASP T 266 -47.92 70.61 -37.56
N TYR T 267 -49.13 70.30 -37.07
CA TYR T 267 -50.16 71.32 -36.91
C TYR T 267 -49.76 72.33 -35.84
N ARG T 268 -49.09 71.85 -34.77
CA ARG T 268 -48.56 72.74 -33.74
C ARG T 268 -47.42 73.62 -34.26
N THR T 269 -46.94 73.35 -35.48
CA THR T 269 -45.93 74.17 -36.14
C THR T 269 -46.59 75.25 -37.01
N GLN T 270 -47.78 74.94 -37.57
CA GLN T 270 -48.54 75.85 -38.43
C GLN T 270 -49.40 76.80 -37.59
N LEU T 271 -50.16 76.24 -36.63
CA LEU T 271 -50.63 77.02 -35.50
C LEU T 271 -49.38 77.46 -34.72
N PHE T 272 -49.45 78.65 -34.08
CA PHE T 272 -48.34 79.22 -33.31
C PHE T 272 -47.16 79.70 -34.17
N ASN T 273 -47.29 79.72 -35.52
CA ASN T 273 -46.39 80.46 -36.39
C ASN T 273 -46.62 81.97 -36.26
N ASP T 274 -47.83 82.35 -35.78
CA ASP T 274 -48.14 83.75 -35.50
C ASP T 274 -47.55 84.14 -34.15
N THR T 275 -46.85 85.30 -34.09
CA THR T 275 -46.25 85.83 -32.87
C THR T 275 -47.31 86.34 -31.88
N ASN T 276 -48.54 86.60 -32.35
CA ASN T 276 -49.70 86.88 -31.51
C ASN T 276 -49.97 85.71 -30.56
N LEU T 277 -49.84 84.48 -31.06
CA LEU T 277 -50.20 83.23 -30.38
C LEU T 277 -49.04 82.67 -29.55
N ALA T 278 -47.95 83.45 -29.39
CA ALA T 278 -46.74 82.96 -28.75
C ALA T 278 -46.94 82.65 -27.25
N TYR T 279 -47.89 83.35 -26.59
CA TYR T 279 -48.22 83.22 -25.18
C TYR T 279 -49.24 82.10 -24.92
N ALA T 280 -49.71 81.45 -26.00
CA ALA T 280 -50.68 80.37 -25.91
C ALA T 280 -50.07 79.14 -25.22
N ASN T 281 -50.96 78.26 -24.77
CA ASN T 281 -50.61 77.04 -24.06
C ASN T 281 -50.27 75.91 -25.05
N ARG T 282 -49.11 76.05 -25.71
CA ARG T 282 -48.64 75.15 -26.76
C ARG T 282 -48.16 73.81 -26.19
N ALA T 283 -47.76 73.80 -24.91
CA ALA T 283 -47.18 72.63 -24.24
C ALA T 283 -48.21 71.49 -24.05
N GLY T 284 -49.51 71.85 -24.06
CA GLY T 284 -50.59 70.98 -23.63
C GLY T 284 -50.98 71.28 -22.19
N THR T 285 -52.28 71.38 -21.92
CA THR T 285 -52.79 71.74 -20.60
C THR T 285 -52.40 70.68 -19.57
N ASN T 286 -52.39 69.42 -20.01
CA ASN T 286 -52.06 68.27 -19.18
C ASN T 286 -50.57 68.27 -18.83
N GLU T 287 -49.71 68.63 -19.79
CA GLU T 287 -48.26 68.78 -19.60
C GLU T 287 -47.97 69.82 -18.51
N VAL T 288 -48.65 70.97 -18.54
CA VAL T 288 -48.40 72.06 -17.64
C VAL T 288 -48.89 71.73 -16.23
N LEU T 289 -50.02 71.02 -16.10
CA LEU T 289 -50.55 70.62 -14.81
C LEU T 289 -49.79 69.42 -14.22
N ARG T 290 -49.21 68.56 -15.06
CA ARG T 290 -48.44 67.40 -14.61
C ARG T 290 -47.01 67.78 -14.26
N ASN T 291 -46.36 68.60 -15.10
CA ASN T 291 -44.91 68.76 -15.12
C ASN T 291 -44.49 70.22 -14.85
N ARG T 292 -45.40 71.04 -14.30
CA ARG T 292 -45.19 72.40 -13.81
C ARG T 292 -46.20 72.70 -12.71
N GLU T 293 -46.22 73.94 -12.18
CA GLU T 293 -47.18 74.37 -11.18
C GLU T 293 -47.73 75.75 -11.51
N ASP T 294 -46.86 76.73 -11.76
CA ASP T 294 -47.19 78.13 -12.01
C ASP T 294 -47.60 78.32 -13.46
N ALA T 295 -48.85 78.00 -13.81
CA ALA T 295 -49.36 78.11 -15.17
C ALA T 295 -49.58 79.55 -15.58
N PRO T 296 -49.19 79.97 -16.81
CA PRO T 296 -49.43 81.31 -17.29
C PRO T 296 -50.91 81.47 -17.62
N ILE T 297 -51.62 82.29 -16.84
CA ILE T 297 -53.09 82.32 -16.77
C ILE T 297 -53.72 82.66 -18.12
N VAL T 298 -53.01 83.36 -19.00
CA VAL T 298 -53.52 83.90 -20.26
C VAL T 298 -53.74 82.81 -21.31
N GLY T 299 -53.14 81.62 -21.16
CA GLY T 299 -52.77 80.72 -22.25
C GLY T 299 -53.88 80.07 -23.09
N ASP T 300 -55.17 80.21 -22.73
CA ASP T 300 -56.27 79.55 -23.46
C ASP T 300 -56.54 80.26 -24.79
N ILE T 301 -56.92 79.47 -25.81
CA ILE T 301 -57.05 79.92 -27.19
C ILE T 301 -58.39 79.47 -27.77
N ALA T 302 -59.08 80.38 -28.48
CA ALA T 302 -60.31 80.12 -29.24
C ALA T 302 -61.44 79.59 -28.34
N GLY T 303 -61.42 79.96 -27.05
CA GLY T 303 -62.39 79.49 -26.07
C GLY T 303 -62.24 78.02 -25.68
N LEU T 304 -61.19 77.35 -26.20
CA LEU T 304 -60.86 75.97 -25.86
C LEU T 304 -59.92 75.99 -24.66
N ASP T 305 -60.38 75.42 -23.53
CA ASP T 305 -59.66 75.48 -22.26
C ASP T 305 -58.73 74.28 -22.09
N MET T 306 -58.79 73.32 -23.02
CA MET T 306 -57.75 72.29 -23.08
C MET T 306 -57.10 72.25 -24.47
N HIS T 307 -55.77 72.31 -24.45
CA HIS T 307 -54.93 71.77 -25.51
C HIS T 307 -54.45 70.40 -25.07
N ALA T 308 -54.93 69.37 -25.78
CA ALA T 308 -54.35 68.04 -25.67
C ALA T 308 -53.34 67.89 -26.80
N ALA T 309 -52.11 68.40 -26.56
CA ALA T 309 -50.99 68.16 -27.44
C ALA T 309 -50.69 66.66 -27.47
N MET T 310 -50.72 66.07 -28.68
CA MET T 310 -50.50 64.63 -28.83
C MET T 310 -49.36 64.36 -29.81
N SER T 311 -48.82 63.14 -29.72
CA SER T 311 -47.62 62.68 -30.41
C SER T 311 -47.99 62.16 -31.81
N SER T 312 -47.03 62.29 -32.75
CA SER T 312 -47.12 61.77 -34.11
C SER T 312 -47.38 60.26 -34.12
N ALA T 313 -46.70 59.50 -33.23
CA ALA T 313 -46.69 58.05 -33.21
C ALA T 313 -48.00 57.43 -32.66
N THR T 314 -48.87 58.23 -32.02
CA THR T 314 -49.94 57.70 -31.19
C THR T 314 -51.11 57.13 -32.02
N TYR T 315 -51.45 57.76 -33.15
CA TYR T 315 -52.55 57.28 -33.97
C TYR T 315 -52.24 55.88 -34.51
N ASP T 316 -53.30 55.07 -34.70
CA ASP T 316 -53.16 53.73 -35.27
C ASP T 316 -53.14 53.80 -36.81
N ASP T 317 -51.92 53.83 -37.39
CA ASP T 317 -51.75 53.76 -38.84
C ASP T 317 -51.60 52.30 -39.31
N GLY T 318 -51.74 51.32 -38.39
CA GLY T 318 -51.65 49.90 -38.70
C GLY T 318 -50.23 49.40 -38.97
N THR T 319 -49.21 50.27 -38.85
CA THR T 319 -47.82 49.88 -39.10
C THR T 319 -47.20 49.22 -37.87
N ASP T 320 -47.83 49.44 -36.69
CA ASP T 320 -47.34 48.90 -35.43
C ASP T 320 -47.79 47.44 -35.28
N ILE T 321 -47.06 46.68 -34.45
CA ILE T 321 -47.20 45.24 -34.34
C ILE T 321 -48.45 44.91 -33.51
N GLY T 322 -49.40 44.18 -34.13
CA GLY T 322 -50.66 43.78 -33.49
C GLY T 322 -51.80 44.78 -33.65
N TRP T 323 -51.53 45.94 -34.27
CA TRP T 323 -52.51 47.00 -34.51
C TRP T 323 -52.91 47.02 -35.99
N SER T 324 -54.21 47.18 -36.27
CA SER T 324 -54.78 46.94 -37.59
C SER T 324 -54.95 48.21 -38.43
N GLY T 325 -55.06 49.39 -37.78
CA GLY T 325 -55.09 50.67 -38.49
C GLY T 325 -56.47 51.33 -38.51
N GLY T 326 -56.45 52.67 -38.56
CA GLY T 326 -57.62 53.52 -38.72
C GLY T 326 -57.71 54.12 -40.13
N SER T 327 -58.82 54.81 -40.42
CA SER T 327 -59.20 55.23 -41.77
C SER T 327 -58.38 56.42 -42.28
N GLU T 328 -57.87 57.26 -41.36
CA GLU T 328 -57.28 58.56 -41.69
C GLU T 328 -55.76 58.51 -41.65
N THR T 329 -55.12 59.60 -42.10
CA THR T 329 -53.70 59.86 -41.84
C THR T 329 -53.58 60.96 -40.80
N TRP T 330 -52.93 60.64 -39.68
CA TRP T 330 -52.60 61.61 -38.65
C TRP T 330 -51.29 62.29 -39.03
N GLY T 331 -51.35 63.60 -39.30
CA GLY T 331 -50.22 64.33 -39.86
C GLY T 331 -50.64 65.73 -40.32
N PHE T 332 -49.68 66.49 -40.87
CA PHE T 332 -49.99 67.79 -41.45
C PHE T 332 -49.00 68.16 -42.55
N SER T 333 -48.86 67.28 -43.56
CA SER T 333 -47.75 67.32 -44.51
C SER T 333 -48.19 67.11 -45.96
N SER T 334 -49.35 66.44 -46.17
CA SER T 334 -49.87 66.07 -47.47
C SER T 334 -51.39 66.27 -47.49
N ASP T 335 -51.98 66.42 -48.69
CA ASP T 335 -53.43 66.58 -48.86
C ASP T 335 -54.16 65.38 -48.26
N GLY T 336 -55.08 65.66 -47.32
CA GLY T 336 -55.91 64.64 -46.71
C GLY T 336 -55.55 64.32 -45.25
N ASP T 337 -54.33 64.72 -44.82
CA ASP T 337 -53.85 64.51 -43.46
C ASP T 337 -54.73 65.28 -42.47
N LYS T 338 -55.15 64.61 -41.39
CA LYS T 338 -55.85 65.22 -40.28
C LYS T 338 -54.83 65.63 -39.22
N GLY T 339 -54.68 66.96 -39.01
CA GLY T 339 -53.64 67.50 -38.15
C GLY T 339 -54.12 67.91 -36.77
N ALA T 340 -55.44 68.08 -36.60
CA ALA T 340 -56.05 68.48 -35.35
C ALA T 340 -57.50 68.01 -35.27
N VAL T 341 -58.01 67.84 -34.04
CA VAL T 341 -59.44 67.64 -33.79
C VAL T 341 -59.90 68.66 -32.74
N VAL T 342 -60.97 69.40 -33.07
CA VAL T 342 -61.63 70.33 -32.15
C VAL T 342 -62.92 69.66 -31.70
N TYR T 343 -63.14 69.58 -30.37
CA TYR T 343 -64.24 68.77 -29.85
C TYR T 343 -64.63 69.18 -28.42
N ASP T 344 -65.72 68.57 -27.93
CA ASP T 344 -66.19 68.61 -26.54
C ASP T 344 -65.68 67.35 -25.83
N ARG T 345 -64.89 67.49 -24.76
CA ARG T 345 -64.29 66.35 -24.07
C ARG T 345 -65.32 65.47 -23.33
N ASP T 346 -66.50 66.03 -23.06
CA ASP T 346 -67.59 65.31 -22.40
C ASP T 346 -68.42 64.50 -23.41
N ASN T 347 -68.12 64.62 -24.71
CA ASN T 347 -68.88 63.95 -25.77
C ASN T 347 -68.09 62.82 -26.43
N ILE T 348 -66.88 62.55 -25.93
CA ILE T 348 -66.13 61.34 -26.27
C ILE T 348 -65.76 60.60 -24.99
N HIS T 349 -66.00 59.29 -25.00
CA HIS T 349 -65.95 58.44 -23.82
C HIS T 349 -64.85 57.39 -23.97
N THR T 350 -63.90 57.38 -23.03
CA THR T 350 -62.92 56.31 -22.94
C THR T 350 -63.45 55.29 -21.94
N ILE T 351 -63.70 54.07 -22.42
CA ILE T 351 -64.31 53.03 -21.60
C ILE T 351 -63.22 52.04 -21.19
N LEU T 352 -62.98 51.97 -19.87
CA LEU T 352 -61.94 51.13 -19.31
C LEU T 352 -62.58 50.02 -18.47
N TYR T 353 -62.26 48.77 -18.84
CA TYR T 353 -62.70 47.59 -18.12
C TYR T 353 -61.48 46.86 -17.53
N ALA T 354 -61.56 46.49 -16.25
CA ALA T 354 -60.61 45.57 -15.64
C ALA T 354 -61.38 44.52 -14.84
N PRO T 355 -61.09 43.20 -14.99
CA PRO T 355 -61.77 42.17 -14.19
C PRO T 355 -61.53 42.28 -12.68
N ASN T 356 -60.33 42.74 -12.28
CA ASN T 356 -60.00 43.01 -10.89
C ASN T 356 -59.71 44.50 -10.71
N GLY T 357 -60.37 45.13 -9.73
CA GLY T 357 -60.27 46.57 -9.54
C GLY T 357 -60.90 47.34 -10.70
N GLN T 358 -60.46 48.59 -10.90
CA GLN T 358 -61.10 49.51 -11.84
C GLN T 358 -60.15 49.93 -12.97
N ASP T 359 -58.84 49.70 -12.79
CA ASP T 359 -57.77 50.26 -13.62
C ASP T 359 -56.73 49.17 -13.92
N VAL T 360 -55.56 49.57 -14.46
CA VAL T 360 -54.53 48.65 -14.95
C VAL T 360 -54.24 47.57 -13.89
N GLU T 361 -54.24 46.30 -14.33
CA GLU T 361 -53.86 45.20 -13.45
C GLU T 361 -52.48 44.66 -13.81
N ILE T 362 -51.61 44.70 -12.80
CA ILE T 362 -50.25 44.17 -12.86
C ILE T 362 -50.25 42.83 -12.13
N LYS T 363 -49.74 41.79 -12.82
CA LYS T 363 -49.52 40.47 -12.23
C LYS T 363 -48.05 40.10 -12.39
N ASP T 364 -47.53 39.36 -11.40
CA ASP T 364 -46.18 38.82 -11.45
C ASP T 364 -46.23 37.30 -11.33
N TYR T 365 -45.21 36.66 -11.91
CA TYR T 365 -45.04 35.22 -11.81
C TYR T 365 -43.56 34.91 -11.60
N GLU T 366 -43.33 33.86 -10.81
CA GLU T 366 -42.03 33.25 -10.66
C GLU T 366 -42.07 31.90 -11.38
N ASP T 367 -41.10 31.70 -12.28
CA ASP T 367 -40.87 30.42 -12.93
C ASP T 367 -39.70 29.74 -12.23
N PRO T 368 -39.95 28.70 -11.38
CA PRO T 368 -38.86 28.00 -10.68
C PRO T 368 -38.07 26.99 -11.52
N ILE T 369 -38.60 26.65 -12.71
CA ILE T 369 -37.94 25.73 -13.65
C ILE T 369 -36.85 26.47 -14.44
N ARG T 370 -37.09 27.76 -14.73
CA ARG T 370 -36.18 28.54 -15.56
C ARG T 370 -35.56 29.73 -14.82
N ASP T 371 -36.02 30.04 -13.59
CA ASP T 371 -35.60 31.19 -12.78
C ASP T 371 -35.82 32.51 -13.54
N ILE T 372 -37.05 32.66 -14.00
CA ILE T 372 -37.48 33.90 -14.63
C ILE T 372 -38.64 34.47 -13.82
N THR T 373 -38.56 35.78 -13.53
CA THR T 373 -39.70 36.54 -13.05
C THR T 373 -40.31 37.30 -14.21
N GLY T 374 -41.64 37.21 -14.32
CA GLY T 374 -42.39 38.01 -15.27
C GLY T 374 -43.23 39.08 -14.57
N VAL T 375 -43.39 40.22 -15.26
CA VAL T 375 -44.40 41.23 -14.95
C VAL T 375 -45.30 41.36 -16.19
N ASN T 376 -46.61 41.23 -15.98
CA ASN T 376 -47.61 41.40 -17.03
C ASN T 376 -48.57 42.53 -16.64
N GLY T 377 -48.99 43.30 -17.65
CA GLY T 377 -50.05 44.29 -17.49
C GLY T 377 -51.18 44.06 -18.47
N ARG T 378 -52.39 44.43 -18.02
CA ARG T 378 -53.61 44.32 -18.81
C ARG T 378 -54.53 45.50 -18.47
N LEU T 379 -55.24 45.95 -19.51
CA LEU T 379 -56.46 46.73 -19.38
C LEU T 379 -57.31 46.48 -20.63
N HIS T 380 -58.65 46.51 -20.46
CA HIS T 380 -59.55 46.50 -21.60
C HIS T 380 -60.03 47.93 -21.87
N VAL T 381 -59.96 48.35 -23.14
CA VAL T 381 -60.22 49.74 -23.49
C VAL T 381 -61.01 49.80 -24.79
N ASP T 382 -62.02 50.69 -24.80
CA ASP T 382 -62.65 51.17 -26.02
C ASP T 382 -62.73 52.70 -25.92
N CYS T 383 -62.99 53.33 -27.07
CA CYS T 383 -63.34 54.73 -27.09
C CYS T 383 -64.51 54.93 -28.05
N GLN T 384 -65.50 55.75 -27.65
CA GLN T 384 -66.69 56.00 -28.45
C GLN T 384 -67.12 57.46 -28.33
N TYR T 385 -67.52 58.08 -29.45
CA TYR T 385 -68.24 59.33 -29.40
C TYR T 385 -69.69 59.07 -28.98
N SER T 386 -70.16 59.84 -27.99
CA SER T 386 -71.58 59.92 -27.69
C SER T 386 -72.27 60.82 -28.70
N GLN T 387 -71.60 61.93 -29.07
CA GLN T 387 -71.94 62.69 -30.26
C GLN T 387 -70.65 63.05 -31.01
N GLY T 388 -70.52 62.52 -32.23
CA GLY T 388 -69.42 62.82 -33.15
C GLY T 388 -69.59 64.14 -33.89
N ARG T 389 -70.82 64.71 -33.88
CA ARG T 389 -71.03 66.04 -34.44
C ARG T 389 -70.60 67.15 -33.47
N SER T 390 -70.10 66.73 -32.29
CA SER T 390 -69.44 67.63 -31.36
C SER T 390 -67.97 67.84 -31.76
N SER T 391 -67.51 67.23 -32.86
CA SER T 391 -66.10 67.31 -33.23
C SER T 391 -65.87 67.57 -34.72
N ALA T 392 -64.83 68.37 -35.00
CA ALA T 392 -64.35 68.70 -36.35
C ALA T 392 -62.85 68.40 -36.46
N THR T 393 -62.46 67.74 -37.55
CA THR T 393 -61.05 67.54 -37.88
C THR T 393 -60.55 68.65 -38.81
N VAL T 394 -59.26 68.99 -38.70
CA VAL T 394 -58.63 69.92 -39.62
C VAL T 394 -57.82 69.09 -40.64
N GLN T 395 -58.13 69.30 -41.93
CA GLN T 395 -57.56 68.56 -43.05
C GLN T 395 -56.62 69.46 -43.85
N TYR T 396 -55.42 68.94 -44.15
CA TYR T 396 -54.41 69.62 -44.96
C TYR T 396 -54.83 69.57 -46.44
#